data_7LN0
#
_entry.id   7LN0
#
_cell.length_a   1.00
_cell.length_b   1.00
_cell.length_c   1.00
_cell.angle_alpha   90.00
_cell.angle_beta   90.00
_cell.angle_gamma   90.00
#
_symmetry.space_group_name_H-M   'P 1'
#
loop_
_entity.id
_entity.type
_entity.pdbx_description
1 polymer 'Transitional endoplasmic reticulum ATPase'
2 polymer Hexa-ubiquitin
3 non-polymer "ADENOSINE-5'-DIPHOSPHATE"
4 non-polymer "ADENOSINE-5'-TRIPHOSPHATE"
5 non-polymer 'MAGNESIUM ION'
#
loop_
_entity_poly.entity_id
_entity_poly.type
_entity_poly.pdbx_seq_one_letter_code
_entity_poly.pdbx_strand_id
1 'polypeptide(L)'
;MASGADSKGDDLSTAILKQKNRPNRLIVDEAINEDNSVVSLSQPKMDELQLFRGDTVLLKGKKRREAVCIVLSDDTCSDE
KIRMNRVVRNNLRVRLGDVISIQPCPDVKYGKRIHVLPIDDTVEGITGNLFEVYLKPYFLEAYRPIRKGDIFLVRGGMRA
VEFKVVETDPSPYCIVAPDTVIHCEGEPIKREDEEESLNEVGYDDIGGCRKQLAQIKEMVELPLRHPALFKEIGVKPPRG
ILLYGPPGTGKTLIARAVANETGAFFFLINGPEIMSKLAGESESNLRKAFEEAEKNAPAIIFIDELDAIAPKREKTHGEV
ERRIVSQLLTLMDGLKQRAHVIVMAATNRPNSIDPALRRFGRFDREVDIGIPDATGRLEILQIHTKNMKLADDVDLEQVA
NETHGHVGADLAALCSEAALQAIRKKMDLIDLEDETIDAEVMNSLAVTMDDFRWALSQSNPSALRETVVEVPQVTWEDIG
GLEDVKRELQELVQYPVEHPDKFLKFGMTPSKGVLFYGPPGCGKTLLAKAIANECQANFISIKGPELLTMWFGESEANVR
EIFDKARQAAPCVLFFDQLDSIAKARGGNIGDGGGAADRVINQILTEMDGMSTKKNVFIIGATNRPDIIDPAILRPGRLD
QLIYIPLPDEKSRVAILKANLRKSPVAKDVDLEFLAKMTNGFSGADLTEICQRACKLAIRESIESEIRRERERQTNPSAM
EVEEDDPVPEIRRDHFEEAMRFARRSVSDNDIRKYEMFAQTLQQSRGFGSFRFPSGNQGGAGPSQGSGGGTGGSVYTEDN
DDDLYG
;
A,B,C,D,E,F
2 'polypeptide(L)' (UNK)(UNK)(UNK)(UNK)(UNK)(UNK)(UNK)(UNK)(UNK) G
#
loop_
_chem_comp.id
_chem_comp.type
_chem_comp.name
_chem_comp.formula
ADP non-polymer ADENOSINE-5'-DIPHOSPHATE 'C10 H15 N5 O10 P2'
ATP non-polymer ADENOSINE-5'-TRIPHOSPHATE 'C10 H16 N5 O13 P3'
MG non-polymer 'MAGNESIUM ION' 'Mg 2'
#
# COMPACT_ATOMS: atom_id res chain seq x y z
N PRO A 23 -30.94 -17.01 56.91
CA PRO A 23 -30.69 -16.52 58.26
C PRO A 23 -29.20 -16.37 58.56
N ASN A 24 -28.36 -16.99 57.75
CA ASN A 24 -26.91 -16.96 58.00
C ASN A 24 -26.35 -15.55 57.85
N ARG A 25 -26.90 -14.75 56.94
CA ARG A 25 -26.49 -13.36 56.82
C ARG A 25 -26.75 -12.59 58.12
N LEU A 26 -25.75 -11.83 58.56
CA LEU A 26 -25.89 -10.96 59.71
C LEU A 26 -24.99 -9.74 59.53
N ILE A 27 -25.31 -8.69 60.27
CA ILE A 27 -24.60 -7.41 60.19
C ILE A 27 -23.51 -7.41 61.25
N VAL A 28 -22.28 -7.06 60.83
CA VAL A 28 -21.17 -7.01 61.77
C VAL A 28 -21.41 -5.94 62.82
N ASP A 29 -21.30 -6.32 64.08
CA ASP A 29 -21.58 -5.43 65.21
C ASP A 29 -20.47 -5.58 66.25
N GLU A 30 -20.30 -4.53 67.04
CA GLU A 30 -19.22 -4.47 68.01
C GLU A 30 -19.44 -5.46 69.16
N ALA A 31 -18.35 -5.86 69.79
CA ALA A 31 -18.37 -6.79 70.92
C ALA A 31 -17.91 -6.05 72.18
N ILE A 32 -18.76 -6.03 73.20
CA ILE A 32 -18.45 -5.28 74.42
C ILE A 32 -17.39 -5.99 75.24
N ASN A 33 -17.60 -7.28 75.51
CA ASN A 33 -16.69 -8.05 76.36
C ASN A 33 -16.23 -9.36 75.74
N GLU A 34 -16.78 -9.76 74.59
CA GLU A 34 -16.38 -11.01 73.95
C GLU A 34 -14.93 -10.93 73.48
N ASP A 35 -14.21 -12.03 73.67
CA ASP A 35 -12.84 -12.11 73.18
C ASP A 35 -12.85 -12.45 71.69
N ASN A 36 -11.66 -12.71 71.14
CA ASN A 36 -11.55 -12.94 69.70
C ASN A 36 -12.12 -14.29 69.30
N SER A 37 -11.90 -15.33 70.12
CA SER A 37 -12.34 -16.68 69.78
C SER A 37 -13.81 -16.92 70.07
N VAL A 38 -14.52 -15.92 70.59
CA VAL A 38 -15.95 -16.06 70.87
C VAL A 38 -16.71 -14.94 70.18
N VAL A 39 -17.90 -15.28 69.71
CA VAL A 39 -18.81 -14.34 69.06
C VAL A 39 -20.16 -14.46 69.75
N SER A 40 -20.97 -13.41 69.64
CA SER A 40 -22.22 -13.31 70.38
C SER A 40 -23.41 -13.22 69.42
N LEU A 41 -24.52 -13.84 69.81
CA LEU A 41 -25.76 -13.79 69.05
C LEU A 41 -26.92 -13.49 70.00
N SER A 42 -28.01 -13.00 69.43
CA SER A 42 -29.23 -12.81 70.21
C SER A 42 -29.94 -14.14 70.41
N GLN A 43 -30.68 -14.23 71.51
CA GLN A 43 -31.41 -15.46 71.81
C GLN A 43 -32.40 -15.86 70.73
N PRO A 44 -33.27 -14.98 70.20
CA PRO A 44 -34.12 -15.41 69.07
C PRO A 44 -33.33 -15.86 67.85
N LYS A 45 -32.29 -15.11 67.49
CA LYS A 45 -31.48 -15.47 66.32
C LYS A 45 -30.73 -16.78 66.53
N MET A 46 -30.16 -16.96 67.72
CA MET A 46 -29.44 -18.20 68.01
C MET A 46 -30.40 -19.39 68.04
N ASP A 47 -31.63 -19.17 68.51
CA ASP A 47 -32.66 -20.21 68.41
C ASP A 47 -32.99 -20.51 66.94
N GLU A 48 -33.07 -19.48 66.10
CA GLU A 48 -33.51 -19.67 64.72
C GLU A 48 -32.58 -20.61 63.96
N LEU A 49 -31.32 -20.69 64.37
CA LEU A 49 -30.34 -21.54 63.71
C LEU A 49 -30.29 -22.94 64.31
N GLN A 50 -31.16 -23.25 65.28
CA GLN A 50 -31.14 -24.54 65.98
C GLN A 50 -29.77 -24.79 66.60
N LEU A 51 -29.30 -23.83 67.37
CA LEU A 51 -27.94 -23.79 67.91
C LEU A 51 -28.02 -23.80 69.42
N PHE A 52 -27.00 -24.35 70.07
CA PHE A 52 -26.89 -24.33 71.52
C PHE A 52 -25.79 -23.35 71.96
N ARG A 53 -25.91 -22.88 73.20
CA ARG A 53 -24.91 -21.98 73.75
C ARG A 53 -23.60 -22.71 73.98
N GLY A 54 -22.49 -22.05 73.66
CA GLY A 54 -21.18 -22.66 73.73
C GLY A 54 -20.81 -23.51 72.54
N ASP A 55 -21.66 -23.58 71.52
CA ASP A 55 -21.37 -24.40 70.35
C ASP A 55 -20.31 -23.74 69.47
N THR A 56 -19.62 -24.56 68.70
CA THR A 56 -18.68 -24.04 67.70
C THR A 56 -19.44 -23.60 66.45
N VAL A 57 -19.10 -22.42 65.94
CA VAL A 57 -19.76 -21.85 64.78
C VAL A 57 -18.71 -21.42 63.76
N LEU A 58 -19.12 -21.36 62.50
CA LEU A 58 -18.26 -21.01 61.39
C LEU A 58 -18.73 -19.69 60.79
N LEU A 59 -17.78 -18.77 60.63
CA LEU A 59 -18.02 -17.43 60.11
C LEU A 59 -17.39 -17.30 58.74
N LYS A 60 -18.17 -16.82 57.77
CA LYS A 60 -17.68 -16.46 56.44
C LYS A 60 -17.83 -14.97 56.26
N GLY A 61 -16.72 -14.30 55.92
CA GLY A 61 -16.73 -12.87 55.69
C GLY A 61 -16.03 -12.53 54.39
N LYS A 62 -16.15 -11.24 54.02
CA LYS A 62 -15.66 -10.77 52.74
C LYS A 62 -14.19 -11.12 52.54
N LYS A 63 -13.78 -11.14 51.28
CA LYS A 63 -12.47 -11.62 50.84
C LYS A 63 -12.29 -13.11 51.12
N ARG A 64 -13.39 -13.87 51.12
CA ARG A 64 -13.36 -15.32 51.31
C ARG A 64 -12.61 -15.70 52.58
N ARG A 65 -12.97 -15.07 53.69
CA ARG A 65 -12.28 -15.29 54.95
C ARG A 65 -13.15 -16.11 55.89
N GLU A 66 -12.68 -17.30 56.27
CA GLU A 66 -13.44 -18.23 57.08
C GLU A 66 -12.76 -18.43 58.42
N ALA A 67 -13.54 -18.38 59.49
CA ALA A 67 -13.04 -18.59 60.84
C ALA A 67 -14.05 -19.44 61.61
N VAL A 68 -13.66 -19.86 62.82
CA VAL A 68 -14.53 -20.61 63.72
C VAL A 68 -14.41 -20.01 65.11
N CYS A 69 -15.55 -19.90 65.79
CA CYS A 69 -15.62 -19.26 67.10
C CYS A 69 -16.59 -20.01 67.99
N ILE A 70 -16.76 -19.51 69.22
CA ILE A 70 -17.69 -20.07 70.18
C ILE A 70 -18.87 -19.11 70.30
N VAL A 71 -20.09 -19.63 70.12
CA VAL A 71 -21.27 -18.78 70.16
C VAL A 71 -21.67 -18.49 71.59
N LEU A 72 -22.16 -17.28 71.83
CA LEU A 72 -22.54 -16.83 73.16
C LEU A 72 -23.92 -16.17 73.09
N SER A 73 -24.62 -16.20 74.23
CA SER A 73 -25.95 -15.63 74.35
C SER A 73 -25.85 -14.26 75.02
N ASP A 74 -26.51 -13.26 74.45
CA ASP A 74 -26.50 -11.91 74.98
C ASP A 74 -27.78 -11.20 74.55
N ASP A 75 -28.43 -10.52 75.50
CA ASP A 75 -29.64 -9.77 75.17
C ASP A 75 -29.30 -8.47 74.43
N THR A 76 -28.14 -7.87 74.74
CA THR A 76 -27.76 -6.63 74.09
C THR A 76 -27.52 -6.83 72.61
N CYS A 77 -27.08 -8.03 72.21
CA CYS A 77 -26.87 -8.31 70.81
C CYS A 77 -28.20 -8.29 70.06
N SER A 78 -28.22 -7.61 68.91
CA SER A 78 -29.44 -7.46 68.15
C SER A 78 -29.74 -8.73 67.36
N ASP A 79 -31.00 -8.85 66.92
CA ASP A 79 -31.40 -10.00 66.11
C ASP A 79 -30.68 -10.03 64.77
N GLU A 80 -30.57 -8.89 64.11
CA GLU A 80 -29.93 -8.79 62.81
C GLU A 80 -28.45 -8.40 62.91
N LYS A 81 -27.90 -8.32 64.11
CA LYS A 81 -26.52 -7.95 64.33
C LYS A 81 -25.81 -9.05 65.10
N ILE A 82 -24.51 -9.19 64.87
CA ILE A 82 -23.66 -10.14 65.58
C ILE A 82 -22.57 -9.37 66.31
N ARG A 83 -22.53 -9.52 67.62
CA ARG A 83 -21.53 -8.83 68.44
C ARG A 83 -20.20 -9.53 68.30
N MET A 84 -19.23 -8.87 67.66
CA MET A 84 -17.98 -9.49 67.27
C MET A 84 -16.90 -8.42 67.21
N ASN A 85 -15.65 -8.82 67.41
CA ASN A 85 -14.59 -7.92 67.83
C ASN A 85 -13.85 -7.28 66.64
N ARG A 86 -12.86 -6.44 66.99
CA ARG A 86 -12.00 -5.83 65.98
C ARG A 86 -11.08 -6.85 65.33
N VAL A 87 -10.47 -7.73 66.14
CA VAL A 87 -9.40 -8.60 65.66
C VAL A 87 -9.94 -9.55 64.60
N VAL A 88 -11.09 -10.17 64.86
CA VAL A 88 -11.68 -11.09 63.89
C VAL A 88 -12.21 -10.32 62.70
N ARG A 89 -12.69 -9.09 62.91
CA ARG A 89 -13.03 -8.22 61.79
C ARG A 89 -11.86 -8.08 60.83
N ASN A 90 -10.66 -7.86 61.38
CA ASN A 90 -9.47 -7.85 60.53
C ASN A 90 -9.23 -9.22 59.92
N ASN A 91 -9.45 -10.29 60.70
CA ASN A 91 -9.31 -11.64 60.17
C ASN A 91 -10.35 -11.92 59.10
N LEU A 92 -11.58 -11.45 59.29
CA LEU A 92 -12.64 -11.59 58.32
C LEU A 92 -12.62 -10.52 57.24
N ARG A 93 -11.73 -9.54 57.36
CA ARG A 93 -11.63 -8.43 56.41
C ARG A 93 -12.97 -7.72 56.25
N VAL A 94 -13.67 -7.51 57.37
CA VAL A 94 -14.98 -6.88 57.36
C VAL A 94 -14.97 -5.69 58.32
N ARG A 95 -15.89 -4.77 58.08
CA ARG A 95 -16.05 -3.57 58.87
C ARG A 95 -17.45 -3.56 59.50
N LEU A 96 -17.70 -2.57 60.35
CA LEU A 96 -19.02 -2.43 60.95
C LEU A 96 -20.07 -2.19 59.86
N GLY A 97 -21.17 -2.93 59.95
CA GLY A 97 -22.21 -2.89 58.94
C GLY A 97 -22.05 -3.89 57.82
N ASP A 98 -20.92 -4.60 57.76
CA ASP A 98 -20.71 -5.60 56.72
C ASP A 98 -21.52 -6.86 57.00
N VAL A 99 -21.83 -7.58 55.94
CA VAL A 99 -22.65 -8.78 56.02
C VAL A 99 -21.71 -10.00 56.07
N ILE A 100 -21.89 -10.83 57.09
CA ILE A 100 -21.15 -12.08 57.21
C ILE A 100 -22.14 -13.22 57.42
N SER A 101 -21.80 -14.39 56.88
CA SER A 101 -22.65 -15.56 56.94
C SER A 101 -22.19 -16.48 58.06
N ILE A 102 -23.10 -16.82 58.96
CA ILE A 102 -22.80 -17.62 60.14
C ILE A 102 -23.53 -18.95 60.02
N GLN A 103 -22.82 -20.04 60.29
CA GLN A 103 -23.41 -21.36 60.23
C GLN A 103 -22.91 -22.21 61.39
N PRO A 104 -23.63 -23.27 61.75
CA PRO A 104 -23.08 -24.23 62.71
C PRO A 104 -21.87 -24.95 62.12
N CYS A 105 -20.89 -25.23 62.96
CA CYS A 105 -19.69 -25.92 62.54
C CYS A 105 -19.69 -27.33 63.09
N PRO A 106 -19.88 -28.36 62.27
CA PRO A 106 -19.88 -29.73 62.79
C PRO A 106 -18.51 -30.39 62.71
N ASP A 107 -18.31 -31.44 63.53
CA ASP A 107 -17.10 -32.26 63.50
C ASP A 107 -15.84 -31.43 63.76
N VAL A 108 -15.91 -30.55 64.76
CA VAL A 108 -14.78 -29.71 65.14
C VAL A 108 -13.94 -30.51 66.12
N LYS A 109 -13.00 -31.29 65.59
CA LYS A 109 -12.13 -32.11 66.45
C LYS A 109 -11.18 -31.24 67.25
N TYR A 110 -10.82 -31.72 68.44
CA TYR A 110 -9.88 -31.01 69.29
C TYR A 110 -8.49 -31.02 68.67
N GLY A 111 -7.79 -29.89 68.77
CA GLY A 111 -6.51 -29.74 68.10
C GLY A 111 -5.40 -30.50 68.79
N LYS A 112 -4.66 -31.30 68.00
CA LYS A 112 -3.47 -31.96 68.53
C LYS A 112 -2.32 -30.97 68.70
N ARG A 113 -2.11 -30.10 67.72
CA ARG A 113 -1.01 -29.14 67.78
C ARG A 113 -1.29 -28.00 66.81
N ILE A 114 -1.00 -26.78 67.26
CA ILE A 114 -1.18 -25.60 66.46
C ILE A 114 0.15 -24.84 66.38
N HIS A 115 0.49 -24.43 65.16
CA HIS A 115 1.69 -23.64 64.90
C HIS A 115 1.27 -22.26 64.45
N VAL A 116 1.67 -21.24 65.21
CA VAL A 116 1.23 -19.87 65.01
C VAL A 116 2.46 -19.02 64.71
N LEU A 117 2.33 -18.13 63.72
CA LEU A 117 3.40 -17.23 63.33
C LEU A 117 3.02 -15.80 63.65
N PRO A 118 3.60 -15.19 64.67
CA PRO A 118 3.25 -13.81 65.01
C PRO A 118 3.83 -12.82 64.00
N ILE A 119 3.31 -11.59 64.05
CA ILE A 119 3.72 -10.57 63.10
C ILE A 119 5.07 -9.99 63.50
N ASP A 120 5.79 -9.46 62.51
CA ASP A 120 7.14 -8.94 62.76
C ASP A 120 7.12 -7.77 63.73
N ASP A 121 6.13 -6.87 63.61
CA ASP A 121 6.11 -5.69 64.47
C ASP A 121 5.87 -6.06 65.93
N THR A 122 5.01 -7.04 66.18
CA THR A 122 4.63 -7.36 67.55
C THR A 122 5.78 -8.02 68.32
N VAL A 123 6.63 -8.78 67.63
CA VAL A 123 7.66 -9.54 68.32
C VAL A 123 8.79 -8.63 68.79
N GLU A 124 8.89 -7.45 68.18
CA GLU A 124 9.97 -6.52 68.53
C GLU A 124 9.84 -6.04 69.97
N GLY A 125 10.97 -6.03 70.68
CA GLY A 125 11.02 -5.54 72.04
C GLY A 125 10.52 -6.49 73.09
N ILE A 126 10.15 -7.71 72.72
CA ILE A 126 9.63 -8.70 73.66
C ILE A 126 10.82 -9.55 74.11
N THR A 127 11.41 -9.18 75.25
CA THR A 127 12.57 -9.92 75.75
C THR A 127 12.20 -11.35 76.11
N GLY A 128 11.05 -11.55 76.73
CA GLY A 128 10.63 -12.88 77.09
C GLY A 128 10.01 -13.63 75.92
N ASN A 129 9.84 -14.95 76.12
CA ASN A 129 9.25 -15.78 75.09
C ASN A 129 7.78 -15.43 74.89
N LEU A 130 7.36 -15.33 73.64
CA LEU A 130 5.96 -15.04 73.34
C LEU A 130 5.05 -16.14 73.85
N PHE A 131 5.45 -17.41 73.67
CA PHE A 131 4.59 -18.53 74.05
C PHE A 131 4.36 -18.55 75.55
N GLU A 132 5.41 -18.32 76.34
CA GLU A 132 5.25 -18.37 77.80
C GLU A 132 4.46 -17.17 78.30
N VAL A 133 4.82 -15.96 77.85
CA VAL A 133 4.17 -14.76 78.34
C VAL A 133 2.74 -14.66 77.82
N TYR A 134 2.52 -14.99 76.55
CA TYR A 134 1.26 -14.70 75.89
C TYR A 134 0.45 -15.94 75.54
N LEU A 135 1.03 -16.89 74.79
CA LEU A 135 0.24 -18.01 74.30
C LEU A 135 -0.22 -18.92 75.43
N LYS A 136 0.69 -19.24 76.37
CA LYS A 136 0.36 -20.22 77.40
C LYS A 136 -0.80 -19.79 78.30
N PRO A 137 -0.83 -18.58 78.86
CA PRO A 137 -2.00 -18.23 79.68
C PRO A 137 -3.25 -18.00 78.85
N TYR A 138 -3.11 -17.53 77.62
CA TYR A 138 -4.27 -17.32 76.76
C TYR A 138 -4.99 -18.62 76.45
N PHE A 139 -4.23 -19.68 76.16
CA PHE A 139 -4.80 -20.94 75.71
C PHE A 139 -4.89 -21.98 76.82
N LEU A 140 -4.69 -21.57 78.07
CA LEU A 140 -4.87 -22.49 79.19
C LEU A 140 -6.37 -22.65 79.47
N GLU A 141 -6.88 -23.86 79.31
CA GLU A 141 -8.31 -24.15 79.42
C GLU A 141 -9.12 -23.30 78.46
N ALA A 142 -8.59 -23.08 77.26
CA ALA A 142 -9.23 -22.18 76.31
C ALA A 142 -10.47 -22.82 75.68
N TYR A 143 -10.34 -24.05 75.18
CA TYR A 143 -11.41 -24.73 74.45
C TYR A 143 -11.87 -23.90 73.26
N ARG A 144 -10.93 -23.25 72.59
CA ARG A 144 -11.21 -22.35 71.48
C ARG A 144 -11.00 -23.06 70.16
N PRO A 145 -12.00 -23.09 69.27
CA PRO A 145 -11.77 -23.62 67.92
C PRO A 145 -11.14 -22.58 67.03
N ILE A 146 -10.16 -23.02 66.22
CA ILE A 146 -9.43 -22.15 65.31
C ILE A 146 -9.23 -22.85 63.97
N ARG A 147 -8.81 -22.05 62.99
CA ARG A 147 -8.70 -22.41 61.60
C ARG A 147 -7.33 -21.93 61.09
N LYS A 148 -6.89 -22.49 59.96
CA LYS A 148 -5.65 -22.04 59.37
C LYS A 148 -5.73 -20.57 58.96
N GLY A 149 -4.70 -19.81 59.30
CA GLY A 149 -4.65 -18.40 58.99
C GLY A 149 -5.46 -17.52 59.92
N ASP A 150 -6.08 -18.08 60.96
CA ASP A 150 -6.89 -17.28 61.87
C ASP A 150 -6.02 -16.30 62.64
N ILE A 151 -6.57 -15.11 62.88
CA ILE A 151 -5.87 -14.03 63.55
C ILE A 151 -6.45 -13.88 64.95
N PHE A 152 -5.58 -13.76 65.95
CA PHE A 152 -6.03 -13.40 67.28
C PHE A 152 -5.00 -12.52 67.97
N LEU A 153 -5.46 -11.79 68.98
CA LEU A 153 -4.65 -10.78 69.66
C LEU A 153 -4.60 -11.08 71.14
N VAL A 154 -3.44 -10.88 71.75
CA VAL A 154 -3.25 -11.09 73.18
C VAL A 154 -2.59 -9.86 73.76
N ARG A 155 -3.15 -9.37 74.88
CA ARG A 155 -2.64 -8.18 75.53
C ARG A 155 -1.63 -8.54 76.61
N GLY A 156 -0.61 -7.72 76.75
CA GLY A 156 0.38 -7.92 77.79
C GLY A 156 1.75 -7.41 77.36
N GLY A 157 2.63 -7.29 78.33
CA GLY A 157 3.97 -6.83 78.07
C GLY A 157 4.02 -5.37 77.67
N MET A 158 5.14 -4.98 77.07
CA MET A 158 5.29 -3.62 76.58
C MET A 158 4.51 -3.39 75.30
N ARG A 159 4.21 -4.46 74.56
CA ARG A 159 3.46 -4.37 73.33
C ARG A 159 2.50 -5.55 73.23
N ALA A 160 1.26 -5.28 72.84
CA ALA A 160 0.31 -6.35 72.57
C ALA A 160 0.77 -7.16 71.36
N VAL A 161 0.49 -8.46 71.38
CA VAL A 161 1.06 -9.39 70.41
C VAL A 161 -0.06 -10.01 69.57
N GLU A 162 0.13 -10.01 68.26
CA GLU A 162 -0.77 -10.66 67.32
C GLU A 162 -0.22 -12.02 66.95
N PHE A 163 -1.09 -13.02 66.85
CA PHE A 163 -0.71 -14.36 66.39
C PHE A 163 -1.60 -14.78 65.24
N LYS A 164 -0.98 -15.40 64.24
CA LYS A 164 -1.68 -15.97 63.08
C LYS A 164 -1.44 -17.47 63.04
N VAL A 165 -2.52 -18.24 62.97
CA VAL A 165 -2.45 -19.70 63.04
C VAL A 165 -2.18 -20.26 61.66
N VAL A 166 -0.91 -20.41 61.31
CA VAL A 166 -0.56 -20.90 59.98
C VAL A 166 -0.83 -22.40 59.86
N GLU A 167 -0.50 -23.18 60.89
CA GLU A 167 -0.65 -24.62 60.85
C GLU A 167 -1.62 -25.09 61.92
N THR A 168 -2.56 -25.94 61.53
CA THR A 168 -3.52 -26.54 62.45
C THR A 168 -3.43 -28.06 62.32
N ASP A 169 -3.55 -28.77 63.45
CA ASP A 169 -3.60 -30.21 63.43
C ASP A 169 -4.63 -30.72 64.43
N PRO A 170 -5.68 -31.43 63.98
CA PRO A 170 -6.03 -31.71 62.58
C PRO A 170 -6.51 -30.48 61.79
N SER A 171 -6.19 -30.44 60.51
CA SER A 171 -6.73 -29.42 59.63
C SER A 171 -8.17 -29.79 59.25
N PRO A 172 -9.04 -28.79 59.04
CA PRO A 172 -8.79 -27.34 59.17
C PRO A 172 -9.30 -26.72 60.47
N TYR A 173 -10.24 -27.37 61.16
CA TYR A 173 -10.84 -26.85 62.38
C TYR A 173 -10.28 -27.64 63.56
N CYS A 174 -9.72 -26.93 64.54
CA CYS A 174 -9.11 -27.59 65.69
C CYS A 174 -9.36 -26.79 66.95
N ILE A 175 -9.76 -27.49 68.01
CA ILE A 175 -10.04 -26.88 69.31
C ILE A 175 -8.79 -27.02 70.18
N VAL A 176 -8.36 -25.91 70.77
CA VAL A 176 -7.14 -25.87 71.58
C VAL A 176 -7.46 -26.36 72.99
N ALA A 177 -7.09 -27.59 73.29
CA ALA A 177 -7.17 -28.13 74.64
C ALA A 177 -5.89 -27.79 75.40
N PRO A 178 -5.93 -27.80 76.74
CA PRO A 178 -4.71 -27.47 77.49
C PRO A 178 -3.54 -28.38 77.20
N ASP A 179 -3.78 -29.65 76.89
CA ASP A 179 -2.68 -30.57 76.61
C ASP A 179 -2.06 -30.29 75.24
N THR A 180 -2.73 -29.50 74.41
CA THR A 180 -2.19 -29.16 73.10
C THR A 180 -0.94 -28.30 73.24
N VAL A 181 0.08 -28.63 72.45
CA VAL A 181 1.35 -27.93 72.48
C VAL A 181 1.32 -26.79 71.48
N ILE A 182 1.76 -25.60 71.90
CA ILE A 182 1.77 -24.41 71.07
C ILE A 182 3.19 -23.88 71.00
N HIS A 183 3.68 -23.64 69.79
CA HIS A 183 5.02 -23.11 69.57
C HIS A 183 4.95 -21.97 68.58
N CYS A 184 5.56 -20.83 68.93
CA CYS A 184 5.62 -19.67 68.06
C CYS A 184 6.92 -19.61 67.26
N GLU A 185 7.75 -20.64 67.34
CA GLU A 185 9.01 -20.66 66.60
C GLU A 185 8.77 -20.71 65.10
N GLY A 186 9.73 -20.23 64.34
CA GLY A 186 9.66 -20.22 62.90
C GLY A 186 10.00 -18.84 62.37
N GLU A 187 9.47 -18.54 61.18
CA GLU A 187 9.66 -17.23 60.58
C GLU A 187 8.44 -16.37 60.86
N PRO A 188 8.55 -15.31 61.67
CA PRO A 188 7.38 -14.47 61.93
C PRO A 188 6.87 -13.80 60.66
N ILE A 189 5.56 -13.62 60.58
CA ILE A 189 4.95 -13.01 59.41
C ILE A 189 5.38 -11.55 59.32
N LYS A 190 5.81 -11.14 58.12
CA LYS A 190 6.21 -9.76 57.90
C LYS A 190 4.99 -8.85 57.98
N ARG A 191 5.21 -7.65 58.53
CA ARG A 191 4.11 -6.71 58.73
C ARG A 191 3.49 -6.30 57.41
N GLU A 192 4.32 -6.05 56.39
CA GLU A 192 3.80 -5.63 55.09
C GLU A 192 2.99 -6.73 54.43
N ASP A 193 3.41 -7.99 54.59
CA ASP A 193 2.68 -9.10 53.98
C ASP A 193 1.28 -9.23 54.56
N GLU A 194 1.14 -9.07 55.88
CA GLU A 194 -0.17 -9.11 56.49
C GLU A 194 -0.98 -7.86 56.16
N GLU A 195 -0.31 -6.71 56.08
CA GLU A 195 -1.00 -5.46 55.78
C GLU A 195 -1.61 -5.49 54.37
N GLU A 196 -0.87 -6.03 53.40
CA GLU A 196 -1.37 -6.09 52.04
C GLU A 196 -2.65 -6.92 51.95
N SER A 197 -2.70 -8.06 52.65
CA SER A 197 -3.92 -8.83 52.71
C SER A 197 -5.01 -8.07 53.45
N LEU A 198 -4.65 -7.37 54.53
CA LEU A 198 -5.63 -6.57 55.26
C LEU A 198 -6.17 -5.44 54.39
N ASN A 199 -5.30 -4.78 53.64
CA ASN A 199 -5.70 -3.72 52.71
C ASN A 199 -5.94 -4.25 51.31
N GLU A 200 -6.21 -5.55 51.17
CA GLU A 200 -6.51 -6.12 49.87
C GLU A 200 -7.90 -5.70 49.42
N VAL A 201 -8.10 -5.70 48.10
CA VAL A 201 -9.29 -5.09 47.53
C VAL A 201 -10.48 -6.04 47.55
N GLY A 202 -11.66 -5.47 47.80
CA GLY A 202 -12.91 -6.18 47.59
C GLY A 202 -13.82 -5.36 46.70
N TYR A 203 -15.09 -5.76 46.68
CA TYR A 203 -16.09 -5.03 45.91
C TYR A 203 -16.36 -3.63 46.46
N ASP A 204 -16.08 -3.40 47.74
CA ASP A 204 -16.34 -2.09 48.33
C ASP A 204 -15.29 -1.07 47.90
N ASP A 205 -14.05 -1.52 47.67
CA ASP A 205 -12.98 -0.58 47.32
C ASP A 205 -13.18 0.01 45.93
N ILE A 206 -13.97 -0.64 45.07
CA ILE A 206 -14.27 -0.08 43.77
C ILE A 206 -15.54 0.77 43.88
N GLY A 207 -15.46 2.00 43.40
CA GLY A 207 -16.60 2.92 43.47
C GLY A 207 -17.11 3.34 42.12
N GLY A 208 -18.40 3.69 42.06
CA GLY A 208 -18.99 4.17 40.83
C GLY A 208 -19.44 3.11 39.86
N CYS A 209 -19.25 1.83 40.19
CA CYS A 209 -19.68 0.74 39.32
C CYS A 209 -20.34 -0.40 40.10
N ARG A 210 -21.08 -0.09 41.16
CA ARG A 210 -21.83 -1.11 41.89
C ARG A 210 -22.77 -1.86 40.97
N LYS A 211 -23.42 -1.15 40.05
CA LYS A 211 -24.28 -1.80 39.07
C LYS A 211 -23.50 -2.77 38.20
N GLN A 212 -22.32 -2.34 37.74
CA GLN A 212 -21.48 -3.22 36.92
C GLN A 212 -20.95 -4.39 37.73
N LEU A 213 -20.65 -4.17 39.01
CA LEU A 213 -20.24 -5.29 39.85
C LEU A 213 -21.36 -6.31 39.99
N ALA A 214 -22.60 -5.84 40.15
CA ALA A 214 -23.73 -6.76 40.22
C ALA A 214 -23.90 -7.52 38.90
N GLN A 215 -23.76 -6.82 37.77
CA GLN A 215 -23.85 -7.50 36.48
C GLN A 215 -22.76 -8.56 36.34
N ILE A 216 -21.53 -8.23 36.71
CA ILE A 216 -20.41 -9.16 36.58
C ILE A 216 -20.62 -10.35 37.50
N LYS A 217 -21.20 -10.12 38.68
CA LYS A 217 -21.58 -11.23 39.55
C LYS A 217 -22.62 -12.11 38.88
N GLU A 218 -23.55 -11.49 38.14
CA GLU A 218 -24.59 -12.27 37.49
C GLU A 218 -24.03 -13.14 36.36
N MET A 219 -23.21 -12.55 35.48
CA MET A 219 -22.73 -13.32 34.33
C MET A 219 -21.66 -14.33 34.74
N VAL A 220 -20.92 -14.05 35.81
CA VAL A 220 -19.76 -14.86 36.20
C VAL A 220 -20.03 -15.65 37.47
N GLU A 221 -20.25 -14.96 38.59
CA GLU A 221 -20.40 -15.66 39.87
C GLU A 221 -21.61 -16.58 39.88
N LEU A 222 -22.73 -16.11 39.34
CA LEU A 222 -23.96 -16.89 39.38
C LEU A 222 -23.86 -18.23 38.66
N PRO A 223 -23.32 -18.32 37.44
CA PRO A 223 -23.13 -19.66 36.84
C PRO A 223 -22.25 -20.58 37.67
N LEU A 224 -21.21 -20.04 38.31
CA LEU A 224 -20.28 -20.89 39.06
C LEU A 224 -20.93 -21.41 40.34
N ARG A 225 -21.66 -20.55 41.06
CA ARG A 225 -22.29 -21.02 42.28
C ARG A 225 -23.44 -21.99 41.97
N HIS A 226 -24.19 -21.73 40.91
CA HIS A 226 -25.34 -22.56 40.54
C HIS A 226 -25.27 -22.91 39.06
N PRO A 227 -24.47 -23.92 38.67
CA PRO A 227 -24.51 -24.38 37.27
C PRO A 227 -25.74 -25.21 36.96
N ALA A 228 -26.25 -25.97 37.94
CA ALA A 228 -27.44 -26.77 37.71
C ALA A 228 -28.65 -25.88 37.43
N LEU A 229 -28.65 -24.66 37.97
CA LEU A 229 -29.73 -23.73 37.69
C LEU A 229 -29.74 -23.35 36.21
N PHE A 230 -28.56 -23.14 35.62
CA PHE A 230 -28.48 -22.90 34.19
C PHE A 230 -28.82 -24.16 33.41
N LYS A 231 -28.51 -25.33 33.97
CA LYS A 231 -28.84 -26.58 33.28
C LYS A 231 -30.34 -26.78 33.17
N GLU A 232 -31.08 -26.51 34.25
CA GLU A 232 -32.51 -26.80 34.26
C GLU A 232 -33.27 -25.99 33.23
N ILE A 233 -32.93 -24.70 33.08
CA ILE A 233 -33.68 -23.82 32.18
C ILE A 233 -33.27 -23.99 30.73
N GLY A 234 -32.39 -24.93 30.42
CA GLY A 234 -32.00 -25.17 29.04
C GLY A 234 -31.20 -24.04 28.42
N VAL A 235 -30.15 -23.57 29.08
CA VAL A 235 -29.30 -22.52 28.57
C VAL A 235 -27.85 -22.94 28.74
N LYS A 236 -26.97 -22.32 27.97
CA LYS A 236 -25.54 -22.43 28.18
C LYS A 236 -24.99 -21.09 28.62
N PRO A 237 -24.35 -21.03 29.80
CA PRO A 237 -23.94 -19.75 30.36
C PRO A 237 -22.92 -19.06 29.47
N PRO A 238 -22.88 -17.73 29.47
CA PRO A 238 -21.88 -17.03 28.67
C PRO A 238 -20.47 -17.36 29.15
N ARG A 239 -19.73 -18.09 28.30
CA ARG A 239 -18.40 -18.54 28.69
C ARG A 239 -17.44 -17.37 28.85
N GLY A 240 -17.54 -16.38 27.98
CA GLY A 240 -16.64 -15.25 28.02
C GLY A 240 -17.33 -13.91 28.06
N ILE A 241 -16.75 -12.95 28.78
CA ILE A 241 -17.29 -11.61 28.91
C ILE A 241 -16.17 -10.61 28.64
N LEU A 242 -16.54 -9.42 28.17
CA LEU A 242 -15.60 -8.37 27.79
C LEU A 242 -15.92 -7.10 28.55
N LEU A 243 -14.89 -6.38 28.96
CA LEU A 243 -15.02 -5.08 29.62
C LEU A 243 -14.36 -4.03 28.75
N TYR A 244 -15.09 -2.95 28.45
CA TYR A 244 -14.56 -1.91 27.59
C TYR A 244 -14.94 -0.54 28.12
N GLY A 245 -14.15 0.46 27.75
CA GLY A 245 -14.34 1.81 28.22
C GLY A 245 -13.05 2.60 28.22
N PRO A 246 -13.09 3.84 28.72
CA PRO A 246 -11.89 4.66 28.74
C PRO A 246 -10.88 4.09 29.72
N PRO A 247 -9.58 4.33 29.49
CA PRO A 247 -8.55 3.80 30.39
C PRO A 247 -8.65 4.41 31.78
N GLY A 248 -8.20 3.65 32.78
CA GLY A 248 -8.21 4.11 34.15
C GLY A 248 -9.49 3.86 34.91
N THR A 249 -10.47 3.19 34.30
CA THR A 249 -11.79 3.06 34.94
C THR A 249 -11.78 1.98 36.01
N GLY A 250 -10.75 1.14 36.04
CA GLY A 250 -10.62 0.14 37.06
C GLY A 250 -10.94 -1.28 36.66
N LYS A 251 -10.81 -1.62 35.37
CA LYS A 251 -11.09 -2.98 34.93
C LYS A 251 -10.15 -3.98 35.60
N THR A 252 -8.86 -3.67 35.66
CA THR A 252 -7.93 -4.52 36.39
C THR A 252 -8.27 -4.53 37.88
N LEU A 253 -8.83 -3.43 38.39
CA LEU A 253 -9.25 -3.41 39.79
C LEU A 253 -10.44 -4.33 40.01
N ILE A 254 -11.37 -4.38 39.06
CA ILE A 254 -12.47 -5.34 39.14
C ILE A 254 -11.92 -6.76 39.08
N ALA A 255 -10.88 -6.98 38.27
CA ALA A 255 -10.23 -8.28 38.25
C ALA A 255 -9.65 -8.64 39.61
N ARG A 256 -9.00 -7.67 40.26
CA ARG A 256 -8.47 -7.89 41.61
C ARG A 256 -9.59 -8.24 42.59
N ALA A 257 -10.70 -7.51 42.53
CA ALA A 257 -11.78 -7.74 43.47
C ALA A 257 -12.39 -9.14 43.28
N VAL A 258 -12.65 -9.52 42.02
CA VAL A 258 -13.21 -10.84 41.76
C VAL A 258 -12.20 -11.92 42.09
N ALA A 259 -10.90 -11.60 41.98
CA ALA A 259 -9.86 -12.53 42.41
C ALA A 259 -9.96 -12.78 43.90
N ASN A 260 -10.13 -11.72 44.69
CA ASN A 260 -10.10 -11.89 46.14
C ASN A 260 -11.40 -12.52 46.67
N GLU A 261 -12.56 -12.11 46.13
CA GLU A 261 -13.83 -12.47 46.71
C GLU A 261 -14.60 -13.51 45.91
N THR A 262 -13.91 -14.50 45.34
CA THR A 262 -14.58 -15.63 44.67
C THR A 262 -13.92 -16.94 45.08
N GLY A 263 -14.75 -17.91 45.47
CA GLY A 263 -14.23 -19.23 45.77
C GLY A 263 -13.69 -19.93 44.53
N ALA A 264 -14.20 -19.56 43.36
CA ALA A 264 -13.69 -20.11 42.12
C ALA A 264 -12.23 -19.71 41.92
N PHE A 265 -11.41 -20.68 41.53
CA PHE A 265 -9.98 -20.44 41.38
C PHE A 265 -9.73 -19.40 40.30
N PHE A 266 -8.90 -18.42 40.62
CA PHE A 266 -8.60 -17.30 39.74
C PHE A 266 -7.15 -17.39 39.28
N PHE A 267 -6.91 -17.15 37.99
CA PHE A 267 -5.57 -17.21 37.42
C PHE A 267 -5.37 -15.97 36.55
N LEU A 268 -4.11 -15.56 36.39
CA LEU A 268 -3.76 -14.34 35.67
C LEU A 268 -3.13 -14.64 34.32
N ILE A 269 -3.62 -13.96 33.29
CA ILE A 269 -2.97 -13.82 32.00
C ILE A 269 -2.87 -12.33 31.69
N ASN A 270 -1.65 -11.84 31.50
CA ASN A 270 -1.40 -10.43 31.22
C ASN A 270 -0.95 -10.26 29.78
N GLY A 271 -1.56 -9.32 29.07
CA GLY A 271 -1.25 -9.08 27.68
C GLY A 271 0.21 -8.71 27.45
N PRO A 272 0.72 -7.75 28.21
CA PRO A 272 2.17 -7.51 28.19
C PRO A 272 2.99 -8.75 28.55
N GLU A 273 2.54 -9.51 29.56
CA GLU A 273 3.26 -10.74 29.90
C GLU A 273 3.22 -11.74 28.75
N ILE A 274 2.07 -11.83 28.06
CA ILE A 274 1.98 -12.70 26.90
C ILE A 274 2.95 -12.26 25.82
N MET A 275 3.05 -10.95 25.59
CA MET A 275 3.95 -10.46 24.55
C MET A 275 5.41 -10.64 24.95
N SER A 276 5.67 -10.72 26.26
CA SER A 276 7.05 -10.85 26.74
C SER A 276 7.68 -12.16 26.26
N LYS A 277 6.88 -13.21 26.12
CA LYS A 277 7.42 -14.52 25.80
C LYS A 277 7.94 -14.57 24.37
N LEU A 278 8.85 -15.51 24.13
CA LEU A 278 9.39 -15.73 22.79
C LEU A 278 8.30 -16.27 21.86
N ALA A 279 8.52 -16.09 20.56
CA ALA A 279 7.59 -16.60 19.57
C ALA A 279 7.45 -18.11 19.72
N GLY A 280 6.20 -18.56 19.88
CA GLY A 280 5.93 -19.95 20.16
C GLY A 280 5.81 -20.30 21.64
N GLU A 281 6.02 -19.33 22.53
CA GLU A 281 5.89 -19.58 23.96
C GLU A 281 4.66 -18.93 24.57
N SER A 282 4.16 -17.85 23.96
CA SER A 282 2.90 -17.27 24.43
C SER A 282 1.75 -18.26 24.24
N GLU A 283 1.72 -18.94 23.09
CA GLU A 283 0.70 -19.97 22.87
C GLU A 283 0.80 -21.06 23.91
N SER A 284 2.03 -21.47 24.26
CA SER A 284 2.20 -22.45 25.31
C SER A 284 1.63 -21.96 26.64
N ASN A 285 1.92 -20.71 27.00
CA ASN A 285 1.42 -20.19 28.28
C ASN A 285 -0.10 -20.16 28.31
N LEU A 286 -0.72 -19.74 27.20
CA LEU A 286 -2.18 -19.68 27.18
C LEU A 286 -2.80 -21.08 27.17
N ARG A 287 -2.18 -22.04 26.47
CA ARG A 287 -2.71 -23.41 26.51
C ARG A 287 -2.62 -23.99 27.91
N LYS A 288 -1.48 -23.84 28.58
CA LYS A 288 -1.39 -24.34 29.95
C LYS A 288 -2.31 -23.56 30.89
N ALA A 289 -2.59 -22.29 30.55
CA ALA A 289 -3.55 -21.52 31.34
C ALA A 289 -4.94 -22.13 31.26
N PHE A 290 -5.44 -22.38 30.06
CA PHE A 290 -6.76 -23.00 29.93
C PHE A 290 -6.77 -24.42 30.48
N GLU A 291 -5.67 -25.16 30.34
CA GLU A 291 -5.60 -26.50 30.92
C GLU A 291 -5.72 -26.45 32.44
N GLU A 292 -5.00 -25.52 33.07
CA GLU A 292 -5.10 -25.37 34.52
C GLU A 292 -6.49 -24.96 34.94
N ALA A 293 -7.11 -24.05 34.18
CA ALA A 293 -8.47 -23.61 34.52
C ALA A 293 -9.47 -24.75 34.45
N GLU A 294 -9.40 -25.55 33.37
CA GLU A 294 -10.33 -26.66 33.26
C GLU A 294 -10.01 -27.77 34.24
N LYS A 295 -8.76 -27.82 34.72
CA LYS A 295 -8.40 -28.81 35.73
C LYS A 295 -9.11 -28.54 37.06
N ASN A 296 -9.04 -27.30 37.55
CA ASN A 296 -9.65 -26.98 38.82
C ASN A 296 -11.13 -26.64 38.64
N ALA A 297 -11.92 -27.01 39.65
CA ALA A 297 -13.37 -26.87 39.58
C ALA A 297 -13.87 -26.05 40.77
N PRO A 298 -14.45 -24.86 40.55
CA PRO A 298 -14.50 -24.20 39.24
C PRO A 298 -13.26 -23.36 39.00
N ALA A 299 -13.29 -22.48 38.00
CA ALA A 299 -12.17 -21.61 37.71
C ALA A 299 -12.63 -20.38 36.93
N ILE A 300 -11.86 -19.31 37.06
CA ILE A 300 -12.07 -18.07 36.33
C ILE A 300 -10.72 -17.61 35.76
N ILE A 301 -10.72 -17.23 34.48
CA ILE A 301 -9.55 -16.64 33.84
C ILE A 301 -9.86 -15.19 33.52
N PHE A 302 -8.88 -14.31 33.70
CA PHE A 302 -9.00 -12.91 33.33
C PHE A 302 -7.88 -12.57 32.35
N ILE A 303 -8.23 -11.84 31.29
CA ILE A 303 -7.27 -11.47 30.25
C ILE A 303 -7.29 -9.95 30.16
N ASP A 304 -6.29 -9.31 30.75
CA ASP A 304 -6.13 -7.87 30.59
C ASP A 304 -5.43 -7.57 29.27
N GLU A 305 -5.75 -6.41 28.70
CA GLU A 305 -5.17 -5.96 27.43
C GLU A 305 -5.38 -7.00 26.34
N LEU A 306 -6.64 -7.44 26.20
CA LEU A 306 -6.96 -8.43 25.17
C LEU A 306 -6.71 -7.87 23.77
N ASP A 307 -6.99 -6.58 23.57
CA ASP A 307 -6.77 -5.98 22.26
C ASP A 307 -5.28 -5.95 21.91
N ALA A 308 -4.42 -5.93 22.92
CA ALA A 308 -2.97 -5.91 22.67
C ALA A 308 -2.51 -7.21 22.02
N ILE A 309 -3.01 -8.35 22.49
CA ILE A 309 -2.57 -9.63 21.96
C ILE A 309 -3.59 -10.27 21.02
N ALA A 310 -4.75 -9.63 20.82
CA ALA A 310 -5.76 -10.14 19.89
C ALA A 310 -6.29 -9.00 19.01
N PRO A 311 -5.47 -8.49 18.09
CA PRO A 311 -5.97 -7.50 17.15
C PRO A 311 -6.65 -8.16 15.96
N LYS A 312 -7.10 -7.34 15.02
CA LYS A 312 -7.68 -7.86 13.80
C LYS A 312 -6.63 -8.58 12.96
N ARG A 313 -6.97 -9.78 12.50
CA ARG A 313 -6.04 -10.53 11.67
C ARG A 313 -5.95 -9.93 10.27
N GLU A 314 -6.95 -9.16 9.86
CA GLU A 314 -6.89 -8.49 8.56
C GLU A 314 -5.76 -7.47 8.52
N LYS A 315 -5.56 -6.75 9.63
CA LYS A 315 -4.52 -5.73 9.75
C LYS A 315 -3.61 -6.11 10.91
N THR A 316 -2.60 -6.92 10.63
CA THR A 316 -1.68 -7.42 11.63
C THR A 316 -0.26 -7.38 11.09
N HIS A 317 0.68 -6.88 11.91
CA HIS A 317 2.05 -6.72 11.45
C HIS A 317 2.77 -8.06 11.38
N GLY A 318 2.59 -8.91 12.38
CA GLY A 318 3.32 -10.17 12.47
C GLY A 318 2.39 -11.36 12.40
N GLU A 319 2.83 -12.40 11.70
CA GLU A 319 2.02 -13.61 11.55
C GLU A 319 1.84 -14.32 12.89
N VAL A 320 2.78 -14.11 13.82
CA VAL A 320 2.66 -14.74 15.14
C VAL A 320 1.43 -14.23 15.87
N GLU A 321 1.08 -12.96 15.67
CA GLU A 321 -0.15 -12.43 16.27
C GLU A 321 -1.38 -13.10 15.67
N ARG A 322 -1.37 -13.35 14.36
CA ARG A 322 -2.46 -14.11 13.76
C ARG A 322 -2.53 -15.52 14.36
N ARG A 323 -1.37 -16.15 14.59
CA ARG A 323 -1.34 -17.45 15.21
C ARG A 323 -1.95 -17.43 16.61
N ILE A 324 -1.59 -16.43 17.43
CA ILE A 324 -2.11 -16.39 18.80
C ILE A 324 -3.60 -16.10 18.81
N VAL A 325 -4.08 -15.25 17.88
CA VAL A 325 -5.52 -15.01 17.79
C VAL A 325 -6.24 -16.29 17.40
N SER A 326 -5.70 -17.03 16.41
CA SER A 326 -6.35 -18.26 15.98
C SER A 326 -6.34 -19.31 17.09
N GLN A 327 -5.23 -19.42 17.82
CA GLN A 327 -5.17 -20.38 18.92
C GLN A 327 -6.13 -19.99 20.04
N LEU A 328 -6.27 -18.69 20.30
CA LEU A 328 -7.25 -18.24 21.29
C LEU A 328 -8.67 -18.59 20.85
N LEU A 329 -8.97 -18.42 19.57
CA LEU A 329 -10.28 -18.85 19.05
C LEU A 329 -10.48 -20.35 19.24
N THR A 330 -9.46 -21.15 18.92
CA THR A 330 -9.61 -22.61 19.00
C THR A 330 -9.83 -23.05 20.44
N LEU A 331 -9.08 -22.48 21.39
CA LEU A 331 -9.26 -22.87 22.78
C LEU A 331 -10.54 -22.30 23.36
N MET A 332 -10.99 -21.15 22.84
CA MET A 332 -12.28 -20.61 23.23
C MET A 332 -13.40 -21.57 22.83
N ASP A 333 -13.30 -22.13 21.63
CA ASP A 333 -14.27 -23.14 21.21
C ASP A 333 -13.97 -24.50 21.86
N GLY A 334 -12.80 -24.63 22.48
CA GLY A 334 -12.40 -25.90 23.06
C GLY A 334 -13.28 -26.33 24.21
N LEU A 335 -13.64 -25.39 25.08
CA LEU A 335 -14.53 -25.70 26.19
C LEU A 335 -15.93 -25.99 25.66
N LYS A 336 -16.62 -26.91 26.32
CA LYS A 336 -17.94 -27.38 25.87
C LYS A 336 -19.04 -27.01 26.85
N GLN A 337 -18.89 -25.91 27.59
CA GLN A 337 -19.81 -25.37 28.58
C GLN A 337 -19.92 -26.27 29.81
N ARG A 338 -19.21 -27.39 29.86
CA ARG A 338 -19.24 -28.30 31.00
C ARG A 338 -18.11 -28.05 31.99
N ALA A 339 -17.03 -27.39 31.56
CA ALA A 339 -15.93 -27.10 32.47
C ALA A 339 -16.30 -26.00 33.46
N HIS A 340 -17.32 -25.20 33.12
CA HIS A 340 -17.81 -24.12 33.98
C HIS A 340 -16.69 -23.15 34.36
N VAL A 341 -15.93 -22.73 33.35
CA VAL A 341 -14.85 -21.75 33.52
C VAL A 341 -15.22 -20.52 32.70
N ILE A 342 -15.32 -19.37 33.36
CA ILE A 342 -15.66 -18.11 32.72
C ILE A 342 -14.38 -17.31 32.51
N VAL A 343 -14.15 -16.91 31.27
CA VAL A 343 -12.97 -16.12 30.90
C VAL A 343 -13.39 -14.67 30.75
N MET A 344 -12.67 -13.78 31.43
CA MET A 344 -12.99 -12.35 31.46
C MET A 344 -11.89 -11.58 30.75
N ALA A 345 -12.27 -10.54 30.02
CA ALA A 345 -11.32 -9.75 29.26
C ALA A 345 -11.61 -8.26 29.46
N ALA A 346 -10.54 -7.48 29.57
CA ALA A 346 -10.61 -6.03 29.74
C ALA A 346 -9.85 -5.36 28.60
N THR A 347 -10.45 -4.33 28.02
CA THR A 347 -9.83 -3.60 26.91
C THR A 347 -10.16 -2.11 27.03
N ASN A 348 -9.20 -1.27 26.66
CA ASN A 348 -9.48 0.15 26.51
C ASN A 348 -10.11 0.45 25.16
N ARG A 349 -9.72 -0.31 24.13
CA ARG A 349 -10.26 -0.16 22.78
C ARG A 349 -10.93 -1.45 22.36
N PRO A 350 -12.25 -1.59 22.51
CA PRO A 350 -12.90 -2.84 22.08
C PRO A 350 -12.79 -3.08 20.58
N ASN A 351 -12.69 -2.01 19.79
CA ASN A 351 -12.64 -2.17 18.34
C ASN A 351 -11.34 -2.82 17.89
N SER A 352 -10.28 -2.66 18.67
CA SER A 352 -9.00 -3.28 18.31
C SER A 352 -9.08 -4.79 18.40
N ILE A 353 -9.90 -5.31 19.33
CA ILE A 353 -10.09 -6.74 19.45
C ILE A 353 -10.63 -7.32 18.14
N ASP A 354 -10.15 -8.51 17.79
CA ASP A 354 -10.54 -9.14 16.55
C ASP A 354 -12.07 -9.35 16.52
N PRO A 355 -12.73 -9.00 15.42
CA PRO A 355 -14.20 -9.07 15.41
C PRO A 355 -14.75 -10.47 15.61
N ALA A 356 -13.95 -11.51 15.37
CA ALA A 356 -14.40 -12.87 15.62
C ALA A 356 -14.70 -13.09 17.09
N LEU A 357 -13.87 -12.55 17.98
CA LEU A 357 -14.05 -12.75 19.42
C LEU A 357 -15.38 -12.19 19.90
N ARG A 358 -15.91 -11.19 19.20
CA ARG A 358 -17.16 -10.56 19.60
C ARG A 358 -18.38 -11.39 19.25
N ARG A 359 -18.21 -12.48 18.50
CA ARG A 359 -19.33 -13.27 18.01
C ARG A 359 -19.90 -14.16 19.10
N PHE A 360 -20.85 -15.01 18.69
CA PHE A 360 -21.62 -15.83 19.62
C PHE A 360 -20.80 -17.05 20.04
N GLY A 361 -21.03 -17.52 21.27
CA GLY A 361 -20.29 -18.63 21.84
C GLY A 361 -18.97 -18.24 22.48
N ARG A 362 -18.66 -16.94 22.47
CA ARG A 362 -17.39 -16.38 22.90
C ARG A 362 -17.66 -14.98 23.42
N PHE A 363 -16.68 -14.07 23.39
CA PHE A 363 -16.81 -12.80 24.10
C PHE A 363 -17.91 -11.94 23.44
N ASP A 364 -19.14 -12.41 23.61
CA ASP A 364 -20.30 -11.70 23.07
C ASP A 364 -20.87 -10.72 24.09
N ARG A 365 -20.84 -11.09 25.37
CA ARG A 365 -21.36 -10.25 26.43
C ARG A 365 -20.37 -9.13 26.73
N GLU A 366 -20.76 -7.90 26.44
CA GLU A 366 -19.92 -6.72 26.62
C GLU A 366 -20.48 -5.86 27.74
N VAL A 367 -19.60 -5.32 28.58
CA VAL A 367 -19.99 -4.36 29.61
C VAL A 367 -19.11 -3.13 29.48
N ASP A 368 -19.75 -1.95 29.46
CA ASP A 368 -19.07 -0.68 29.34
C ASP A 368 -19.02 0.00 30.69
N ILE A 369 -17.80 0.19 31.21
CA ILE A 369 -17.59 0.89 32.47
C ILE A 369 -17.43 2.37 32.15
N GLY A 370 -18.56 3.08 32.06
CA GLY A 370 -18.53 4.49 31.73
C GLY A 370 -17.87 5.33 32.80
N ILE A 371 -17.62 6.59 32.46
CA ILE A 371 -16.94 7.48 33.41
C ILE A 371 -17.79 7.61 34.66
N PRO A 372 -17.18 7.65 35.85
CA PRO A 372 -17.99 7.69 37.09
C PRO A 372 -18.79 8.99 37.18
N ASP A 373 -19.96 8.89 37.81
CA ASP A 373 -20.79 10.05 38.06
C ASP A 373 -20.32 10.79 39.31
N ALA A 374 -21.12 11.78 39.72
CA ALA A 374 -20.74 12.60 40.86
C ALA A 374 -20.68 11.79 42.15
N THR A 375 -21.72 10.99 42.42
CA THR A 375 -21.72 10.19 43.64
C THR A 375 -20.71 9.05 43.55
N GLY A 376 -20.54 8.48 42.36
CA GLY A 376 -19.54 7.43 42.19
C GLY A 376 -18.13 7.96 42.38
N ARG A 377 -17.84 9.14 41.85
CA ARG A 377 -16.51 9.71 42.04
C ARG A 377 -16.33 10.18 43.47
N LEU A 378 -17.40 10.58 44.14
CA LEU A 378 -17.33 10.82 45.58
C LEU A 378 -16.92 9.57 46.34
N GLU A 379 -17.54 8.44 46.00
CA GLU A 379 -17.17 7.17 46.63
C GLU A 379 -15.72 6.81 46.34
N ILE A 380 -15.27 7.03 45.09
CA ILE A 380 -13.90 6.75 44.73
C ILE A 380 -12.94 7.62 45.52
N LEU A 381 -13.26 8.90 45.68
CA LEU A 381 -12.44 9.80 46.48
C LEU A 381 -12.35 9.32 47.92
N GLN A 382 -13.49 8.92 48.50
CA GLN A 382 -13.48 8.40 49.87
C GLN A 382 -12.60 7.16 49.98
N ILE A 383 -12.71 6.25 49.02
CA ILE A 383 -11.91 5.02 49.04
C ILE A 383 -10.43 5.35 48.95
N HIS A 384 -10.06 6.28 48.07
CA HIS A 384 -8.66 6.64 47.90
C HIS A 384 -8.12 7.36 49.13
N THR A 385 -8.97 8.11 49.82
CA THR A 385 -8.52 8.90 50.96
C THR A 385 -8.71 8.20 52.30
N LYS A 386 -9.25 6.98 52.35
CA LYS A 386 -9.50 6.34 53.64
C LYS A 386 -8.18 6.08 54.39
N ASN A 387 -7.13 5.70 53.66
CA ASN A 387 -5.85 5.46 54.32
C ASN A 387 -5.19 6.78 54.74
N MET A 388 -5.36 7.82 53.94
CA MET A 388 -4.80 9.13 54.28
C MET A 388 -5.61 9.80 55.39
N LYS A 389 -4.96 10.68 56.12
CA LYS A 389 -5.66 11.48 57.13
C LYS A 389 -6.51 12.54 56.44
N LEU A 390 -7.67 12.83 57.03
CA LEU A 390 -8.58 13.86 56.54
C LEU A 390 -8.95 14.79 57.68
N ALA A 391 -8.80 16.09 57.45
CA ALA A 391 -9.13 17.08 58.46
C ALA A 391 -10.64 17.31 58.49
N ASP A 392 -11.05 18.24 59.37
CA ASP A 392 -12.47 18.54 59.51
C ASP A 392 -12.95 19.42 58.35
N ASP A 393 -12.06 20.26 57.80
CA ASP A 393 -12.48 21.22 56.79
C ASP A 393 -12.70 20.57 55.43
N VAL A 394 -11.96 19.50 55.13
CA VAL A 394 -11.99 18.94 53.79
C VAL A 394 -13.34 18.31 53.51
N ASP A 395 -13.94 18.70 52.39
CA ASP A 395 -15.22 18.14 51.93
C ASP A 395 -14.99 17.52 50.56
N LEU A 396 -15.19 16.21 50.46
CA LEU A 396 -14.92 15.52 49.21
C LEU A 396 -16.02 15.76 48.19
N GLU A 397 -17.23 16.07 48.66
CA GLU A 397 -18.34 16.30 47.74
C GLU A 397 -18.09 17.50 46.83
N GLN A 398 -17.52 18.57 47.38
CA GLN A 398 -17.17 19.72 46.56
C GLN A 398 -16.20 19.34 45.45
N VAL A 399 -15.10 18.67 45.82
CA VAL A 399 -14.10 18.25 44.84
C VAL A 399 -14.75 17.41 43.76
N ALA A 400 -15.60 16.45 44.16
CA ALA A 400 -16.32 15.64 43.19
C ALA A 400 -17.19 16.50 42.29
N ASN A 401 -17.78 17.57 42.84
CA ASN A 401 -18.62 18.45 42.05
C ASN A 401 -17.82 19.17 40.97
N GLU A 402 -16.61 19.62 41.30
CA GLU A 402 -15.83 20.35 40.29
C GLU A 402 -15.29 19.41 39.21
N THR A 403 -14.87 18.20 39.61
CA THR A 403 -14.23 17.28 38.66
C THR A 403 -15.29 16.44 37.92
N HIS A 404 -15.84 17.04 36.86
CA HIS A 404 -16.86 16.35 36.08
C HIS A 404 -16.31 15.11 35.39
N GLY A 405 -15.11 15.19 34.84
CA GLY A 405 -14.64 14.18 33.91
C GLY A 405 -13.50 13.28 34.34
N HIS A 406 -12.93 13.46 35.53
CA HIS A 406 -11.81 12.62 35.94
C HIS A 406 -12.26 11.18 36.11
N VAL A 407 -11.48 10.26 35.54
CA VAL A 407 -11.69 8.83 35.71
C VAL A 407 -11.02 8.45 37.02
N GLY A 408 -11.26 7.23 37.52
CA GLY A 408 -10.79 6.87 38.85
C GLY A 408 -9.29 7.04 39.04
N ALA A 409 -8.50 6.71 38.02
CA ALA A 409 -7.06 6.91 38.13
C ALA A 409 -6.71 8.38 38.28
N ASP A 410 -7.44 9.25 37.58
CA ASP A 410 -7.24 10.68 37.76
C ASP A 410 -7.56 11.10 39.18
N LEU A 411 -8.59 10.51 39.78
CA LEU A 411 -8.94 10.84 41.16
C LEU A 411 -7.86 10.38 42.13
N ALA A 412 -7.30 9.19 41.90
CA ALA A 412 -6.20 8.72 42.74
C ALA A 412 -4.99 9.64 42.62
N ALA A 413 -4.67 10.07 41.39
CA ALA A 413 -3.56 11.00 41.21
C ALA A 413 -3.85 12.33 41.90
N LEU A 414 -5.11 12.77 41.84
CA LEU A 414 -5.51 14.01 42.53
C LEU A 414 -5.28 13.89 44.03
N CYS A 415 -5.67 12.76 44.62
CA CYS A 415 -5.45 12.55 46.04
C CYS A 415 -3.95 12.54 46.37
N SER A 416 -3.16 11.84 45.55
CA SER A 416 -1.73 11.76 45.80
C SER A 416 -1.07 13.13 45.72
N GLU A 417 -1.46 13.94 44.73
CA GLU A 417 -0.83 15.25 44.59
C GLU A 417 -1.36 16.23 45.62
N ALA A 418 -2.57 16.00 46.14
CA ALA A 418 -3.03 16.77 47.30
C ALA A 418 -2.15 16.47 48.52
N ALA A 419 -1.85 15.20 48.75
CA ALA A 419 -0.90 14.86 49.82
C ALA A 419 0.47 15.45 49.54
N LEU A 420 0.86 15.53 48.27
CA LEU A 420 2.12 16.13 47.90
C LEU A 420 2.15 17.62 48.25
N GLN A 421 1.04 18.32 48.02
CA GLN A 421 0.95 19.72 48.48
C GLN A 421 1.05 19.79 49.99
N ALA A 422 0.39 18.86 50.69
CA ALA A 422 0.49 18.85 52.14
C ALA A 422 1.94 18.79 52.59
N ILE A 423 2.73 17.91 51.97
CA ILE A 423 4.15 17.82 52.32
C ILE A 423 4.90 19.06 51.84
N ARG A 424 4.54 19.58 50.66
CA ARG A 424 5.27 20.70 50.07
C ARG A 424 5.16 21.95 50.92
N LYS A 425 4.00 22.20 51.51
CA LYS A 425 3.82 23.41 52.30
C LYS A 425 4.76 23.43 53.49
N LYS A 426 5.31 22.27 53.86
CA LYS A 426 6.23 22.16 54.98
C LYS A 426 7.69 22.06 54.55
N MET A 427 7.99 22.27 53.26
CA MET A 427 9.38 22.15 52.80
C MET A 427 10.27 23.20 53.47
N ASP A 428 9.73 24.37 53.79
CA ASP A 428 10.51 25.35 54.53
C ASP A 428 10.80 24.86 55.94
N LEU A 429 9.82 24.21 56.58
CA LEU A 429 10.02 23.70 57.92
C LEU A 429 10.93 22.47 57.93
N ILE A 430 10.71 21.54 57.01
CA ILE A 430 11.46 20.29 57.02
C ILE A 430 12.77 20.49 56.30
N ASP A 431 13.75 19.64 56.61
CA ASP A 431 15.07 19.68 56.00
C ASP A 431 15.43 18.30 55.48
N LEU A 432 15.64 18.21 54.16
CA LEU A 432 15.93 16.92 53.55
C LEU A 432 17.31 16.42 53.92
N GLU A 433 18.27 17.33 54.11
CA GLU A 433 19.63 16.92 54.42
C GLU A 433 19.72 16.24 55.78
N ASP A 434 18.72 16.44 56.63
CA ASP A 434 18.72 15.81 57.95
C ASP A 434 18.60 14.29 57.84
N GLU A 435 19.24 13.59 58.77
CA GLU A 435 19.17 12.13 58.79
C GLU A 435 17.83 11.66 59.33
N THR A 436 17.15 12.49 60.11
CA THR A 436 15.85 12.16 60.69
C THR A 436 14.90 13.33 60.48
N ILE A 437 13.61 13.05 60.48
CA ILE A 437 12.62 14.10 60.24
C ILE A 437 12.00 14.53 61.57
N ASP A 438 11.55 15.79 61.61
CA ASP A 438 11.00 16.36 62.84
C ASP A 438 9.62 15.77 63.14
N ALA A 439 9.35 15.54 64.43
CA ALA A 439 8.04 15.04 64.83
C ALA A 439 7.01 16.16 64.90
N GLU A 440 7.44 17.36 65.27
CA GLU A 440 6.49 18.47 65.40
C GLU A 440 5.86 18.83 64.06
N VAL A 441 6.69 18.98 63.02
CA VAL A 441 6.15 19.25 61.70
C VAL A 441 5.33 18.07 61.20
N MET A 442 5.75 16.85 61.55
CA MET A 442 5.05 15.65 61.13
C MET A 442 3.62 15.63 61.67
N ASN A 443 3.46 15.94 62.96
CA ASN A 443 2.11 15.95 63.52
C ASN A 443 1.33 17.18 63.08
N SER A 444 2.04 18.27 62.76
CA SER A 444 1.38 19.42 62.15
C SER A 444 1.07 19.14 60.68
N LEU A 445 1.67 18.10 60.11
CA LEU A 445 1.47 17.79 58.71
C LEU A 445 0.14 17.08 58.47
N ALA A 446 -0.64 17.60 57.55
CA ALA A 446 -1.91 17.01 57.15
C ALA A 446 -2.37 17.67 55.86
N VAL A 447 -3.41 17.09 55.26
CA VAL A 447 -3.98 17.65 54.04
C VAL A 447 -5.09 18.62 54.39
N THR A 448 -5.19 19.70 53.62
CA THR A 448 -6.22 20.71 53.82
C THR A 448 -6.98 20.91 52.51
N MET A 449 -7.93 21.84 52.54
CA MET A 449 -8.71 22.14 51.34
C MET A 449 -7.85 22.72 50.24
N ASP A 450 -6.84 23.52 50.60
CA ASP A 450 -6.00 24.17 49.61
C ASP A 450 -5.23 23.16 48.77
N ASP A 451 -4.82 22.04 49.39
CA ASP A 451 -4.11 21.00 48.65
C ASP A 451 -4.99 20.39 47.57
N PHE A 452 -6.24 20.05 47.91
CA PHE A 452 -7.14 19.51 46.91
C PHE A 452 -7.52 20.56 45.87
N ARG A 453 -7.53 21.84 46.27
CA ARG A 453 -7.75 22.90 45.29
C ARG A 453 -6.61 22.96 44.27
N TRP A 454 -5.36 22.85 44.73
CA TRP A 454 -4.23 22.84 43.80
C TRP A 454 -4.34 21.64 42.88
N ALA A 455 -4.70 20.49 43.46
CA ALA A 455 -4.83 19.27 42.67
C ALA A 455 -5.89 19.43 41.59
N LEU A 456 -7.02 20.05 41.95
CA LEU A 456 -8.07 20.30 40.96
C LEU A 456 -7.60 21.26 39.88
N SER A 457 -6.87 22.30 40.25
CA SER A 457 -6.38 23.26 39.27
C SER A 457 -5.39 22.60 38.30
N GLN A 458 -4.50 21.76 38.81
CA GLN A 458 -3.46 21.17 37.97
C GLN A 458 -4.01 20.05 37.09
N SER A 459 -4.83 19.17 37.67
CA SER A 459 -5.26 17.98 36.96
C SER A 459 -6.14 18.35 35.77
N ASN A 460 -6.06 17.54 34.71
CA ASN A 460 -6.81 17.77 33.51
C ASN A 460 -7.56 16.51 33.12
N PRO A 461 -8.88 16.58 32.89
CA PRO A 461 -9.70 15.44 32.49
C PRO A 461 -9.26 14.83 31.16
N VAL A 471 -24.58 24.20 25.07
CA VAL A 471 -25.83 24.92 25.31
C VAL A 471 -25.60 26.42 25.12
N PRO A 472 -26.62 27.11 24.59
CA PRO A 472 -26.44 28.54 24.26
C PRO A 472 -26.26 29.41 25.49
N GLN A 473 -25.51 30.49 25.30
CA GLN A 473 -25.34 31.48 26.37
C GLN A 473 -26.58 32.33 26.53
N VAL A 474 -27.29 32.60 25.43
CA VAL A 474 -28.44 33.50 25.46
C VAL A 474 -29.53 32.91 26.34
N THR A 475 -30.13 33.76 27.18
CA THR A 475 -31.17 33.36 28.10
C THR A 475 -32.39 34.25 27.88
N TRP A 476 -33.53 33.82 28.41
CA TRP A 476 -34.77 34.57 28.17
C TRP A 476 -34.68 35.97 28.72
N GLU A 477 -33.94 36.16 29.81
CA GLU A 477 -33.79 37.50 30.38
C GLU A 477 -33.05 38.43 29.44
N ASP A 478 -32.24 37.87 28.54
CA ASP A 478 -31.53 38.70 27.57
C ASP A 478 -32.51 39.30 26.55
N ILE A 479 -33.51 38.52 26.14
CA ILE A 479 -34.46 39.00 25.14
C ILE A 479 -35.37 40.06 25.75
N GLY A 480 -35.69 41.08 24.97
CA GLY A 480 -36.64 42.10 25.39
C GLY A 480 -37.90 42.08 24.57
N GLY A 481 -39.05 42.00 25.23
CA GLY A 481 -40.32 41.96 24.55
C GLY A 481 -40.68 40.56 24.06
N LEU A 482 -41.73 40.51 23.25
CA LEU A 482 -42.22 39.26 22.65
C LEU A 482 -42.60 38.23 23.71
N GLU A 483 -43.31 38.69 24.75
CA GLU A 483 -43.64 37.82 25.87
C GLU A 483 -44.54 36.67 25.44
N ASP A 484 -45.50 36.93 24.55
CA ASP A 484 -46.37 35.87 24.07
C ASP A 484 -45.59 34.79 23.35
N VAL A 485 -44.63 35.19 22.51
CA VAL A 485 -43.81 34.21 21.80
C VAL A 485 -42.97 33.41 22.79
N LYS A 486 -42.45 34.07 23.83
CA LYS A 486 -41.68 33.36 24.84
C LYS A 486 -42.53 32.31 25.54
N ARG A 487 -43.76 32.68 25.92
CA ARG A 487 -44.64 31.75 26.60
C ARG A 487 -45.01 30.59 25.68
N GLU A 488 -45.25 30.87 24.40
CA GLU A 488 -45.57 29.80 23.45
C GLU A 488 -44.39 28.84 23.29
N LEU A 489 -43.17 29.38 23.19
CA LEU A 489 -42.00 28.52 23.06
C LEU A 489 -41.81 27.67 24.30
N GLN A 490 -42.07 28.23 25.49
CA GLN A 490 -42.03 27.42 26.71
C GLN A 490 -43.10 26.34 26.68
N GLU A 491 -44.29 26.68 26.17
CA GLU A 491 -45.38 25.71 26.09
C GLU A 491 -45.01 24.52 25.20
N LEU A 492 -44.42 24.80 24.03
CA LEU A 492 -44.21 23.73 23.06
C LEU A 492 -43.08 22.79 23.47
N VAL A 493 -41.97 23.34 23.96
CA VAL A 493 -40.73 22.58 24.14
C VAL A 493 -40.49 22.23 25.60
N GLN A 494 -40.64 23.20 26.50
CA GLN A 494 -40.27 23.00 27.90
C GLN A 494 -41.26 22.09 28.62
N TYR A 495 -42.54 22.23 28.32
CA TYR A 495 -43.57 21.48 29.04
C TYR A 495 -43.47 19.97 28.87
N PRO A 496 -43.25 19.41 27.66
CA PRO A 496 -43.15 17.94 27.57
C PRO A 496 -42.08 17.33 28.44
N VAL A 497 -40.90 17.96 28.56
CA VAL A 497 -39.88 17.42 29.43
C VAL A 497 -40.19 17.74 30.89
N GLU A 498 -40.85 18.88 31.15
CA GLU A 498 -41.28 19.19 32.50
C GLU A 498 -42.38 18.23 32.97
N HIS A 499 -43.33 17.92 32.09
CA HIS A 499 -44.52 17.14 32.46
C HIS A 499 -44.73 16.00 31.47
N PRO A 500 -43.81 15.02 31.43
CA PRO A 500 -44.04 13.87 30.54
C PRO A 500 -45.27 13.06 30.92
N ASP A 501 -45.58 13.00 32.22
CA ASP A 501 -46.72 12.20 32.67
C ASP A 501 -48.02 12.73 32.11
N LYS A 502 -48.18 14.05 32.06
CA LYS A 502 -49.41 14.64 31.53
C LYS A 502 -49.59 14.28 30.06
N PHE A 503 -48.53 14.39 29.27
CA PHE A 503 -48.62 14.03 27.85
C PHE A 503 -48.92 12.55 27.66
N LEU A 504 -48.27 11.69 28.45
CA LEU A 504 -48.58 10.26 28.37
C LEU A 504 -50.01 9.99 28.79
N LYS A 505 -50.55 10.79 29.71
CA LYS A 505 -51.92 10.60 30.16
C LYS A 505 -52.92 11.00 29.08
N PHE A 506 -52.73 12.15 28.45
CA PHE A 506 -53.66 12.57 27.42
C PHE A 506 -53.39 11.87 26.09
N GLY A 507 -52.23 11.22 25.97
CA GLY A 507 -51.95 10.39 24.82
C GLY A 507 -51.70 11.12 23.52
N MET A 508 -51.27 12.38 23.57
CA MET A 508 -50.99 13.16 22.37
C MET A 508 -49.51 13.46 22.27
N THR A 509 -48.94 13.20 21.10
CA THR A 509 -47.54 13.53 20.86
C THR A 509 -47.37 15.05 20.79
N PRO A 510 -46.31 15.59 21.39
CA PRO A 510 -46.09 17.04 21.31
C PRO A 510 -45.72 17.48 19.91
N SER A 511 -46.09 18.71 19.57
CA SER A 511 -45.69 19.29 18.29
C SER A 511 -44.19 19.54 18.27
N LYS A 512 -43.58 19.36 17.10
CA LYS A 512 -42.15 19.57 16.95
C LYS A 512 -41.80 20.59 15.87
N GLY A 513 -42.75 21.45 15.48
CA GLY A 513 -42.49 22.36 14.38
C GLY A 513 -42.85 23.81 14.64
N VAL A 514 -41.85 24.67 14.58
CA VAL A 514 -42.02 26.11 14.75
C VAL A 514 -41.36 26.83 13.59
N LEU A 515 -42.10 27.74 12.96
CA LEU A 515 -41.60 28.62 11.93
C LEU A 515 -41.66 30.05 12.46
N PHE A 516 -40.57 30.79 12.31
CA PHE A 516 -40.51 32.20 12.68
C PHE A 516 -40.41 33.02 11.41
N TYR A 517 -41.39 33.89 11.17
CA TYR A 517 -41.33 34.77 10.01
C TYR A 517 -41.52 36.22 10.46
N GLY A 518 -40.68 37.10 9.96
CA GLY A 518 -40.73 38.51 10.30
C GLY A 518 -39.61 39.29 9.64
N PRO A 519 -39.57 40.60 9.88
CA PRO A 519 -38.49 41.43 9.35
C PRO A 519 -37.15 41.03 9.98
N PRO A 520 -36.05 41.22 9.26
CA PRO A 520 -34.75 40.80 9.78
C PRO A 520 -34.36 41.56 11.04
N GLY A 521 -33.63 40.90 11.92
CA GLY A 521 -33.11 41.52 13.11
C GLY A 521 -34.09 41.65 14.25
N CYS A 522 -35.10 40.80 14.33
CA CYS A 522 -36.10 40.87 15.39
C CYS A 522 -35.91 39.80 16.46
N GLY A 523 -34.77 39.12 16.48
CA GLY A 523 -34.47 38.20 17.56
C GLY A 523 -35.00 36.79 17.42
N LYS A 524 -35.25 36.33 16.19
CA LYS A 524 -35.68 34.95 16.00
C LYS A 524 -34.58 33.98 16.43
N THR A 525 -33.34 34.25 16.03
CA THR A 525 -32.21 33.46 16.51
C THR A 525 -32.08 33.58 18.02
N LEU A 526 -32.34 34.77 18.56
CA LEU A 526 -32.34 34.94 20.01
C LEU A 526 -33.40 34.07 20.67
N LEU A 527 -34.59 34.00 20.06
CA LEU A 527 -35.65 33.15 20.61
C LEU A 527 -35.24 31.69 20.60
N ALA A 528 -34.64 31.22 19.50
CA ALA A 528 -34.19 29.84 19.43
C ALA A 528 -33.12 29.54 20.48
N LYS A 529 -32.14 30.43 20.61
CA LYS A 529 -31.09 30.22 21.60
C LYS A 529 -31.66 30.25 23.02
N ALA A 530 -32.60 31.15 23.27
CA ALA A 530 -33.21 31.25 24.60
C ALA A 530 -33.97 29.97 24.96
N ILE A 531 -34.76 29.45 24.03
CA ILE A 531 -35.52 28.24 24.33
C ILE A 531 -34.59 27.04 24.51
N ALA A 532 -33.51 26.98 23.70
CA ALA A 532 -32.55 25.90 23.87
C ALA A 532 -31.87 25.98 25.23
N ASN A 533 -31.48 27.18 25.65
CA ASN A 533 -30.85 27.35 26.95
C ASN A 533 -31.80 27.00 28.08
N GLU A 534 -33.05 27.46 28.00
CA GLU A 534 -34.01 27.18 29.07
C GLU A 534 -34.28 25.68 29.19
N CYS A 535 -34.35 24.98 28.06
CA CYS A 535 -34.58 23.55 28.09
C CYS A 535 -33.30 22.74 28.25
N GLN A 536 -32.13 23.40 28.26
CA GLN A 536 -30.84 22.74 28.46
C GLN A 536 -30.62 21.62 27.46
N ALA A 537 -30.87 21.91 26.19
CA ALA A 537 -30.64 20.97 25.10
C ALA A 537 -29.57 21.53 24.17
N ASN A 538 -28.89 20.64 23.46
CA ASN A 538 -27.90 21.07 22.48
C ASN A 538 -28.57 21.92 21.40
N PHE A 539 -27.86 22.94 20.93
CA PHE A 539 -28.37 23.85 19.92
C PHE A 539 -27.51 23.75 18.67
N ILE A 540 -28.14 23.42 17.54
CA ILE A 540 -27.49 23.37 16.25
C ILE A 540 -28.22 24.35 15.33
N SER A 541 -27.46 25.27 14.74
CA SER A 541 -28.00 26.28 13.85
C SER A 541 -27.31 26.18 12.51
N ILE A 542 -28.08 26.33 11.42
CA ILE A 542 -27.55 26.22 10.08
C ILE A 542 -28.41 27.06 9.15
N LYS A 543 -27.85 27.41 7.99
CA LYS A 543 -28.55 28.15 6.96
C LYS A 543 -28.50 27.37 5.65
N GLY A 544 -29.39 27.75 4.73
CA GLY A 544 -29.47 27.11 3.43
C GLY A 544 -28.21 27.19 2.59
N PRO A 545 -27.60 28.37 2.43
CA PRO A 545 -26.37 28.42 1.61
C PRO A 545 -25.24 27.57 2.16
N GLU A 546 -25.24 27.28 3.46
CA GLU A 546 -24.29 26.32 4.01
C GLU A 546 -24.51 24.93 3.43
N LEU A 547 -25.74 24.64 3.01
CA LEU A 547 -26.08 23.28 2.60
C LEU A 547 -26.14 23.14 1.08
N LEU A 548 -26.38 24.25 0.37
CA LEU A 548 -26.81 24.17 -1.03
C LEU A 548 -25.76 23.48 -1.92
N THR A 549 -24.48 23.81 -1.71
CA THR A 549 -23.32 23.25 -2.41
C THR A 549 -23.49 23.21 -3.93
N MET A 550 -22.65 22.44 -4.62
CA MET A 550 -22.64 22.48 -6.08
C MET A 550 -22.69 21.08 -6.70
N TRP A 551 -22.30 20.05 -5.95
CA TRP A 551 -22.28 18.72 -6.51
C TRP A 551 -23.68 18.13 -6.58
N PHE A 552 -23.78 16.94 -7.19
CA PHE A 552 -25.09 16.39 -7.55
C PHE A 552 -25.90 16.02 -6.32
N GLY A 553 -25.41 15.06 -5.53
CA GLY A 553 -26.19 14.60 -4.39
C GLY A 553 -25.70 15.17 -3.08
N GLU A 554 -24.73 16.09 -3.14
CA GLU A 554 -24.03 16.55 -1.96
C GLU A 554 -24.92 17.31 -0.97
N SER A 555 -25.81 18.16 -1.49
CA SER A 555 -26.64 18.98 -0.61
C SER A 555 -27.62 18.13 0.20
N GLU A 556 -28.22 17.13 -0.43
CA GLU A 556 -29.13 16.25 0.28
C GLU A 556 -28.38 15.41 1.31
N ALA A 557 -27.16 14.99 0.98
CA ALA A 557 -26.32 14.30 1.95
C ALA A 557 -26.01 15.21 3.13
N ASN A 558 -25.79 16.50 2.88
CA ASN A 558 -25.57 17.45 3.96
C ASN A 558 -26.80 17.58 4.85
N VAL A 559 -27.99 17.62 4.24
CA VAL A 559 -29.22 17.68 5.02
C VAL A 559 -29.37 16.44 5.89
N ARG A 560 -29.11 15.26 5.32
CA ARG A 560 -29.17 14.04 6.10
C ARG A 560 -28.14 14.05 7.22
N GLU A 561 -26.94 14.56 6.95
CA GLU A 561 -25.90 14.62 7.96
C GLU A 561 -26.28 15.55 9.11
N ILE A 562 -26.89 16.70 8.79
CA ILE A 562 -27.27 17.63 9.85
C ILE A 562 -28.41 17.06 10.69
N PHE A 563 -29.36 16.36 10.05
CA PHE A 563 -30.41 15.72 10.82
C PHE A 563 -29.87 14.59 11.69
N ASP A 564 -28.90 13.83 11.17
CA ASP A 564 -28.27 12.80 11.98
C ASP A 564 -27.50 13.40 13.14
N LYS A 565 -26.85 14.55 12.91
CA LYS A 565 -26.16 15.25 13.98
C LYS A 565 -27.14 15.71 15.06
N ALA A 566 -28.31 16.17 14.64
CA ALA A 566 -29.35 16.52 15.61
C ALA A 566 -29.80 15.29 16.40
N ARG A 567 -29.89 14.14 15.73
CA ARG A 567 -30.23 12.91 16.45
C ARG A 567 -29.16 12.53 17.46
N GLN A 568 -27.89 12.65 17.09
CA GLN A 568 -26.80 12.27 18.00
C GLN A 568 -26.80 13.12 19.25
N ALA A 569 -27.09 14.42 19.10
CA ALA A 569 -27.11 15.34 20.22
C ALA A 569 -28.50 15.46 20.87
N ALA A 570 -29.32 14.42 20.76
CA ALA A 570 -30.65 14.48 21.35
C ALA A 570 -30.56 14.47 22.87
N PRO A 571 -31.37 15.29 23.57
CA PRO A 571 -32.33 16.24 22.99
C PRO A 571 -31.63 17.46 22.40
N CYS A 572 -32.16 17.98 21.30
CA CYS A 572 -31.51 19.06 20.58
C CYS A 572 -32.55 20.01 20.00
N VAL A 573 -32.15 21.25 19.80
CA VAL A 573 -32.92 22.23 19.05
C VAL A 573 -32.18 22.50 17.75
N LEU A 574 -32.79 22.10 16.63
CA LEU A 574 -32.21 22.27 15.31
C LEU A 574 -32.83 23.51 14.66
N PHE A 575 -32.00 24.51 14.41
CA PHE A 575 -32.46 25.81 13.95
C PHE A 575 -32.05 26.04 12.51
N PHE A 576 -33.05 26.28 11.65
CA PHE A 576 -32.83 26.50 10.23
C PHE A 576 -33.05 27.97 9.92
N ASP A 577 -31.97 28.68 9.62
CA ASP A 577 -32.02 30.10 9.31
C ASP A 577 -32.03 30.28 7.79
N GLN A 578 -32.74 31.32 7.35
CA GLN A 578 -32.97 31.56 5.92
C GLN A 578 -33.62 30.34 5.26
N LEU A 579 -34.76 29.93 5.81
CA LEU A 579 -35.44 28.75 5.31
C LEU A 579 -35.95 28.95 3.90
N ASP A 580 -36.12 30.21 3.48
CA ASP A 580 -36.59 30.49 2.13
C ASP A 580 -35.56 30.04 1.08
N SER A 581 -34.28 30.15 1.41
CA SER A 581 -33.24 29.76 0.46
C SER A 581 -33.22 28.25 0.26
N ILE A 582 -33.55 27.49 1.30
CA ILE A 582 -33.41 26.04 1.22
C ILE A 582 -34.72 25.39 0.83
N ALA A 583 -35.86 26.00 1.18
CA ALA A 583 -37.17 25.44 0.91
C ALA A 583 -37.99 26.42 0.10
N LYS A 584 -38.39 26.02 -1.11
CA LYS A 584 -39.21 26.84 -1.97
C LYS A 584 -40.32 25.99 -2.58
N ALA A 585 -41.20 26.65 -3.33
CA ALA A 585 -42.27 25.94 -4.02
C ALA A 585 -41.68 25.00 -5.06
N ARG A 586 -41.87 23.69 -4.83
CA ARG A 586 -41.29 22.70 -5.73
C ARG A 586 -41.87 22.81 -7.13
N GLY A 587 -43.18 23.06 -7.25
CA GLY A 587 -43.80 23.08 -8.56
C GLY A 587 -43.20 24.12 -9.49
N GLY A 588 -42.85 25.28 -8.95
CA GLY A 588 -42.30 26.34 -9.76
C GLY A 588 -40.93 26.82 -9.33
N ASN A 589 -39.93 26.62 -10.18
CA ASN A 589 -38.59 27.14 -9.97
C ASN A 589 -37.99 27.49 -11.32
N ILE A 590 -37.55 28.74 -11.46
CA ILE A 590 -37.11 29.23 -12.76
C ILE A 590 -35.80 28.60 -13.18
N GLY A 591 -34.83 28.52 -12.27
CA GLY A 591 -33.50 28.07 -12.63
C GLY A 591 -33.46 26.59 -12.94
N ASP A 592 -32.48 26.20 -13.76
CA ASP A 592 -32.25 24.79 -14.05
C ASP A 592 -31.83 24.04 -12.79
N GLY A 593 -30.80 24.54 -12.11
CA GLY A 593 -30.41 23.97 -10.83
C GLY A 593 -31.48 24.02 -9.77
N GLY A 594 -32.52 24.83 -9.99
CA GLY A 594 -33.67 24.81 -9.10
C GLY A 594 -34.28 23.43 -9.00
N GLY A 595 -34.17 22.62 -10.07
CA GLY A 595 -34.59 21.24 -9.97
C GLY A 595 -33.87 20.50 -8.86
N ALA A 596 -32.54 20.64 -8.80
CA ALA A 596 -31.81 20.12 -7.65
C ALA A 596 -32.31 20.72 -6.36
N ALA A 597 -32.65 22.02 -6.38
CA ALA A 597 -33.26 22.64 -5.21
C ALA A 597 -34.54 21.91 -4.82
N ASP A 598 -35.38 21.59 -5.81
CA ASP A 598 -36.56 20.77 -5.55
C ASP A 598 -36.15 19.52 -4.79
N ARG A 599 -35.13 18.83 -5.30
CA ARG A 599 -34.65 17.61 -4.66
C ARG A 599 -34.31 17.86 -3.20
N VAL A 600 -33.62 18.97 -2.92
CA VAL A 600 -33.24 19.29 -1.55
C VAL A 600 -34.47 19.33 -0.67
N ILE A 601 -35.52 20.03 -1.12
CA ILE A 601 -36.73 20.15 -0.31
C ILE A 601 -37.27 18.77 0.02
N ASN A 602 -37.31 17.88 -0.98
CA ASN A 602 -37.83 16.55 -0.75
C ASN A 602 -37.07 15.85 0.37
N GLN A 603 -35.74 15.96 0.36
CA GLN A 603 -34.95 15.35 1.41
C GLN A 603 -35.41 15.83 2.77
N ILE A 604 -35.56 17.13 2.94
CA ILE A 604 -35.99 17.68 4.22
C ILE A 604 -37.30 17.06 4.64
N LEU A 605 -38.25 16.96 3.69
CA LEU A 605 -39.54 16.35 4.03
C LEU A 605 -39.33 14.97 4.61
N THR A 606 -38.57 14.13 3.91
CA THR A 606 -38.35 12.78 4.41
C THR A 606 -37.66 12.81 5.77
N GLU A 607 -36.69 13.72 5.93
CA GLU A 607 -35.98 13.81 7.20
C GLU A 607 -36.95 14.10 8.32
N MET A 608 -37.94 14.97 8.09
CA MET A 608 -38.85 15.32 9.16
C MET A 608 -39.81 14.17 9.45
N ASP A 609 -40.07 13.33 8.45
CA ASP A 609 -40.80 12.09 8.73
C ASP A 609 -40.00 11.19 9.67
N GLY A 610 -38.67 11.23 9.56
CA GLY A 610 -37.85 10.56 10.54
C GLY A 610 -37.80 11.29 11.86
N MET A 611 -38.07 12.60 11.83
CA MET A 611 -38.02 13.39 13.07
C MET A 611 -39.31 13.29 13.87
N SER A 612 -40.36 12.68 13.32
CA SER A 612 -41.54 12.39 14.12
C SER A 612 -41.22 11.33 15.18
N THR A 613 -40.22 10.50 14.92
CA THR A 613 -39.83 9.48 15.89
C THR A 613 -39.10 10.09 17.08
N LYS A 614 -38.19 11.04 16.81
CA LYS A 614 -37.43 11.70 17.86
C LYS A 614 -38.21 12.93 18.32
N LYS A 615 -38.99 12.75 19.39
CA LYS A 615 -39.76 13.86 19.94
C LYS A 615 -38.85 14.87 20.62
N ASN A 616 -37.72 14.42 21.16
CA ASN A 616 -36.82 15.32 21.87
C ASN A 616 -36.20 16.35 20.92
N VAL A 617 -35.88 15.93 19.68
CA VAL A 617 -35.37 16.87 18.70
C VAL A 617 -36.47 17.81 18.27
N PHE A 618 -36.26 19.11 18.47
CA PHE A 618 -37.23 20.13 18.13
C PHE A 618 -36.65 21.03 17.04
N ILE A 619 -37.40 21.18 15.95
CA ILE A 619 -36.91 21.91 14.78
C ILE A 619 -37.61 23.26 14.73
N ILE A 620 -36.81 24.33 14.68
CA ILE A 620 -37.30 25.69 14.59
C ILE A 620 -36.74 26.31 13.32
N GLY A 621 -37.63 26.82 12.46
CA GLY A 621 -37.19 27.40 11.21
C GLY A 621 -37.54 28.87 11.06
N ALA A 622 -36.53 29.72 11.02
CA ALA A 622 -36.72 31.17 10.88
C ALA A 622 -36.51 31.53 9.41
N THR A 623 -37.53 32.15 8.81
CA THR A 623 -37.47 32.56 7.42
C THR A 623 -37.67 34.07 7.33
N ASN A 624 -36.87 34.72 6.49
CA ASN A 624 -37.00 36.17 6.32
C ASN A 624 -38.20 36.52 5.46
N ARG A 625 -38.57 35.65 4.53
CA ARG A 625 -39.74 35.84 3.68
C ARG A 625 -40.50 34.54 3.55
N PRO A 626 -41.72 34.43 4.06
CA PRO A 626 -42.42 33.14 4.12
C PRO A 626 -43.37 32.84 2.96
N ASP A 627 -43.52 33.74 1.99
CA ASP A 627 -44.48 33.50 0.91
C ASP A 627 -44.02 32.36 0.01
N ILE A 628 -42.71 32.26 -0.24
CA ILE A 628 -42.18 31.24 -1.13
C ILE A 628 -41.93 29.91 -0.43
N ILE A 629 -42.06 29.86 0.89
CA ILE A 629 -41.85 28.63 1.63
C ILE A 629 -42.83 27.55 1.15
N ASP A 630 -42.32 26.35 0.96
CA ASP A 630 -43.11 25.27 0.38
C ASP A 630 -44.31 24.95 1.28
N PRO A 631 -45.50 24.79 0.71
CA PRO A 631 -46.66 24.42 1.55
C PRO A 631 -46.50 23.11 2.28
N ALA A 632 -45.76 22.16 1.70
CA ALA A 632 -45.64 20.85 2.31
C ALA A 632 -44.78 20.89 3.58
N ILE A 633 -43.87 21.85 3.67
CA ILE A 633 -43.03 21.95 4.86
C ILE A 633 -43.81 22.57 6.01
N LEU A 634 -44.84 23.35 5.69
CA LEU A 634 -45.69 23.95 6.71
C LEU A 634 -46.86 23.07 7.08
N ARG A 635 -46.90 21.84 6.54
CA ARG A 635 -47.93 20.90 6.88
C ARG A 635 -47.89 20.57 8.37
N PRO A 636 -49.05 20.43 9.01
CA PRO A 636 -49.06 19.99 10.41
C PRO A 636 -48.40 18.64 10.56
N GLY A 637 -47.47 18.54 11.51
CA GLY A 637 -46.65 17.38 11.70
C GLY A 637 -45.19 17.58 11.34
N ARG A 638 -44.88 18.60 10.53
CA ARG A 638 -43.49 18.96 10.27
C ARG A 638 -43.16 20.34 10.83
N LEU A 639 -43.84 21.38 10.36
CA LEU A 639 -43.75 22.72 10.93
C LEU A 639 -45.18 23.24 11.07
N ASP A 640 -45.83 22.90 12.19
CA ASP A 640 -47.26 23.18 12.31
C ASP A 640 -47.50 24.54 12.95
N GLN A 641 -46.56 25.02 13.76
CA GLN A 641 -46.70 26.31 14.41
C GLN A 641 -46.05 27.39 13.56
N LEU A 642 -46.81 28.46 13.28
CA LEU A 642 -46.30 29.61 12.55
C LEU A 642 -46.40 30.83 13.45
N ILE A 643 -45.27 31.52 13.66
CA ILE A 643 -45.20 32.67 14.55
C ILE A 643 -44.69 33.86 13.76
N TYR A 644 -45.48 34.92 13.74
CA TYR A 644 -45.13 36.18 13.10
C TYR A 644 -44.45 37.08 14.13
N ILE A 645 -43.19 37.39 13.90
CA ILE A 645 -42.41 38.27 14.77
C ILE A 645 -42.42 39.66 14.12
N PRO A 646 -43.17 40.62 14.65
CA PRO A 646 -43.20 41.95 14.05
C PRO A 646 -42.10 42.83 14.62
N LEU A 647 -42.10 44.09 14.17
CA LEU A 647 -41.22 45.06 14.78
C LEU A 647 -41.62 45.28 16.23
N PRO A 648 -40.65 45.42 17.14
CA PRO A 648 -41.01 45.71 18.53
C PRO A 648 -41.76 47.03 18.64
N ASP A 649 -42.78 47.04 19.50
CA ASP A 649 -43.50 48.27 19.73
C ASP A 649 -42.74 49.16 20.72
N GLU A 650 -43.39 50.21 21.20
CA GLU A 650 -42.73 51.14 22.10
C GLU A 650 -42.28 50.44 23.38
N LYS A 651 -43.15 49.61 23.96
CA LYS A 651 -42.79 48.90 25.18
C LYS A 651 -41.67 47.90 24.94
N SER A 652 -41.75 47.15 23.83
CA SER A 652 -40.70 46.18 23.53
C SER A 652 -39.41 46.89 23.14
N ARG A 653 -39.50 48.07 22.51
CA ARG A 653 -38.30 48.84 22.23
C ARG A 653 -37.65 49.32 23.52
N VAL A 654 -38.45 49.74 24.49
CA VAL A 654 -37.90 50.08 25.80
C VAL A 654 -37.22 48.87 26.42
N ALA A 655 -37.85 47.70 26.33
CA ALA A 655 -37.24 46.49 26.90
C ALA A 655 -35.94 46.15 26.20
N ILE A 656 -35.87 46.32 24.88
CA ILE A 656 -34.65 46.04 24.14
C ILE A 656 -33.54 47.01 24.55
N LEU A 657 -33.89 48.30 24.71
CA LEU A 657 -32.90 49.26 25.18
C LEU A 657 -32.40 48.90 26.56
N LYS A 658 -33.30 48.48 27.46
CA LYS A 658 -32.88 48.02 28.78
C LYS A 658 -31.90 46.84 28.67
N ALA A 659 -32.23 45.87 27.83
CA ALA A 659 -31.38 44.69 27.69
C ALA A 659 -30.01 45.06 27.14
N ASN A 660 -29.96 45.97 26.17
CA ASN A 660 -28.69 46.37 25.58
C ASN A 660 -27.87 47.22 26.55
N LEU A 661 -28.53 48.00 27.40
CA LEU A 661 -27.85 48.88 28.32
C LEU A 661 -27.65 48.27 29.70
N ARG A 662 -28.00 46.99 29.89
CA ARG A 662 -27.67 46.32 31.15
C ARG A 662 -26.16 46.32 31.37
N LYS A 663 -25.39 46.02 30.33
CA LYS A 663 -23.95 45.87 30.47
C LYS A 663 -23.25 47.22 30.61
N SER A 664 -23.83 48.28 30.06
CA SER A 664 -23.19 49.59 30.04
C SER A 664 -23.85 50.53 31.04
N PRO A 665 -23.10 51.04 32.02
CA PRO A 665 -23.66 52.10 32.89
C PRO A 665 -24.00 53.33 32.07
N VAL A 666 -25.19 53.88 32.31
CA VAL A 666 -25.74 54.95 31.49
C VAL A 666 -26.16 56.12 32.38
N ALA A 667 -26.07 57.32 31.82
CA ALA A 667 -26.48 58.52 32.53
C ALA A 667 -27.99 58.50 32.76
N LYS A 668 -28.43 59.23 33.79
CA LYS A 668 -29.85 59.21 34.16
C LYS A 668 -30.65 60.20 33.33
N ASP A 669 -29.98 61.09 32.60
CA ASP A 669 -30.69 62.11 31.84
C ASP A 669 -31.43 61.51 30.65
N VAL A 670 -30.86 60.45 30.06
CA VAL A 670 -31.48 59.84 28.89
C VAL A 670 -32.80 59.19 29.28
N ASP A 671 -33.80 59.35 28.42
CA ASP A 671 -35.12 58.78 28.62
C ASP A 671 -35.36 57.72 27.55
N LEU A 672 -35.28 56.45 27.94
CA LEU A 672 -35.41 55.37 26.97
C LEU A 672 -36.80 55.34 26.34
N GLU A 673 -37.79 55.91 27.02
CA GLU A 673 -39.12 56.01 26.42
C GLU A 673 -39.11 56.92 25.20
N PHE A 674 -38.42 58.06 25.28
CA PHE A 674 -38.31 58.95 24.13
C PHE A 674 -37.54 58.28 22.99
N LEU A 675 -36.47 57.55 23.32
CA LEU A 675 -35.72 56.84 22.29
C LEU A 675 -36.58 55.79 21.60
N ALA A 676 -37.38 55.05 22.38
CA ALA A 676 -38.29 54.08 21.78
C ALA A 676 -39.33 54.75 20.89
N LYS A 677 -39.86 55.89 21.34
CA LYS A 677 -40.87 56.60 20.55
C LYS A 677 -40.29 57.09 19.23
N MET A 678 -39.07 57.63 19.26
CA MET A 678 -38.47 58.15 18.04
C MET A 678 -38.14 57.03 17.05
N THR A 679 -37.65 55.90 17.56
CA THR A 679 -37.21 54.79 16.71
C THR A 679 -38.39 53.91 16.29
N ASN A 680 -39.27 54.49 15.47
CA ASN A 680 -40.46 53.77 15.03
C ASN A 680 -40.10 52.68 14.02
N GLY A 681 -39.25 53.00 13.05
CA GLY A 681 -38.89 52.07 12.00
C GLY A 681 -37.71 51.17 12.27
N PHE A 682 -37.07 51.29 13.43
CA PHE A 682 -35.88 50.49 13.71
C PHE A 682 -36.25 49.12 14.27
N SER A 683 -35.39 48.14 14.01
CA SER A 683 -35.52 46.81 14.57
C SER A 683 -34.63 46.66 15.80
N GLY A 684 -34.59 45.45 16.35
CA GLY A 684 -33.74 45.18 17.50
C GLY A 684 -32.27 45.31 17.19
N ALA A 685 -31.86 44.82 16.02
CA ALA A 685 -30.46 44.95 15.61
C ALA A 685 -30.06 46.40 15.45
N ASP A 686 -31.01 47.24 14.99
CA ASP A 686 -30.73 48.67 14.89
C ASP A 686 -30.42 49.27 16.25
N LEU A 687 -31.19 48.89 17.28
CA LEU A 687 -30.95 49.41 18.62
C LEU A 687 -29.65 48.86 19.20
N THR A 688 -29.31 47.61 18.89
CA THR A 688 -28.03 47.08 19.34
C THR A 688 -26.86 47.83 18.72
N GLU A 689 -26.94 48.13 17.42
CA GLU A 689 -25.92 48.93 16.78
C GLU A 689 -25.91 50.34 17.36
N ILE A 690 -27.09 50.84 17.75
CA ILE A 690 -27.19 52.15 18.39
C ILE A 690 -26.36 52.18 19.67
N CYS A 691 -26.57 51.18 20.54
CA CYS A 691 -25.83 51.15 21.79
C CYS A 691 -24.36 50.92 21.54
N GLN A 692 -24.03 50.14 20.50
CA GLN A 692 -22.64 49.94 20.14
C GLN A 692 -21.95 51.25 19.81
N ARG A 693 -22.54 52.05 18.91
CA ARG A 693 -21.94 53.33 18.54
C ARG A 693 -21.86 54.28 19.74
N ALA A 694 -22.92 54.32 20.55
CA ALA A 694 -22.92 55.19 21.71
C ALA A 694 -21.75 54.87 22.64
N CYS A 695 -21.56 53.58 22.92
CA CYS A 695 -20.48 53.22 23.84
C CYS A 695 -19.11 53.31 23.17
N LYS A 696 -19.07 53.27 21.83
CA LYS A 696 -17.82 53.58 21.14
C LYS A 696 -17.40 55.03 21.36
N LEU A 697 -18.34 55.97 21.21
CA LEU A 697 -17.98 57.35 21.53
C LEU A 697 -17.72 57.53 23.02
N ALA A 698 -18.32 56.68 23.86
CA ALA A 698 -17.92 56.66 25.27
C ALA A 698 -16.44 56.29 25.42
N ILE A 699 -16.00 55.27 24.66
CA ILE A 699 -14.57 54.93 24.67
C ILE A 699 -13.74 56.11 24.19
N ARG A 700 -14.23 56.83 23.18
CA ARG A 700 -13.46 57.95 22.63
C ARG A 700 -13.30 59.06 23.68
N GLU A 701 -14.37 59.39 24.40
CA GLU A 701 -14.23 60.40 25.43
C GLU A 701 -13.38 59.88 26.59
N SER A 702 -13.37 58.56 26.80
CA SER A 702 -12.43 57.99 27.76
C SER A 702 -10.99 58.16 27.28
N ILE A 703 -10.76 58.09 25.97
CA ILE A 703 -9.44 58.38 25.42
C ILE A 703 -9.04 59.81 25.76
N GLU A 704 -9.97 60.74 25.53
CA GLU A 704 -9.70 62.14 25.88
C GLU A 704 -9.40 62.29 27.37
N SER A 705 -10.18 61.60 28.21
CA SER A 705 -10.01 61.71 29.66
C SER A 705 -8.67 61.14 30.11
N GLU A 706 -8.23 60.03 29.52
CA GLU A 706 -6.96 59.44 29.93
C GLU A 706 -5.78 60.27 29.43
N ILE A 707 -5.93 60.90 28.25
CA ILE A 707 -4.90 61.84 27.80
C ILE A 707 -4.83 63.03 28.73
N ARG A 708 -5.98 63.52 29.19
CA ARG A 708 -6.00 64.60 30.17
C ARG A 708 -5.35 64.17 31.48
N ARG A 709 -5.59 62.92 31.90
CA ARG A 709 -4.97 62.41 33.12
C ARG A 709 -3.45 62.34 32.97
N GLU A 710 -2.98 61.92 31.80
CA GLU A 710 -1.53 61.90 31.56
C GLU A 710 -0.96 63.31 31.57
N ARG A 711 -1.69 64.27 31.01
CA ARG A 711 -1.24 65.66 31.09
C ARG A 711 -1.17 66.14 32.53
N GLU A 712 -2.16 65.76 33.35
CA GLU A 712 -2.16 66.13 34.76
C GLU A 712 -0.98 65.50 35.49
N ARG A 713 -0.62 64.26 35.11
CA ARG A 713 0.53 63.61 35.73
C ARG A 713 1.82 64.37 35.44
N GLN A 714 2.00 64.82 34.19
CA GLN A 714 3.19 65.56 33.81
C GLN A 714 3.13 66.99 34.35
N PRO A 727 -12.46 62.24 34.75
CA PRO A 727 -13.17 61.01 34.40
C PRO A 727 -14.68 61.14 34.62
N VAL A 728 -15.46 60.48 33.77
CA VAL A 728 -16.92 60.48 33.87
C VAL A 728 -17.36 59.06 34.17
N PRO A 729 -18.30 58.85 35.10
CA PRO A 729 -18.71 57.47 35.40
C PRO A 729 -19.61 56.86 34.34
N GLU A 730 -20.49 57.66 33.74
CA GLU A 730 -21.50 57.15 32.83
C GLU A 730 -21.46 57.91 31.52
N ILE A 731 -22.16 57.36 30.51
CA ILE A 731 -22.04 57.85 29.15
C ILE A 731 -22.59 59.26 29.04
N ARG A 732 -21.84 60.13 28.38
CA ARG A 732 -22.29 61.49 28.12
C ARG A 732 -23.29 61.51 26.96
N ARG A 733 -24.15 62.54 26.98
CA ARG A 733 -25.32 62.56 26.10
C ARG A 733 -24.96 62.90 24.66
N ASP A 734 -23.92 63.71 24.45
CA ASP A 734 -23.52 64.06 23.09
C ASP A 734 -23.06 62.84 22.32
N HIS A 735 -22.63 61.79 23.03
CA HIS A 735 -22.28 60.54 22.37
C HIS A 735 -23.50 59.83 21.83
N PHE A 736 -24.61 59.83 22.57
CA PHE A 736 -25.88 59.41 21.98
C PHE A 736 -26.22 60.26 20.77
N GLU A 737 -26.04 61.58 20.91
CA GLU A 737 -26.34 62.52 19.84
C GLU A 737 -25.64 62.13 18.54
N GLU A 738 -24.33 61.93 18.60
CA GLU A 738 -23.57 61.64 17.39
C GLU A 738 -23.78 60.20 16.93
N ALA A 739 -23.88 59.26 17.89
CA ALA A 739 -23.95 57.84 17.55
C ALA A 739 -25.22 57.53 16.77
N MET A 740 -26.33 58.16 17.14
CA MET A 740 -27.57 57.86 16.45
C MET A 740 -27.54 58.32 14.99
N ARG A 741 -26.77 59.38 14.69
CA ARG A 741 -26.70 59.87 13.31
C ARG A 741 -26.19 58.78 12.38
N PHE A 742 -25.24 57.97 12.84
CA PHE A 742 -24.69 56.90 12.00
C PHE A 742 -25.76 55.87 11.65
N ALA A 743 -26.70 55.62 12.56
CA ALA A 743 -27.71 54.60 12.34
C ALA A 743 -28.76 55.05 11.35
N ARG A 744 -29.29 54.09 10.58
CA ARG A 744 -30.38 54.31 9.64
C ARG A 744 -31.43 53.23 9.83
N ARG A 745 -32.50 53.29 9.03
CA ARG A 745 -33.55 52.29 9.13
C ARG A 745 -33.14 51.03 8.37
N SER A 746 -33.21 49.88 9.04
CA SER A 746 -32.75 48.64 8.45
C SER A 746 -33.71 48.12 7.39
N VAL A 747 -35.02 48.16 7.66
CA VAL A 747 -36.02 47.51 6.82
C VAL A 747 -37.06 48.54 6.41
N SER A 748 -37.40 48.54 5.12
CA SER A 748 -38.46 49.41 4.62
C SER A 748 -39.82 48.89 5.04
N ASP A 749 -40.81 49.78 5.01
CA ASP A 749 -42.13 49.42 5.51
C ASP A 749 -42.90 48.56 4.52
N ASN A 750 -42.51 48.58 3.24
CA ASN A 750 -43.23 47.79 2.24
C ASN A 750 -43.07 46.30 2.49
N ASP A 751 -41.86 45.85 2.82
CA ASP A 751 -41.65 44.46 3.20
C ASP A 751 -42.48 44.12 4.44
N ILE A 752 -42.62 45.07 5.35
CA ILE A 752 -43.38 44.86 6.57
C ILE A 752 -44.85 44.65 6.23
N ARG A 753 -45.39 45.45 5.30
CA ARG A 753 -46.78 45.28 4.89
C ARG A 753 -46.96 43.98 4.12
N LYS A 754 -45.92 43.52 3.42
CA LYS A 754 -45.95 42.19 2.84
C LYS A 754 -46.06 41.12 3.93
N TYR A 755 -45.32 41.28 5.02
CA TYR A 755 -45.45 40.36 6.15
C TYR A 755 -46.86 40.39 6.72
N GLU A 756 -47.44 41.59 6.84
CA GLU A 756 -48.83 41.69 7.30
C GLU A 756 -49.78 41.01 6.33
N MET A 757 -49.52 41.11 5.02
CA MET A 757 -50.37 40.44 4.05
C MET A 757 -50.33 38.93 4.23
N PHE A 758 -49.13 38.37 4.46
CA PHE A 758 -49.03 36.94 4.73
C PHE A 758 -49.76 36.57 6.02
N ALA A 759 -49.60 37.39 7.07
CA ALA A 759 -50.27 37.12 8.33
C ALA A 759 -51.78 37.20 8.18
N GLN A 760 -52.27 38.10 7.34
CA GLN A 760 -53.71 38.22 7.14
C GLN A 760 -54.25 37.06 6.31
N THR A 761 -53.46 36.57 5.36
CA THR A 761 -53.85 35.33 4.69
C THR A 761 -53.98 34.19 5.68
N LEU A 762 -53.00 34.07 6.60
CA LEU A 762 -53.08 33.04 7.62
C LEU A 762 -54.30 33.23 8.52
N GLN A 763 -54.60 34.47 8.92
CA GLN A 763 -55.73 34.72 9.81
C GLN A 763 -57.05 34.43 9.11
N GLN A 764 -57.18 34.84 7.84
CA GLN A 764 -58.41 34.57 7.11
C GLN A 764 -58.59 33.08 6.86
N SER A 765 -57.48 32.34 6.75
CA SER A 765 -57.58 30.89 6.68
C SER A 765 -58.17 30.31 7.96
N ARG A 766 -57.84 30.90 9.12
CA ARG A 766 -58.38 30.45 10.40
C ARG A 766 -59.76 31.08 10.59
N GLY A 767 -60.75 30.48 9.95
CA GLY A 767 -62.10 31.04 9.95
C GLY A 767 -63.09 30.29 10.81
N PHE A 768 -62.61 29.44 11.71
CA PHE A 768 -63.48 28.65 12.57
C PHE A 768 -63.69 29.29 13.93
N GLY A 769 -63.66 30.62 14.00
CA GLY A 769 -63.98 31.30 15.25
C GLY A 769 -65.42 31.05 15.68
N SER A 770 -66.35 31.10 14.72
CA SER A 770 -67.76 30.85 15.00
C SER A 770 -68.03 29.34 15.08
N PHE A 771 -67.41 28.71 16.08
CA PHE A 771 -67.53 27.27 16.27
C PHE A 771 -67.98 26.98 17.69
N ARG A 772 -69.17 26.39 17.83
CA ARG A 772 -69.64 25.83 19.09
C ARG A 772 -70.29 24.48 18.80
N PHE A 773 -70.01 23.50 19.65
CA PHE A 773 -70.64 22.20 19.50
C PHE A 773 -72.15 22.31 19.73
N PRO A 774 -72.95 21.47 19.08
CA PRO A 774 -74.40 21.58 19.24
C PRO A 774 -74.84 21.32 20.68
N SER A 775 -75.85 22.06 21.10
CA SER A 775 -76.38 22.02 22.46
C SER A 775 -75.30 22.23 23.51
N ASN B 21 -40.00 -52.10 1.86
CA ASN B 21 -39.57 -52.70 0.59
C ASN B 21 -38.45 -53.71 0.82
N ARG B 22 -37.72 -53.55 1.92
CA ARG B 22 -36.60 -54.42 2.23
C ARG B 22 -36.69 -54.90 3.67
N PRO B 23 -36.33 -56.17 3.93
CA PRO B 23 -36.34 -56.66 5.31
C PRO B 23 -35.37 -55.92 6.22
N ASN B 24 -34.29 -55.37 5.66
CA ASN B 24 -33.30 -54.68 6.49
C ASN B 24 -33.84 -53.37 7.04
N ARG B 25 -34.71 -52.69 6.29
CA ARG B 25 -35.28 -51.43 6.74
C ARG B 25 -36.06 -51.64 8.04
N LEU B 26 -35.81 -50.78 9.02
CA LEU B 26 -36.42 -50.95 10.33
C LEU B 26 -36.71 -49.59 10.94
N ILE B 27 -37.79 -49.54 11.72
CA ILE B 27 -38.24 -48.31 12.39
C ILE B 27 -37.95 -48.46 13.88
N VAL B 28 -37.28 -47.46 14.46
CA VAL B 28 -36.88 -47.53 15.86
C VAL B 28 -38.11 -47.56 16.75
N ASP B 29 -38.12 -48.47 17.73
CA ASP B 29 -39.19 -48.55 18.71
C ASP B 29 -38.59 -48.99 20.04
N GLU B 30 -39.29 -48.64 21.12
CA GLU B 30 -38.79 -48.95 22.46
C GLU B 30 -38.93 -50.44 22.77
N ALA B 31 -38.10 -50.91 23.70
CA ALA B 31 -38.11 -52.29 24.14
C ALA B 31 -38.64 -52.35 25.57
N ILE B 32 -39.64 -53.21 25.80
CA ILE B 32 -40.27 -53.30 27.12
C ILE B 32 -39.30 -53.86 28.15
N ASN B 33 -38.63 -54.97 27.81
CA ASN B 33 -37.75 -55.65 28.76
C ASN B 33 -36.39 -56.03 28.18
N GLU B 34 -36.17 -55.85 26.88
CA GLU B 34 -34.88 -56.19 26.29
C GLU B 34 -33.79 -55.29 26.83
N ASP B 35 -32.65 -55.88 27.13
CA ASP B 35 -31.53 -55.10 27.65
C ASP B 35 -30.77 -54.43 26.51
N ASN B 36 -29.63 -53.84 26.85
CA ASN B 36 -28.83 -53.14 25.84
C ASN B 36 -28.02 -54.12 25.00
N SER B 37 -27.90 -55.37 25.47
CA SER B 37 -27.13 -56.36 24.73
C SER B 37 -27.88 -56.87 23.52
N VAL B 38 -29.18 -57.12 23.66
CA VAL B 38 -29.96 -57.77 22.61
C VAL B 38 -31.14 -56.90 22.23
N VAL B 39 -31.80 -57.30 21.14
CA VAL B 39 -33.02 -56.65 20.66
C VAL B 39 -34.03 -57.72 20.30
N SER B 40 -35.30 -57.32 20.26
CA SER B 40 -36.41 -58.21 19.92
C SER B 40 -37.03 -57.76 18.61
N LEU B 41 -37.25 -58.71 17.70
CA LEU B 41 -37.77 -58.42 16.37
C LEU B 41 -38.99 -59.29 16.09
N SER B 42 -39.86 -58.82 15.20
CA SER B 42 -41.09 -59.51 14.88
C SER B 42 -40.82 -60.78 14.08
N GLN B 43 -41.57 -61.84 14.40
CA GLN B 43 -41.38 -63.12 13.72
C GLN B 43 -41.62 -63.07 12.22
N PRO B 44 -42.65 -62.39 11.69
CA PRO B 44 -42.76 -62.29 10.23
C PRO B 44 -41.53 -61.68 9.58
N LYS B 45 -40.95 -60.65 10.19
CA LYS B 45 -39.71 -60.08 9.67
C LYS B 45 -38.54 -61.01 9.93
N MET B 46 -38.61 -61.82 10.98
CA MET B 46 -37.59 -62.87 11.17
C MET B 46 -37.57 -63.84 10.00
N ASP B 47 -38.74 -64.26 9.53
CA ASP B 47 -38.79 -65.19 8.41
C ASP B 47 -38.49 -64.48 7.09
N GLU B 48 -38.87 -63.21 6.98
CA GLU B 48 -38.55 -62.44 5.79
C GLU B 48 -37.05 -62.25 5.65
N LEU B 49 -36.36 -62.01 6.77
CA LEU B 49 -34.90 -61.88 6.76
C LEU B 49 -34.20 -63.22 6.61
N GLN B 50 -34.94 -64.33 6.74
CA GLN B 50 -34.36 -65.67 6.73
C GLN B 50 -33.27 -65.81 7.79
N LEU B 51 -33.59 -65.39 9.01
CA LEU B 51 -32.65 -65.40 10.13
C LEU B 51 -33.25 -66.19 11.29
N PHE B 52 -32.41 -66.96 11.98
CA PHE B 52 -32.88 -67.75 13.11
C PHE B 52 -32.88 -66.91 14.38
N ARG B 53 -33.65 -67.36 15.36
CA ARG B 53 -33.62 -66.74 16.68
C ARG B 53 -32.28 -66.99 17.34
N GLY B 54 -31.72 -65.94 17.93
CA GLY B 54 -30.40 -66.02 18.53
C GLY B 54 -29.25 -65.80 17.57
N ASP B 55 -29.52 -65.45 16.32
CA ASP B 55 -28.44 -65.17 15.38
C ASP B 55 -27.80 -63.82 15.70
N THR B 56 -26.47 -63.78 15.60
CA THR B 56 -25.74 -62.55 15.87
C THR B 56 -25.85 -61.61 14.68
N VAL B 57 -26.48 -60.46 14.89
CA VAL B 57 -26.75 -59.51 13.82
C VAL B 57 -26.12 -58.17 14.17
N LEU B 58 -26.09 -57.29 13.18
CA LEU B 58 -25.51 -55.96 13.30
C LEU B 58 -26.52 -54.92 12.86
N LEU B 59 -26.61 -53.83 13.61
CA LEU B 59 -27.50 -52.71 13.31
C LEU B 59 -26.68 -51.49 12.95
N LYS B 60 -27.03 -50.85 11.85
CA LYS B 60 -26.38 -49.62 11.43
C LYS B 60 -26.99 -48.43 12.16
N GLY B 61 -26.23 -47.34 12.23
CA GLY B 61 -26.70 -46.14 12.89
C GLY B 61 -26.14 -44.90 12.22
N LYS B 62 -26.58 -43.75 12.73
CA LYS B 62 -26.13 -42.47 12.20
C LYS B 62 -24.68 -42.20 12.60
N LYS B 63 -24.04 -41.32 11.86
CA LYS B 63 -22.64 -40.94 12.08
C LYS B 63 -21.71 -42.14 12.01
N ARG B 64 -22.13 -43.18 11.27
CA ARG B 64 -21.34 -44.40 11.09
C ARG B 64 -21.05 -45.09 12.42
N ARG B 65 -22.12 -45.40 13.16
CA ARG B 65 -22.02 -46.17 14.39
C ARG B 65 -22.81 -47.45 14.23
N GLU B 66 -22.26 -48.56 14.72
CA GLU B 66 -22.84 -49.88 14.53
C GLU B 66 -22.94 -50.59 15.87
N ALA B 67 -24.01 -51.38 16.05
CA ALA B 67 -24.24 -52.11 17.29
C ALA B 67 -24.48 -53.58 16.98
N VAL B 68 -23.70 -54.45 17.62
CA VAL B 68 -23.83 -55.88 17.40
C VAL B 68 -24.70 -56.47 18.52
N CYS B 69 -25.70 -57.26 18.12
CA CYS B 69 -26.69 -57.75 19.08
C CYS B 69 -27.12 -59.17 18.72
N ILE B 70 -27.89 -59.76 19.61
CA ILE B 70 -28.54 -61.05 19.36
C ILE B 70 -30.01 -60.79 19.06
N VAL B 71 -30.47 -61.27 17.91
CA VAL B 71 -31.85 -61.04 17.51
C VAL B 71 -32.76 -62.07 18.16
N LEU B 72 -33.98 -61.66 18.49
CA LEU B 72 -34.96 -62.52 19.14
C LEU B 72 -36.33 -62.29 18.50
N SER B 73 -37.26 -63.19 18.82
CA SER B 73 -38.61 -63.14 18.29
C SER B 73 -39.55 -62.61 19.37
N ASP B 74 -40.32 -61.57 19.04
CA ASP B 74 -41.29 -60.98 19.95
C ASP B 74 -42.60 -60.76 19.21
N ASP B 75 -43.71 -61.15 19.84
CA ASP B 75 -45.03 -60.92 19.24
C ASP B 75 -45.42 -59.45 19.30
N THR B 76 -45.05 -58.77 20.39
CA THR B 76 -45.41 -57.37 20.54
C THR B 76 -44.71 -56.49 19.52
N CYS B 77 -43.52 -56.88 19.10
CA CYS B 77 -42.78 -56.11 18.10
C CYS B 77 -43.54 -56.06 16.78
N SER B 78 -43.65 -54.86 16.23
CA SER B 78 -44.39 -54.67 14.99
C SER B 78 -43.59 -55.19 13.80
N ASP B 79 -44.29 -55.43 12.69
CA ASP B 79 -43.65 -55.97 11.50
C ASP B 79 -42.61 -55.01 10.94
N GLU B 80 -42.92 -53.72 10.89
CA GLU B 80 -42.04 -52.72 10.31
C GLU B 80 -41.11 -52.08 11.32
N LYS B 81 -41.17 -52.47 12.59
CA LYS B 81 -40.40 -51.84 13.65
C LYS B 81 -39.44 -52.83 14.29
N ILE B 82 -38.40 -52.28 14.92
CA ILE B 82 -37.44 -53.02 15.71
C ILE B 82 -37.48 -52.49 17.13
N ARG B 83 -37.63 -53.39 18.11
CA ARG B 83 -37.69 -53.02 19.51
C ARG B 83 -36.28 -53.02 20.08
N MET B 84 -35.89 -51.91 20.69
CA MET B 84 -34.50 -51.67 21.06
C MET B 84 -34.45 -50.61 22.16
N ASN B 85 -33.44 -50.72 23.02
CA ASN B 85 -33.38 -49.98 24.27
C ASN B 85 -32.87 -48.55 24.04
N ARG B 86 -32.98 -47.73 25.09
CA ARG B 86 -32.53 -46.34 25.00
C ARG B 86 -31.02 -46.25 24.88
N VAL B 87 -30.28 -47.10 25.60
CA VAL B 87 -28.84 -47.09 25.51
C VAL B 87 -28.39 -47.51 24.12
N VAL B 88 -29.15 -48.43 23.50
CA VAL B 88 -28.84 -48.79 22.12
C VAL B 88 -29.11 -47.61 21.19
N ARG B 89 -30.11 -46.78 21.51
CA ARG B 89 -30.31 -45.53 20.79
C ARG B 89 -29.11 -44.61 20.94
N ASN B 90 -28.54 -44.54 22.14
CA ASN B 90 -27.32 -43.75 22.34
C ASN B 90 -26.16 -44.31 21.52
N ASN B 91 -26.03 -45.64 21.49
CA ASN B 91 -24.93 -46.27 20.76
C ASN B 91 -25.05 -46.05 19.27
N LEU B 92 -26.27 -46.10 18.73
CA LEU B 92 -26.52 -45.90 17.31
C LEU B 92 -26.88 -44.46 16.96
N ARG B 93 -26.90 -43.55 17.95
CA ARG B 93 -27.19 -42.13 17.73
C ARG B 93 -28.55 -41.94 17.07
N VAL B 94 -29.50 -42.82 17.39
CA VAL B 94 -30.80 -42.82 16.74
C VAL B 94 -31.87 -42.42 17.75
N ARG B 95 -33.02 -42.01 17.21
CA ARG B 95 -34.18 -41.63 18.01
C ARG B 95 -35.39 -42.45 17.54
N LEU B 96 -36.49 -42.30 18.27
CA LEU B 96 -37.70 -43.06 17.95
C LEU B 96 -38.22 -42.68 16.57
N GLY B 97 -38.60 -43.70 15.80
CA GLY B 97 -39.13 -43.51 14.47
C GLY B 97 -38.10 -43.43 13.37
N ASP B 98 -36.81 -43.49 13.70
CA ASP B 98 -35.77 -43.39 12.69
C ASP B 98 -35.68 -44.68 11.88
N VAL B 99 -34.95 -44.60 10.76
CA VAL B 99 -34.76 -45.72 9.87
C VAL B 99 -33.36 -46.29 10.07
N ILE B 100 -33.29 -47.59 10.35
CA ILE B 100 -32.02 -48.29 10.51
C ILE B 100 -32.03 -49.54 9.64
N SER B 101 -30.89 -50.22 9.59
CA SER B 101 -30.73 -51.43 8.80
C SER B 101 -30.12 -52.53 9.65
N ILE B 102 -30.46 -53.78 9.35
CA ILE B 102 -29.94 -54.95 10.04
C ILE B 102 -29.26 -55.86 9.02
N GLN B 103 -28.11 -56.41 9.41
CA GLN B 103 -27.38 -57.33 8.54
C GLN B 103 -26.82 -58.49 9.36
N PRO B 104 -26.84 -59.71 8.83
CA PRO B 104 -26.23 -60.83 9.56
C PRO B 104 -24.74 -60.63 9.75
N CYS B 105 -24.27 -60.87 10.96
CA CYS B 105 -22.84 -60.77 11.25
C CYS B 105 -22.15 -62.06 10.82
N PRO B 106 -21.18 -61.99 9.89
CA PRO B 106 -20.57 -63.22 9.37
C PRO B 106 -19.34 -63.64 10.15
N ASP B 107 -19.14 -64.96 10.25
CA ASP B 107 -17.93 -65.55 10.85
C ASP B 107 -17.73 -65.05 12.28
N VAL B 108 -18.79 -65.08 13.08
CA VAL B 108 -18.69 -64.63 14.46
C VAL B 108 -17.91 -65.65 15.28
N LYS B 109 -17.02 -65.16 16.12
CA LYS B 109 -16.20 -66.00 16.98
C LYS B 109 -16.27 -65.51 18.42
N TYR B 110 -16.01 -66.41 19.36
CA TYR B 110 -16.02 -66.05 20.76
C TYR B 110 -14.82 -65.17 21.10
N GLY B 111 -14.98 -64.30 22.08
CA GLY B 111 -13.93 -63.36 22.45
C GLY B 111 -12.91 -63.99 23.38
N LYS B 112 -11.63 -63.72 23.12
CA LYS B 112 -10.58 -64.22 24.00
C LYS B 112 -10.24 -63.20 25.09
N ARG B 113 -10.31 -61.91 24.77
CA ARG B 113 -10.05 -60.88 25.77
C ARG B 113 -10.71 -59.58 25.33
N ILE B 114 -11.42 -58.96 26.27
CA ILE B 114 -12.07 -57.68 26.03
C ILE B 114 -11.65 -56.70 27.12
N HIS B 115 -11.29 -55.50 26.69
CA HIS B 115 -10.91 -54.41 27.59
C HIS B 115 -12.10 -53.46 27.65
N VAL B 116 -12.69 -53.35 28.84
CA VAL B 116 -13.92 -52.60 29.06
C VAL B 116 -13.65 -51.53 30.11
N LEU B 117 -14.07 -50.30 29.82
CA LEU B 117 -13.78 -49.16 30.68
C LEU B 117 -15.07 -48.49 31.14
N PRO B 118 -15.35 -48.44 32.43
CA PRO B 118 -16.49 -47.65 32.91
C PRO B 118 -16.21 -46.16 32.77
N ILE B 119 -17.30 -45.38 32.72
CA ILE B 119 -17.16 -43.94 32.59
C ILE B 119 -16.56 -43.37 33.87
N ASP B 120 -15.82 -42.27 33.73
CA ASP B 120 -15.06 -41.72 34.85
C ASP B 120 -15.99 -41.17 35.94
N ASP B 121 -17.20 -40.76 35.57
CA ASP B 121 -18.14 -40.30 36.58
C ASP B 121 -18.76 -41.48 37.33
N THR B 122 -18.95 -42.61 36.65
CA THR B 122 -19.59 -43.76 37.27
C THR B 122 -18.71 -44.39 38.34
N VAL B 123 -17.39 -44.44 38.11
CA VAL B 123 -16.50 -45.11 39.04
C VAL B 123 -16.49 -44.40 40.40
N GLU B 124 -16.59 -43.08 40.38
CA GLU B 124 -16.58 -42.32 41.63
C GLU B 124 -17.83 -42.63 42.45
N GLY B 125 -17.64 -42.80 43.75
CA GLY B 125 -18.73 -43.08 44.65
C GLY B 125 -19.10 -44.54 44.82
N ILE B 126 -18.42 -45.44 44.13
CA ILE B 126 -18.69 -46.88 44.23
C ILE B 126 -17.59 -47.48 45.09
N THR B 127 -17.94 -47.86 46.33
CA THR B 127 -16.97 -48.50 47.21
C THR B 127 -16.56 -49.86 46.69
N GLY B 128 -17.52 -50.66 46.21
CA GLY B 128 -17.21 -51.99 45.74
C GLY B 128 -16.54 -51.99 44.38
N ASN B 129 -15.85 -53.09 44.09
CA ASN B 129 -15.19 -53.25 42.80
C ASN B 129 -16.23 -53.28 41.69
N LEU B 130 -15.99 -52.48 40.64
CA LEU B 130 -16.96 -52.37 39.55
C LEU B 130 -17.10 -53.69 38.80
N PHE B 131 -15.99 -54.39 38.59
CA PHE B 131 -16.05 -55.65 37.83
C PHE B 131 -16.90 -56.69 38.54
N GLU B 132 -16.76 -56.79 39.87
CA GLU B 132 -17.49 -57.81 40.61
C GLU B 132 -18.98 -57.49 40.70
N VAL B 133 -19.29 -56.22 41.00
CA VAL B 133 -20.70 -55.85 41.19
C VAL B 133 -21.46 -55.87 39.88
N TYR B 134 -20.85 -55.35 38.81
CA TYR B 134 -21.56 -55.11 37.57
C TYR B 134 -21.06 -55.97 36.41
N LEU B 135 -19.75 -55.97 36.14
CA LEU B 135 -19.24 -56.66 34.96
C LEU B 135 -19.40 -58.17 35.07
N LYS B 136 -19.02 -58.74 36.23
CA LYS B 136 -19.01 -60.20 36.35
C LYS B 136 -20.39 -60.83 36.20
N PRO B 137 -21.44 -60.41 36.91
CA PRO B 137 -22.75 -61.04 36.68
C PRO B 137 -23.27 -60.85 35.26
N TYR B 138 -22.95 -59.72 34.64
CA TYR B 138 -23.43 -59.45 33.28
C TYR B 138 -22.73 -60.35 32.26
N PHE B 139 -21.44 -60.58 32.44
CA PHE B 139 -20.63 -61.32 31.48
C PHE B 139 -20.38 -62.77 31.90
N LEU B 140 -21.01 -63.24 32.99
CA LEU B 140 -20.93 -64.64 33.36
C LEU B 140 -21.90 -65.44 32.49
N GLU B 141 -21.35 -66.28 31.60
CA GLU B 141 -22.15 -66.97 30.59
C GLU B 141 -22.95 -65.98 29.75
N ALA B 142 -22.27 -64.93 29.27
CA ALA B 142 -22.96 -63.84 28.58
C ALA B 142 -23.45 -64.26 27.21
N TYR B 143 -22.54 -64.69 26.34
CA TYR B 143 -22.84 -64.97 24.94
C TYR B 143 -23.39 -63.71 24.25
N ARG B 144 -22.90 -62.55 24.68
CA ARG B 144 -23.40 -61.26 24.23
C ARG B 144 -22.40 -60.61 23.29
N PRO B 145 -22.72 -60.49 22.00
CA PRO B 145 -21.76 -59.90 21.07
C PRO B 145 -21.62 -58.40 21.27
N ILE B 146 -20.38 -57.92 21.19
CA ILE B 146 -20.06 -56.52 21.41
C ILE B 146 -19.11 -56.03 20.33
N ARG B 147 -19.12 -54.72 20.11
CA ARG B 147 -18.26 -54.06 19.13
C ARG B 147 -17.55 -52.91 19.81
N LYS B 148 -16.39 -52.54 19.25
CA LYS B 148 -15.60 -51.45 19.81
C LYS B 148 -16.42 -50.16 19.87
N GLY B 149 -16.36 -49.49 21.01
CA GLY B 149 -17.08 -48.26 21.21
C GLY B 149 -18.50 -48.41 21.76
N ASP B 150 -19.01 -49.64 21.84
CA ASP B 150 -20.35 -49.84 22.39
C ASP B 150 -20.36 -49.58 23.88
N ILE B 151 -21.50 -49.09 24.38
CA ILE B 151 -21.67 -48.77 25.79
C ILE B 151 -22.97 -49.42 26.27
N PHE B 152 -22.92 -50.04 27.44
CA PHE B 152 -24.09 -50.64 28.06
C PHE B 152 -24.19 -50.21 29.52
N LEU B 153 -25.41 -50.07 30.01
CA LEU B 153 -25.68 -49.61 31.36
C LEU B 153 -26.11 -50.79 32.22
N VAL B 154 -25.48 -50.93 33.38
CA VAL B 154 -25.75 -52.03 34.31
C VAL B 154 -26.44 -51.46 35.55
N ARG B 155 -27.59 -52.02 35.88
CA ARG B 155 -28.29 -51.63 37.09
C ARG B 155 -27.75 -52.39 38.29
N GLY B 156 -27.57 -51.68 39.39
CA GLY B 156 -27.07 -52.29 40.61
C GLY B 156 -26.27 -51.27 41.42
N GLY B 157 -26.02 -51.65 42.66
CA GLY B 157 -25.28 -50.78 43.55
C GLY B 157 -26.05 -49.52 43.91
N MET B 158 -25.31 -48.56 44.47
CA MET B 158 -25.93 -47.29 44.85
C MET B 158 -26.26 -46.45 43.61
N ARG B 159 -25.61 -46.72 42.48
CA ARG B 159 -25.90 -46.06 41.23
C ARG B 159 -25.58 -46.99 40.07
N ALA B 160 -26.44 -46.98 39.05
CA ALA B 160 -26.19 -47.77 37.86
C ALA B 160 -24.96 -47.26 37.14
N VAL B 161 -24.19 -48.17 36.55
CA VAL B 161 -22.86 -47.86 36.04
C VAL B 161 -22.83 -48.13 34.54
N GLU B 162 -22.25 -47.19 33.78
CA GLU B 162 -22.09 -47.36 32.35
C GLU B 162 -20.72 -47.93 32.04
N PHE B 163 -20.68 -48.91 31.14
CA PHE B 163 -19.44 -49.57 30.74
C PHE B 163 -19.28 -49.49 29.23
N LYS B 164 -18.11 -49.06 28.78
CA LYS B 164 -17.78 -48.97 27.37
C LYS B 164 -16.76 -50.06 27.03
N VAL B 165 -17.09 -50.87 26.01
CA VAL B 165 -16.20 -51.95 25.57
C VAL B 165 -15.26 -51.34 24.53
N VAL B 166 -14.16 -50.75 25.02
CA VAL B 166 -13.25 -50.03 24.12
C VAL B 166 -12.49 -51.00 23.24
N GLU B 167 -12.06 -52.13 23.79
CA GLU B 167 -11.28 -53.11 23.03
C GLU B 167 -11.96 -54.48 23.09
N THR B 168 -12.00 -55.17 21.97
CA THR B 168 -12.49 -56.53 21.88
C THR B 168 -11.54 -57.36 21.03
N ASP B 169 -11.33 -58.62 21.40
CA ASP B 169 -10.52 -59.51 20.61
C ASP B 169 -11.25 -60.84 20.44
N PRO B 170 -11.48 -61.31 19.21
CA PRO B 170 -11.00 -60.72 17.95
C PRO B 170 -11.75 -59.45 17.53
N SER B 171 -11.01 -58.50 16.97
CA SER B 171 -11.59 -57.25 16.50
C SER B 171 -12.27 -57.44 15.16
N PRO B 172 -13.36 -56.69 14.89
CA PRO B 172 -14.04 -55.81 15.83
C PRO B 172 -15.29 -56.45 16.44
N TYR B 173 -15.56 -57.69 16.07
CA TYR B 173 -16.74 -58.43 16.53
C TYR B 173 -16.31 -59.69 17.26
N CYS B 174 -16.86 -59.89 18.45
CA CYS B 174 -16.56 -61.09 19.24
C CYS B 174 -17.74 -61.41 20.13
N ILE B 175 -17.75 -62.64 20.63
CA ILE B 175 -18.78 -63.12 21.56
C ILE B 175 -18.17 -63.20 22.94
N VAL B 176 -18.84 -62.59 23.93
CA VAL B 176 -18.37 -62.66 25.30
C VAL B 176 -18.65 -64.04 25.88
N ALA B 177 -17.63 -64.64 26.46
CA ALA B 177 -17.72 -65.98 27.05
C ALA B 177 -17.07 -65.95 28.43
N PRO B 178 -17.42 -66.90 29.29
CA PRO B 178 -16.80 -66.92 30.63
C PRO B 178 -15.29 -67.02 30.60
N ASP B 179 -14.72 -67.72 29.61
CA ASP B 179 -13.27 -67.87 29.53
C ASP B 179 -12.59 -66.53 29.30
N THR B 180 -13.29 -65.59 28.66
CA THR B 180 -12.73 -64.26 28.42
C THR B 180 -12.36 -63.58 29.73
N VAL B 181 -11.16 -63.01 29.76
CA VAL B 181 -10.66 -62.29 30.94
C VAL B 181 -11.15 -60.85 30.85
N ILE B 182 -11.90 -60.43 31.85
CA ILE B 182 -12.56 -59.13 31.86
C ILE B 182 -12.12 -58.37 33.10
N HIS B 183 -11.42 -57.25 32.91
CA HIS B 183 -10.89 -56.44 34.00
C HIS B 183 -11.30 -54.99 33.78
N CYS B 184 -11.83 -54.36 34.83
CA CYS B 184 -12.28 -52.98 34.72
C CYS B 184 -11.11 -52.01 34.70
N GLU B 185 -10.04 -52.33 35.42
CA GLU B 185 -8.91 -51.42 35.55
C GLU B 185 -8.22 -51.20 34.21
N GLY B 186 -7.76 -49.97 33.99
CA GLY B 186 -7.11 -49.62 32.74
C GLY B 186 -6.89 -48.12 32.68
N GLU B 187 -6.53 -47.67 31.47
CA GLU B 187 -6.35 -46.24 31.25
C GLU B 187 -7.70 -45.54 31.42
N PRO B 188 -7.77 -44.47 32.20
CA PRO B 188 -9.07 -43.83 32.47
C PRO B 188 -9.74 -43.35 31.20
N ILE B 189 -11.07 -43.53 31.12
CA ILE B 189 -11.83 -43.10 29.97
C ILE B 189 -12.10 -41.60 30.09
N LYS B 190 -12.50 -40.99 28.97
CA LYS B 190 -12.76 -39.57 28.90
C LYS B 190 -14.26 -39.34 28.64
N ARG B 191 -14.91 -38.61 29.54
CA ARG B 191 -16.33 -38.29 29.36
C ARG B 191 -16.52 -37.31 28.21
N GLU B 192 -15.59 -36.37 28.05
CA GLU B 192 -15.72 -35.36 27.00
C GLU B 192 -15.68 -35.99 25.61
N ASP B 193 -14.82 -36.99 25.41
CA ASP B 193 -14.73 -37.64 24.11
C ASP B 193 -16.05 -38.33 23.75
N GLU B 194 -16.63 -39.06 24.70
CA GLU B 194 -17.92 -39.72 24.44
C GLU B 194 -19.02 -38.70 24.21
N GLU B 195 -19.02 -37.61 24.99
CA GLU B 195 -20.02 -36.57 24.81
C GLU B 195 -19.92 -35.95 23.42
N GLU B 196 -18.70 -35.70 22.95
CA GLU B 196 -18.52 -35.21 21.58
C GLU B 196 -19.00 -36.24 20.57
N SER B 197 -18.67 -37.51 20.77
CA SER B 197 -19.10 -38.55 19.86
C SER B 197 -20.62 -38.65 19.81
N LEU B 198 -21.29 -38.20 20.87
CA LEU B 198 -22.75 -38.18 20.88
C LEU B 198 -23.29 -36.88 20.28
N ASN B 199 -22.61 -35.76 20.55
CA ASN B 199 -23.11 -34.44 20.19
C ASN B 199 -22.54 -33.90 18.87
N GLU B 200 -22.20 -34.77 17.92
CA GLU B 200 -21.71 -34.29 16.63
C GLU B 200 -22.84 -33.72 15.79
N VAL B 201 -22.48 -32.84 14.86
CA VAL B 201 -23.46 -32.23 13.96
C VAL B 201 -23.64 -33.10 12.72
N GLY B 202 -24.90 -33.33 12.35
CA GLY B 202 -25.23 -34.07 11.15
C GLY B 202 -26.19 -33.27 10.27
N TYR B 203 -26.70 -33.95 9.25
CA TYR B 203 -27.69 -33.30 8.37
C TYR B 203 -28.95 -32.94 9.13
N ASP B 204 -29.26 -33.67 10.21
CA ASP B 204 -30.45 -33.38 10.99
C ASP B 204 -30.37 -32.02 11.67
N ASP B 205 -29.17 -31.55 12.00
CA ASP B 205 -29.02 -30.25 12.63
C ASP B 205 -29.09 -29.12 11.61
N ILE B 206 -29.33 -29.44 10.34
CA ILE B 206 -29.54 -28.42 9.33
C ILE B 206 -31.00 -28.43 8.89
N GLY B 207 -31.59 -27.25 8.76
CA GLY B 207 -32.97 -27.13 8.35
C GLY B 207 -33.18 -25.95 7.42
N GLY B 208 -34.13 -26.11 6.50
CA GLY B 208 -34.51 -25.06 5.59
C GLY B 208 -33.78 -25.01 4.28
N CYS B 209 -32.79 -25.87 4.07
CA CYS B 209 -31.99 -25.90 2.86
C CYS B 209 -31.99 -27.28 2.23
N ARG B 210 -33.16 -27.93 2.19
CA ARG B 210 -33.23 -29.35 1.85
C ARG B 210 -32.86 -29.62 0.40
N LYS B 211 -33.12 -28.67 -0.50
CA LYS B 211 -32.71 -28.88 -1.89
C LYS B 211 -31.19 -28.78 -2.03
N GLN B 212 -30.58 -27.78 -1.38
CA GLN B 212 -29.13 -27.70 -1.36
C GLN B 212 -28.52 -28.88 -0.61
N LEU B 213 -29.17 -29.31 0.47
CA LEU B 213 -28.72 -30.50 1.18
C LEU B 213 -28.78 -31.73 0.28
N ALA B 214 -29.84 -31.88 -0.51
CA ALA B 214 -29.94 -33.02 -1.41
C ALA B 214 -28.83 -32.98 -2.45
N GLN B 215 -28.56 -31.79 -3.01
CA GLN B 215 -27.45 -31.66 -3.94
C GLN B 215 -26.15 -32.10 -3.29
N ILE B 216 -25.84 -31.57 -2.10
CA ILE B 216 -24.55 -31.84 -1.46
C ILE B 216 -24.47 -33.33 -1.07
N LYS B 217 -25.59 -33.92 -0.66
CA LYS B 217 -25.59 -35.34 -0.34
C LYS B 217 -25.27 -36.18 -1.56
N GLU B 218 -25.92 -35.88 -2.69
CA GLU B 218 -25.61 -36.58 -3.94
C GLU B 218 -24.17 -36.33 -4.37
N MET B 219 -23.62 -35.20 -3.95
CA MET B 219 -22.23 -34.86 -4.28
C MET B 219 -21.25 -35.71 -3.47
N VAL B 220 -21.49 -35.87 -2.18
CA VAL B 220 -20.49 -36.37 -1.24
C VAL B 220 -20.82 -37.79 -0.76
N GLU B 221 -22.01 -37.99 -0.19
CA GLU B 221 -22.33 -39.30 0.38
C GLU B 221 -22.31 -40.37 -0.69
N LEU B 222 -22.84 -40.04 -1.87
CA LEU B 222 -23.03 -41.04 -2.91
C LEU B 222 -21.74 -41.67 -3.43
N PRO B 223 -20.73 -40.93 -3.88
CA PRO B 223 -19.55 -41.61 -4.45
C PRO B 223 -18.89 -42.54 -3.46
N LEU B 224 -18.90 -42.19 -2.18
CA LEU B 224 -18.39 -43.09 -1.16
C LEU B 224 -19.25 -44.34 -1.04
N ARG B 225 -20.57 -44.17 -1.12
CA ARG B 225 -21.47 -45.31 -0.94
C ARG B 225 -21.48 -46.23 -2.15
N HIS B 226 -21.56 -45.66 -3.36
CA HIS B 226 -21.63 -46.44 -4.59
C HIS B 226 -20.58 -45.93 -5.58
N PRO B 227 -19.30 -46.23 -5.34
CA PRO B 227 -18.28 -45.82 -6.32
C PRO B 227 -18.30 -46.65 -7.59
N ALA B 228 -18.73 -47.91 -7.48
CA ALA B 228 -18.80 -48.77 -8.65
C ALA B 228 -19.78 -48.23 -9.69
N LEU B 229 -20.79 -47.49 -9.26
CA LEU B 229 -21.72 -46.87 -10.20
C LEU B 229 -21.01 -45.83 -11.07
N PHE B 230 -20.23 -44.95 -10.44
CA PHE B 230 -19.45 -43.97 -11.20
C PHE B 230 -18.42 -44.65 -12.08
N LYS B 231 -17.82 -45.73 -11.59
CA LYS B 231 -16.86 -46.47 -12.40
C LYS B 231 -17.53 -47.09 -13.63
N GLU B 232 -18.76 -47.59 -13.46
CA GLU B 232 -19.45 -48.26 -14.55
C GLU B 232 -19.95 -47.26 -15.58
N ILE B 233 -20.43 -46.10 -15.12
CA ILE B 233 -20.82 -45.04 -16.06
C ILE B 233 -19.62 -44.23 -16.55
N GLY B 234 -18.45 -44.39 -15.92
CA GLY B 234 -17.24 -43.74 -16.39
C GLY B 234 -17.19 -42.25 -16.18
N VAL B 235 -17.66 -41.77 -15.03
CA VAL B 235 -17.53 -40.36 -14.67
C VAL B 235 -16.98 -40.28 -13.25
N LYS B 236 -16.34 -39.16 -12.95
CA LYS B 236 -15.81 -38.92 -11.62
C LYS B 236 -16.65 -37.88 -10.90
N PRO B 237 -16.82 -38.00 -9.59
CA PRO B 237 -17.61 -37.03 -8.86
C PRO B 237 -16.94 -35.67 -8.90
N PRO B 238 -17.71 -34.59 -8.80
CA PRO B 238 -17.11 -33.25 -8.84
C PRO B 238 -16.20 -33.02 -7.66
N ARG B 239 -15.01 -32.50 -7.93
CA ARG B 239 -14.01 -32.26 -6.91
C ARG B 239 -14.08 -30.86 -6.31
N GLY B 240 -15.00 -30.01 -6.78
CA GLY B 240 -15.11 -28.66 -6.29
C GLY B 240 -16.51 -28.29 -5.84
N ILE B 241 -16.63 -27.77 -4.62
CA ILE B 241 -17.88 -27.29 -4.07
C ILE B 241 -17.70 -25.85 -3.64
N LEU B 242 -18.56 -24.96 -4.15
CA LEU B 242 -18.61 -23.58 -3.71
C LEU B 242 -19.97 -23.33 -3.07
N LEU B 243 -19.98 -22.62 -1.94
CA LEU B 243 -21.21 -22.22 -1.28
C LEU B 243 -21.24 -20.71 -1.21
N TYR B 244 -22.31 -20.09 -1.70
CA TYR B 244 -22.42 -18.64 -1.67
C TYR B 244 -23.78 -18.24 -1.10
N GLY B 245 -23.78 -17.26 -0.20
CA GLY B 245 -24.97 -16.74 0.41
C GLY B 245 -24.65 -15.67 1.44
N PRO B 246 -25.68 -15.08 2.04
CA PRO B 246 -25.46 -14.09 3.10
C PRO B 246 -24.83 -14.73 4.32
N PRO B 247 -24.14 -13.95 5.15
CA PRO B 247 -23.43 -14.54 6.29
C PRO B 247 -24.39 -15.06 7.35
N GLY B 248 -23.91 -16.05 8.10
CA GLY B 248 -24.71 -16.65 9.15
C GLY B 248 -25.70 -17.69 8.68
N THR B 249 -25.76 -17.98 7.40
CA THR B 249 -26.80 -18.80 6.80
C THR B 249 -26.52 -20.30 6.97
N GLY B 250 -25.33 -20.67 7.45
CA GLY B 250 -25.02 -22.08 7.65
C GLY B 250 -24.06 -22.67 6.67
N LYS B 251 -23.27 -21.86 5.96
CA LYS B 251 -22.29 -22.41 5.03
C LYS B 251 -21.21 -23.20 5.75
N THR B 252 -20.86 -22.79 6.97
CA THR B 252 -19.92 -23.58 7.76
C THR B 252 -20.60 -24.80 8.37
N LEU B 253 -21.89 -24.69 8.67
CA LEU B 253 -22.61 -25.76 9.34
C LEU B 253 -22.72 -27.00 8.46
N ILE B 254 -22.97 -26.82 7.16
CA ILE B 254 -23.09 -27.97 6.26
C ILE B 254 -21.74 -28.68 6.13
N ALA B 255 -20.67 -27.91 6.01
CA ALA B 255 -19.34 -28.51 5.91
C ALA B 255 -18.99 -29.28 7.19
N ARG B 256 -19.34 -28.71 8.34
CA ARG B 256 -19.08 -29.40 9.60
C ARG B 256 -19.94 -30.66 9.73
N ALA B 257 -21.16 -30.62 9.19
CA ALA B 257 -22.08 -31.74 9.35
C ALA B 257 -21.71 -32.90 8.42
N VAL B 258 -21.21 -32.59 7.22
CA VAL B 258 -20.91 -33.65 6.26
C VAL B 258 -19.84 -34.59 6.80
N ALA B 259 -18.81 -34.03 7.45
CA ALA B 259 -17.69 -34.85 7.91
C ALA B 259 -18.12 -35.89 8.93
N ASN B 260 -19.13 -35.58 9.74
CA ASN B 260 -19.59 -36.55 10.74
C ASN B 260 -20.35 -37.71 10.08
N GLU B 261 -21.25 -37.40 9.16
CA GLU B 261 -22.03 -38.45 8.51
C GLU B 261 -21.14 -39.34 7.64
N THR B 262 -20.33 -38.73 6.78
CA THR B 262 -19.31 -39.44 6.01
C THR B 262 -18.00 -39.32 6.75
N GLY B 263 -17.66 -40.35 7.51
CA GLY B 263 -16.52 -40.31 8.42
C GLY B 263 -15.26 -39.71 7.82
N ALA B 264 -14.87 -38.55 8.34
CA ALA B 264 -13.75 -37.81 7.81
C ALA B 264 -13.24 -36.88 8.89
N PHE B 265 -12.19 -36.13 8.55
CA PHE B 265 -11.60 -35.15 9.45
C PHE B 265 -11.85 -33.76 8.89
N PHE B 266 -12.68 -32.99 9.59
CA PHE B 266 -13.01 -31.64 9.17
C PHE B 266 -11.81 -30.74 9.42
N PHE B 267 -11.36 -30.02 8.40
CA PHE B 267 -10.15 -29.21 8.46
C PHE B 267 -10.53 -27.79 8.04
N LEU B 268 -10.89 -26.97 9.02
CA LEU B 268 -11.34 -25.61 8.75
C LEU B 268 -10.18 -24.72 8.31
N ILE B 269 -10.45 -23.85 7.34
CA ILE B 269 -9.49 -22.85 6.88
C ILE B 269 -10.17 -21.49 6.92
N ASN B 270 -9.57 -20.55 7.64
CA ASN B 270 -10.01 -19.17 7.65
C ASN B 270 -9.23 -18.40 6.59
N GLY B 271 -9.95 -17.69 5.72
CA GLY B 271 -9.31 -16.85 4.73
C GLY B 271 -8.40 -15.77 5.27
N PRO B 272 -8.83 -14.99 6.27
CA PRO B 272 -7.94 -13.97 6.84
C PRO B 272 -6.67 -14.54 7.47
N GLU B 273 -6.74 -15.72 8.09
CA GLU B 273 -5.56 -16.22 8.80
C GLU B 273 -4.49 -16.72 7.83
N ILE B 274 -4.93 -17.23 6.68
CA ILE B 274 -3.97 -17.67 5.66
C ILE B 274 -3.29 -16.47 5.02
N MET B 275 -4.03 -15.40 4.78
CA MET B 275 -3.49 -14.22 4.12
C MET B 275 -2.37 -13.59 4.93
N SER B 276 -1.26 -13.27 4.26
CA SER B 276 -0.11 -12.66 4.89
C SER B 276 0.60 -11.76 3.89
N LYS B 277 1.21 -10.68 4.39
CA LYS B 277 1.98 -9.76 3.56
C LYS B 277 3.47 -10.05 3.59
N LEU B 278 3.87 -11.22 4.08
CA LEU B 278 5.28 -11.52 4.26
C LEU B 278 5.95 -11.89 2.94
N ALA B 279 5.28 -11.59 1.82
CA ALA B 279 5.82 -11.84 0.48
C ALA B 279 6.07 -13.32 0.23
N GLY B 280 5.00 -14.12 0.20
CA GLY B 280 5.07 -15.52 -0.10
C GLY B 280 4.68 -16.44 1.04
N GLU B 281 4.20 -15.90 2.16
CA GLU B 281 3.79 -16.75 3.26
C GLU B 281 2.43 -17.38 3.00
N SER B 282 1.50 -16.65 2.36
CA SER B 282 0.15 -17.15 2.18
C SER B 282 0.11 -18.38 1.27
N GLU B 283 0.91 -18.37 0.21
CA GLU B 283 0.97 -19.53 -0.68
C GLU B 283 1.50 -20.74 0.06
N SER B 284 2.54 -20.56 0.88
CA SER B 284 3.04 -21.66 1.70
C SER B 284 1.99 -22.15 2.67
N ASN B 285 1.19 -21.22 3.23
CA ASN B 285 0.14 -21.61 4.16
C ASN B 285 -0.91 -22.48 3.48
N LEU B 286 -1.37 -22.06 2.30
CA LEU B 286 -2.35 -22.87 1.57
C LEU B 286 -1.78 -24.22 1.17
N ARG B 287 -0.53 -24.23 0.71
CA ARG B 287 0.10 -25.49 0.30
C ARG B 287 0.25 -26.44 1.49
N LYS B 288 0.64 -25.92 2.65
CA LYS B 288 0.74 -26.73 3.85
C LYS B 288 -0.62 -27.26 4.28
N ALA B 289 -1.65 -26.41 4.20
CA ALA B 289 -2.99 -26.85 4.56
C ALA B 289 -3.46 -27.97 3.65
N PHE B 290 -3.25 -27.83 2.34
CA PHE B 290 -3.64 -28.87 1.40
C PHE B 290 -2.86 -30.17 1.65
N GLU B 291 -1.56 -30.06 1.92
CA GLU B 291 -0.77 -31.25 2.23
C GLU B 291 -1.28 -31.94 3.49
N GLU B 292 -1.55 -31.16 4.54
CA GLU B 292 -2.04 -31.74 5.80
C GLU B 292 -3.38 -32.42 5.61
N ALA B 293 -4.28 -31.80 4.84
CA ALA B 293 -5.57 -32.42 4.59
C ALA B 293 -5.43 -33.69 3.76
N GLU B 294 -4.54 -33.67 2.75
CA GLU B 294 -4.36 -34.85 1.92
C GLU B 294 -3.73 -36.00 2.72
N LYS B 295 -2.93 -35.65 3.74
CA LYS B 295 -2.36 -36.69 4.61
C LYS B 295 -3.47 -37.54 5.22
N ASN B 296 -4.50 -36.88 5.77
CA ASN B 296 -5.67 -37.57 6.31
C ASN B 296 -6.71 -37.70 5.20
N ALA B 297 -6.43 -38.62 4.27
CA ALA B 297 -7.06 -38.67 2.94
C ALA B 297 -8.58 -38.59 3.02
N PRO B 298 -9.26 -39.32 3.93
CA PRO B 298 -10.67 -38.97 4.17
C PRO B 298 -10.80 -37.60 4.86
N ALA B 299 -10.68 -36.53 4.08
CA ALA B 299 -10.70 -35.18 4.63
C ALA B 299 -11.68 -34.30 3.88
N ILE B 300 -12.18 -33.29 4.58
CA ILE B 300 -12.94 -32.19 3.99
C ILE B 300 -12.25 -30.89 4.36
N ILE B 301 -11.91 -30.09 3.36
CA ILE B 301 -11.37 -28.76 3.54
C ILE B 301 -12.52 -27.78 3.48
N PHE B 302 -12.55 -26.82 4.40
CA PHE B 302 -13.52 -25.73 4.34
C PHE B 302 -12.78 -24.40 4.32
N ILE B 303 -12.91 -23.69 3.21
CA ILE B 303 -12.28 -22.38 3.04
C ILE B 303 -13.36 -21.33 3.27
N ASP B 304 -13.42 -20.82 4.51
CA ASP B 304 -14.36 -19.76 4.83
C ASP B 304 -13.83 -18.42 4.35
N GLU B 305 -14.76 -17.53 3.98
CA GLU B 305 -14.44 -16.26 3.33
C GLU B 305 -13.44 -16.44 2.20
N LEU B 306 -13.87 -17.16 1.15
CA LEU B 306 -13.03 -17.35 -0.02
C LEU B 306 -12.90 -16.06 -0.82
N ASP B 307 -13.88 -15.15 -0.68
CA ASP B 307 -13.85 -13.91 -1.45
C ASP B 307 -12.63 -13.06 -1.08
N ALA B 308 -12.30 -12.99 0.21
CA ALA B 308 -11.17 -12.19 0.64
C ALA B 308 -9.85 -12.78 0.16
N ILE B 309 -9.72 -14.11 0.23
CA ILE B 309 -8.45 -14.74 -0.12
C ILE B 309 -8.26 -14.80 -1.63
N ALA B 310 -9.36 -14.83 -2.39
CA ALA B 310 -9.32 -15.07 -3.82
C ALA B 310 -10.07 -13.97 -4.58
N PRO B 311 -9.42 -12.84 -4.83
CA PRO B 311 -9.98 -11.85 -5.75
C PRO B 311 -9.51 -12.11 -7.17
N LYS B 312 -9.92 -11.21 -8.08
CA LYS B 312 -9.43 -11.29 -9.45
C LYS B 312 -7.95 -10.91 -9.50
N ARG B 313 -7.16 -11.73 -10.20
CA ARG B 313 -5.73 -11.47 -10.31
C ARG B 313 -5.46 -10.17 -11.07
N GLU B 314 -6.20 -9.95 -12.15
CA GLU B 314 -6.00 -8.72 -12.94
C GLU B 314 -6.58 -7.50 -12.23
N LYS B 315 -7.78 -7.65 -11.64
CA LYS B 315 -8.45 -6.50 -11.04
C LYS B 315 -7.69 -5.95 -9.84
N THR B 316 -7.15 -6.82 -9.00
CA THR B 316 -6.52 -6.37 -7.76
C THR B 316 -5.09 -5.91 -8.02
N HIS B 317 -4.74 -4.77 -7.44
CA HIS B 317 -3.37 -4.27 -7.55
C HIS B 317 -2.39 -5.15 -6.79
N GLY B 318 -2.81 -5.70 -5.64
CA GLY B 318 -1.93 -6.51 -4.82
C GLY B 318 -1.38 -7.74 -5.52
N GLU B 319 -0.06 -7.90 -5.48
CA GLU B 319 0.56 -9.05 -6.13
C GLU B 319 0.47 -10.29 -5.24
N VAL B 320 0.40 -10.09 -3.93
CA VAL B 320 0.23 -11.22 -3.02
C VAL B 320 -1.07 -11.95 -3.31
N GLU B 321 -2.13 -11.20 -3.61
CA GLU B 321 -3.42 -11.84 -3.81
C GLU B 321 -3.49 -12.54 -5.17
N ARG B 322 -2.88 -11.97 -6.21
CA ARG B 322 -2.84 -12.68 -7.48
C ARG B 322 -1.99 -13.95 -7.37
N ARG B 323 -0.88 -13.89 -6.63
CA ARG B 323 -0.10 -15.10 -6.41
C ARG B 323 -0.86 -16.14 -5.62
N ILE B 324 -1.61 -15.73 -4.59
CA ILE B 324 -2.36 -16.71 -3.81
C ILE B 324 -3.48 -17.32 -4.63
N VAL B 325 -4.10 -16.54 -5.52
CA VAL B 325 -5.11 -17.10 -6.42
C VAL B 325 -4.47 -18.13 -7.35
N SER B 326 -3.30 -17.82 -7.90
CA SER B 326 -2.62 -18.77 -8.78
C SER B 326 -2.25 -20.05 -8.03
N GLN B 327 -1.76 -19.91 -6.79
CA GLN B 327 -1.42 -21.09 -6.00
C GLN B 327 -2.66 -21.92 -5.69
N LEU B 328 -3.78 -21.27 -5.39
CA LEU B 328 -5.02 -22.00 -5.16
C LEU B 328 -5.47 -22.72 -6.42
N LEU B 329 -5.30 -22.09 -7.58
CA LEU B 329 -5.61 -22.75 -8.86
C LEU B 329 -4.77 -24.02 -9.02
N THR B 330 -3.46 -23.90 -8.76
CA THR B 330 -2.57 -25.04 -8.87
C THR B 330 -2.97 -26.16 -7.92
N LEU B 331 -3.31 -25.80 -6.67
CA LEU B 331 -3.71 -26.81 -5.70
C LEU B 331 -5.01 -27.49 -6.11
N MET B 332 -5.96 -26.73 -6.66
CA MET B 332 -7.21 -27.32 -7.10
C MET B 332 -7.01 -28.25 -8.29
N ASP B 333 -6.07 -27.91 -9.18
CA ASP B 333 -5.81 -28.77 -10.34
C ASP B 333 -5.37 -30.17 -9.91
N GLY B 334 -4.41 -30.25 -8.99
CA GLY B 334 -3.95 -31.51 -8.45
C GLY B 334 -4.72 -31.99 -7.24
N LEU B 335 -5.83 -31.35 -6.90
CA LEU B 335 -6.56 -31.68 -5.68
C LEU B 335 -7.10 -33.11 -5.73
N LYS B 336 -7.67 -33.52 -6.85
CA LYS B 336 -8.37 -34.80 -6.91
C LYS B 336 -7.42 -35.96 -6.63
N GLN B 337 -6.49 -36.22 -7.57
CA GLN B 337 -5.48 -37.28 -7.41
C GLN B 337 -6.09 -38.62 -7.05
N ARG B 338 -7.37 -38.80 -7.37
CA ARG B 338 -8.14 -39.98 -6.96
C ARG B 338 -8.04 -40.19 -5.45
N ALA B 339 -8.28 -39.11 -4.70
CA ALA B 339 -8.21 -39.11 -3.25
C ALA B 339 -9.56 -38.71 -2.67
N HIS B 340 -9.76 -39.05 -1.40
CA HIS B 340 -11.05 -38.77 -0.76
C HIS B 340 -11.19 -37.30 -0.38
N VAL B 341 -10.11 -36.52 -0.52
CA VAL B 341 -10.15 -35.13 -0.11
C VAL B 341 -11.11 -34.35 -0.99
N ILE B 342 -12.01 -33.60 -0.36
CA ILE B 342 -12.95 -32.73 -1.04
C ILE B 342 -12.83 -31.34 -0.43
N VAL B 343 -13.14 -30.31 -1.21
CA VAL B 343 -12.95 -28.92 -0.80
C VAL B 343 -14.26 -28.17 -0.96
N MET B 344 -14.71 -27.51 0.10
CA MET B 344 -15.90 -26.68 0.11
C MET B 344 -15.50 -25.27 0.52
N ALA B 345 -15.91 -24.28 -0.28
CA ALA B 345 -15.56 -22.89 0.00
C ALA B 345 -16.84 -22.08 0.20
N ALA B 346 -16.77 -21.14 1.14
CA ALA B 346 -17.88 -20.26 1.45
C ALA B 346 -17.51 -18.83 1.08
N THR B 347 -18.39 -18.16 0.33
CA THR B 347 -18.20 -16.78 -0.05
C THR B 347 -19.53 -16.03 0.09
N ASN B 348 -19.46 -14.78 0.55
CA ASN B 348 -20.66 -13.95 0.57
C ASN B 348 -20.97 -13.43 -0.83
N ARG B 349 -19.96 -12.97 -1.56
CA ARG B 349 -20.10 -12.43 -2.90
C ARG B 349 -19.36 -13.33 -3.90
N PRO B 350 -20.07 -14.01 -4.80
CA PRO B 350 -19.41 -15.02 -5.65
C PRO B 350 -18.64 -14.42 -6.82
N ASN B 351 -18.98 -13.19 -7.21
CA ASN B 351 -18.35 -12.59 -8.40
C ASN B 351 -16.93 -12.15 -8.09
N SER B 352 -16.63 -11.86 -6.82
CA SER B 352 -15.28 -11.40 -6.47
C SER B 352 -14.23 -12.48 -6.68
N ILE B 353 -14.64 -13.76 -6.65
CA ILE B 353 -13.70 -14.85 -6.89
C ILE B 353 -13.24 -14.80 -8.35
N ASP B 354 -11.97 -15.15 -8.55
CA ASP B 354 -11.38 -15.06 -9.89
C ASP B 354 -12.13 -15.99 -10.85
N PRO B 355 -12.38 -15.55 -12.09
CA PRO B 355 -13.08 -16.42 -13.04
C PRO B 355 -12.37 -17.73 -13.32
N ALA B 356 -11.04 -17.76 -13.23
CA ALA B 356 -10.32 -19.03 -13.37
C ALA B 356 -10.74 -20.01 -12.28
N LEU B 357 -11.02 -19.51 -11.08
CA LEU B 357 -11.49 -20.37 -10.00
C LEU B 357 -12.93 -20.81 -10.23
N ARG B 358 -13.63 -20.17 -11.17
CA ARG B 358 -15.00 -20.55 -11.49
C ARG B 358 -15.07 -21.67 -12.51
N ARG B 359 -13.93 -22.12 -13.01
CA ARG B 359 -13.88 -23.09 -14.11
C ARG B 359 -14.24 -24.49 -13.63
N PHE B 360 -14.42 -25.39 -14.60
CA PHE B 360 -14.62 -26.81 -14.29
C PHE B 360 -13.37 -27.40 -13.65
N GLY B 361 -13.60 -28.32 -12.71
CA GLY B 361 -12.52 -29.01 -12.01
C GLY B 361 -12.08 -28.32 -10.75
N ARG B 362 -12.41 -27.04 -10.59
CA ARG B 362 -12.13 -26.30 -9.36
C ARG B 362 -13.37 -25.49 -9.00
N PHE B 363 -14.04 -25.88 -7.91
CA PHE B 363 -15.30 -25.25 -7.52
C PHE B 363 -16.27 -25.22 -8.70
N ASP B 364 -16.29 -26.31 -9.46
CA ASP B 364 -17.09 -26.35 -10.68
C ASP B 364 -18.58 -26.19 -10.38
N ARG B 365 -19.01 -26.65 -9.21
CA ARG B 365 -20.40 -26.57 -8.81
C ARG B 365 -20.55 -25.52 -7.71
N GLU B 366 -21.52 -24.62 -7.89
CA GLU B 366 -21.77 -23.53 -6.96
C GLU B 366 -23.20 -23.63 -6.44
N VAL B 367 -23.36 -23.58 -5.12
CA VAL B 367 -24.63 -23.79 -4.44
C VAL B 367 -25.01 -22.52 -3.72
N ASP B 368 -26.22 -22.02 -3.99
CA ASP B 368 -26.73 -20.82 -3.35
C ASP B 368 -27.52 -21.20 -2.11
N ILE B 369 -27.12 -20.65 -0.97
CA ILE B 369 -27.82 -20.85 0.29
C ILE B 369 -28.50 -19.53 0.66
N GLY B 370 -29.82 -19.53 0.67
CA GLY B 370 -30.55 -18.28 0.85
C GLY B 370 -31.01 -18.02 2.26
N ILE B 371 -31.51 -16.81 2.50
CA ILE B 371 -32.08 -16.48 3.82
C ILE B 371 -33.28 -17.38 4.07
N PRO B 372 -33.38 -18.02 5.23
CA PRO B 372 -34.49 -18.96 5.47
C PRO B 372 -35.84 -18.25 5.45
N ASP B 373 -36.85 -18.97 4.96
CA ASP B 373 -38.22 -18.49 4.98
C ASP B 373 -38.89 -18.86 6.30
N ALA B 374 -40.22 -18.71 6.33
CA ALA B 374 -40.96 -19.02 7.55
C ALA B 374 -40.81 -20.48 7.94
N THR B 375 -40.96 -21.40 6.98
CA THR B 375 -40.85 -22.82 7.30
C THR B 375 -39.43 -23.21 7.66
N GLY B 376 -38.45 -22.73 6.90
CA GLY B 376 -37.06 -23.06 7.19
C GLY B 376 -36.60 -22.50 8.52
N ARG B 377 -36.96 -21.25 8.81
CA ARG B 377 -36.57 -20.66 10.09
C ARG B 377 -37.34 -21.32 11.24
N LEU B 378 -38.56 -21.78 10.98
CA LEU B 378 -39.25 -22.58 11.99
C LEU B 378 -38.49 -23.86 12.28
N GLU B 379 -38.00 -24.53 11.23
CA GLU B 379 -37.22 -25.75 11.42
C GLU B 379 -35.94 -25.46 12.21
N ILE B 380 -35.28 -24.34 11.90
CA ILE B 380 -34.09 -23.95 12.64
C ILE B 380 -34.42 -23.74 14.11
N LEU B 381 -35.52 -23.05 14.40
CA LEU B 381 -35.93 -22.85 15.79
C LEU B 381 -36.22 -24.19 16.46
N GLN B 382 -36.92 -25.08 15.76
CA GLN B 382 -37.19 -26.42 16.31
C GLN B 382 -35.91 -27.12 16.71
N ILE B 383 -34.96 -27.21 15.77
CA ILE B 383 -33.76 -28.01 16.00
C ILE B 383 -32.85 -27.36 17.05
N HIS B 384 -32.89 -26.02 17.15
CA HIS B 384 -32.10 -25.37 18.20
C HIS B 384 -32.75 -25.54 19.56
N THR B 385 -34.08 -25.59 19.62
CA THR B 385 -34.79 -25.67 20.89
C THR B 385 -35.19 -27.09 21.28
N LYS B 386 -34.75 -28.10 20.53
CA LYS B 386 -35.04 -29.47 20.94
C LYS B 386 -34.46 -29.78 22.32
N ASN B 387 -33.25 -29.30 22.60
CA ASN B 387 -32.66 -29.49 23.91
C ASN B 387 -33.36 -28.64 24.97
N MET B 388 -33.75 -27.42 24.60
CA MET B 388 -34.42 -26.53 25.54
C MET B 388 -35.80 -27.05 25.90
N LYS B 389 -36.19 -26.86 27.16
CA LYS B 389 -37.54 -27.21 27.58
C LYS B 389 -38.53 -26.20 27.01
N LEU B 390 -39.59 -26.72 26.39
CA LEU B 390 -40.59 -25.91 25.71
C LEU B 390 -41.92 -26.07 26.41
N ALA B 391 -42.53 -24.95 26.78
CA ALA B 391 -43.83 -24.97 27.43
C ALA B 391 -44.93 -25.27 26.41
N ASP B 392 -46.11 -25.61 26.92
CA ASP B 392 -47.26 -25.81 26.05
C ASP B 392 -47.76 -24.48 25.49
N ASP B 393 -47.58 -23.40 26.25
CA ASP B 393 -48.04 -22.09 25.79
C ASP B 393 -47.26 -21.61 24.58
N VAL B 394 -45.94 -21.82 24.57
CA VAL B 394 -45.11 -21.26 23.52
C VAL B 394 -45.35 -22.01 22.21
N ASP B 395 -45.54 -21.24 21.14
CA ASP B 395 -45.65 -21.77 19.79
C ASP B 395 -44.53 -21.19 18.95
N LEU B 396 -43.68 -22.06 18.41
CA LEU B 396 -42.54 -21.58 17.63
C LEU B 396 -42.96 -21.13 16.24
N GLU B 397 -44.19 -21.47 15.82
CA GLU B 397 -44.73 -20.91 14.59
C GLU B 397 -44.82 -19.40 14.66
N GLN B 398 -45.32 -18.88 15.79
CA GLN B 398 -45.41 -17.43 15.96
C GLN B 398 -44.02 -16.80 16.03
N VAL B 399 -43.08 -17.47 16.68
CA VAL B 399 -41.72 -16.96 16.75
C VAL B 399 -41.10 -16.88 15.36
N ALA B 400 -41.40 -17.88 14.52
CA ALA B 400 -40.92 -17.84 13.14
C ALA B 400 -41.60 -16.74 12.34
N ASN B 401 -42.90 -16.52 12.59
CA ASN B 401 -43.62 -15.47 11.87
C ASN B 401 -43.08 -14.09 12.22
N GLU B 402 -42.81 -13.84 13.50
CA GLU B 402 -42.35 -12.51 13.90
C GLU B 402 -40.95 -12.21 13.39
N THR B 403 -40.07 -13.21 13.34
CA THR B 403 -38.73 -13.05 12.79
C THR B 403 -38.83 -13.05 11.27
N HIS B 404 -39.24 -11.91 10.73
CA HIS B 404 -39.48 -11.78 9.29
C HIS B 404 -38.20 -11.97 8.49
N GLY B 405 -37.06 -11.57 9.05
CA GLY B 405 -35.81 -11.62 8.31
C GLY B 405 -34.61 -12.11 9.11
N HIS B 406 -34.87 -12.85 10.19
CA HIS B 406 -33.78 -13.40 10.99
C HIS B 406 -33.07 -14.52 10.24
N VAL B 407 -31.78 -14.67 10.51
CA VAL B 407 -30.95 -15.70 9.89
C VAL B 407 -30.73 -16.79 10.94
N GLY B 408 -30.34 -17.99 10.50
CA GLY B 408 -30.24 -19.12 11.43
C GLY B 408 -29.32 -18.84 12.60
N ALA B 409 -28.20 -18.16 12.35
CA ALA B 409 -27.32 -17.76 13.45
C ALA B 409 -28.03 -16.76 14.35
N ASP B 410 -28.75 -15.81 13.76
CA ASP B 410 -29.57 -14.90 14.55
C ASP B 410 -30.64 -15.65 15.33
N LEU B 411 -31.20 -16.70 14.73
CA LEU B 411 -32.19 -17.52 15.44
C LEU B 411 -31.58 -18.22 16.64
N ALA B 412 -30.36 -18.76 16.49
CA ALA B 412 -29.69 -19.38 17.63
C ALA B 412 -29.40 -18.36 18.73
N ALA B 413 -28.94 -17.17 18.34
CA ALA B 413 -28.71 -16.11 19.31
C ALA B 413 -29.99 -15.74 20.03
N LEU B 414 -31.10 -15.67 19.29
CA LEU B 414 -32.41 -15.39 19.89
C LEU B 414 -32.80 -16.47 20.89
N CYS B 415 -32.58 -17.74 20.53
CA CYS B 415 -32.93 -18.83 21.43
C CYS B 415 -32.13 -18.76 22.73
N SER B 416 -30.83 -18.45 22.62
CA SER B 416 -30.01 -18.35 23.83
C SER B 416 -30.42 -17.14 24.67
N GLU B 417 -30.65 -15.99 24.01
CA GLU B 417 -31.05 -14.78 24.73
C GLU B 417 -32.39 -14.97 25.41
N ALA B 418 -33.27 -15.80 24.83
CA ALA B 418 -34.55 -16.06 25.46
C ALA B 418 -34.38 -16.70 26.83
N ALA B 419 -33.63 -17.79 26.90
CA ALA B 419 -33.37 -18.43 28.19
C ALA B 419 -32.59 -17.54 29.14
N LEU B 420 -31.66 -16.74 28.65
CA LEU B 420 -30.95 -15.82 29.53
C LEU B 420 -31.92 -14.79 30.12
N GLN B 421 -32.85 -14.28 29.32
CA GLN B 421 -33.83 -13.33 29.84
C GLN B 421 -34.82 -14.01 30.79
N ALA B 422 -35.10 -15.30 30.56
CA ALA B 422 -35.92 -16.04 31.51
C ALA B 422 -35.22 -16.14 32.86
N ILE B 423 -33.92 -16.40 32.85
CA ILE B 423 -33.16 -16.40 34.10
C ILE B 423 -33.21 -15.02 34.75
N ARG B 424 -33.08 -13.96 33.95
CA ARG B 424 -33.19 -12.61 34.51
C ARG B 424 -34.55 -12.37 35.13
N LYS B 425 -35.62 -12.86 34.48
CA LYS B 425 -36.97 -12.70 35.02
C LYS B 425 -37.09 -13.42 36.35
N LYS B 426 -36.49 -14.60 36.47
CA LYS B 426 -36.57 -15.37 37.70
C LYS B 426 -35.42 -15.08 38.66
N MET B 427 -34.68 -13.99 38.47
CA MET B 427 -33.74 -13.54 39.49
C MET B 427 -34.44 -13.26 40.82
N ASP B 428 -35.59 -12.58 40.76
CA ASP B 428 -36.28 -12.23 42.00
C ASP B 428 -36.88 -13.46 42.67
N LEU B 429 -37.15 -14.51 41.90
CA LEU B 429 -37.66 -15.75 42.49
C LEU B 429 -36.58 -16.45 43.32
N ILE B 430 -35.36 -16.48 42.81
CA ILE B 430 -34.26 -17.14 43.50
C ILE B 430 -33.67 -16.19 44.53
N ASP B 431 -33.71 -16.59 45.80
CA ASP B 431 -33.12 -15.78 46.86
C ASP B 431 -31.61 -15.91 46.90
N LEU B 432 -31.08 -16.98 46.30
CA LEU B 432 -29.66 -17.32 46.14
C LEU B 432 -28.89 -17.25 47.45
N GLU B 433 -29.56 -17.20 48.60
CA GLU B 433 -28.86 -17.18 49.88
C GLU B 433 -28.36 -18.58 50.25
N ASP B 434 -29.13 -19.61 49.90
CA ASP B 434 -28.78 -20.96 50.29
C ASP B 434 -27.48 -21.39 49.62
N GLU B 435 -26.72 -22.24 50.32
CA GLU B 435 -25.48 -22.76 49.75
C GLU B 435 -25.77 -23.64 48.54
N THR B 436 -26.86 -24.40 48.59
CA THR B 436 -27.35 -25.18 47.45
C THR B 436 -28.77 -24.70 47.13
N ILE B 437 -29.00 -24.39 45.85
CA ILE B 437 -30.30 -23.87 45.46
C ILE B 437 -31.34 -24.98 45.53
N ASP B 438 -32.50 -24.65 46.11
CA ASP B 438 -33.53 -25.65 46.34
C ASP B 438 -34.13 -26.13 45.02
N ALA B 439 -34.35 -27.44 44.92
CA ALA B 439 -34.86 -28.03 43.68
C ALA B 439 -36.31 -27.64 43.43
N GLU B 440 -37.12 -27.56 44.48
CA GLU B 440 -38.52 -27.20 44.30
C GLU B 440 -38.67 -25.79 43.75
N VAL B 441 -37.90 -24.83 44.28
CA VAL B 441 -37.92 -23.49 43.74
C VAL B 441 -37.22 -23.46 42.37
N MET B 442 -36.29 -24.38 42.15
CA MET B 442 -35.69 -24.53 40.83
C MET B 442 -36.74 -24.86 39.78
N ASN B 443 -37.71 -25.70 40.16
CA ASN B 443 -38.70 -26.19 39.22
C ASN B 443 -39.57 -25.08 38.65
N SER B 444 -39.78 -24.01 39.43
CA SER B 444 -40.70 -22.96 39.03
C SER B 444 -40.22 -22.22 37.78
N LEU B 445 -38.92 -21.94 37.69
CA LEU B 445 -38.41 -21.16 36.58
C LEU B 445 -38.45 -21.95 35.28
N ALA B 446 -39.00 -21.35 34.24
CA ALA B 446 -39.12 -21.97 32.93
C ALA B 446 -39.38 -20.88 31.91
N VAL B 447 -39.24 -21.25 30.63
CA VAL B 447 -39.36 -20.26 29.55
C VAL B 447 -40.82 -19.94 29.29
N THR B 448 -41.08 -18.75 28.76
CA THR B 448 -42.43 -18.28 28.46
C THR B 448 -42.46 -17.65 27.08
N MET B 449 -43.68 -17.40 26.58
CA MET B 449 -43.83 -16.78 25.27
C MET B 449 -43.50 -15.29 25.31
N ASP B 450 -43.89 -14.61 26.40
CA ASP B 450 -43.47 -13.22 26.60
C ASP B 450 -41.95 -13.11 26.53
N ASP B 451 -41.26 -14.12 27.07
CA ASP B 451 -39.81 -14.19 26.98
C ASP B 451 -39.34 -14.24 25.54
N PHE B 452 -39.95 -15.09 24.71
CA PHE B 452 -39.60 -15.14 23.30
C PHE B 452 -39.85 -13.81 22.61
N ARG B 453 -40.99 -13.17 22.87
CA ARG B 453 -41.28 -11.91 22.20
C ARG B 453 -40.27 -10.84 22.61
N TRP B 454 -39.93 -10.77 23.90
CA TRP B 454 -38.99 -9.76 24.34
C TRP B 454 -37.60 -9.99 23.76
N ALA B 455 -37.12 -11.24 23.81
CA ALA B 455 -35.82 -11.55 23.22
C ALA B 455 -35.82 -11.31 21.72
N LEU B 456 -36.94 -11.60 21.06
CA LEU B 456 -37.07 -11.35 19.63
C LEU B 456 -36.99 -9.86 19.32
N SER B 457 -37.64 -9.04 20.15
CA SER B 457 -37.54 -7.59 19.99
C SER B 457 -36.10 -7.12 20.16
N GLN B 458 -35.40 -7.66 21.17
CA GLN B 458 -34.00 -7.29 21.34
C GLN B 458 -33.12 -7.82 20.21
N SER B 459 -33.39 -9.05 19.77
CA SER B 459 -32.60 -9.62 18.68
C SER B 459 -32.90 -8.90 17.36
N ASN B 460 -31.86 -8.74 16.55
CA ASN B 460 -31.96 -7.99 15.32
C ASN B 460 -31.60 -8.86 14.12
N PRO B 461 -32.36 -8.81 13.04
CA PRO B 461 -31.99 -9.56 11.82
C PRO B 461 -30.72 -8.99 11.20
N SER B 462 -29.74 -9.86 10.99
CA SER B 462 -28.50 -9.47 10.34
C SER B 462 -28.62 -9.41 8.82
N ALA B 463 -29.74 -9.86 8.26
CA ALA B 463 -29.91 -9.85 6.82
C ALA B 463 -29.97 -8.42 6.27
N LEU B 464 -30.64 -7.52 6.98
CA LEU B 464 -30.86 -6.15 6.53
C LEU B 464 -30.54 -5.16 7.67
N ARG B 465 -29.44 -5.41 8.36
CA ARG B 465 -28.94 -4.44 9.34
C ARG B 465 -28.68 -3.10 8.70
N GLU B 466 -28.28 -3.10 7.42
CA GLU B 466 -28.00 -1.84 6.71
C GLU B 466 -29.25 -0.97 6.63
N THR B 467 -30.40 -1.57 6.33
CA THR B 467 -31.67 -0.86 6.26
C THR B 467 -32.45 -1.17 7.55
N VAL B 468 -32.15 -0.44 8.62
CA VAL B 468 -32.83 -0.62 9.89
C VAL B 468 -33.45 0.72 10.28
N VAL B 469 -34.71 0.65 10.72
CA VAL B 469 -35.48 1.85 11.06
C VAL B 469 -36.22 1.60 12.36
N GLU B 470 -36.60 2.69 13.04
CA GLU B 470 -37.34 2.59 14.28
C GLU B 470 -38.76 2.11 13.98
N VAL B 471 -39.43 1.63 15.03
CA VAL B 471 -40.72 0.94 14.85
C VAL B 471 -41.74 1.90 14.24
N PRO B 472 -42.46 1.51 13.19
CA PRO B 472 -43.50 2.39 12.65
C PRO B 472 -44.59 2.73 13.65
N GLN B 473 -44.95 1.76 14.50
CA GLN B 473 -45.98 1.94 15.53
C GLN B 473 -47.33 2.35 14.94
N VAL B 474 -47.57 1.96 13.68
CA VAL B 474 -48.81 2.29 12.98
C VAL B 474 -49.45 1.00 12.50
N THR B 475 -50.74 0.86 12.76
CA THR B 475 -51.53 -0.29 12.31
C THR B 475 -52.65 0.21 11.41
N TRP B 476 -53.42 -0.74 10.87
CA TRP B 476 -54.53 -0.36 10.01
C TRP B 476 -55.60 0.42 10.77
N GLU B 477 -55.74 0.15 12.08
CA GLU B 477 -56.72 0.87 12.88
C GLU B 477 -56.28 2.32 13.12
N ASP B 478 -54.96 2.57 13.04
CA ASP B 478 -54.47 3.93 13.17
C ASP B 478 -54.91 4.82 12.02
N ILE B 479 -55.31 4.24 10.89
CA ILE B 479 -55.71 4.99 9.71
C ILE B 479 -57.22 5.02 9.65
N GLY B 480 -57.79 6.23 9.55
CA GLY B 480 -59.21 6.42 9.39
C GLY B 480 -59.56 6.57 7.92
N GLY B 481 -60.60 5.86 7.51
CA GLY B 481 -60.99 5.85 6.10
C GLY B 481 -60.05 5.02 5.27
N LEU B 482 -60.07 5.28 3.96
CA LEU B 482 -59.23 4.57 3.00
C LEU B 482 -59.41 3.06 3.10
N GLU B 483 -60.66 2.64 3.26
CA GLU B 483 -60.94 1.20 3.40
C GLU B 483 -60.60 0.45 2.13
N ASP B 484 -61.00 0.97 0.97
CA ASP B 484 -60.66 0.32 -0.30
C ASP B 484 -59.16 0.30 -0.51
N VAL B 485 -58.48 1.40 -0.19
CA VAL B 485 -57.02 1.44 -0.32
C VAL B 485 -56.38 0.41 0.61
N LYS B 486 -56.88 0.30 1.84
CA LYS B 486 -56.35 -0.69 2.77
C LYS B 486 -56.53 -2.10 2.22
N ARG B 487 -57.72 -2.39 1.68
CA ARG B 487 -57.97 -3.71 1.10
C ARG B 487 -57.03 -3.99 -0.05
N GLU B 488 -56.83 -3.00 -0.94
CA GLU B 488 -55.97 -3.22 -2.10
C GLU B 488 -54.53 -3.45 -1.68
N LEU B 489 -54.03 -2.70 -0.71
CA LEU B 489 -52.66 -2.93 -0.25
C LEU B 489 -52.50 -4.28 0.43
N GLN B 490 -53.48 -4.66 1.27
CA GLN B 490 -53.41 -5.98 1.90
C GLN B 490 -53.42 -7.08 0.85
N GLU B 491 -54.29 -6.98 -0.15
CA GLU B 491 -54.30 -7.97 -1.22
C GLU B 491 -52.97 -7.98 -1.96
N LEU B 492 -52.46 -6.79 -2.30
CA LEU B 492 -51.18 -6.66 -3.00
C LEU B 492 -50.09 -7.44 -2.30
N VAL B 493 -49.95 -7.25 -0.99
CA VAL B 493 -48.82 -7.86 -0.30
C VAL B 493 -49.12 -9.30 0.12
N GLN B 494 -50.40 -9.67 0.22
CA GLN B 494 -50.74 -10.93 0.85
C GLN B 494 -51.02 -12.03 -0.16
N TYR B 495 -51.79 -11.73 -1.21
CA TYR B 495 -52.19 -12.76 -2.16
C TYR B 495 -51.02 -13.46 -2.82
N PRO B 496 -50.01 -12.77 -3.37
CA PRO B 496 -48.91 -13.50 -4.01
C PRO B 496 -48.11 -14.40 -3.07
N VAL B 497 -48.03 -14.07 -1.80
CA VAL B 497 -47.15 -14.79 -0.87
C VAL B 497 -47.90 -15.89 -0.12
N GLU B 498 -49.17 -15.65 0.23
CA GLU B 498 -49.92 -16.67 0.97
C GLU B 498 -50.66 -17.60 0.03
N HIS B 499 -50.94 -17.17 -1.19
CA HIS B 499 -51.68 -17.98 -2.17
C HIS B 499 -50.97 -17.98 -3.51
N PRO B 500 -49.79 -18.58 -3.60
CA PRO B 500 -49.15 -18.74 -4.92
C PRO B 500 -49.77 -19.83 -5.76
N ASP B 501 -50.46 -20.80 -5.13
CA ASP B 501 -51.11 -21.86 -5.88
C ASP B 501 -52.21 -21.31 -6.78
N LYS B 502 -52.98 -20.33 -6.29
CA LYS B 502 -54.02 -19.73 -7.10
C LYS B 502 -53.44 -18.95 -8.26
N PHE B 503 -52.31 -18.27 -8.04
CA PHE B 503 -51.66 -17.54 -9.12
C PHE B 503 -51.11 -18.50 -10.17
N LEU B 504 -50.65 -19.68 -9.74
CA LEU B 504 -50.22 -20.69 -10.70
C LEU B 504 -51.42 -21.29 -11.45
N LYS B 505 -52.54 -21.45 -10.77
CA LYS B 505 -53.73 -22.02 -11.41
C LYS B 505 -54.28 -21.10 -12.50
N PHE B 506 -54.47 -19.82 -12.16
CA PHE B 506 -54.99 -18.87 -13.12
C PHE B 506 -53.96 -18.42 -14.13
N GLY B 507 -52.68 -18.78 -13.94
CA GLY B 507 -51.70 -18.72 -14.99
C GLY B 507 -50.95 -17.41 -15.11
N MET B 508 -51.23 -16.42 -14.28
CA MET B 508 -50.62 -15.10 -14.43
C MET B 508 -49.98 -14.62 -13.14
N THR B 509 -48.91 -13.85 -13.29
CA THR B 509 -48.15 -13.36 -12.17
C THR B 509 -48.88 -12.20 -11.48
N PRO B 510 -48.63 -12.00 -10.19
CA PRO B 510 -49.23 -10.86 -9.49
C PRO B 510 -48.62 -9.54 -9.95
N SER B 511 -49.41 -8.47 -9.84
CA SER B 511 -48.90 -7.12 -10.04
C SER B 511 -48.22 -6.66 -8.76
N LYS B 512 -47.04 -6.05 -8.91
CA LYS B 512 -46.20 -5.68 -7.78
C LYS B 512 -45.78 -4.22 -7.82
N GLY B 513 -46.74 -3.31 -8.03
CA GLY B 513 -46.42 -1.90 -8.06
C GLY B 513 -47.58 -0.99 -7.75
N VAL B 514 -47.37 -0.03 -6.84
CA VAL B 514 -48.37 0.97 -6.48
C VAL B 514 -47.70 2.31 -6.31
N LEU B 515 -48.35 3.35 -6.83
CA LEU B 515 -47.91 4.74 -6.66
C LEU B 515 -49.01 5.51 -5.95
N PHE B 516 -48.75 5.92 -4.71
CA PHE B 516 -49.65 6.81 -3.99
C PHE B 516 -49.38 8.25 -4.40
N TYR B 517 -50.42 8.94 -4.85
CA TYR B 517 -50.28 10.37 -5.15
C TYR B 517 -51.47 11.12 -4.57
N GLY B 518 -51.21 12.33 -4.08
CA GLY B 518 -52.24 13.15 -3.49
C GLY B 518 -51.70 14.33 -2.72
N PRO B 519 -52.60 15.11 -2.12
CA PRO B 519 -52.17 16.28 -1.36
C PRO B 519 -51.42 15.88 -0.10
N PRO B 520 -50.56 16.76 0.42
CA PRO B 520 -49.80 16.42 1.63
C PRO B 520 -50.71 16.19 2.83
N GLY B 521 -50.33 15.22 3.65
CA GLY B 521 -51.01 14.97 4.90
C GLY B 521 -52.25 14.11 4.83
N CYS B 522 -52.40 13.29 3.79
CA CYS B 522 -53.60 12.49 3.62
C CYS B 522 -53.39 11.02 3.92
N GLY B 523 -52.17 10.59 4.21
CA GLY B 523 -51.91 9.24 4.70
C GLY B 523 -51.13 8.34 3.77
N LYS B 524 -50.37 8.85 2.80
CA LYS B 524 -49.58 7.97 1.94
C LYS B 524 -48.44 7.32 2.72
N THR B 525 -47.64 8.14 3.41
CA THR B 525 -46.60 7.59 4.27
C THR B 525 -47.21 6.78 5.40
N LEU B 526 -48.38 7.21 5.89
CA LEU B 526 -49.08 6.44 6.91
C LEU B 526 -49.49 5.07 6.40
N LEU B 527 -49.97 5.00 5.16
CA LEU B 527 -50.31 3.72 4.56
C LEU B 527 -49.07 2.84 4.39
N ALA B 528 -47.95 3.43 3.97
CA ALA B 528 -46.73 2.65 3.84
C ALA B 528 -46.26 2.12 5.18
N LYS B 529 -46.33 2.93 6.24
CA LYS B 529 -45.89 2.46 7.54
C LYS B 529 -46.86 1.44 8.13
N ALA B 530 -48.13 1.51 7.74
CA ALA B 530 -49.07 0.46 8.12
C ALA B 530 -48.75 -0.84 7.39
N ILE B 531 -48.36 -0.75 6.12
CA ILE B 531 -47.84 -1.91 5.40
C ILE B 531 -46.65 -2.51 6.13
N ALA B 532 -45.77 -1.64 6.64
CA ALA B 532 -44.53 -2.11 7.27
C ALA B 532 -44.82 -3.11 8.39
N ASN B 533 -45.87 -2.88 9.17
CA ASN B 533 -46.13 -3.73 10.33
C ASN B 533 -46.98 -4.94 9.97
N GLU B 534 -48.09 -4.73 9.26
CA GLU B 534 -49.13 -5.74 9.10
C GLU B 534 -49.02 -6.50 7.78
N CYS B 535 -47.81 -6.76 7.30
CA CYS B 535 -47.62 -7.51 6.07
C CYS B 535 -46.88 -8.82 6.27
N GLN B 536 -46.16 -8.98 7.38
CA GLN B 536 -45.31 -10.14 7.63
C GLN B 536 -44.30 -10.33 6.50
N ALA B 537 -43.81 -9.21 5.98
CA ALA B 537 -42.81 -9.17 4.92
C ALA B 537 -41.80 -8.09 5.25
N ASN B 538 -40.56 -8.27 4.76
CA ASN B 538 -39.52 -7.29 5.03
C ASN B 538 -39.87 -5.95 4.40
N PHE B 539 -39.38 -4.88 5.01
CA PHE B 539 -39.71 -3.53 4.56
C PHE B 539 -38.43 -2.73 4.44
N ILE B 540 -38.24 -2.09 3.30
CA ILE B 540 -37.13 -1.19 3.05
C ILE B 540 -37.69 0.15 2.60
N SER B 541 -37.36 1.20 3.34
CA SER B 541 -37.85 2.54 3.05
C SER B 541 -36.68 3.39 2.56
N ILE B 542 -36.84 3.98 1.38
CA ILE B 542 -35.81 4.82 0.77
C ILE B 542 -36.32 6.25 0.73
N LYS B 543 -35.68 7.12 1.51
CA LYS B 543 -35.93 8.54 1.39
C LYS B 543 -35.50 8.99 0.00
N GLY B 544 -36.27 9.91 -0.60
CA GLY B 544 -36.16 10.20 -2.00
C GLY B 544 -34.76 10.47 -2.51
N PRO B 545 -34.11 11.56 -2.11
CA PRO B 545 -32.77 11.85 -2.64
C PRO B 545 -31.66 11.04 -1.99
N GLU B 546 -32.00 10.16 -1.04
CA GLU B 546 -30.97 9.49 -0.23
C GLU B 546 -30.04 8.66 -1.10
N LEU B 547 -30.49 8.25 -2.28
CA LEU B 547 -29.77 7.23 -3.03
C LEU B 547 -28.77 7.83 -4.01
N LEU B 548 -28.69 9.15 -4.08
CA LEU B 548 -27.83 9.80 -5.06
C LEU B 548 -26.48 10.16 -4.47
N THR B 549 -25.47 10.24 -5.33
CA THR B 549 -24.10 10.50 -4.92
C THR B 549 -23.45 11.42 -5.96
N MET B 550 -22.45 12.19 -5.52
CA MET B 550 -21.74 13.10 -6.41
C MET B 550 -20.82 12.39 -7.38
N TRP B 551 -20.52 11.11 -7.16
CA TRP B 551 -19.58 10.41 -8.02
C TRP B 551 -20.27 9.93 -9.30
N PHE B 552 -19.44 9.60 -10.30
CA PHE B 552 -19.93 9.49 -11.67
C PHE B 552 -20.96 8.38 -11.81
N GLY B 553 -20.64 7.17 -11.36
CA GLY B 553 -21.54 6.05 -11.57
C GLY B 553 -21.99 5.36 -10.31
N GLU B 554 -22.04 6.08 -9.19
CA GLU B 554 -22.32 5.45 -7.92
C GLU B 554 -23.77 5.61 -7.48
N SER B 555 -24.51 6.57 -8.05
CA SER B 555 -25.92 6.71 -7.73
C SER B 555 -26.71 5.52 -8.25
N GLU B 556 -26.49 5.14 -9.52
CA GLU B 556 -27.13 3.96 -10.06
C GLU B 556 -26.60 2.69 -9.40
N ALA B 557 -25.35 2.72 -8.92
CA ALA B 557 -24.86 1.60 -8.12
C ALA B 557 -25.65 1.47 -6.83
N ASN B 558 -25.96 2.59 -6.18
CA ASN B 558 -26.81 2.56 -4.99
C ASN B 558 -28.21 2.05 -5.33
N VAL B 559 -28.74 2.46 -6.47
CA VAL B 559 -30.05 1.97 -6.91
C VAL B 559 -30.03 0.45 -7.04
N ARG B 560 -29.01 -0.08 -7.73
CA ARG B 560 -28.99 -1.51 -7.97
C ARG B 560 -28.66 -2.29 -6.70
N GLU B 561 -27.93 -1.68 -5.76
CA GLU B 561 -27.67 -2.40 -4.51
C GLU B 561 -28.90 -2.41 -3.61
N ILE B 562 -29.70 -1.34 -3.62
CA ILE B 562 -30.94 -1.35 -2.86
C ILE B 562 -31.92 -2.36 -3.46
N PHE B 563 -31.94 -2.46 -4.80
CA PHE B 563 -32.80 -3.47 -5.42
C PHE B 563 -32.28 -4.87 -5.15
N ASP B 564 -30.96 -5.05 -5.10
CA ASP B 564 -30.41 -6.36 -4.75
C ASP B 564 -30.79 -6.76 -3.33
N LYS B 565 -30.69 -5.81 -2.39
CA LYS B 565 -31.12 -6.10 -1.02
C LYS B 565 -32.60 -6.44 -0.97
N ALA B 566 -33.42 -5.75 -1.77
CA ALA B 566 -34.84 -6.08 -1.84
C ALA B 566 -35.05 -7.49 -2.37
N ARG B 567 -34.30 -7.89 -3.40
CA ARG B 567 -34.46 -9.23 -3.97
C ARG B 567 -34.02 -10.30 -2.99
N GLN B 568 -32.95 -10.05 -2.22
CA GLN B 568 -32.50 -11.03 -1.25
C GLN B 568 -33.52 -11.24 -0.15
N ALA B 569 -34.17 -10.17 0.30
CA ALA B 569 -35.13 -10.23 1.39
C ALA B 569 -36.57 -10.49 0.92
N ALA B 570 -36.75 -11.11 -0.24
CA ALA B 570 -38.09 -11.37 -0.73
C ALA B 570 -38.79 -12.37 0.19
N PRO B 571 -40.08 -12.17 0.50
CA PRO B 571 -40.91 -11.04 0.06
C PRO B 571 -40.59 -9.75 0.79
N CYS B 572 -40.31 -8.69 0.04
CA CYS B 572 -39.92 -7.40 0.60
C CYS B 572 -40.79 -6.31 0.00
N VAL B 573 -41.03 -5.27 0.79
CA VAL B 573 -41.78 -4.10 0.35
C VAL B 573 -40.79 -2.94 0.23
N LEU B 574 -40.53 -2.52 -1.01
CA LEU B 574 -39.62 -1.43 -1.28
C LEU B 574 -40.42 -0.14 -1.41
N PHE B 575 -40.19 0.80 -0.50
CA PHE B 575 -40.98 2.03 -0.45
C PHE B 575 -40.10 3.23 -0.77
N PHE B 576 -40.52 4.01 -1.77
CA PHE B 576 -39.83 5.22 -2.17
C PHE B 576 -40.70 6.42 -1.76
N ASP B 577 -40.44 6.96 -0.58
CA ASP B 577 -41.10 8.19 -0.16
C ASP B 577 -40.54 9.36 -0.95
N GLN B 578 -41.44 10.25 -1.39
CA GLN B 578 -41.11 11.36 -2.27
C GLN B 578 -40.37 10.85 -3.51
N LEU B 579 -41.06 9.96 -4.25
CA LEU B 579 -40.47 9.35 -5.44
C LEU B 579 -40.19 10.38 -6.52
N ASP B 580 -40.88 11.52 -6.51
CA ASP B 580 -40.73 12.50 -7.58
C ASP B 580 -39.33 13.10 -7.60
N SER B 581 -38.56 12.91 -6.53
CA SER B 581 -37.18 13.40 -6.50
C SER B 581 -36.26 12.46 -7.26
N ILE B 582 -36.37 11.16 -6.99
CA ILE B 582 -35.48 10.19 -7.63
C ILE B 582 -35.97 9.88 -9.04
N ALA B 583 -37.26 10.11 -9.31
CA ALA B 583 -37.86 9.81 -10.60
C ALA B 583 -38.38 11.10 -11.23
N LYS B 584 -37.89 11.40 -12.43
CA LYS B 584 -38.31 12.59 -13.17
C LYS B 584 -38.50 12.22 -14.63
N ALA B 585 -39.14 13.12 -15.36
CA ALA B 585 -39.18 12.99 -16.81
C ALA B 585 -37.78 13.17 -17.36
N ARG B 586 -37.30 12.19 -18.12
CA ARG B 586 -35.93 12.20 -18.59
C ARG B 586 -35.70 13.37 -19.53
N GLY B 587 -34.55 14.04 -19.34
CA GLY B 587 -34.24 15.25 -20.08
C GLY B 587 -34.84 16.51 -19.50
N GLY B 588 -35.53 16.43 -18.36
CA GLY B 588 -36.16 17.61 -17.80
C GLY B 588 -35.17 18.65 -17.33
N ASN B 589 -34.07 18.22 -16.70
CA ASN B 589 -33.05 19.12 -16.18
C ASN B 589 -31.71 18.79 -16.81
N ILE B 590 -31.18 19.71 -17.60
CA ILE B 590 -29.92 19.47 -18.29
C ILE B 590 -28.76 19.45 -17.30
N GLY B 591 -28.78 20.36 -16.32
CA GLY B 591 -27.70 20.49 -15.37
C GLY B 591 -27.81 19.65 -14.12
N ASP B 592 -28.64 18.62 -14.12
CA ASP B 592 -28.81 17.74 -12.95
C ASP B 592 -27.72 16.67 -13.01
N GLY B 593 -26.50 17.08 -12.69
CA GLY B 593 -25.39 16.15 -12.65
C GLY B 593 -24.90 15.68 -14.00
N GLY B 594 -25.19 16.42 -15.06
CA GLY B 594 -24.79 15.99 -16.40
C GLY B 594 -25.43 14.70 -16.83
N GLY B 595 -26.73 14.55 -16.63
CA GLY B 595 -27.43 13.33 -16.98
C GLY B 595 -27.36 12.23 -15.95
N ALA B 596 -26.79 12.49 -14.77
CA ALA B 596 -26.76 11.47 -13.73
C ALA B 596 -28.16 11.14 -13.25
N ALA B 597 -29.05 12.12 -13.22
CA ALA B 597 -30.45 11.86 -12.87
C ALA B 597 -31.10 10.94 -13.89
N ASP B 598 -30.86 11.19 -15.19
CA ASP B 598 -31.41 10.32 -16.23
C ASP B 598 -30.83 8.92 -16.13
N ARG B 599 -29.54 8.81 -15.79
CA ARG B 599 -28.94 7.49 -15.62
C ARG B 599 -29.56 6.76 -14.44
N VAL B 600 -29.86 7.48 -13.35
CA VAL B 600 -30.56 6.87 -12.22
C VAL B 600 -31.93 6.38 -12.63
N ILE B 601 -32.65 7.19 -13.42
CA ILE B 601 -33.97 6.79 -13.88
C ILE B 601 -33.88 5.53 -14.75
N ASN B 602 -32.89 5.48 -15.65
CA ASN B 602 -32.71 4.28 -16.47
C ASN B 602 -32.38 3.06 -15.63
N GLN B 603 -31.55 3.24 -14.60
CA GLN B 603 -31.23 2.12 -13.71
C GLN B 603 -32.46 1.61 -12.98
N ILE B 604 -33.30 2.54 -12.49
CA ILE B 604 -34.53 2.12 -11.81
C ILE B 604 -35.46 1.41 -12.78
N LEU B 605 -35.53 1.90 -14.02
CA LEU B 605 -36.34 1.25 -15.04
C LEU B 605 -35.89 -0.18 -15.29
N THR B 606 -34.58 -0.37 -15.42
CA THR B 606 -34.06 -1.72 -15.65
C THR B 606 -34.26 -2.61 -14.44
N GLU B 607 -34.19 -2.04 -13.24
CA GLU B 607 -34.29 -2.86 -12.03
C GLU B 607 -35.72 -3.27 -11.75
N MET B 608 -36.70 -2.43 -12.12
CA MET B 608 -38.08 -2.83 -11.92
C MET B 608 -38.51 -3.84 -12.98
N ASP B 609 -38.43 -3.46 -14.26
CA ASP B 609 -38.76 -4.36 -15.35
C ASP B 609 -37.57 -4.47 -16.29
N GLY B 610 -36.87 -5.59 -16.22
CA GLY B 610 -35.75 -5.87 -17.10
C GLY B 610 -35.73 -7.34 -17.42
N MET B 611 -34.55 -7.82 -17.78
CA MET B 611 -34.38 -9.25 -18.11
C MET B 611 -33.89 -10.02 -16.89
N SER B 612 -34.69 -9.96 -15.83
CA SER B 612 -34.45 -10.74 -14.63
C SER B 612 -35.78 -11.33 -14.18
N THR B 613 -35.72 -12.50 -13.55
CA THR B 613 -36.92 -13.11 -13.00
C THR B 613 -37.49 -12.23 -11.90
N LYS B 614 -38.80 -12.01 -11.95
CA LYS B 614 -39.47 -11.18 -10.95
C LYS B 614 -39.50 -11.93 -9.62
N LYS B 615 -39.05 -11.27 -8.56
CA LYS B 615 -39.17 -11.81 -7.23
C LYS B 615 -40.39 -11.22 -6.54
N ASN B 616 -40.58 -11.60 -5.27
CA ASN B 616 -41.68 -11.06 -4.47
C ASN B 616 -41.26 -9.72 -3.87
N VAL B 617 -40.95 -8.78 -4.76
CA VAL B 617 -40.57 -7.43 -4.37
C VAL B 617 -41.69 -6.49 -4.82
N PHE B 618 -42.39 -5.93 -3.84
CA PHE B 618 -43.48 -5.00 -4.11
C PHE B 618 -42.97 -3.58 -3.89
N ILE B 619 -43.03 -2.77 -4.92
CA ILE B 619 -42.48 -1.43 -4.91
C ILE B 619 -43.63 -0.45 -4.75
N ILE B 620 -43.56 0.36 -3.69
CA ILE B 620 -44.58 1.36 -3.39
C ILE B 620 -43.95 2.74 -3.51
N GLY B 621 -44.62 3.63 -4.22
CA GLY B 621 -44.14 4.99 -4.36
C GLY B 621 -45.14 6.00 -3.82
N ALA B 622 -44.63 7.06 -3.19
CA ALA B 622 -45.44 8.16 -2.70
C ALA B 622 -44.91 9.46 -3.29
N THR B 623 -45.82 10.29 -3.81
CA THR B 623 -45.44 11.54 -4.44
C THR B 623 -46.54 12.57 -4.26
N ASN B 624 -46.16 13.85 -4.24
CA ASN B 624 -47.16 14.91 -4.28
C ASN B 624 -47.31 15.46 -5.69
N ARG B 625 -46.33 15.24 -6.55
CA ARG B 625 -46.36 15.75 -7.92
C ARG B 625 -46.24 14.58 -8.89
N PRO B 626 -47.35 13.94 -9.28
CA PRO B 626 -47.24 12.76 -10.15
C PRO B 626 -47.04 13.10 -11.62
N ASP B 627 -47.38 14.34 -12.02
CA ASP B 627 -47.30 14.68 -13.44
C ASP B 627 -45.86 14.83 -13.90
N ILE B 628 -44.93 14.99 -12.96
CA ILE B 628 -43.53 15.17 -13.33
C ILE B 628 -42.82 13.82 -13.43
N ILE B 629 -43.42 12.75 -12.90
CA ILE B 629 -42.77 11.46 -12.90
C ILE B 629 -42.66 10.92 -14.32
N ASP B 630 -41.60 10.17 -14.59
CA ASP B 630 -41.35 9.63 -15.91
C ASP B 630 -42.49 8.71 -16.33
N PRO B 631 -43.02 8.87 -17.54
CA PRO B 631 -44.09 7.96 -17.99
C PRO B 631 -43.69 6.50 -18.02
N ALA B 632 -42.40 6.21 -18.23
CA ALA B 632 -41.96 4.81 -18.24
C ALA B 632 -41.97 4.23 -16.83
N ILE B 633 -41.83 5.09 -15.81
CA ILE B 633 -41.94 4.61 -14.44
C ILE B 633 -43.36 4.16 -14.13
N LEU B 634 -44.35 4.82 -14.72
CA LEU B 634 -45.75 4.61 -14.35
C LEU B 634 -46.47 3.58 -15.22
N ARG B 635 -45.79 2.97 -16.19
CA ARG B 635 -46.46 1.99 -17.03
C ARG B 635 -46.72 0.71 -16.24
N PRO B 636 -47.73 -0.07 -16.61
CA PRO B 636 -47.95 -1.36 -15.95
C PRO B 636 -46.71 -2.24 -16.06
N GLY B 637 -46.41 -2.95 -14.98
CA GLY B 637 -45.16 -3.65 -14.82
C GLY B 637 -44.15 -2.92 -13.96
N ARG B 638 -44.28 -1.59 -13.85
CA ARG B 638 -43.54 -0.78 -12.90
C ARG B 638 -44.54 0.17 -12.29
N LEU B 639 -44.86 -0.01 -11.00
CA LEU B 639 -45.92 0.78 -10.37
C LEU B 639 -47.23 0.59 -11.12
N ASP B 640 -47.74 -0.64 -11.08
CA ASP B 640 -48.90 -1.01 -11.89
C ASP B 640 -50.10 -0.14 -11.59
N GLN B 641 -50.38 0.10 -10.32
CA GLN B 641 -51.61 0.73 -9.87
C GLN B 641 -51.32 2.13 -9.34
N LEU B 642 -51.93 3.14 -9.95
CA LEU B 642 -51.79 4.52 -9.52
C LEU B 642 -52.97 4.87 -8.62
N ILE B 643 -52.73 5.00 -7.32
CA ILE B 643 -53.78 5.19 -6.33
C ILE B 643 -53.74 6.65 -5.87
N TYR B 644 -54.90 7.30 -5.95
CA TYR B 644 -55.06 8.68 -5.53
C TYR B 644 -55.57 8.71 -4.10
N ILE B 645 -54.82 9.37 -3.22
CA ILE B 645 -55.21 9.57 -1.83
C ILE B 645 -55.72 11.00 -1.68
N PRO B 646 -57.03 11.22 -1.80
CA PRO B 646 -57.55 12.59 -1.80
C PRO B 646 -57.75 13.12 -0.39
N LEU B 647 -58.28 14.32 -0.32
CA LEU B 647 -58.72 14.85 0.96
C LEU B 647 -59.89 14.02 1.49
N PRO B 648 -59.88 13.65 2.77
CA PRO B 648 -60.97 12.84 3.31
C PRO B 648 -62.30 13.59 3.25
N ASP B 649 -63.38 12.83 3.03
CA ASP B 649 -64.72 13.37 3.14
C ASP B 649 -65.23 13.22 4.57
N GLU B 650 -66.50 13.62 4.77
CA GLU B 650 -67.02 13.77 6.13
C GLU B 650 -66.93 12.47 6.92
N LYS B 651 -67.35 11.35 6.32
CA LYS B 651 -67.25 10.07 7.01
C LYS B 651 -65.80 9.68 7.26
N SER B 652 -64.92 9.92 6.27
CA SER B 652 -63.52 9.64 6.46
C SER B 652 -62.91 10.55 7.51
N ARG B 653 -63.42 11.78 7.62
CA ARG B 653 -62.93 12.69 8.65
C ARG B 653 -63.37 12.23 10.04
N VAL B 654 -64.60 11.73 10.15
CA VAL B 654 -65.02 11.09 11.40
C VAL B 654 -64.09 9.94 11.75
N ALA B 655 -63.75 9.12 10.74
CA ALA B 655 -62.85 8.00 10.98
C ALA B 655 -61.47 8.47 11.43
N ILE B 656 -60.95 9.52 10.81
CA ILE B 656 -59.64 10.06 11.19
C ILE B 656 -59.66 10.57 12.62
N LEU B 657 -60.72 11.32 12.98
CA LEU B 657 -60.82 11.83 14.34
C LEU B 657 -60.92 10.70 15.36
N LYS B 658 -61.70 9.66 15.05
CA LYS B 658 -61.80 8.52 15.94
C LYS B 658 -60.45 7.81 16.08
N ALA B 659 -59.72 7.65 14.98
CA ALA B 659 -58.43 7.00 15.04
C ALA B 659 -57.44 7.81 15.87
N ASN B 660 -57.45 9.14 15.73
CA ASN B 660 -56.53 9.96 16.50
C ASN B 660 -56.89 9.99 17.98
N LEU B 661 -58.17 10.05 18.30
CA LEU B 661 -58.61 10.18 19.69
C LEU B 661 -59.01 8.87 20.33
N ARG B 662 -58.71 7.73 19.71
CA ARG B 662 -59.00 6.45 20.33
C ARG B 662 -58.19 6.26 21.60
N LYS B 663 -56.91 6.68 21.57
CA LYS B 663 -56.05 6.50 22.73
C LYS B 663 -56.33 7.54 23.81
N SER B 664 -56.71 8.75 23.41
CA SER B 664 -56.90 9.83 24.36
C SER B 664 -58.19 9.60 25.17
N PRO B 665 -58.19 9.97 26.45
CA PRO B 665 -59.44 9.99 27.22
C PRO B 665 -60.27 11.22 26.86
N VAL B 666 -61.35 11.01 26.12
CA VAL B 666 -62.13 12.09 25.55
C VAL B 666 -63.55 12.03 26.11
N ALA B 667 -64.13 13.20 26.36
CA ALA B 667 -65.49 13.27 26.87
C ALA B 667 -66.49 12.73 25.85
N LYS B 668 -67.58 12.16 26.35
CA LYS B 668 -68.61 11.64 25.46
C LYS B 668 -69.44 12.77 24.85
N ASP B 669 -69.50 13.91 25.53
CA ASP B 669 -70.37 15.00 25.07
C ASP B 669 -69.86 15.61 23.77
N VAL B 670 -68.56 15.44 23.48
CA VAL B 670 -68.01 16.00 22.25
C VAL B 670 -68.58 15.26 21.05
N ASP B 671 -68.79 15.98 19.95
CA ASP B 671 -69.41 15.42 18.76
C ASP B 671 -68.39 15.46 17.62
N LEU B 672 -67.76 14.32 17.37
CA LEU B 672 -66.79 14.24 16.29
C LEU B 672 -67.45 14.42 14.93
N GLU B 673 -68.73 14.04 14.83
CA GLU B 673 -69.44 14.19 13.57
C GLU B 673 -69.55 15.66 13.15
N PHE B 674 -69.85 16.54 14.11
CA PHE B 674 -69.93 17.96 13.80
C PHE B 674 -68.57 18.51 13.39
N LEU B 675 -67.51 18.10 14.09
CA LEU B 675 -66.16 18.50 13.73
C LEU B 675 -65.84 18.11 12.30
N ALA B 676 -66.16 16.86 11.92
CA ALA B 676 -65.90 16.42 10.56
C ALA B 676 -66.75 17.19 9.56
N LYS B 677 -67.99 17.51 9.94
CA LYS B 677 -68.90 18.22 9.05
C LYS B 677 -68.37 19.61 8.72
N MET B 678 -67.88 20.33 9.73
CA MET B 678 -67.46 21.71 9.49
C MET B 678 -66.11 21.78 8.78
N THR B 679 -65.22 20.83 9.05
CA THR B 679 -63.88 20.83 8.47
C THR B 679 -63.95 20.28 7.04
N ASN B 680 -64.47 21.11 6.14
CA ASN B 680 -64.71 20.66 4.77
C ASN B 680 -63.41 20.31 4.05
N GLY B 681 -62.45 21.22 4.04
CA GLY B 681 -61.21 21.04 3.33
C GLY B 681 -60.03 20.54 4.16
N PHE B 682 -60.27 20.01 5.34
CA PHE B 682 -59.19 19.61 6.22
C PHE B 682 -58.64 18.24 5.82
N SER B 683 -57.32 18.11 5.87
CA SER B 683 -56.68 16.82 5.65
C SER B 683 -56.53 16.09 6.98
N GLY B 684 -55.94 14.89 6.92
CA GLY B 684 -55.69 14.14 8.13
C GLY B 684 -54.70 14.84 9.05
N ALA B 685 -53.70 15.49 8.45
CA ALA B 685 -52.74 16.25 9.24
C ALA B 685 -53.41 17.41 9.97
N ASP B 686 -54.35 18.08 9.30
CA ASP B 686 -55.06 19.19 9.94
C ASP B 686 -55.91 18.71 11.11
N LEU B 687 -56.60 17.58 10.95
CA LEU B 687 -57.43 17.07 12.04
C LEU B 687 -56.55 16.58 13.19
N THR B 688 -55.40 15.98 12.88
CA THR B 688 -54.46 15.61 13.93
C THR B 688 -53.94 16.86 14.64
N GLU B 689 -53.73 17.95 13.90
CA GLU B 689 -53.35 19.21 14.53
C GLU B 689 -54.43 19.70 15.47
N ILE B 690 -55.70 19.58 15.07
CA ILE B 690 -56.81 19.97 15.93
C ILE B 690 -56.80 19.16 17.22
N CYS B 691 -56.64 17.84 17.10
CA CYS B 691 -56.61 16.98 18.29
C CYS B 691 -55.44 17.34 19.19
N GLN B 692 -54.26 17.56 18.60
CA GLN B 692 -53.09 17.89 19.39
C GLN B 692 -53.24 19.25 20.08
N ARG B 693 -53.84 20.21 19.39
CA ARG B 693 -54.06 21.52 19.99
C ARG B 693 -55.04 21.44 21.15
N ALA B 694 -56.11 20.67 20.99
CA ALA B 694 -57.04 20.47 22.10
C ALA B 694 -56.34 19.80 23.28
N CYS B 695 -55.50 18.80 23.01
CA CYS B 695 -54.77 18.15 24.09
C CYS B 695 -53.79 19.11 24.75
N LYS B 696 -53.17 20.01 23.98
CA LYS B 696 -52.26 20.99 24.57
C LYS B 696 -53.02 21.98 25.46
N LEU B 697 -54.21 22.39 25.03
CA LEU B 697 -55.04 23.24 25.88
C LEU B 697 -55.41 22.53 27.17
N ALA B 698 -55.75 21.24 27.07
CA ALA B 698 -56.03 20.44 28.27
C ALA B 698 -54.79 20.34 29.15
N ILE B 699 -53.61 20.21 28.55
CA ILE B 699 -52.37 20.17 29.32
C ILE B 699 -52.19 21.46 30.10
N ARG B 700 -52.41 22.60 29.44
CA ARG B 700 -52.28 23.86 30.16
C ARG B 700 -53.27 23.94 31.31
N GLU B 701 -54.53 23.58 31.06
CA GLU B 701 -55.53 23.67 32.11
C GLU B 701 -55.18 22.76 33.29
N SER B 702 -54.77 21.53 33.01
CA SER B 702 -54.46 20.59 34.07
C SER B 702 -53.23 21.02 34.86
N ILE B 703 -52.20 21.51 34.18
CA ILE B 703 -50.99 21.93 34.88
C ILE B 703 -51.25 23.17 35.72
N GLU B 704 -52.01 24.13 35.19
CA GLU B 704 -52.37 25.30 35.98
C GLU B 704 -53.22 24.91 37.18
N SER B 705 -54.14 23.96 37.00
CA SER B 705 -54.94 23.48 38.12
C SER B 705 -54.07 22.82 39.18
N GLU B 706 -53.08 22.04 38.76
CA GLU B 706 -52.17 21.42 39.72
C GLU B 706 -51.35 22.47 40.46
N ILE B 707 -50.91 23.51 39.76
CA ILE B 707 -50.18 24.59 40.41
C ILE B 707 -51.07 25.29 41.44
N ARG B 708 -52.33 25.55 41.08
CA ARG B 708 -53.26 26.18 42.01
C ARG B 708 -53.52 25.30 43.22
N ARG B 709 -53.64 23.98 43.01
CA ARG B 709 -53.82 23.06 44.12
C ARG B 709 -52.61 23.06 45.03
N GLU B 710 -51.40 23.08 44.47
CA GLU B 710 -50.20 23.16 45.28
C GLU B 710 -50.17 24.45 46.08
N ARG B 711 -50.57 25.56 45.46
CA ARG B 711 -50.57 26.85 46.13
C ARG B 711 -51.55 26.87 47.29
N GLU B 712 -52.75 26.32 47.09
CA GLU B 712 -53.74 26.32 48.16
C GLU B 712 -53.38 25.32 49.26
N ARG B 713 -52.67 24.24 48.90
CA ARG B 713 -52.16 23.33 49.92
C ARG B 713 -51.12 24.02 50.80
N GLN B 714 -50.26 24.84 50.19
CA GLN B 714 -49.21 25.55 50.93
C GLN B 714 -49.76 26.83 51.53
N PRO B 727 -56.72 16.28 37.75
CA PRO B 727 -58.01 16.89 38.07
C PRO B 727 -59.04 16.73 36.97
N VAL B 728 -58.64 17.00 35.73
CA VAL B 728 -59.53 16.92 34.57
C VAL B 728 -59.45 15.48 34.03
N PRO B 729 -60.51 14.68 34.14
CA PRO B 729 -60.42 13.30 33.65
C PRO B 729 -60.33 13.20 32.13
N GLU B 730 -61.16 13.95 31.41
CA GLU B 730 -61.24 13.86 29.96
C GLU B 730 -61.28 15.24 29.35
N ILE B 731 -60.78 15.34 28.11
CA ILE B 731 -60.75 16.62 27.41
C ILE B 731 -62.17 17.12 27.20
N ARG B 732 -62.41 18.37 27.57
CA ARG B 732 -63.75 18.91 27.49
C ARG B 732 -64.03 19.48 26.10
N ARG B 733 -65.30 19.81 25.87
CA ARG B 733 -65.74 20.31 24.56
C ARG B 733 -65.21 21.71 24.28
N ASP B 734 -65.08 22.55 25.32
CA ASP B 734 -64.60 23.92 25.10
C ASP B 734 -63.14 23.94 24.69
N HIS B 735 -62.36 22.94 25.13
CA HIS B 735 -60.99 22.80 24.65
C HIS B 735 -60.97 22.57 23.15
N PHE B 736 -61.85 21.70 22.65
CA PHE B 736 -61.96 21.48 21.22
C PHE B 736 -62.46 22.72 20.51
N GLU B 737 -63.33 23.51 21.15
CA GLU B 737 -63.78 24.76 20.54
C GLU B 737 -62.62 25.73 20.35
N GLU B 738 -61.79 25.91 21.38
CA GLU B 738 -60.63 26.79 21.25
C GLU B 738 -59.65 26.25 20.21
N ALA B 739 -59.43 24.93 20.19
CA ALA B 739 -58.55 24.34 19.19
C ALA B 739 -59.06 24.60 17.78
N MET B 740 -60.37 24.47 17.56
CA MET B 740 -60.95 24.82 16.27
C MET B 740 -60.76 26.29 15.96
N ARG B 741 -60.86 27.15 16.96
CA ARG B 741 -60.54 28.56 16.74
C ARG B 741 -59.10 28.73 16.30
N PHE B 742 -58.24 27.77 16.67
CA PHE B 742 -56.86 27.77 16.17
C PHE B 742 -56.64 26.84 14.98
N ALA B 743 -57.70 26.27 14.41
CA ALA B 743 -57.54 25.34 13.29
C ALA B 743 -57.34 26.08 11.98
N ARG B 744 -56.90 25.34 10.96
CA ARG B 744 -56.58 25.91 9.66
C ARG B 744 -56.60 24.82 8.58
N ARG B 745 -56.82 25.24 7.33
CA ARG B 745 -56.70 24.38 6.17
C ARG B 745 -55.28 24.49 5.62
N SER B 746 -54.58 23.36 5.54
CA SER B 746 -53.20 23.39 5.06
C SER B 746 -53.14 23.38 3.54
N VAL B 747 -53.88 22.48 2.90
CA VAL B 747 -53.78 22.30 1.47
C VAL B 747 -54.69 23.29 0.76
N SER B 748 -54.13 24.04 -0.19
CA SER B 748 -54.88 25.04 -0.92
C SER B 748 -55.84 24.39 -1.92
N ASP B 749 -56.76 25.20 -2.44
CA ASP B 749 -57.74 24.69 -3.41
C ASP B 749 -57.11 24.50 -4.79
N ASN B 750 -56.14 25.34 -5.14
CA ASN B 750 -55.47 25.18 -6.43
C ASN B 750 -54.73 23.85 -6.51
N ASP B 751 -54.09 23.44 -5.41
CA ASP B 751 -53.37 22.18 -5.40
C ASP B 751 -54.32 21.00 -5.59
N ILE B 752 -55.44 20.98 -4.87
CA ILE B 752 -56.37 19.87 -5.00
C ILE B 752 -57.03 19.88 -6.38
N ARG B 753 -57.22 21.08 -6.96
CA ARG B 753 -57.67 21.14 -8.34
C ARG B 753 -56.64 20.51 -9.28
N LYS B 754 -55.35 20.74 -9.02
CA LYS B 754 -54.30 20.10 -9.82
C LYS B 754 -54.36 18.57 -9.70
N TYR B 755 -54.55 18.07 -8.48
CA TYR B 755 -54.65 16.62 -8.29
C TYR B 755 -55.87 16.05 -9.00
N GLU B 756 -57.00 16.76 -8.94
CA GLU B 756 -58.19 16.35 -9.68
C GLU B 756 -57.93 16.36 -11.17
N MET B 757 -57.16 17.34 -11.65
CA MET B 757 -56.80 17.36 -13.08
C MET B 757 -55.98 16.15 -13.45
N PHE B 758 -55.03 15.75 -12.61
CA PHE B 758 -54.24 14.56 -12.92
C PHE B 758 -55.11 13.31 -12.96
N ALA B 759 -56.01 13.16 -11.99
CA ALA B 759 -56.92 12.02 -11.99
C ALA B 759 -57.81 12.03 -13.23
N GLN B 760 -58.30 13.21 -13.62
CA GLN B 760 -59.15 13.30 -14.80
C GLN B 760 -58.37 12.99 -16.07
N THR B 761 -57.08 13.36 -16.11
CA THR B 761 -56.25 12.98 -17.24
C THR B 761 -56.11 11.47 -17.32
N LEU B 762 -55.94 10.80 -16.18
CA LEU B 762 -55.93 9.34 -16.19
C LEU B 762 -57.25 8.77 -16.73
N GLN B 763 -58.38 9.31 -16.25
CA GLN B 763 -59.68 8.82 -16.71
C GLN B 763 -59.87 9.03 -18.21
N GLN B 764 -59.47 10.20 -18.71
CA GLN B 764 -59.57 10.46 -20.15
C GLN B 764 -58.61 9.57 -20.93
N SER B 765 -57.46 9.23 -20.33
CA SER B 765 -56.55 8.29 -20.96
C SER B 765 -57.21 6.93 -21.14
N ARG B 766 -57.99 6.50 -20.14
CA ARG B 766 -58.76 5.27 -20.32
C ARG B 766 -59.65 5.35 -21.56
N GLY B 767 -60.28 6.50 -21.78
CA GLY B 767 -61.22 6.65 -22.87
C GLY B 767 -62.58 6.06 -22.53
N PHE B 768 -63.58 6.42 -23.36
CA PHE B 768 -64.97 5.99 -23.24
C PHE B 768 -65.46 6.07 -21.80
N GLY B 769 -66.42 5.23 -21.44
CA GLY B 769 -66.91 5.17 -20.07
C GLY B 769 -67.83 4.00 -19.89
N SER B 770 -67.81 3.41 -18.70
CA SER B 770 -68.65 2.29 -18.33
C SER B 770 -68.57 1.16 -19.36
N PHE B 771 -67.38 0.57 -19.44
CA PHE B 771 -67.14 -0.53 -20.36
C PHE B 771 -68.16 -1.65 -20.13
N ARG B 772 -68.99 -1.90 -21.14
CA ARG B 772 -70.03 -2.92 -21.07
C ARG B 772 -69.84 -3.88 -22.23
N PHE B 773 -69.87 -5.17 -21.94
CA PHE B 773 -69.71 -6.18 -22.97
C PHE B 773 -71.05 -6.42 -23.65
N PRO B 774 -71.08 -6.59 -24.97
CA PRO B 774 -72.36 -6.77 -25.67
C PRO B 774 -72.93 -8.17 -25.54
N SER B 775 -74.12 -8.27 -24.94
CA SER B 775 -74.83 -9.54 -24.76
C SER B 775 -73.98 -10.59 -24.07
N LEU C 12 0.92 -26.04 -45.00
CA LEU C 12 2.33 -26.18 -44.68
C LEU C 12 2.56 -25.98 -43.19
N SER C 13 1.65 -25.25 -42.53
CA SER C 13 1.75 -25.05 -41.09
C SER C 13 1.63 -26.36 -40.34
N THR C 14 0.70 -27.22 -40.75
CA THR C 14 0.47 -28.51 -40.11
C THR C 14 1.08 -29.66 -40.91
N ALA C 15 2.21 -29.41 -41.58
CA ALA C 15 2.86 -30.48 -42.34
C ALA C 15 3.40 -31.58 -41.43
N ILE C 16 3.92 -31.20 -40.27
CA ILE C 16 4.49 -32.18 -39.34
C ILE C 16 3.43 -33.13 -38.81
N LEU C 17 2.17 -32.71 -38.75
CA LEU C 17 1.09 -33.56 -38.27
C LEU C 17 0.39 -34.34 -39.36
N LYS C 18 0.81 -34.20 -40.62
CA LYS C 18 0.21 -34.99 -41.68
C LYS C 18 0.55 -36.46 -41.50
N GLN C 19 -0.44 -37.32 -41.68
CA GLN C 19 -0.24 -38.76 -41.52
C GLN C 19 0.61 -39.30 -42.65
N LYS C 20 1.68 -40.02 -42.30
CA LYS C 20 2.58 -40.63 -43.27
C LYS C 20 2.58 -42.13 -43.06
N ASN C 21 2.38 -42.88 -44.14
CA ASN C 21 2.25 -44.33 -44.07
C ASN C 21 3.52 -44.98 -44.60
N ARG C 22 4.07 -45.91 -43.80
CA ARG C 22 5.24 -46.69 -44.12
C ARG C 22 4.89 -48.18 -44.08
N PRO C 23 5.66 -49.03 -44.75
CA PRO C 23 5.39 -50.48 -44.67
C PRO C 23 5.45 -51.02 -43.25
N ASN C 24 6.28 -50.42 -42.39
CA ASN C 24 6.32 -50.84 -40.99
C ASN C 24 5.00 -50.56 -40.29
N ARG C 25 4.36 -49.43 -40.61
CA ARG C 25 3.14 -49.04 -39.94
C ARG C 25 1.94 -49.79 -40.50
N LEU C 26 1.04 -50.22 -39.63
CA LEU C 26 -0.15 -50.97 -40.01
C LEU C 26 -1.29 -50.61 -39.06
N ILE C 27 -2.52 -50.84 -39.55
CA ILE C 27 -3.72 -50.53 -38.77
C ILE C 27 -3.89 -51.58 -37.68
N VAL C 28 -4.45 -51.15 -36.53
CA VAL C 28 -4.76 -52.08 -35.46
C VAL C 28 -6.05 -52.84 -35.82
N ASP C 29 -6.04 -54.15 -35.56
CA ASP C 29 -7.18 -55.01 -35.89
C ASP C 29 -7.51 -55.90 -34.70
N GLU C 30 -8.75 -56.41 -34.70
CA GLU C 30 -9.24 -57.21 -33.59
C GLU C 30 -8.60 -58.59 -33.56
N ALA C 31 -8.62 -59.20 -32.37
CA ALA C 31 -8.01 -60.52 -32.19
C ALA C 31 -8.97 -61.63 -32.61
N ILE C 32 -8.38 -62.79 -32.92
CA ILE C 32 -9.16 -64.01 -33.13
C ILE C 32 -8.73 -65.05 -32.10
N ASN C 33 -7.46 -65.46 -32.15
CA ASN C 33 -6.89 -66.43 -31.24
C ASN C 33 -5.57 -65.96 -30.64
N GLU C 34 -5.28 -64.67 -30.73
CA GLU C 34 -3.96 -64.18 -30.34
C GLU C 34 -3.82 -64.13 -28.83
N ASP C 35 -2.89 -64.91 -28.30
CA ASP C 35 -2.58 -64.89 -26.88
C ASP C 35 -1.68 -63.70 -26.57
N ASN C 36 -1.07 -63.69 -25.38
CA ASN C 36 -0.32 -62.52 -24.92
C ASN C 36 0.89 -62.24 -25.80
N SER C 37 1.60 -63.28 -26.22
CA SER C 37 2.89 -63.10 -26.87
C SER C 37 2.86 -63.34 -28.39
N VAL C 38 1.68 -63.44 -29.00
CA VAL C 38 1.59 -63.64 -30.45
C VAL C 38 0.69 -62.57 -31.05
N VAL C 39 1.08 -62.10 -32.23
CA VAL C 39 0.35 -61.07 -32.96
C VAL C 39 0.20 -61.55 -34.40
N SER C 40 -1.00 -61.42 -34.94
CA SER C 40 -1.28 -61.92 -36.29
C SER C 40 -0.85 -60.91 -37.34
N LEU C 41 -0.26 -61.41 -38.42
CA LEU C 41 0.15 -60.60 -39.55
C LEU C 41 -0.33 -61.24 -40.84
N SER C 42 -0.72 -60.39 -41.80
CA SER C 42 -1.15 -60.90 -43.09
C SER C 42 0.02 -61.56 -43.82
N GLN C 43 -0.23 -62.75 -44.36
CA GLN C 43 0.84 -63.49 -45.01
C GLN C 43 1.42 -62.78 -46.23
N PRO C 44 0.64 -62.27 -47.18
CA PRO C 44 1.25 -61.46 -48.26
C PRO C 44 1.95 -60.22 -47.74
N LYS C 45 1.37 -59.55 -46.74
CA LYS C 45 2.04 -58.40 -46.13
C LYS C 45 3.31 -58.82 -45.42
N MET C 46 3.29 -59.98 -44.77
CA MET C 46 4.49 -60.46 -44.08
C MET C 46 5.60 -60.78 -45.07
N ASP C 47 5.24 -61.33 -46.23
CA ASP C 47 6.21 -61.47 -47.30
C ASP C 47 6.71 -60.11 -47.77
N GLU C 48 5.82 -59.12 -47.82
CA GLU C 48 6.23 -57.77 -48.18
C GLU C 48 7.21 -57.20 -47.15
N LEU C 49 6.99 -57.49 -45.87
CA LEU C 49 7.87 -57.04 -44.80
C LEU C 49 9.11 -57.92 -44.64
N GLN C 50 9.21 -59.01 -45.40
CA GLN C 50 10.35 -59.93 -45.30
C GLN C 50 10.52 -60.45 -43.87
N LEU C 51 9.42 -60.83 -43.25
CA LEU C 51 9.42 -61.35 -41.88
C LEU C 51 9.21 -62.86 -41.92
N PHE C 52 9.93 -63.58 -41.06
CA PHE C 52 9.81 -65.02 -40.94
C PHE C 52 9.04 -65.37 -39.67
N ARG C 53 8.31 -66.48 -39.72
CA ARG C 53 7.42 -66.86 -38.64
C ARG C 53 8.22 -67.28 -37.40
N GLY C 54 7.58 -67.16 -36.25
CA GLY C 54 8.19 -67.54 -34.99
C GLY C 54 9.24 -66.57 -34.48
N ASP C 55 9.35 -65.39 -35.06
CA ASP C 55 10.37 -64.41 -34.71
C ASP C 55 9.78 -63.32 -33.85
N THR C 56 10.51 -62.90 -32.83
CA THR C 56 10.10 -61.74 -32.03
C THR C 56 10.24 -60.47 -32.84
N VAL C 57 9.21 -59.63 -32.79
CA VAL C 57 9.20 -58.34 -33.47
C VAL C 57 8.90 -57.26 -32.45
N LEU C 58 9.45 -56.07 -32.72
CA LEU C 58 9.28 -54.90 -31.86
C LEU C 58 8.09 -54.10 -32.35
N LEU C 59 7.12 -53.89 -31.46
CA LEU C 59 5.91 -53.12 -31.74
C LEU C 59 5.99 -51.81 -30.98
N LYS C 60 5.87 -50.70 -31.70
CA LYS C 60 5.91 -49.37 -31.11
C LYS C 60 4.52 -48.77 -31.17
N GLY C 61 4.07 -48.18 -30.05
CA GLY C 61 2.75 -47.59 -29.97
C GLY C 61 2.82 -46.16 -29.47
N LYS C 62 1.74 -45.74 -28.83
CA LYS C 62 1.63 -44.36 -28.37
C LYS C 62 2.30 -44.21 -27.00
N LYS C 63 2.64 -42.95 -26.67
CA LYS C 63 3.27 -42.60 -25.41
C LYS C 63 4.60 -43.32 -25.20
N ARG C 64 5.31 -43.61 -26.30
CA ARG C 64 6.62 -44.26 -26.25
C ARG C 64 6.57 -45.59 -25.51
N ARG C 65 5.53 -46.38 -25.77
CA ARG C 65 5.39 -47.71 -25.18
C ARG C 65 5.64 -48.75 -26.26
N GLU C 66 6.52 -49.70 -25.97
CA GLU C 66 6.91 -50.72 -26.93
C GLU C 66 6.75 -52.09 -26.31
N ALA C 67 6.53 -53.08 -27.18
CA ALA C 67 6.38 -54.47 -26.77
C ALA C 67 7.15 -55.35 -27.73
N VAL C 68 7.44 -56.58 -27.29
CA VAL C 68 8.05 -57.60 -28.13
C VAL C 68 7.09 -58.77 -28.23
N CYS C 69 6.74 -59.14 -29.47
CA CYS C 69 5.72 -60.15 -29.68
C CYS C 69 6.14 -61.12 -30.77
N ILE C 70 5.77 -62.39 -30.60
CA ILE C 70 6.00 -63.37 -31.65
C ILE C 70 4.98 -63.18 -32.76
N VAL C 71 5.46 -63.05 -33.98
CA VAL C 71 4.59 -62.82 -35.14
C VAL C 71 4.09 -64.16 -35.66
N LEU C 72 2.79 -64.24 -35.95
CA LEU C 72 2.16 -65.44 -36.47
C LEU C 72 1.39 -65.08 -37.73
N SER C 73 1.54 -65.90 -38.77
CA SER C 73 0.86 -65.65 -40.03
C SER C 73 -0.64 -65.96 -39.89
N ASP C 74 -1.46 -65.06 -40.43
CA ASP C 74 -2.91 -65.23 -40.45
C ASP C 74 -3.43 -64.70 -41.78
N ASP C 75 -4.12 -65.57 -42.54
CA ASP C 75 -4.67 -65.16 -43.82
C ASP C 75 -5.82 -64.17 -43.64
N THR C 76 -6.59 -64.32 -42.55
CA THR C 76 -7.71 -63.42 -42.31
C THR C 76 -7.23 -62.00 -42.04
N CYS C 77 -6.01 -61.86 -41.50
CA CYS C 77 -5.45 -60.54 -41.22
C CYS C 77 -5.32 -59.74 -42.51
N SER C 78 -5.77 -58.50 -42.47
CA SER C 78 -5.74 -57.64 -43.66
C SER C 78 -4.32 -57.21 -43.97
N ASP C 79 -4.09 -56.84 -45.24
CA ASP C 79 -2.79 -56.35 -45.65
C ASP C 79 -2.41 -55.07 -44.93
N GLU C 80 -3.38 -54.19 -44.71
CA GLU C 80 -3.14 -52.92 -44.03
C GLU C 80 -3.32 -53.00 -42.53
N LYS C 81 -3.85 -54.10 -42.01
CA LYS C 81 -4.17 -54.21 -40.59
C LYS C 81 -3.32 -55.28 -39.93
N ILE C 82 -3.09 -55.11 -38.63
CA ILE C 82 -2.41 -56.10 -37.81
C ILE C 82 -3.34 -56.40 -36.63
N ARG C 83 -3.53 -57.68 -36.34
CA ARG C 83 -4.52 -58.11 -35.37
C ARG C 83 -3.89 -58.20 -33.98
N MET C 84 -4.61 -57.68 -33.00
CA MET C 84 -4.09 -57.54 -31.64
C MET C 84 -5.17 -57.97 -30.66
N ASN C 85 -4.76 -58.40 -29.47
CA ASN C 85 -5.70 -58.65 -28.39
C ASN C 85 -5.68 -57.51 -27.38
N ARG C 86 -6.44 -57.67 -26.29
CA ARG C 86 -6.50 -56.64 -25.26
C ARG C 86 -5.13 -56.39 -24.64
N VAL C 87 -4.37 -57.47 -24.42
CA VAL C 87 -3.12 -57.37 -23.65
C VAL C 87 -2.11 -56.47 -24.36
N VAL C 88 -1.75 -56.83 -25.59
CA VAL C 88 -0.71 -56.09 -26.30
C VAL C 88 -1.18 -54.68 -26.63
N ARG C 89 -2.48 -54.51 -26.90
CA ARG C 89 -2.99 -53.17 -27.18
C ARG C 89 -2.89 -52.28 -25.95
N ASN C 90 -3.22 -52.80 -24.77
CA ASN C 90 -3.11 -52.00 -23.55
C ASN C 90 -1.65 -51.76 -23.20
N ASN C 91 -0.79 -52.74 -23.46
CA ASN C 91 0.64 -52.56 -23.22
C ASN C 91 1.23 -51.51 -24.16
N LEU C 92 0.69 -51.42 -25.38
CA LEU C 92 1.09 -50.39 -26.32
C LEU C 92 0.30 -49.09 -26.17
N ARG C 93 -0.66 -49.05 -25.25
CA ARG C 93 -1.47 -47.86 -24.98
C ARG C 93 -2.21 -47.41 -26.24
N VAL C 94 -2.76 -48.37 -26.98
CA VAL C 94 -3.41 -48.08 -28.26
C VAL C 94 -4.83 -48.63 -28.23
N ARG C 95 -5.63 -48.12 -29.16
CA ARG C 95 -7.02 -48.53 -29.32
C ARG C 95 -7.22 -49.11 -30.71
N LEU C 96 -8.35 -49.80 -30.89
CA LEU C 96 -8.64 -50.41 -32.18
C LEU C 96 -8.74 -49.35 -33.28
N GLY C 97 -8.14 -49.66 -34.43
CA GLY C 97 -8.10 -48.74 -35.54
C GLY C 97 -6.90 -47.82 -35.59
N ASP C 98 -6.03 -47.88 -34.59
CA ASP C 98 -4.83 -47.05 -34.57
C ASP C 98 -3.81 -47.57 -35.58
N VAL C 99 -2.76 -46.78 -35.78
CA VAL C 99 -1.65 -47.14 -36.67
C VAL C 99 -0.42 -47.33 -35.81
N ILE C 100 0.14 -48.55 -35.81
CA ILE C 100 1.31 -48.85 -35.01
C ILE C 100 2.36 -49.52 -35.89
N SER C 101 3.61 -49.46 -35.45
CA SER C 101 4.75 -49.90 -36.24
C SER C 101 5.27 -51.23 -35.73
N ILE C 102 5.52 -52.15 -36.65
CA ILE C 102 6.10 -53.46 -36.37
C ILE C 102 7.43 -53.55 -37.13
N GLN C 103 8.49 -53.90 -36.41
CA GLN C 103 9.79 -54.02 -37.04
C GLN C 103 10.49 -55.29 -36.57
N PRO C 104 11.42 -55.82 -37.37
CA PRO C 104 12.24 -56.95 -36.90
C PRO C 104 13.03 -56.55 -35.67
N CYS C 105 13.07 -57.44 -34.69
CA CYS C 105 13.71 -57.17 -33.41
C CYS C 105 14.72 -58.26 -33.08
N PRO C 106 15.95 -58.18 -33.60
CA PRO C 106 16.98 -59.14 -33.18
C PRO C 106 17.63 -58.73 -31.88
N ASP C 107 18.69 -59.43 -31.48
CA ASP C 107 19.44 -59.19 -30.24
C ASP C 107 18.58 -59.36 -29.00
N VAL C 108 17.60 -60.26 -29.05
CA VAL C 108 16.77 -60.57 -27.87
C VAL C 108 17.16 -61.98 -27.43
N LYS C 109 18.01 -62.03 -26.40
CA LYS C 109 18.55 -63.31 -25.95
C LYS C 109 17.74 -63.85 -24.78
N TYR C 110 18.09 -65.08 -24.38
CA TYR C 110 17.48 -65.68 -23.19
C TYR C 110 17.84 -64.86 -21.96
N GLY C 111 16.85 -64.60 -21.12
CA GLY C 111 17.05 -63.69 -20.00
C GLY C 111 17.99 -64.26 -18.96
N LYS C 112 18.83 -63.39 -18.40
CA LYS C 112 19.67 -63.78 -17.27
C LYS C 112 18.83 -63.94 -16.01
N ARG C 113 17.96 -62.97 -15.73
CA ARG C 113 17.08 -63.01 -14.58
C ARG C 113 15.91 -62.07 -14.85
N ILE C 114 14.72 -62.47 -14.43
CA ILE C 114 13.50 -61.73 -14.71
C ILE C 114 12.64 -61.69 -13.45
N HIS C 115 12.12 -60.50 -13.12
CA HIS C 115 11.21 -60.31 -12.01
C HIS C 115 9.80 -60.14 -12.56
N VAL C 116 8.89 -61.00 -12.15
CA VAL C 116 7.49 -60.92 -12.53
C VAL C 116 6.67 -60.79 -11.26
N LEU C 117 5.78 -59.80 -11.22
CA LEU C 117 5.07 -59.47 -10.00
C LEU C 117 3.59 -59.24 -10.29
N PRO C 118 2.68 -59.92 -9.60
CA PRO C 118 1.25 -59.74 -9.88
C PRO C 118 0.71 -58.44 -9.33
N ILE C 119 -0.39 -57.98 -9.94
CA ILE C 119 -1.09 -56.80 -9.44
C ILE C 119 -1.75 -57.15 -8.10
N ASP C 120 -1.89 -56.14 -7.23
CA ASP C 120 -2.30 -56.41 -5.85
C ASP C 120 -3.71 -56.99 -5.80
N ASP C 121 -4.62 -56.51 -6.65
CA ASP C 121 -5.96 -57.09 -6.68
C ASP C 121 -5.91 -58.53 -7.21
N THR C 122 -4.98 -58.81 -8.12
CA THR C 122 -4.80 -60.18 -8.59
C THR C 122 -4.06 -61.04 -7.56
N VAL C 123 -3.33 -60.41 -6.65
CA VAL C 123 -2.73 -61.15 -5.54
C VAL C 123 -3.84 -61.74 -4.67
N GLU C 124 -4.88 -60.96 -4.39
CA GLU C 124 -6.00 -61.45 -3.61
C GLU C 124 -6.68 -62.61 -4.31
N GLY C 125 -7.09 -63.62 -3.55
CA GLY C 125 -7.73 -64.78 -4.10
C GLY C 125 -6.80 -65.79 -4.73
N ILE C 126 -5.50 -65.68 -4.50
CA ILE C 126 -4.51 -66.60 -5.06
C ILE C 126 -3.73 -67.20 -3.90
N THR C 127 -3.63 -68.54 -3.87
CA THR C 127 -3.02 -69.25 -2.77
C THR C 127 -1.77 -70.03 -3.14
N GLY C 128 -1.63 -70.44 -4.40
CA GLY C 128 -0.47 -71.21 -4.80
C GLY C 128 0.75 -70.32 -5.01
N ASN C 129 1.90 -70.97 -5.18
CA ASN C 129 3.13 -70.23 -5.47
C ASN C 129 3.01 -69.50 -6.79
N LEU C 130 3.44 -68.24 -6.81
CA LEU C 130 3.23 -67.40 -7.98
C LEU C 130 4.03 -67.90 -9.18
N PHE C 131 5.30 -68.25 -8.95
CA PHE C 131 6.17 -68.67 -10.05
C PHE C 131 5.78 -70.05 -10.58
N GLU C 132 5.44 -70.97 -9.67
CA GLU C 132 5.21 -72.36 -10.08
C GLU C 132 3.81 -72.57 -10.64
N VAL C 133 2.79 -72.09 -9.94
CA VAL C 133 1.42 -72.45 -10.28
C VAL C 133 1.01 -71.83 -11.60
N TYR C 134 1.30 -70.55 -11.81
CA TYR C 134 0.86 -69.82 -12.99
C TYR C 134 1.99 -69.46 -13.93
N LEU C 135 3.05 -68.83 -13.42
CA LEU C 135 4.10 -68.33 -14.31
C LEU C 135 4.83 -69.46 -15.02
N LYS C 136 5.14 -70.54 -14.30
CA LYS C 136 5.92 -71.62 -14.91
C LYS C 136 5.21 -72.29 -16.07
N PRO C 137 3.95 -72.76 -15.94
CA PRO C 137 3.27 -73.30 -17.14
C PRO C 137 3.09 -72.26 -18.23
N TYR C 138 2.90 -71.00 -17.84
CA TYR C 138 2.84 -69.91 -18.80
C TYR C 138 4.15 -69.77 -19.56
N PHE C 139 5.28 -69.98 -18.87
CA PHE C 139 6.59 -69.85 -19.46
C PHE C 139 7.26 -71.20 -19.73
N LEU C 140 6.51 -72.29 -19.68
CA LEU C 140 7.05 -73.63 -19.94
C LEU C 140 7.03 -73.88 -21.45
N GLU C 141 8.22 -74.00 -22.04
CA GLU C 141 8.39 -74.28 -23.46
C GLU C 141 7.69 -73.25 -24.35
N ALA C 142 7.50 -72.03 -23.84
CA ALA C 142 6.90 -70.96 -24.62
C ALA C 142 7.90 -69.91 -25.08
N TYR C 143 8.92 -69.63 -24.27
CA TYR C 143 9.96 -68.66 -24.61
C TYR C 143 9.36 -67.32 -24.99
N ARG C 144 8.40 -66.88 -24.18
CA ARG C 144 7.63 -65.68 -24.51
C ARG C 144 8.49 -64.44 -24.40
N PRO C 145 8.37 -63.49 -25.32
CA PRO C 145 9.14 -62.25 -25.20
C PRO C 145 8.42 -61.24 -24.33
N ILE C 146 9.18 -60.56 -23.47
CA ILE C 146 8.64 -59.54 -22.57
C ILE C 146 9.55 -58.32 -22.56
N ARG C 147 8.98 -57.21 -22.13
CA ARG C 147 9.69 -55.95 -21.91
C ARG C 147 9.23 -55.36 -20.58
N LYS C 148 10.10 -54.56 -19.96
CA LYS C 148 9.80 -53.99 -18.67
C LYS C 148 8.51 -53.16 -18.73
N GLY C 149 7.64 -53.35 -17.74
CA GLY C 149 6.39 -52.64 -17.66
C GLY C 149 5.22 -53.30 -18.34
N ASP C 150 5.40 -54.46 -18.95
CA ASP C 150 4.30 -55.15 -19.62
C ASP C 150 3.31 -55.70 -18.59
N ILE C 151 2.03 -55.62 -18.92
CA ILE C 151 0.96 -56.22 -18.13
C ILE C 151 0.42 -57.41 -18.90
N PHE C 152 0.59 -58.61 -18.35
CA PHE C 152 0.12 -59.82 -19.02
C PHE C 152 -0.68 -60.67 -18.05
N LEU C 153 -1.79 -61.23 -18.53
CA LEU C 153 -2.73 -61.97 -17.70
C LEU C 153 -2.56 -63.46 -17.94
N VAL C 154 -2.28 -64.20 -16.87
CA VAL C 154 -2.11 -65.65 -16.92
C VAL C 154 -3.39 -66.29 -16.41
N ARG C 155 -3.94 -67.21 -17.19
CA ARG C 155 -5.17 -67.92 -16.85
C ARG C 155 -4.85 -69.14 -15.98
N GLY C 156 -5.93 -69.78 -15.50
CA GLY C 156 -5.79 -70.99 -14.72
C GLY C 156 -5.86 -70.74 -13.22
N GLY C 157 -5.80 -71.85 -12.48
CA GLY C 157 -5.86 -71.78 -11.04
C GLY C 157 -7.22 -71.33 -10.54
N MET C 158 -7.20 -70.72 -9.36
CA MET C 158 -8.44 -70.21 -8.76
C MET C 158 -8.92 -68.96 -9.50
N ARG C 159 -7.99 -68.13 -9.96
CA ARG C 159 -8.34 -66.89 -10.63
C ARG C 159 -7.23 -66.49 -11.57
N ALA C 160 -7.60 -65.83 -12.67
CA ALA C 160 -6.63 -65.30 -13.61
C ALA C 160 -5.88 -64.12 -12.99
N VAL C 161 -4.56 -64.10 -13.16
CA VAL C 161 -3.68 -63.18 -12.45
C VAL C 161 -2.98 -62.27 -13.45
N GLU C 162 -3.10 -60.96 -13.23
CA GLU C 162 -2.36 -59.99 -14.03
C GLU C 162 -0.99 -59.76 -13.42
N PHE C 163 0.04 -59.80 -14.26
CA PHE C 163 1.43 -59.68 -13.81
C PHE C 163 2.08 -58.50 -14.51
N LYS C 164 2.93 -57.78 -13.76
CA LYS C 164 3.75 -56.69 -14.30
C LYS C 164 5.21 -57.07 -14.13
N VAL C 165 6.01 -56.81 -15.17
CA VAL C 165 7.43 -57.16 -15.16
C VAL C 165 8.24 -55.93 -14.77
N VAL C 166 8.56 -55.80 -13.48
CA VAL C 166 9.27 -54.62 -13.00
C VAL C 166 10.72 -54.63 -13.49
N GLU C 167 11.33 -55.80 -13.57
CA GLU C 167 12.75 -55.94 -13.92
C GLU C 167 12.91 -56.86 -15.11
N THR C 168 13.79 -56.49 -16.04
CA THR C 168 14.08 -57.28 -17.22
C THR C 168 15.59 -57.34 -17.44
N ASP C 169 16.07 -58.44 -17.99
CA ASP C 169 17.46 -58.60 -18.36
C ASP C 169 17.54 -59.54 -19.57
N PRO C 170 18.24 -59.15 -20.65
CA PRO C 170 18.89 -57.84 -20.80
C PRO C 170 17.88 -56.72 -21.03
N SER C 171 18.12 -55.57 -20.40
CA SER C 171 17.16 -54.48 -20.45
C SER C 171 17.04 -53.92 -21.87
N PRO C 172 15.81 -53.69 -22.35
CA PRO C 172 14.58 -54.06 -21.63
C PRO C 172 13.85 -55.25 -22.25
N TYR C 173 14.22 -55.64 -23.46
CA TYR C 173 13.56 -56.70 -24.21
C TYR C 173 14.27 -58.01 -23.93
N CYS C 174 13.52 -59.06 -23.60
CA CYS C 174 14.13 -60.33 -23.27
C CYS C 174 13.15 -61.46 -23.53
N ILE C 175 13.66 -62.70 -23.42
CA ILE C 175 12.88 -63.91 -23.63
C ILE C 175 12.85 -64.68 -22.31
N VAL C 176 11.65 -65.09 -21.89
CA VAL C 176 11.51 -65.81 -20.62
C VAL C 176 11.59 -67.30 -20.93
N ALA C 177 12.81 -67.84 -20.93
CA ALA C 177 13.02 -69.27 -21.05
C ALA C 177 12.91 -69.92 -19.68
N PRO C 178 12.62 -71.23 -19.62
CA PRO C 178 12.54 -71.89 -18.31
C PRO C 178 13.82 -71.80 -17.49
N ASP C 179 14.99 -71.77 -18.15
CA ASP C 179 16.24 -71.70 -17.41
C ASP C 179 16.45 -70.32 -16.81
N THR C 180 15.81 -69.29 -17.40
CA THR C 180 15.94 -67.94 -16.89
C THR C 180 15.39 -67.83 -15.47
N VAL C 181 16.17 -67.19 -14.59
CA VAL C 181 15.79 -67.10 -13.19
C VAL C 181 14.57 -66.22 -13.04
N ILE C 182 13.57 -66.72 -12.30
CA ILE C 182 12.35 -65.98 -12.01
C ILE C 182 12.19 -65.91 -10.49
N HIS C 183 12.01 -64.69 -9.97
CA HIS C 183 11.74 -64.47 -8.54
C HIS C 183 10.40 -63.73 -8.45
N CYS C 184 9.33 -64.52 -8.29
CA CYS C 184 7.98 -63.97 -8.35
C CYS C 184 7.66 -63.09 -7.15
N GLU C 185 8.21 -63.44 -5.99
CA GLU C 185 7.84 -62.74 -4.75
C GLU C 185 8.27 -61.28 -4.80
N GLY C 186 7.43 -60.42 -4.25
CA GLY C 186 7.72 -58.99 -4.22
C GLY C 186 6.54 -58.22 -3.68
N GLU C 187 6.73 -56.90 -3.60
CA GLU C 187 5.69 -56.03 -3.07
C GLU C 187 4.57 -55.85 -4.10
N PRO C 188 3.32 -56.12 -3.72
CA PRO C 188 2.21 -56.04 -4.69
C PRO C 188 2.07 -54.64 -5.28
N ILE C 189 1.68 -54.60 -6.55
CA ILE C 189 1.48 -53.36 -7.28
C ILE C 189 -0.02 -53.06 -7.31
N LYS C 190 -0.38 -51.84 -6.91
CA LYS C 190 -1.78 -51.45 -6.87
C LYS C 190 -2.35 -51.33 -8.27
N ARG C 191 -3.64 -51.68 -8.41
CA ARG C 191 -4.30 -51.57 -9.71
C ARG C 191 -4.44 -50.11 -10.13
N GLU C 192 -4.63 -49.21 -9.16
CA GLU C 192 -4.83 -47.80 -9.50
C GLU C 192 -3.59 -47.19 -10.14
N ASP C 193 -2.40 -47.59 -9.68
CA ASP C 193 -1.18 -47.07 -10.30
C ASP C 193 -1.06 -47.52 -11.74
N GLU C 194 -1.33 -48.79 -12.02
CA GLU C 194 -1.27 -49.29 -13.38
C GLU C 194 -2.32 -48.63 -14.25
N GLU C 195 -3.52 -48.41 -13.72
CA GLU C 195 -4.56 -47.74 -14.46
C GLU C 195 -4.18 -46.30 -14.80
N GLU C 196 -3.62 -45.58 -13.83
CA GLU C 196 -3.20 -44.20 -14.06
C GLU C 196 -2.07 -44.14 -15.08
N SER C 197 -1.12 -45.07 -15.01
CA SER C 197 -0.09 -45.14 -16.03
C SER C 197 -0.69 -45.42 -17.40
N LEU C 198 -1.75 -46.25 -17.43
CA LEU C 198 -2.51 -46.42 -18.67
C LEU C 198 -3.31 -45.16 -19.00
N ASN C 199 -3.77 -44.44 -17.98
CA ASN C 199 -4.60 -43.25 -18.15
C ASN C 199 -3.78 -41.98 -18.30
N GLU C 200 -2.48 -42.08 -18.60
CA GLU C 200 -1.68 -40.88 -18.82
C GLU C 200 -2.16 -40.13 -20.05
N VAL C 201 -1.94 -38.82 -20.06
CA VAL C 201 -2.40 -37.97 -21.15
C VAL C 201 -1.36 -37.95 -22.26
N GLY C 202 -1.83 -37.96 -23.50
CA GLY C 202 -0.99 -37.82 -24.66
C GLY C 202 -1.59 -36.80 -25.60
N TYR C 203 -0.97 -36.64 -26.78
CA TYR C 203 -1.48 -35.69 -27.75
C TYR C 203 -2.85 -36.10 -28.31
N ASP C 204 -3.27 -37.34 -28.08
CA ASP C 204 -4.59 -37.75 -28.54
C ASP C 204 -5.70 -37.19 -27.65
N ASP C 205 -5.33 -36.70 -26.47
CA ASP C 205 -6.30 -36.13 -25.54
C ASP C 205 -6.49 -34.63 -25.69
N ILE C 206 -5.89 -34.02 -26.70
CA ILE C 206 -6.09 -32.60 -27.00
C ILE C 206 -6.80 -32.49 -28.34
N GLY C 207 -7.97 -31.87 -28.34
CA GLY C 207 -8.74 -31.68 -29.55
C GLY C 207 -8.92 -30.20 -29.84
N GLY C 208 -9.00 -29.87 -31.13
CA GLY C 208 -9.18 -28.50 -31.55
C GLY C 208 -7.94 -27.65 -31.53
N CYS C 209 -6.76 -28.24 -31.38
CA CYS C 209 -5.49 -27.53 -31.35
C CYS C 209 -4.51 -28.15 -32.33
N ARG C 210 -4.98 -28.43 -33.55
CA ARG C 210 -4.13 -29.10 -34.53
C ARG C 210 -2.94 -28.24 -34.93
N LYS C 211 -3.18 -26.98 -35.29
CA LYS C 211 -2.09 -26.10 -35.69
C LYS C 211 -1.17 -25.79 -34.51
N GLN C 212 -1.74 -25.56 -33.34
CA GLN C 212 -0.94 -25.31 -32.16
C GLN C 212 -0.09 -26.52 -31.79
N LEU C 213 -0.68 -27.72 -31.84
CA LEU C 213 0.09 -28.93 -31.58
C LEU C 213 1.17 -29.12 -32.63
N ALA C 214 0.88 -28.75 -33.88
CA ALA C 214 1.91 -28.85 -34.93
C ALA C 214 3.09 -27.96 -34.62
N GLN C 215 2.84 -26.70 -34.21
CA GLN C 215 3.93 -25.81 -33.85
C GLN C 215 4.71 -26.35 -32.65
N ILE C 216 4.00 -26.82 -31.62
CA ILE C 216 4.65 -27.33 -30.43
C ILE C 216 5.51 -28.54 -30.77
N LYS C 217 5.02 -29.42 -31.65
CA LYS C 217 5.81 -30.57 -32.06
C LYS C 217 7.03 -30.15 -32.87
N GLU C 218 6.86 -29.20 -33.79
CA GLU C 218 8.00 -28.71 -34.55
C GLU C 218 9.07 -28.15 -33.63
N MET C 219 8.67 -27.57 -32.50
CA MET C 219 9.66 -26.94 -31.63
C MET C 219 10.24 -27.92 -30.61
N VAL C 220 9.50 -28.97 -30.26
CA VAL C 220 9.86 -29.86 -29.16
C VAL C 220 10.37 -31.21 -29.66
N GLU C 221 9.59 -31.90 -30.50
CA GLU C 221 9.91 -33.28 -30.83
C GLU C 221 10.83 -33.37 -32.04
N LEU C 222 10.63 -32.49 -33.02
CA LEU C 222 11.47 -32.51 -34.22
C LEU C 222 12.95 -32.28 -33.93
N PRO C 223 13.35 -31.28 -33.13
CA PRO C 223 14.79 -31.12 -32.87
C PRO C 223 15.42 -32.33 -32.20
N LEU C 224 14.69 -32.98 -31.29
CA LEU C 224 15.26 -34.07 -30.52
C LEU C 224 15.50 -35.30 -31.39
N ARG C 225 14.50 -35.67 -32.19
CA ARG C 225 14.59 -36.91 -32.97
C ARG C 225 15.44 -36.74 -34.21
N HIS C 226 15.50 -35.53 -34.77
CA HIS C 226 16.28 -35.27 -35.99
C HIS C 226 17.11 -34.00 -35.82
N PRO C 227 18.11 -34.01 -34.93
CA PRO C 227 18.99 -32.84 -34.83
C PRO C 227 19.83 -32.63 -36.08
N ALA C 228 19.98 -33.68 -36.91
CA ALA C 228 20.79 -33.57 -38.10
C ALA C 228 20.22 -32.56 -39.08
N LEU C 229 18.90 -32.40 -39.09
CA LEU C 229 18.28 -31.40 -39.96
C LEU C 229 18.74 -29.99 -39.60
N PHE C 230 18.75 -29.68 -38.30
CA PHE C 230 19.15 -28.34 -37.87
C PHE C 230 20.65 -28.17 -37.92
N LYS C 231 21.41 -29.27 -37.87
CA LYS C 231 22.84 -29.18 -38.15
C LYS C 231 23.09 -28.88 -39.62
N GLU C 232 22.31 -29.51 -40.51
CA GLU C 232 22.49 -29.31 -41.94
C GLU C 232 22.09 -27.89 -42.36
N ILE C 233 20.97 -27.39 -41.82
CA ILE C 233 20.48 -26.07 -42.19
C ILE C 233 21.20 -24.96 -41.42
N GLY C 234 22.00 -25.30 -40.43
CA GLY C 234 22.83 -24.32 -39.75
C GLY C 234 22.09 -23.30 -38.90
N VAL C 235 21.05 -23.74 -38.18
CA VAL C 235 20.40 -22.91 -37.17
C VAL C 235 20.16 -23.74 -35.93
N LYS C 236 19.94 -23.05 -34.83
CA LYS C 236 19.48 -23.68 -33.61
C LYS C 236 17.95 -23.64 -33.56
N PRO C 237 17.29 -24.78 -33.38
CA PRO C 237 15.84 -24.76 -33.32
C PRO C 237 15.36 -23.92 -32.15
N PRO C 238 14.19 -23.29 -32.28
CA PRO C 238 13.71 -22.42 -31.20
C PRO C 238 13.54 -23.17 -29.89
N ARG C 239 13.89 -22.50 -28.79
CA ARG C 239 13.98 -23.13 -27.48
C ARG C 239 12.94 -22.62 -26.49
N GLY C 240 12.11 -21.66 -26.88
CA GLY C 240 11.14 -21.09 -25.95
C GLY C 240 9.73 -21.08 -26.48
N ILE C 241 8.79 -21.61 -25.71
CA ILE C 241 7.38 -21.67 -26.08
C ILE C 241 6.57 -21.00 -24.98
N LEU C 242 5.72 -20.05 -25.35
CA LEU C 242 4.79 -19.43 -24.42
C LEU C 242 3.38 -19.73 -24.87
N LEU C 243 2.69 -20.62 -24.17
CA LEU C 243 1.29 -20.92 -24.45
C LEU C 243 0.43 -19.90 -23.73
N TYR C 244 -0.47 -19.24 -24.47
CA TYR C 244 -1.38 -18.27 -23.87
C TYR C 244 -2.79 -18.50 -24.37
N GLY C 245 -3.77 -18.12 -23.56
CA GLY C 245 -5.16 -18.25 -23.91
C GLY C 245 -6.05 -18.10 -22.70
N PRO C 246 -7.36 -18.10 -22.89
CA PRO C 246 -8.28 -18.04 -21.76
C PRO C 246 -8.23 -19.33 -20.95
N PRO C 247 -8.67 -19.30 -19.70
CA PRO C 247 -8.63 -20.52 -18.89
C PRO C 247 -9.48 -21.63 -19.50
N GLY C 248 -8.98 -22.87 -19.38
CA GLY C 248 -9.68 -24.04 -19.85
C GLY C 248 -9.34 -24.49 -21.25
N THR C 249 -8.50 -23.74 -21.97
CA THR C 249 -8.18 -24.11 -23.35
C THR C 249 -7.31 -25.36 -23.41
N GLY C 250 -6.55 -25.64 -22.36
CA GLY C 250 -5.76 -26.85 -22.33
C GLY C 250 -4.27 -26.64 -22.37
N LYS C 251 -3.80 -25.50 -21.85
CA LYS C 251 -2.36 -25.24 -21.85
C LYS C 251 -1.63 -26.21 -20.92
N THR C 252 -2.14 -26.36 -19.70
CA THR C 252 -1.58 -27.35 -18.79
C THR C 252 -1.77 -28.77 -19.32
N LEU C 253 -2.90 -29.01 -19.99
CA LEU C 253 -3.12 -30.31 -20.62
C LEU C 253 -2.08 -30.60 -21.69
N ILE C 254 -1.76 -29.59 -22.52
CA ILE C 254 -0.73 -29.78 -23.54
C ILE C 254 0.64 -29.98 -22.89
N ALA C 255 0.90 -29.29 -21.79
CA ALA C 255 2.15 -29.50 -21.08
C ALA C 255 2.26 -30.94 -20.57
N ARG C 256 1.18 -31.45 -19.99
CA ARG C 256 1.18 -32.84 -19.52
C ARG C 256 1.36 -33.81 -20.67
N ALA C 257 0.69 -33.56 -21.80
CA ALA C 257 0.85 -34.42 -22.97
C ALA C 257 2.29 -34.43 -23.45
N VAL C 258 2.92 -33.27 -23.52
CA VAL C 258 4.32 -33.19 -23.94
C VAL C 258 5.20 -33.94 -22.95
N ALA C 259 4.94 -33.77 -21.66
CA ALA C 259 5.73 -34.45 -20.64
C ALA C 259 5.65 -35.96 -20.80
N ASN C 260 4.45 -36.47 -21.04
CA ASN C 260 4.28 -37.92 -21.14
C ASN C 260 4.85 -38.47 -22.45
N GLU C 261 4.68 -37.75 -23.55
CA GLU C 261 4.94 -38.32 -24.87
C GLU C 261 6.28 -37.92 -25.47
N THR C 262 7.15 -37.24 -24.73
CA THR C 262 8.47 -36.87 -25.26
C THR C 262 9.55 -37.71 -24.58
N GLY C 263 10.63 -37.94 -25.31
CA GLY C 263 11.75 -38.69 -24.76
C GLY C 263 12.82 -37.81 -24.15
N ALA C 264 12.41 -36.88 -23.30
CA ALA C 264 13.33 -35.96 -22.66
C ALA C 264 12.90 -35.76 -21.21
N PHE C 265 13.88 -35.40 -20.38
CA PHE C 265 13.60 -35.11 -18.98
C PHE C 265 12.65 -33.93 -18.87
N PHE C 266 11.67 -34.05 -17.98
CA PHE C 266 10.65 -33.02 -17.82
C PHE C 266 10.66 -32.48 -16.40
N PHE C 267 10.78 -31.17 -16.28
CA PHE C 267 10.69 -30.47 -15.01
C PHE C 267 9.52 -29.51 -15.04
N LEU C 268 8.69 -29.55 -14.01
CA LEU C 268 7.49 -28.71 -13.95
C LEU C 268 7.67 -27.69 -12.83
N ILE C 269 7.36 -26.43 -13.14
CA ILE C 269 7.46 -25.34 -12.19
C ILE C 269 6.12 -24.63 -12.12
N ASN C 270 5.65 -24.40 -10.90
CA ASN C 270 4.46 -23.59 -10.66
C ASN C 270 4.91 -22.22 -10.17
N GLY C 271 4.21 -21.18 -10.64
CA GLY C 271 4.57 -19.82 -10.30
C GLY C 271 4.69 -19.52 -8.83
N PRO C 272 3.60 -19.58 -8.05
CA PRO C 272 3.69 -19.22 -6.63
C PRO C 272 4.62 -20.12 -5.82
N GLU C 273 4.79 -21.38 -6.21
CA GLU C 273 5.58 -22.30 -5.40
C GLU C 273 7.04 -21.87 -5.34
N ILE C 274 7.48 -21.08 -6.31
CA ILE C 274 8.84 -20.56 -6.30
C ILE C 274 9.01 -19.50 -5.21
N MET C 275 7.97 -18.72 -4.97
CA MET C 275 8.05 -17.58 -4.05
C MET C 275 8.47 -18.03 -2.66
N SER C 276 9.32 -17.21 -2.02
CA SER C 276 9.72 -17.44 -0.64
C SER C 276 9.88 -16.10 0.05
N LYS C 277 9.77 -16.11 1.38
CA LYS C 277 9.96 -14.89 2.15
C LYS C 277 11.43 -14.49 2.20
N LEU C 278 12.31 -15.44 2.46
CA LEU C 278 13.73 -15.13 2.59
C LEU C 278 14.30 -14.68 1.25
N ALA C 279 15.09 -13.60 1.30
CA ALA C 279 15.74 -13.10 0.09
C ALA C 279 16.82 -14.08 -0.35
N GLY C 280 16.76 -14.47 -1.63
CA GLY C 280 17.70 -15.42 -2.18
C GLY C 280 17.17 -16.83 -2.33
N GLU C 281 16.06 -17.16 -1.68
CA GLU C 281 15.50 -18.51 -1.80
C GLU C 281 14.87 -18.74 -3.17
N SER C 282 14.13 -17.76 -3.68
CA SER C 282 13.39 -17.98 -4.92
C SER C 282 14.32 -18.05 -6.13
N GLU C 283 15.30 -17.15 -6.20
CA GLU C 283 16.29 -17.23 -7.26
C GLU C 283 17.09 -18.51 -7.17
N SER C 284 17.37 -18.96 -5.95
CA SER C 284 18.06 -20.25 -5.77
C SER C 284 17.19 -21.41 -6.24
N ASN C 285 15.88 -21.36 -6.00
CA ASN C 285 15.00 -22.40 -6.51
C ASN C 285 15.01 -22.43 -8.03
N LEU C 286 14.95 -21.26 -8.67
CA LEU C 286 15.03 -21.21 -10.12
C LEU C 286 16.36 -21.78 -10.63
N ARG C 287 17.46 -21.40 -9.98
CA ARG C 287 18.76 -21.93 -10.36
C ARG C 287 18.83 -23.43 -10.20
N LYS C 288 18.27 -23.96 -9.11
CA LYS C 288 18.29 -25.40 -8.89
C LYS C 288 17.47 -26.13 -9.96
N ALA C 289 16.30 -25.59 -10.31
CA ALA C 289 15.50 -26.22 -11.36
C ALA C 289 16.25 -26.22 -12.69
N PHE C 290 16.87 -25.10 -13.04
CA PHE C 290 17.56 -25.03 -14.32
C PHE C 290 18.82 -25.90 -14.32
N GLU C 291 19.52 -25.99 -13.19
CA GLU C 291 20.66 -26.89 -13.08
C GLU C 291 20.24 -28.34 -13.21
N GLU C 292 19.12 -28.71 -12.58
CA GLU C 292 18.61 -30.07 -12.70
C GLU C 292 18.25 -30.39 -14.14
N ALA C 293 17.64 -29.43 -14.85
CA ALA C 293 17.36 -29.65 -16.27
C ALA C 293 18.64 -29.78 -17.08
N GLU C 294 19.64 -28.94 -16.78
CA GLU C 294 20.89 -28.98 -17.53
C GLU C 294 21.63 -30.30 -17.35
N LYS C 295 21.64 -30.84 -16.13
CA LYS C 295 22.28 -32.13 -15.90
C LYS C 295 21.59 -33.22 -16.71
N ASN C 296 20.26 -33.24 -16.69
CA ASN C 296 19.48 -34.23 -17.43
C ASN C 296 19.04 -33.65 -18.77
N ALA C 297 20.03 -33.36 -19.61
CA ALA C 297 19.75 -32.73 -20.90
C ALA C 297 19.80 -33.77 -22.01
N PRO C 298 18.97 -33.65 -23.05
CA PRO C 298 17.97 -32.58 -23.26
C PRO C 298 16.75 -32.68 -22.34
N ALA C 299 16.23 -31.52 -21.94
CA ALA C 299 15.17 -31.46 -20.95
C ALA C 299 14.14 -30.41 -21.35
N ILE C 300 12.95 -30.52 -20.78
CA ILE C 300 11.88 -29.56 -20.99
C ILE C 300 11.45 -29.02 -19.62
N ILE C 301 11.57 -27.71 -19.45
CA ILE C 301 11.09 -27.03 -18.25
C ILE C 301 9.77 -26.36 -18.58
N PHE C 302 8.73 -26.67 -17.81
CA PHE C 302 7.43 -26.04 -17.96
C PHE C 302 7.15 -25.19 -16.73
N ILE C 303 6.94 -23.89 -16.95
CA ILE C 303 6.62 -22.94 -15.88
C ILE C 303 5.15 -22.55 -16.04
N ASP C 304 4.30 -23.13 -15.22
CA ASP C 304 2.87 -22.83 -15.24
C ASP C 304 2.62 -21.58 -14.41
N GLU C 305 1.61 -20.82 -14.83
CA GLU C 305 1.28 -19.53 -14.21
C GLU C 305 2.46 -18.57 -14.24
N LEU C 306 2.97 -18.34 -15.45
CA LEU C 306 4.13 -17.46 -15.61
C LEU C 306 3.80 -16.02 -15.22
N ASP C 307 2.53 -15.63 -15.34
CA ASP C 307 2.16 -14.25 -15.01
C ASP C 307 2.36 -13.95 -13.53
N ALA C 308 2.11 -14.94 -12.67
CA ALA C 308 2.27 -14.73 -11.23
C ALA C 308 3.73 -14.50 -10.87
N ILE C 309 4.64 -15.21 -11.53
CA ILE C 309 6.03 -15.21 -11.12
C ILE C 309 6.81 -14.08 -11.80
N ALA C 310 6.37 -13.65 -12.98
CA ALA C 310 7.15 -12.77 -13.84
C ALA C 310 6.34 -11.56 -14.29
N PRO C 311 6.13 -10.59 -13.41
CA PRO C 311 5.54 -9.31 -13.82
C PRO C 311 6.60 -8.38 -14.38
N LYS C 312 6.14 -7.28 -14.97
CA LYS C 312 7.06 -6.28 -15.50
C LYS C 312 7.84 -5.63 -14.38
N ARG C 313 9.15 -5.48 -14.59
CA ARG C 313 10.00 -4.95 -13.52
C ARG C 313 9.78 -3.47 -13.32
N GLU C 314 9.40 -2.74 -14.38
CA GLU C 314 9.12 -1.32 -14.24
C GLU C 314 7.88 -1.09 -13.38
N LYS C 315 6.85 -1.91 -13.55
CA LYS C 315 5.59 -1.74 -12.84
C LYS C 315 5.53 -2.53 -11.53
N THR C 316 6.62 -3.16 -11.12
CA THR C 316 6.66 -3.94 -9.89
C THR C 316 7.41 -3.17 -8.82
N HIS C 317 6.84 -3.09 -7.63
CA HIS C 317 7.48 -2.40 -6.52
C HIS C 317 8.43 -3.31 -5.75
N GLY C 318 7.98 -4.52 -5.44
CA GLY C 318 8.77 -5.45 -4.65
C GLY C 318 10.11 -5.82 -5.29
N GLU C 319 11.17 -5.77 -4.48
CA GLU C 319 12.49 -6.14 -4.99
C GLU C 319 12.59 -7.61 -5.31
N VAL C 320 11.88 -8.45 -4.54
CA VAL C 320 11.97 -9.90 -4.73
C VAL C 320 11.46 -10.28 -6.12
N GLU C 321 10.31 -9.74 -6.52
CA GLU C 321 9.74 -10.08 -7.82
C GLU C 321 10.66 -9.62 -8.96
N ARG C 322 11.22 -8.41 -8.84
CA ARG C 322 12.13 -7.92 -9.87
C ARG C 322 13.36 -8.79 -9.98
N ARG C 323 13.91 -9.21 -8.83
CA ARG C 323 15.07 -10.10 -8.85
C ARG C 323 14.72 -11.46 -9.43
N ILE C 324 13.49 -11.92 -9.20
CA ILE C 324 13.05 -13.19 -9.79
C ILE C 324 12.99 -13.08 -11.31
N VAL C 325 12.44 -11.97 -11.81
CA VAL C 325 12.39 -11.77 -13.25
C VAL C 325 13.79 -11.68 -13.83
N SER C 326 14.69 -10.98 -13.14
CA SER C 326 16.07 -10.89 -13.60
C SER C 326 16.75 -12.26 -13.61
N GLN C 327 16.46 -13.09 -12.61
CA GLN C 327 17.03 -14.44 -12.58
C GLN C 327 16.50 -15.27 -13.74
N LEU C 328 15.21 -15.15 -14.05
CA LEU C 328 14.68 -15.82 -15.23
C LEU C 328 15.39 -15.35 -16.50
N LEU C 329 15.53 -14.03 -16.67
CA LEU C 329 16.19 -13.49 -17.84
C LEU C 329 17.59 -14.06 -17.98
N THR C 330 18.34 -14.09 -16.88
CA THR C 330 19.70 -14.60 -16.91
C THR C 330 19.73 -16.09 -17.22
N LEU C 331 18.83 -16.86 -16.62
CA LEU C 331 18.85 -18.31 -16.79
C LEU C 331 18.52 -18.71 -18.22
N MET C 332 17.50 -18.08 -18.81
CA MET C 332 17.12 -18.44 -20.18
C MET C 332 18.11 -17.88 -21.19
N ASP C 333 18.54 -16.64 -21.02
CA ASP C 333 19.49 -16.01 -21.93
C ASP C 333 20.51 -15.20 -21.13
N GLY C 334 21.70 -15.76 -20.94
CA GLY C 334 22.77 -15.06 -20.25
C GLY C 334 24.06 -15.27 -21.01
N LEU C 335 25.17 -14.92 -20.35
CA LEU C 335 26.48 -15.14 -20.96
C LEU C 335 26.73 -16.63 -21.17
N LYS C 336 26.21 -17.46 -20.27
CA LYS C 336 26.17 -18.91 -20.48
C LYS C 336 24.78 -19.25 -21.02
N GLN C 337 24.74 -19.89 -22.18
CA GLN C 337 23.47 -20.24 -22.79
C GLN C 337 23.15 -21.71 -22.54
N ARG C 338 21.86 -22.00 -22.42
CA ARG C 338 21.40 -23.36 -22.16
C ARG C 338 21.54 -24.17 -23.44
N ALA C 339 22.16 -25.34 -23.32
CA ALA C 339 22.53 -26.10 -24.52
C ALA C 339 21.34 -26.88 -25.07
N HIS C 340 20.67 -27.67 -24.23
CA HIS C 340 19.60 -28.55 -24.68
C HIS C 340 18.32 -28.43 -23.89
N VAL C 341 18.14 -27.39 -23.08
CA VAL C 341 16.94 -27.26 -22.28
C VAL C 341 15.90 -26.46 -23.03
N ILE C 342 14.67 -26.99 -23.08
CA ILE C 342 13.53 -26.29 -23.66
C ILE C 342 12.71 -25.73 -22.50
N VAL C 343 12.44 -24.44 -22.55
CA VAL C 343 11.66 -23.76 -21.50
C VAL C 343 10.27 -23.49 -22.05
N MET C 344 9.26 -24.06 -21.42
CA MET C 344 7.87 -23.85 -21.78
C MET C 344 7.15 -23.12 -20.66
N ALA C 345 6.15 -22.33 -21.04
CA ALA C 345 5.38 -21.58 -20.06
C ALA C 345 3.94 -21.46 -20.53
N ALA C 346 3.05 -21.20 -19.57
CA ALA C 346 1.64 -20.98 -19.84
C ALA C 346 1.17 -19.79 -19.01
N THR C 347 0.36 -18.93 -19.60
CA THR C 347 -0.17 -17.75 -18.92
C THR C 347 -1.49 -17.35 -19.54
N ASN C 348 -2.44 -16.95 -18.69
CA ASN C 348 -3.74 -16.49 -19.19
C ASN C 348 -3.64 -15.09 -19.78
N ARG C 349 -2.70 -14.29 -19.28
CA ARG C 349 -2.52 -12.90 -19.72
C ARG C 349 -1.09 -12.71 -20.20
N PRO C 350 -0.81 -12.91 -21.49
CA PRO C 350 0.58 -12.76 -21.96
C PRO C 350 1.10 -11.34 -21.88
N ASN C 351 0.22 -10.35 -21.86
CA ASN C 351 0.67 -8.96 -21.89
C ASN C 351 1.14 -8.49 -20.52
N SER C 352 0.87 -9.27 -19.48
CA SER C 352 1.37 -8.93 -18.15
C SER C 352 2.81 -9.40 -17.96
N ILE C 353 3.33 -10.19 -18.89
CA ILE C 353 4.70 -10.68 -18.77
C ILE C 353 5.67 -9.54 -19.05
N ASP C 354 6.82 -9.59 -18.38
CA ASP C 354 7.87 -8.62 -18.63
C ASP C 354 8.32 -8.72 -20.09
N PRO C 355 8.40 -7.61 -20.81
CA PRO C 355 8.70 -7.68 -22.25
C PRO C 355 10.06 -8.27 -22.57
N ALA C 356 10.99 -8.28 -21.62
CA ALA C 356 12.29 -8.89 -21.89
C ALA C 356 12.18 -10.40 -22.03
N LEU C 357 11.21 -11.01 -21.36
CA LEU C 357 10.98 -12.44 -21.53
C LEU C 357 10.39 -12.75 -22.89
N ARG C 358 9.53 -11.87 -23.41
CA ARG C 358 8.94 -12.08 -24.72
C ARG C 358 9.91 -11.78 -25.85
N ARG C 359 11.18 -11.59 -25.54
CA ARG C 359 12.21 -11.42 -26.55
C ARG C 359 12.50 -12.76 -27.22
N PHE C 360 13.21 -12.71 -28.36
CA PHE C 360 13.51 -13.93 -29.10
C PHE C 360 14.25 -14.96 -28.27
N GLY C 361 15.45 -14.62 -27.78
CA GLY C 361 16.33 -15.64 -27.23
C GLY C 361 15.74 -16.39 -26.06
N ARG C 362 14.77 -15.79 -25.37
CA ARG C 362 14.21 -16.45 -24.19
C ARG C 362 12.93 -17.23 -24.49
N PHE C 363 11.88 -16.55 -24.94
CA PHE C 363 10.62 -17.20 -25.31
C PHE C 363 10.46 -17.01 -26.81
N ASP C 364 10.99 -17.95 -27.59
CA ASP C 364 11.12 -17.75 -29.02
C ASP C 364 9.76 -17.52 -29.68
N ARG C 365 8.79 -18.39 -29.38
CA ARG C 365 7.51 -18.39 -30.06
C ARG C 365 6.38 -18.36 -29.03
N GLU C 366 5.29 -17.70 -29.39
CA GLU C 366 4.08 -17.65 -28.56
C GLU C 366 2.96 -18.35 -29.30
N VAL C 367 2.36 -19.34 -28.65
CA VAL C 367 1.33 -20.17 -29.22
C VAL C 367 0.00 -19.84 -28.54
N ASP C 368 -1.01 -19.52 -29.34
CA ASP C 368 -2.32 -19.14 -28.84
C ASP C 368 -3.23 -20.36 -28.81
N ILE C 369 -3.48 -20.89 -27.62
CA ILE C 369 -4.49 -21.92 -27.41
C ILE C 369 -5.81 -21.21 -27.17
N GLY C 370 -6.61 -21.06 -28.23
CA GLY C 370 -7.81 -20.27 -28.18
C GLY C 370 -9.05 -21.14 -28.08
N ILE C 371 -10.20 -20.47 -28.15
CA ILE C 371 -11.49 -21.17 -28.11
C ILE C 371 -11.64 -22.04 -29.35
N PRO C 372 -11.94 -23.32 -29.21
CA PRO C 372 -12.08 -24.18 -30.40
C PRO C 372 -13.33 -23.85 -31.19
N ASP C 373 -13.28 -24.19 -32.48
CA ASP C 373 -14.44 -24.06 -33.35
C ASP C 373 -15.39 -25.24 -33.14
N ALA C 374 -16.36 -25.39 -34.04
CA ALA C 374 -17.34 -26.45 -33.90
C ALA C 374 -16.71 -27.83 -34.08
N THR C 375 -15.87 -27.99 -35.10
CA THR C 375 -15.24 -29.30 -35.34
C THR C 375 -14.22 -29.62 -34.26
N GLY C 376 -13.43 -28.63 -33.83
CA GLY C 376 -12.48 -28.86 -32.77
C GLY C 376 -13.16 -29.23 -31.46
N ARG C 377 -14.26 -28.57 -31.14
CA ARG C 377 -14.97 -28.91 -29.91
C ARG C 377 -15.72 -30.23 -30.05
N LEU C 378 -16.10 -30.62 -31.27
CA LEU C 378 -16.61 -31.97 -31.48
C LEU C 378 -15.52 -33.00 -31.20
N GLU C 379 -14.29 -32.72 -31.63
CA GLU C 379 -13.16 -33.59 -31.30
C GLU C 379 -12.94 -33.66 -29.79
N ILE C 380 -13.07 -32.53 -29.10
CA ILE C 380 -12.94 -32.53 -27.64
C ILE C 380 -14.02 -33.38 -27.01
N LEU C 381 -15.26 -33.27 -27.51
CA LEU C 381 -16.36 -34.08 -27.00
C LEU C 381 -16.10 -35.56 -27.22
N GLN C 382 -15.57 -35.91 -28.39
CA GLN C 382 -15.23 -37.31 -28.66
C GLN C 382 -14.15 -37.80 -27.70
N ILE C 383 -13.15 -36.96 -27.42
CA ILE C 383 -12.10 -37.34 -26.49
C ILE C 383 -12.67 -37.58 -25.09
N HIS C 384 -13.58 -36.70 -24.67
CA HIS C 384 -14.06 -36.78 -23.29
C HIS C 384 -15.18 -37.80 -23.11
N THR C 385 -15.78 -38.25 -24.21
CA THR C 385 -16.85 -39.24 -24.15
C THR C 385 -16.41 -40.64 -24.52
N LYS C 386 -15.11 -40.86 -24.76
CA LYS C 386 -14.68 -42.17 -25.23
C LYS C 386 -14.77 -43.23 -24.13
N ASN C 387 -14.50 -42.84 -22.89
CA ASN C 387 -14.54 -43.81 -21.80
C ASN C 387 -15.98 -44.09 -21.37
N MET C 388 -16.83 -43.08 -21.36
CA MET C 388 -18.21 -43.28 -20.95
C MET C 388 -18.95 -44.17 -21.94
N LYS C 389 -19.91 -44.93 -21.43
CA LYS C 389 -20.80 -45.69 -22.29
C LYS C 389 -21.95 -44.80 -22.75
N LEU C 390 -22.17 -44.77 -24.07
CA LEU C 390 -23.12 -43.85 -24.68
C LEU C 390 -24.22 -44.63 -25.37
N ALA C 391 -25.45 -44.14 -25.26
CA ALA C 391 -26.57 -44.74 -25.96
C ALA C 391 -26.52 -44.37 -27.44
N ASP C 392 -27.33 -45.07 -28.23
CA ASP C 392 -27.34 -44.86 -29.67
C ASP C 392 -27.87 -43.47 -30.02
N ASP C 393 -28.78 -42.94 -29.21
CA ASP C 393 -29.42 -41.66 -29.55
C ASP C 393 -28.45 -40.49 -29.42
N VAL C 394 -27.31 -40.71 -28.75
CA VAL C 394 -26.36 -39.62 -28.54
C VAL C 394 -25.78 -39.17 -29.87
N ASP C 395 -25.86 -37.87 -30.13
CA ASP C 395 -25.37 -37.26 -31.36
C ASP C 395 -24.42 -36.13 -30.97
N LEU C 396 -23.11 -36.42 -31.01
CA LEU C 396 -22.14 -35.48 -30.46
C LEU C 396 -21.97 -34.26 -31.36
N GLU C 397 -22.29 -34.38 -32.65
CA GLU C 397 -22.17 -33.22 -33.54
C GLU C 397 -23.20 -32.16 -33.19
N GLN C 398 -24.40 -32.58 -32.79
CA GLN C 398 -25.40 -31.62 -32.34
C GLN C 398 -24.92 -30.87 -31.10
N VAL C 399 -24.35 -31.59 -30.14
CA VAL C 399 -23.85 -30.96 -28.92
C VAL C 399 -22.72 -30.01 -29.25
N ALA C 400 -21.86 -30.38 -30.19
CA ALA C 400 -20.79 -29.49 -30.61
C ALA C 400 -21.34 -28.23 -31.26
N ASN C 401 -22.40 -28.36 -32.06
CA ASN C 401 -23.01 -27.19 -32.69
C ASN C 401 -23.63 -26.27 -31.65
N GLU C 402 -24.27 -26.84 -30.62
CA GLU C 402 -25.03 -26.03 -29.68
C GLU C 402 -24.13 -25.29 -28.70
N THR C 403 -22.98 -25.88 -28.35
CA THR C 403 -22.06 -25.29 -27.37
C THR C 403 -21.14 -24.29 -28.07
N HIS C 404 -21.57 -23.03 -28.10
CA HIS C 404 -20.91 -22.05 -28.96
C HIS C 404 -19.64 -21.50 -28.32
N GLY C 405 -19.75 -20.96 -27.11
CA GLY C 405 -18.61 -20.37 -26.44
C GLY C 405 -17.83 -21.29 -25.53
N HIS C 406 -18.08 -22.60 -25.58
CA HIS C 406 -17.42 -23.53 -24.68
C HIS C 406 -15.94 -23.68 -25.07
N VAL C 407 -15.10 -23.92 -24.06
CA VAL C 407 -13.66 -23.75 -24.23
C VAL C 407 -12.90 -25.06 -24.15
N GLY C 408 -13.51 -26.14 -23.70
CA GLY C 408 -12.83 -27.42 -23.60
C GLY C 408 -12.90 -27.98 -22.19
N ALA C 409 -12.74 -27.11 -21.19
CA ALA C 409 -13.11 -27.47 -19.83
C ALA C 409 -14.62 -27.41 -19.66
N ASP C 410 -15.26 -26.52 -20.40
CA ASP C 410 -16.72 -26.46 -20.40
C ASP C 410 -17.32 -27.72 -21.00
N LEU C 411 -16.69 -28.27 -22.03
CA LEU C 411 -17.19 -29.51 -22.64
C LEU C 411 -17.01 -30.69 -21.70
N ALA C 412 -15.88 -30.75 -20.98
CA ALA C 412 -15.68 -31.78 -19.97
C ALA C 412 -16.73 -31.65 -18.87
N ALA C 413 -17.03 -30.42 -18.45
CA ALA C 413 -18.08 -30.21 -17.47
C ALA C 413 -19.43 -30.66 -18.00
N LEU C 414 -19.70 -30.41 -19.28
CA LEU C 414 -20.96 -30.86 -19.88
C LEU C 414 -21.07 -32.37 -19.87
N CYS C 415 -20.00 -33.06 -20.24
CA CYS C 415 -20.01 -34.52 -20.22
C CYS C 415 -20.22 -35.06 -18.81
N SER C 416 -19.54 -34.44 -17.83
CA SER C 416 -19.73 -34.85 -16.44
C SER C 416 -21.16 -34.63 -15.99
N GLU C 417 -21.76 -33.49 -16.35
CA GLU C 417 -23.14 -33.22 -15.97
C GLU C 417 -24.10 -34.20 -16.60
N ALA C 418 -23.86 -34.57 -17.87
CA ALA C 418 -24.70 -35.57 -18.52
C ALA C 418 -24.64 -36.91 -17.80
N ALA C 419 -23.42 -37.35 -17.46
CA ALA C 419 -23.28 -38.62 -16.76
C ALA C 419 -23.94 -38.57 -15.38
N LEU C 420 -23.76 -37.46 -14.66
CA LEU C 420 -24.39 -37.33 -13.34
C LEU C 420 -25.91 -37.28 -13.48
N GLN C 421 -26.42 -36.71 -14.57
CA GLN C 421 -27.87 -36.70 -14.77
C GLN C 421 -28.39 -38.11 -15.01
N ALA C 422 -27.65 -38.92 -15.78
CA ALA C 422 -28.04 -40.32 -15.93
C ALA C 422 -28.04 -41.04 -14.58
N ILE C 423 -27.01 -40.78 -13.78
CA ILE C 423 -26.91 -41.38 -12.44
C ILE C 423 -28.11 -40.99 -11.59
N ARG C 424 -28.50 -39.72 -11.64
CA ARG C 424 -29.62 -39.24 -10.83
C ARG C 424 -30.94 -39.84 -11.30
N LYS C 425 -31.10 -39.99 -12.62
CA LYS C 425 -32.29 -40.67 -13.13
C LYS C 425 -32.35 -42.11 -12.66
N LYS C 426 -31.21 -42.80 -12.61
CA LYS C 426 -31.19 -44.14 -12.03
C LYS C 426 -31.59 -44.11 -10.56
N MET C 427 -31.13 -43.10 -9.82
CA MET C 427 -31.45 -43.04 -8.40
C MET C 427 -32.91 -42.71 -8.14
N ASP C 428 -33.58 -42.08 -9.12
CA ASP C 428 -35.02 -41.94 -9.00
C ASP C 428 -35.71 -43.31 -8.91
N LEU C 429 -35.05 -44.35 -9.41
CA LEU C 429 -35.58 -45.71 -9.27
C LEU C 429 -35.02 -46.40 -8.04
N ILE C 430 -33.69 -46.38 -7.88
CA ILE C 430 -33.04 -47.15 -6.82
C ILE C 430 -33.41 -46.60 -5.44
N ASP C 431 -33.56 -47.50 -4.48
CA ASP C 431 -33.96 -47.12 -3.13
C ASP C 431 -32.99 -46.14 -2.50
N LEU C 432 -31.69 -46.26 -2.83
CA LEU C 432 -30.57 -45.43 -2.41
C LEU C 432 -30.16 -45.69 -0.96
N GLU C 433 -30.89 -46.51 -0.21
CA GLU C 433 -30.43 -46.94 1.11
C GLU C 433 -29.72 -48.29 1.08
N ASP C 434 -29.62 -48.92 -0.09
CA ASP C 434 -28.98 -50.23 -0.18
C ASP C 434 -27.47 -50.10 -0.01
N GLU C 435 -26.84 -51.22 0.36
CA GLU C 435 -25.37 -51.23 0.46
C GLU C 435 -24.74 -51.32 -0.93
N THR C 436 -25.40 -51.99 -1.86
CA THR C 436 -24.89 -52.17 -3.22
C THR C 436 -26.03 -52.01 -4.20
N ILE C 437 -25.69 -51.64 -5.44
CA ILE C 437 -26.69 -51.48 -6.49
C ILE C 437 -26.84 -52.80 -7.26
N ASP C 438 -28.06 -53.09 -7.68
CA ASP C 438 -28.32 -54.28 -8.47
C ASP C 438 -27.61 -54.20 -9.82
N ALA C 439 -27.01 -55.32 -10.24
CA ALA C 439 -26.22 -55.33 -11.46
C ALA C 439 -27.09 -55.13 -12.69
N GLU C 440 -28.37 -55.48 -12.61
CA GLU C 440 -29.26 -55.24 -13.74
C GLU C 440 -29.46 -53.74 -13.98
N VAL C 441 -29.65 -52.97 -12.90
CA VAL C 441 -29.72 -51.52 -13.04
C VAL C 441 -28.37 -50.97 -13.46
N MET C 442 -27.28 -51.59 -12.98
CA MET C 442 -25.95 -51.20 -13.41
C MET C 442 -25.81 -51.27 -14.92
N ASN C 443 -26.26 -52.38 -15.52
CA ASN C 443 -26.24 -52.51 -16.98
C ASN C 443 -27.21 -51.55 -17.63
N SER C 444 -28.36 -51.30 -16.97
CA SER C 444 -29.36 -50.42 -17.55
C SER C 444 -28.86 -48.98 -17.63
N LEU C 445 -27.91 -48.61 -16.77
CA LEU C 445 -27.43 -47.23 -16.75
C LEU C 445 -26.56 -46.95 -17.97
N ALA C 446 -26.91 -45.87 -18.68
CA ALA C 446 -26.14 -45.42 -19.83
C ALA C 446 -26.52 -43.98 -20.12
N VAL C 447 -25.55 -43.19 -20.57
CA VAL C 447 -25.81 -41.78 -20.88
C VAL C 447 -26.50 -41.68 -22.23
N THR C 448 -27.63 -40.97 -22.26
CA THR C 448 -28.46 -40.86 -23.45
C THR C 448 -28.45 -39.42 -23.94
N MET C 449 -29.09 -39.22 -25.10
CA MET C 449 -29.17 -37.88 -25.67
C MET C 449 -29.96 -36.92 -24.79
N ASP C 450 -30.92 -37.44 -24.03
CA ASP C 450 -31.70 -36.58 -23.15
C ASP C 450 -30.83 -36.00 -22.04
N ASP C 451 -29.92 -36.80 -21.49
CA ASP C 451 -29.00 -36.30 -20.48
C ASP C 451 -28.10 -35.21 -21.05
N PHE C 452 -27.62 -35.40 -22.28
CA PHE C 452 -26.80 -34.38 -22.91
C PHE C 452 -27.59 -33.11 -23.18
N ARG C 453 -28.86 -33.24 -23.56
CA ARG C 453 -29.70 -32.06 -23.76
C ARG C 453 -29.93 -31.31 -22.45
N TRP C 454 -30.14 -32.05 -21.36
CA TRP C 454 -30.29 -31.40 -20.06
C TRP C 454 -29.01 -30.68 -19.67
N ALA C 455 -27.85 -31.32 -19.87
CA ALA C 455 -26.59 -30.66 -19.58
C ALA C 455 -26.40 -29.42 -20.45
N LEU C 456 -26.78 -29.52 -21.73
CA LEU C 456 -26.71 -28.37 -22.63
C LEU C 456 -27.54 -27.22 -22.11
N SER C 457 -28.76 -27.51 -21.65
CA SER C 457 -29.59 -26.47 -21.06
C SER C 457 -28.94 -25.89 -19.81
N GLN C 458 -28.22 -26.72 -19.05
CA GLN C 458 -27.53 -26.23 -17.87
C GLN C 458 -26.18 -25.60 -18.23
N SER C 459 -25.60 -26.01 -19.36
CA SER C 459 -24.25 -25.57 -19.72
C SER C 459 -24.26 -24.11 -20.16
N ASN C 460 -23.30 -23.34 -19.64
CA ASN C 460 -23.01 -21.98 -20.03
C ASN C 460 -21.51 -21.78 -20.01
N PRO C 461 -20.94 -21.03 -20.95
CA PRO C 461 -19.48 -20.87 -20.98
C PRO C 461 -18.96 -20.26 -19.68
N SER C 462 -17.82 -20.76 -19.23
CA SER C 462 -17.26 -20.33 -17.94
C SER C 462 -16.79 -18.88 -17.99
N ALA C 463 -16.38 -18.40 -19.18
CA ALA C 463 -15.96 -17.01 -19.31
C ALA C 463 -17.10 -16.05 -18.98
N LEU C 464 -18.33 -16.47 -19.23
CA LEU C 464 -19.51 -15.64 -18.99
C LEU C 464 -20.17 -15.91 -17.65
N ARG C 465 -19.50 -16.62 -16.74
CA ARG C 465 -20.16 -17.05 -15.52
C ARG C 465 -20.47 -15.88 -14.59
N GLU C 466 -19.65 -14.83 -14.61
CA GLU C 466 -19.96 -13.66 -13.81
C GLU C 466 -20.96 -12.76 -14.52
N THR C 467 -20.99 -12.79 -15.85
CA THR C 467 -21.98 -12.05 -16.62
C THR C 467 -23.12 -13.00 -17.04
N VAL C 468 -23.89 -13.42 -16.05
CA VAL C 468 -25.04 -14.31 -16.27
C VAL C 468 -26.23 -13.77 -15.49
N VAL C 469 -27.41 -13.85 -16.10
CA VAL C 469 -28.66 -13.45 -15.47
C VAL C 469 -29.69 -14.53 -15.73
N GLU C 470 -30.69 -14.59 -14.84
CA GLU C 470 -31.77 -15.56 -14.94
C GLU C 470 -32.95 -14.91 -15.68
N VAL C 471 -33.13 -15.28 -16.94
CA VAL C 471 -34.18 -14.73 -17.78
C VAL C 471 -35.48 -15.47 -17.50
N PRO C 472 -36.65 -14.85 -17.72
CA PRO C 472 -37.92 -15.46 -17.29
C PRO C 472 -38.51 -16.49 -18.24
N GLN C 473 -37.71 -17.01 -19.18
CA GLN C 473 -38.13 -18.10 -20.07
C GLN C 473 -39.33 -17.67 -20.92
N VAL C 474 -39.06 -16.70 -21.79
CA VAL C 474 -40.03 -16.19 -22.76
C VAL C 474 -39.68 -16.77 -24.12
N THR C 475 -40.69 -17.27 -24.82
CA THR C 475 -40.51 -17.81 -26.16
C THR C 475 -41.09 -16.85 -27.20
N TRP C 476 -40.90 -17.21 -28.48
CA TRP C 476 -41.44 -16.37 -29.56
C TRP C 476 -42.97 -16.38 -29.53
N GLU C 477 -43.57 -17.44 -29.02
CA GLU C 477 -45.03 -17.52 -29.01
C GLU C 477 -45.62 -16.62 -27.94
N ASP C 478 -44.86 -16.34 -26.88
CA ASP C 478 -45.35 -15.48 -25.81
C ASP C 478 -45.52 -14.04 -26.29
N ILE C 479 -44.90 -13.71 -27.41
CA ILE C 479 -45.02 -12.35 -27.94
C ILE C 479 -46.12 -12.31 -28.98
N GLY C 480 -47.02 -11.32 -28.85
CA GLY C 480 -48.07 -11.12 -29.81
C GLY C 480 -47.76 -10.00 -30.77
N GLY C 481 -47.95 -10.24 -32.06
CA GLY C 481 -47.57 -9.27 -33.06
C GLY C 481 -46.06 -9.26 -33.29
N LEU C 482 -45.61 -8.22 -33.98
CA LEU C 482 -44.19 -8.04 -34.31
C LEU C 482 -43.65 -9.25 -35.07
N GLU C 483 -44.46 -9.79 -35.98
CA GLU C 483 -44.06 -11.00 -36.71
C GLU C 483 -42.84 -10.73 -37.58
N ASP C 484 -42.82 -9.58 -38.27
CA ASP C 484 -41.66 -9.24 -39.09
C ASP C 484 -40.44 -8.99 -38.24
N VAL C 485 -40.62 -8.39 -37.06
CA VAL C 485 -39.49 -8.22 -36.14
C VAL C 485 -38.97 -9.56 -35.67
N LYS C 486 -39.87 -10.50 -35.38
CA LYS C 486 -39.45 -11.84 -34.97
C LYS C 486 -38.64 -12.50 -36.08
N ARG C 487 -39.13 -12.43 -37.32
CA ARG C 487 -38.41 -13.04 -38.43
C ARG C 487 -37.05 -12.39 -38.61
N GLU C 488 -36.99 -11.06 -38.52
CA GLU C 488 -35.73 -10.36 -38.70
C GLU C 488 -34.72 -10.73 -37.63
N LEU C 489 -35.16 -10.83 -36.37
CA LEU C 489 -34.25 -11.21 -35.30
C LEU C 489 -33.77 -12.65 -35.47
N GLN C 490 -34.69 -13.56 -35.81
CA GLN C 490 -34.31 -14.96 -36.02
C GLN C 490 -33.28 -15.08 -37.13
N GLU C 491 -33.53 -14.41 -38.27
CA GLU C 491 -32.57 -14.45 -39.36
C GLU C 491 -31.25 -13.82 -38.95
N LEU C 492 -31.30 -12.70 -38.23
CA LEU C 492 -30.10 -12.01 -37.76
C LEU C 492 -29.20 -12.95 -36.97
N VAL C 493 -29.76 -13.67 -36.02
CA VAL C 493 -28.95 -14.50 -35.15
C VAL C 493 -28.66 -15.86 -35.78
N GLN C 494 -29.42 -16.26 -36.80
CA GLN C 494 -29.29 -17.61 -37.34
C GLN C 494 -28.37 -17.66 -38.54
N TYR C 495 -28.54 -16.73 -39.49
CA TYR C 495 -27.86 -16.85 -40.78
C TYR C 495 -26.34 -16.88 -40.66
N PRO C 496 -25.68 -15.95 -39.94
CA PRO C 496 -24.21 -16.01 -39.87
C PRO C 496 -23.66 -17.27 -39.21
N VAL C 497 -24.38 -17.82 -38.23
CA VAL C 497 -23.84 -18.91 -37.44
C VAL C 497 -24.17 -20.26 -38.09
N GLU C 498 -25.31 -20.35 -38.75
CA GLU C 498 -25.72 -21.64 -39.32
C GLU C 498 -25.43 -21.73 -40.80
N HIS C 499 -25.28 -20.61 -41.49
CA HIS C 499 -24.94 -20.58 -42.91
C HIS C 499 -23.81 -19.59 -43.16
N PRO C 500 -22.61 -19.85 -42.62
CA PRO C 500 -21.48 -18.97 -42.96
C PRO C 500 -20.97 -19.17 -44.37
N ASP C 501 -21.15 -20.38 -44.92
CA ASP C 501 -20.75 -20.64 -46.29
C ASP C 501 -21.58 -19.80 -47.26
N LYS C 502 -22.83 -19.51 -46.91
CA LYS C 502 -23.64 -18.61 -47.73
C LYS C 502 -23.05 -17.21 -47.77
N PHE C 503 -22.59 -16.70 -46.62
CA PHE C 503 -22.02 -15.37 -46.59
C PHE C 503 -20.68 -15.32 -47.31
N LEU C 504 -19.89 -16.40 -47.21
CA LEU C 504 -18.64 -16.45 -47.97
C LEU C 504 -18.90 -16.55 -49.46
N LYS C 505 -19.97 -17.27 -49.85
CA LYS C 505 -20.29 -17.44 -51.26
C LYS C 505 -20.66 -16.12 -51.91
N PHE C 506 -21.44 -15.29 -51.22
CA PHE C 506 -21.87 -14.00 -51.75
C PHE C 506 -20.88 -12.89 -51.47
N GLY C 507 -19.88 -13.12 -50.64
CA GLY C 507 -18.79 -12.18 -50.47
C GLY C 507 -19.12 -10.95 -49.64
N MET C 508 -20.14 -11.02 -48.79
CA MET C 508 -20.48 -9.91 -47.92
C MET C 508 -20.62 -10.42 -46.49
N THR C 509 -20.09 -9.66 -45.54
CA THR C 509 -20.15 -10.04 -44.14
C THR C 509 -21.55 -9.78 -43.58
N PRO C 510 -21.93 -10.46 -42.50
CA PRO C 510 -23.28 -10.27 -41.95
C PRO C 510 -23.45 -8.92 -41.28
N SER C 511 -24.72 -8.54 -41.11
CA SER C 511 -25.08 -7.34 -40.36
C SER C 511 -25.47 -7.75 -38.94
N LYS C 512 -25.00 -6.99 -37.95
CA LYS C 512 -25.08 -7.43 -36.56
C LYS C 512 -25.54 -6.34 -35.59
N GLY C 513 -26.14 -5.26 -36.07
CA GLY C 513 -26.51 -4.14 -35.22
C GLY C 513 -28.01 -3.87 -35.25
N VAL C 514 -28.64 -3.97 -34.07
CA VAL C 514 -30.08 -3.76 -33.94
C VAL C 514 -30.34 -2.80 -32.79
N LEU C 515 -31.14 -1.77 -33.05
CA LEU C 515 -31.61 -0.86 -32.01
C LEU C 515 -33.13 -0.87 -31.98
N PHE C 516 -33.70 -1.22 -30.83
CA PHE C 516 -35.13 -1.19 -30.61
C PHE C 516 -35.49 0.15 -30.01
N TYR C 517 -36.39 0.89 -30.65
CA TYR C 517 -36.89 2.12 -30.06
C TYR C 517 -38.40 2.16 -30.15
N GLY C 518 -39.06 2.66 -29.12
CA GLY C 518 -40.50 2.73 -29.09
C GLY C 518 -41.06 3.16 -27.75
N PRO C 519 -42.39 3.22 -27.66
CA PRO C 519 -43.01 3.62 -26.40
C PRO C 519 -42.80 2.57 -25.32
N PRO C 520 -42.85 2.97 -24.05
CA PRO C 520 -42.64 1.98 -22.97
C PRO C 520 -43.70 0.90 -22.98
N GLY C 521 -43.28 -0.32 -22.65
CA GLY C 521 -44.19 -1.44 -22.53
C GLY C 521 -44.62 -2.08 -23.82
N CYS C 522 -43.90 -1.87 -24.92
CA CYS C 522 -44.35 -2.33 -26.22
C CYS C 522 -43.63 -3.60 -26.69
N GLY C 523 -42.68 -4.11 -25.93
CA GLY C 523 -42.10 -5.41 -26.21
C GLY C 523 -40.63 -5.47 -26.57
N LYS C 524 -39.84 -4.44 -26.26
CA LYS C 524 -38.41 -4.49 -26.56
C LYS C 524 -37.69 -5.48 -25.65
N THR C 525 -37.93 -5.37 -24.33
CA THR C 525 -37.33 -6.31 -23.39
C THR C 525 -37.91 -7.70 -23.58
N LEU C 526 -39.19 -7.81 -23.96
CA LEU C 526 -39.76 -9.11 -24.26
C LEU C 526 -39.07 -9.75 -25.47
N LEU C 527 -38.81 -8.96 -26.50
CA LEU C 527 -38.08 -9.48 -27.66
C LEU C 527 -36.67 -9.92 -27.27
N ALA C 528 -36.02 -9.15 -26.40
CA ALA C 528 -34.69 -9.54 -25.92
C ALA C 528 -34.73 -10.85 -25.15
N LYS C 529 -35.75 -11.03 -24.30
CA LYS C 529 -35.90 -12.28 -23.56
C LYS C 529 -36.14 -13.45 -24.51
N ALA C 530 -36.97 -13.23 -25.54
CA ALA C 530 -37.22 -14.28 -26.51
C ALA C 530 -35.95 -14.64 -27.28
N ILE C 531 -35.12 -13.64 -27.57
CA ILE C 531 -33.83 -13.90 -28.20
C ILE C 531 -32.94 -14.73 -27.27
N ALA C 532 -32.90 -14.37 -25.99
CA ALA C 532 -32.06 -15.07 -25.04
C ALA C 532 -32.47 -16.53 -24.90
N ASN C 533 -33.78 -16.80 -24.89
CA ASN C 533 -34.25 -18.16 -24.67
C ASN C 533 -34.28 -18.96 -25.98
N GLU C 534 -34.47 -18.30 -27.11
CA GLU C 534 -34.72 -19.02 -28.36
C GLU C 534 -33.49 -19.04 -29.26
N CYS C 535 -32.90 -17.89 -29.53
CA CYS C 535 -31.81 -17.81 -30.49
C CYS C 535 -30.64 -18.65 -30.04
N GLN C 536 -29.97 -19.28 -31.00
CA GLN C 536 -28.91 -20.24 -30.71
C GLN C 536 -27.56 -19.54 -30.70
N ALA C 537 -27.34 -18.79 -29.62
CA ALA C 537 -26.10 -18.05 -29.42
C ALA C 537 -25.99 -17.69 -27.95
N ASN C 538 -24.77 -17.39 -27.50
CA ASN C 538 -24.57 -16.92 -26.14
C ASN C 538 -25.21 -15.55 -25.98
N PHE C 539 -25.62 -15.24 -24.75
CA PHE C 539 -26.35 -14.00 -24.48
C PHE C 539 -25.75 -13.32 -23.26
N ILE C 540 -25.49 -12.02 -23.39
CA ILE C 540 -25.05 -11.19 -22.28
C ILE C 540 -26.02 -10.02 -22.16
N SER C 541 -26.57 -9.84 -20.96
CA SER C 541 -27.51 -8.75 -20.69
C SER C 541 -26.79 -7.70 -19.86
N ILE C 542 -26.83 -6.45 -20.34
CA ILE C 542 -26.17 -5.33 -19.68
C ILE C 542 -27.22 -4.28 -19.36
N LYS C 543 -27.45 -4.04 -18.07
CA LYS C 543 -28.15 -2.83 -17.67
C LYS C 543 -27.28 -1.64 -18.02
N GLY C 544 -27.89 -0.58 -18.53
CA GLY C 544 -27.17 0.54 -19.09
C GLY C 544 -26.06 1.09 -18.22
N PRO C 545 -26.42 1.69 -17.08
CA PRO C 545 -25.40 2.35 -16.24
C PRO C 545 -24.54 1.40 -15.44
N GLU C 546 -24.60 0.09 -15.70
CA GLU C 546 -23.87 -0.88 -14.88
C GLU C 546 -22.37 -0.76 -15.07
N LEU C 547 -21.92 -0.39 -16.28
CA LEU C 547 -20.49 -0.38 -16.57
C LEU C 547 -19.79 0.83 -15.95
N LEU C 548 -20.53 1.88 -15.67
CA LEU C 548 -19.93 3.13 -15.21
C LEU C 548 -19.36 2.98 -13.80
N THR C 549 -18.23 3.64 -13.57
CA THR C 549 -17.52 3.59 -12.30
C THR C 549 -17.00 4.97 -11.97
N MET C 550 -16.88 5.26 -10.67
CA MET C 550 -16.40 6.58 -10.25
C MET C 550 -14.92 6.74 -10.53
N TRP C 551 -14.21 5.63 -10.73
CA TRP C 551 -12.78 5.70 -10.99
C TRP C 551 -12.52 6.21 -12.40
N PHE C 552 -11.32 6.79 -12.59
CA PHE C 552 -11.06 7.57 -13.79
C PHE C 552 -11.15 6.73 -15.06
N GLY C 553 -10.51 5.56 -15.07
CA GLY C 553 -10.46 4.78 -16.28
C GLY C 553 -11.17 3.44 -16.27
N GLU C 554 -11.98 3.17 -15.25
CA GLU C 554 -12.53 1.83 -15.11
C GLU C 554 -13.84 1.66 -15.88
N SER C 555 -14.49 2.75 -16.27
CA SER C 555 -15.71 2.60 -17.07
C SER C 555 -15.39 2.11 -18.48
N GLU C 556 -14.38 2.71 -19.10
CA GLU C 556 -13.94 2.23 -20.40
C GLU C 556 -13.34 0.84 -20.29
N ALA C 557 -12.66 0.56 -19.17
CA ALA C 557 -12.15 -0.78 -18.93
C ALA C 557 -13.29 -1.79 -18.86
N ASN C 558 -14.39 -1.43 -18.19
CA ASN C 558 -15.55 -2.31 -18.14
C ASN C 558 -16.15 -2.54 -19.51
N VAL C 559 -16.21 -1.48 -20.32
CA VAL C 559 -16.71 -1.63 -21.69
C VAL C 559 -15.84 -2.61 -22.48
N ARG C 560 -14.51 -2.47 -22.35
CA ARG C 560 -13.62 -3.41 -23.04
C ARG C 560 -13.79 -4.83 -22.52
N GLU C 561 -13.96 -4.99 -21.21
CA GLU C 561 -14.18 -6.33 -20.67
C GLU C 561 -15.46 -6.96 -21.23
N ILE C 562 -16.54 -6.18 -21.30
CA ILE C 562 -17.79 -6.71 -21.83
C ILE C 562 -17.63 -7.13 -23.28
N PHE C 563 -16.99 -6.27 -24.09
CA PHE C 563 -16.86 -6.60 -25.51
C PHE C 563 -15.87 -7.75 -25.72
N ASP C 564 -14.86 -7.87 -24.86
CA ASP C 564 -13.93 -8.98 -24.98
C ASP C 564 -14.59 -10.30 -24.59
N LYS C 565 -15.43 -10.27 -23.57
CA LYS C 565 -16.20 -11.45 -23.21
C LYS C 565 -17.16 -11.84 -24.32
N ALA C 566 -17.75 -10.83 -24.98
CA ALA C 566 -18.60 -11.13 -26.13
C ALA C 566 -17.81 -11.76 -27.27
N ARG C 567 -16.60 -11.24 -27.53
CA ARG C 567 -15.78 -11.81 -28.60
C ARG C 567 -15.35 -13.23 -28.28
N GLN C 568 -15.02 -13.51 -27.01
CA GLN C 568 -14.58 -14.85 -26.65
C GLN C 568 -15.71 -15.86 -26.77
N ALA C 569 -16.92 -15.45 -26.40
CA ALA C 569 -18.09 -16.33 -26.44
C ALA C 569 -18.86 -16.25 -27.75
N ALA C 570 -18.23 -15.73 -28.80
CA ALA C 570 -18.92 -15.60 -30.08
C ALA C 570 -19.29 -16.98 -30.61
N PRO C 571 -20.48 -17.14 -31.22
CA PRO C 571 -21.49 -16.09 -31.43
C PRO C 571 -22.24 -15.70 -30.16
N CYS C 572 -22.12 -14.43 -29.79
CA CYS C 572 -22.74 -13.91 -28.58
C CYS C 572 -23.62 -12.72 -28.93
N VAL C 573 -24.80 -12.67 -28.32
CA VAL C 573 -25.70 -11.53 -28.45
C VAL C 573 -25.48 -10.62 -27.26
N LEU C 574 -25.13 -9.37 -27.54
CA LEU C 574 -24.82 -8.39 -26.51
C LEU C 574 -25.97 -7.39 -26.43
N PHE C 575 -26.78 -7.49 -25.39
CA PHE C 575 -27.98 -6.68 -25.26
C PHE C 575 -27.75 -5.55 -24.27
N PHE C 576 -28.00 -4.32 -24.70
CA PHE C 576 -27.90 -3.14 -23.84
C PHE C 576 -29.31 -2.62 -23.59
N ASP C 577 -29.90 -3.02 -22.47
CA ASP C 577 -31.17 -2.45 -22.05
C ASP C 577 -30.96 -1.03 -21.56
N GLN C 578 -31.84 -0.13 -21.98
CA GLN C 578 -31.70 1.30 -21.73
C GLN C 578 -30.37 1.82 -22.26
N LEU C 579 -30.22 1.74 -23.59
CA LEU C 579 -29.00 2.20 -24.24
C LEU C 579 -28.79 3.70 -24.08
N ASP C 580 -29.87 4.46 -23.88
CA ASP C 580 -29.76 5.91 -23.81
C ASP C 580 -28.94 6.34 -22.59
N SER C 581 -28.80 5.48 -21.60
CA SER C 581 -28.04 5.83 -20.40
C SER C 581 -26.54 5.79 -20.67
N ILE C 582 -26.09 4.87 -21.53
CA ILE C 582 -24.66 4.70 -21.75
C ILE C 582 -24.23 5.36 -23.05
N ALA C 583 -25.18 5.62 -23.95
CA ALA C 583 -24.90 6.22 -25.24
C ALA C 583 -25.56 7.59 -25.29
N LYS C 584 -24.77 8.62 -25.60
CA LYS C 584 -25.23 10.00 -25.62
C LYS C 584 -24.55 10.74 -26.75
N ALA C 585 -24.99 11.97 -27.00
CA ALA C 585 -24.55 12.70 -28.17
C ALA C 585 -23.13 13.23 -28.03
N ARG C 586 -22.54 13.11 -26.84
CA ARG C 586 -21.15 13.49 -26.56
C ARG C 586 -20.95 14.99 -26.52
N GLY C 587 -21.97 15.75 -26.88
CA GLY C 587 -21.84 17.20 -26.92
C GLY C 587 -22.65 17.94 -25.86
N GLY C 588 -23.89 17.51 -25.65
CA GLY C 588 -24.79 18.24 -24.77
C GLY C 588 -24.36 18.23 -23.33
N ASN C 589 -23.88 17.07 -22.85
CA ASN C 589 -23.52 16.95 -21.44
C ASN C 589 -22.27 17.75 -21.14
N ILE C 590 -22.35 18.57 -20.09
CA ILE C 590 -21.21 19.35 -19.61
C ILE C 590 -21.13 19.18 -18.10
N GLY C 591 -19.92 18.93 -17.61
CA GLY C 591 -19.73 18.66 -16.21
C GLY C 591 -20.37 17.37 -15.76
N ASP C 592 -20.15 16.29 -16.52
CA ASP C 592 -20.71 14.97 -16.22
C ASP C 592 -19.55 13.98 -16.06
N GLY C 593 -19.02 13.89 -14.85
CA GLY C 593 -17.93 12.99 -14.56
C GLY C 593 -16.58 13.43 -15.09
N GLY C 594 -16.44 14.68 -15.50
CA GLY C 594 -15.21 15.11 -16.14
C GLY C 594 -14.98 14.49 -17.49
N GLY C 595 -16.02 14.38 -18.31
CA GLY C 595 -15.90 13.77 -19.62
C GLY C 595 -15.84 12.26 -19.63
N ALA C 596 -16.22 11.60 -18.52
CA ALA C 596 -16.18 10.15 -18.47
C ALA C 596 -17.19 9.53 -19.43
N ALA C 597 -18.38 10.14 -19.53
CA ALA C 597 -19.41 9.61 -20.41
C ALA C 597 -18.97 9.66 -21.87
N ASP C 598 -18.33 10.76 -22.28
CA ASP C 598 -17.86 10.87 -23.65
C ASP C 598 -16.80 9.82 -23.97
N ARG C 599 -15.90 9.56 -23.01
CA ARG C 599 -14.88 8.54 -23.21
C ARG C 599 -15.50 7.15 -23.26
N VAL C 600 -16.57 6.92 -22.48
CA VAL C 600 -17.29 5.66 -22.57
C VAL C 600 -17.91 5.49 -23.95
N ILE C 601 -18.49 6.56 -24.48
CA ILE C 601 -19.09 6.51 -25.81
C ILE C 601 -18.02 6.22 -26.85
N ASN C 602 -16.86 6.87 -26.74
CA ASN C 602 -15.77 6.63 -27.68
C ASN C 602 -15.27 5.19 -27.60
N GLN C 603 -15.15 4.66 -26.38
CA GLN C 603 -14.75 3.27 -26.23
C GLN C 603 -15.76 2.32 -26.87
N ILE C 604 -17.05 2.59 -26.69
CA ILE C 604 -18.07 1.78 -27.33
C ILE C 604 -17.94 1.87 -28.85
N LEU C 605 -17.69 3.06 -29.36
CA LEU C 605 -17.53 3.25 -30.80
C LEU C 605 -16.36 2.43 -31.32
N THR C 606 -15.25 2.43 -30.60
CA THR C 606 -14.08 1.67 -31.04
C THR C 606 -14.33 0.18 -30.95
N GLU C 607 -15.02 -0.28 -29.90
CA GLU C 607 -15.27 -1.71 -29.75
C GLU C 607 -16.20 -2.23 -30.83
N MET C 608 -17.26 -1.47 -31.15
CA MET C 608 -18.26 -1.97 -32.10
C MET C 608 -17.74 -1.91 -33.53
N ASP C 609 -17.06 -0.83 -33.90
CA ASP C 609 -16.44 -0.71 -35.22
C ASP C 609 -15.12 0.00 -35.09
N GLY C 610 -14.03 -0.75 -35.15
CA GLY C 610 -12.72 -0.15 -34.97
C GLY C 610 -11.66 -0.94 -35.71
N MET C 611 -10.44 -0.85 -35.18
CA MET C 611 -9.26 -1.45 -35.80
C MET C 611 -9.10 -2.91 -35.35
N SER C 612 -10.14 -3.70 -35.61
CA SER C 612 -10.12 -5.09 -35.20
C SER C 612 -10.94 -5.92 -36.18
N THR C 613 -10.66 -7.22 -36.20
CA THR C 613 -11.42 -8.14 -37.04
C THR C 613 -12.84 -8.29 -36.50
N LYS C 614 -13.82 -8.24 -37.40
CA LYS C 614 -15.20 -8.32 -36.99
C LYS C 614 -15.58 -9.78 -36.69
N LYS C 615 -16.19 -9.98 -35.53
CA LYS C 615 -16.63 -11.30 -35.10
C LYS C 615 -18.15 -11.32 -34.97
N ASN C 616 -18.69 -12.52 -34.74
CA ASN C 616 -20.14 -12.70 -34.62
C ASN C 616 -20.60 -12.24 -33.24
N VAL C 617 -20.52 -10.93 -33.03
CA VAL C 617 -21.04 -10.28 -31.83
C VAL C 617 -22.19 -9.39 -32.26
N PHE C 618 -23.40 -9.76 -31.87
CA PHE C 618 -24.61 -9.03 -32.23
C PHE C 618 -24.98 -8.10 -31.09
N ILE C 619 -24.80 -6.81 -31.28
CA ILE C 619 -25.15 -5.81 -30.29
C ILE C 619 -26.58 -5.38 -30.55
N ILE C 620 -27.44 -5.58 -29.56
CA ILE C 620 -28.85 -5.22 -29.63
C ILE C 620 -29.14 -4.21 -28.53
N GLY C 621 -29.64 -3.05 -28.91
CA GLY C 621 -29.94 -1.98 -27.98
C GLY C 621 -31.43 -1.72 -27.92
N ALA C 622 -31.91 -1.35 -26.74
CA ALA C 622 -33.29 -0.96 -26.52
C ALA C 622 -33.30 0.38 -25.81
N THR C 623 -33.99 1.36 -26.39
CA THR C 623 -34.07 2.69 -25.81
C THR C 623 -35.47 3.25 -26.00
N ASN C 624 -35.95 3.97 -24.99
CA ASN C 624 -37.22 4.69 -25.15
C ASN C 624 -37.03 5.92 -26.02
N ARG C 625 -35.95 6.66 -25.79
CA ARG C 625 -35.74 7.96 -26.43
C ARG C 625 -34.46 7.97 -27.25
N PRO C 626 -34.52 7.63 -28.54
CA PRO C 626 -33.30 7.50 -29.35
C PRO C 626 -32.77 8.81 -29.91
N ASP C 627 -33.52 9.90 -29.81
CA ASP C 627 -33.05 11.17 -30.34
C ASP C 627 -31.81 11.68 -29.61
N ILE C 628 -31.54 11.15 -28.41
CA ILE C 628 -30.35 11.53 -27.68
C ILE C 628 -29.17 10.59 -27.96
N ILE C 629 -29.40 9.51 -28.72
CA ILE C 629 -28.32 8.58 -29.00
C ILE C 629 -27.30 9.22 -29.93
N ASP C 630 -26.03 8.86 -29.74
CA ASP C 630 -24.97 9.38 -30.59
C ASP C 630 -25.22 8.96 -32.04
N PRO C 631 -25.06 9.87 -33.00
CA PRO C 631 -25.21 9.46 -34.41
C PRO C 631 -24.20 8.40 -34.82
N ALA C 632 -23.02 8.40 -34.19
CA ALA C 632 -22.00 7.41 -34.54
C ALA C 632 -22.39 6.02 -34.09
N ILE C 633 -23.18 5.91 -33.01
CA ILE C 633 -23.68 4.61 -32.59
C ILE C 633 -24.64 4.05 -33.62
N LEU C 634 -25.43 4.90 -34.25
CA LEU C 634 -26.53 4.48 -35.10
C LEU C 634 -26.16 4.31 -36.56
N ARG C 635 -24.88 4.45 -36.91
CA ARG C 635 -24.48 4.27 -38.30
C ARG C 635 -24.57 2.79 -38.69
N PRO C 636 -24.70 2.49 -39.99
CA PRO C 636 -24.87 1.09 -40.38
C PRO C 636 -23.72 0.18 -40.01
N GLY C 637 -22.53 0.72 -39.80
CA GLY C 637 -21.42 -0.11 -39.38
C GLY C 637 -21.62 -0.71 -37.99
N ARG C 638 -22.24 0.07 -37.10
CA ARG C 638 -22.37 -0.35 -35.71
C ARG C 638 -23.75 -0.89 -35.37
N LEU C 639 -24.80 -0.09 -35.58
CA LEU C 639 -26.19 -0.51 -35.36
C LEU C 639 -26.96 -0.12 -36.62
N ASP C 640 -26.97 -1.01 -37.61
CA ASP C 640 -27.56 -0.66 -38.90
C ASP C 640 -29.08 -0.62 -38.84
N GLN C 641 -29.69 -1.62 -38.19
CA GLN C 641 -31.14 -1.78 -38.22
C GLN C 641 -31.74 -1.04 -37.04
N LEU C 642 -32.44 0.06 -37.32
CA LEU C 642 -33.16 0.82 -36.32
C LEU C 642 -34.63 0.42 -36.41
N ILE C 643 -35.06 -0.47 -35.52
CA ILE C 643 -36.39 -1.04 -35.54
C ILE C 643 -37.28 -0.27 -34.58
N TYR C 644 -38.39 0.24 -35.11
CA TYR C 644 -39.40 0.93 -34.31
C TYR C 644 -40.42 -0.10 -33.83
N ILE C 645 -40.42 -0.36 -32.53
CA ILE C 645 -41.40 -1.24 -31.91
C ILE C 645 -42.59 -0.38 -31.53
N PRO C 646 -43.66 -0.36 -32.33
CA PRO C 646 -44.71 0.64 -32.15
C PRO C 646 -45.76 0.19 -31.16
N LEU C 647 -46.70 1.10 -30.91
CA LEU C 647 -47.87 0.76 -30.12
C LEU C 647 -48.75 -0.19 -30.95
N PRO C 648 -49.18 -1.31 -30.37
CA PRO C 648 -49.84 -2.35 -31.17
C PRO C 648 -51.18 -1.89 -31.73
N ASP C 649 -51.52 -2.40 -32.90
CA ASP C 649 -52.83 -2.18 -33.49
C ASP C 649 -53.77 -3.32 -33.10
N GLU C 650 -54.99 -3.28 -33.64
CA GLU C 650 -56.06 -4.15 -33.15
C GLU C 650 -55.72 -5.62 -33.33
N LYS C 651 -55.19 -5.99 -34.50
CA LYS C 651 -54.77 -7.38 -34.70
C LYS C 651 -53.63 -7.75 -33.77
N SER C 652 -52.65 -6.85 -33.62
CA SER C 652 -51.55 -7.10 -32.70
C SER C 652 -52.06 -7.19 -31.26
N ARG C 653 -53.12 -6.43 -30.94
CA ARG C 653 -53.67 -6.50 -29.59
C ARG C 653 -54.38 -7.82 -29.35
N VAL C 654 -55.10 -8.32 -30.36
CA VAL C 654 -55.66 -9.67 -30.26
C VAL C 654 -54.55 -10.68 -30.03
N ALA C 655 -53.46 -10.55 -30.77
CA ALA C 655 -52.34 -11.48 -30.61
C ALA C 655 -51.74 -11.39 -29.21
N ILE C 656 -51.59 -10.18 -28.68
CA ILE C 656 -51.02 -10.01 -27.34
C ILE C 656 -51.94 -10.62 -26.29
N LEU C 657 -53.25 -10.38 -26.42
CA LEU C 657 -54.19 -10.94 -25.45
C LEU C 657 -54.19 -12.46 -25.50
N LYS C 658 -54.12 -13.04 -26.70
CA LYS C 658 -54.06 -14.49 -26.81
C LYS C 658 -52.74 -15.04 -26.27
N ALA C 659 -51.65 -14.29 -26.43
CA ALA C 659 -50.35 -14.73 -25.93
C ALA C 659 -50.30 -14.69 -24.41
N ASN C 660 -50.95 -13.70 -23.80
CA ASN C 660 -50.96 -13.62 -22.34
C ASN C 660 -51.84 -14.71 -21.73
N LEU C 661 -52.96 -15.03 -22.38
CA LEU C 661 -53.95 -15.91 -21.80
C LEU C 661 -53.82 -17.36 -22.24
N ARG C 662 -52.76 -17.72 -22.97
CA ARG C 662 -52.63 -19.10 -23.43
C ARG C 662 -52.49 -20.07 -22.25
N LYS C 663 -51.73 -19.68 -21.23
CA LYS C 663 -51.59 -20.52 -20.05
C LYS C 663 -52.80 -20.40 -19.14
N SER C 664 -53.44 -19.24 -19.12
CA SER C 664 -54.55 -19.01 -18.21
C SER C 664 -55.79 -19.79 -18.65
N PRO C 665 -56.57 -20.32 -17.70
CA PRO C 665 -57.89 -20.89 -18.04
C PRO C 665 -58.94 -19.81 -18.11
N VAL C 666 -59.46 -19.57 -19.31
CA VAL C 666 -60.38 -18.47 -19.57
C VAL C 666 -61.67 -19.04 -20.14
N ALA C 667 -62.79 -18.50 -19.67
CA ALA C 667 -64.10 -18.92 -20.16
C ALA C 667 -64.24 -18.59 -21.63
N LYS C 668 -65.04 -19.41 -22.32
CA LYS C 668 -65.20 -19.27 -23.77
C LYS C 668 -65.89 -17.97 -24.15
N ASP C 669 -66.83 -17.51 -23.33
CA ASP C 669 -67.65 -16.35 -23.72
C ASP C 669 -66.83 -15.07 -23.73
N VAL C 670 -65.63 -15.10 -23.15
CA VAL C 670 -64.75 -13.93 -23.21
C VAL C 670 -64.23 -13.76 -24.63
N ASP C 671 -64.71 -12.71 -25.30
CA ASP C 671 -64.34 -12.42 -26.68
C ASP C 671 -63.18 -11.43 -26.65
N LEU C 672 -61.97 -11.94 -26.95
CA LEU C 672 -60.78 -11.09 -26.89
C LEU C 672 -60.77 -10.08 -28.02
N GLU C 673 -61.51 -10.35 -29.10
CA GLU C 673 -61.58 -9.40 -30.20
C GLU C 673 -62.23 -8.09 -29.78
N PHE C 674 -63.30 -8.17 -29.00
CA PHE C 674 -63.93 -6.96 -28.47
C PHE C 674 -62.99 -6.22 -27.52
N LEU C 675 -62.27 -6.97 -26.68
CA LEU C 675 -61.31 -6.35 -25.78
C LEU C 675 -60.24 -5.58 -26.53
N ALA C 676 -59.70 -6.18 -27.61
CA ALA C 676 -58.70 -5.49 -28.41
C ALA C 676 -59.30 -4.30 -29.14
N LYS C 677 -60.56 -4.43 -29.59
CA LYS C 677 -61.21 -3.32 -30.27
C LYS C 677 -61.38 -2.11 -29.37
N MET C 678 -61.80 -2.34 -28.12
CA MET C 678 -62.04 -1.22 -27.21
C MET C 678 -60.75 -0.55 -26.80
N THR C 679 -59.70 -1.32 -26.53
CA THR C 679 -58.41 -0.78 -26.07
C THR C 679 -57.65 -0.19 -27.26
N ASN C 680 -58.09 0.99 -27.69
CA ASN C 680 -57.58 1.56 -28.93
C ASN C 680 -56.10 1.91 -28.82
N GLY C 681 -55.71 2.65 -27.78
CA GLY C 681 -54.34 3.07 -27.61
C GLY C 681 -53.54 2.31 -26.57
N PHE C 682 -53.99 1.13 -26.15
CA PHE C 682 -53.35 0.45 -25.04
C PHE C 682 -52.05 -0.21 -25.48
N SER C 683 -51.06 -0.15 -24.59
CA SER C 683 -49.79 -0.85 -24.80
C SER C 683 -49.95 -2.32 -24.45
N GLY C 684 -48.93 -3.11 -24.80
CA GLY C 684 -48.93 -4.51 -24.41
C GLY C 684 -48.92 -4.68 -22.91
N ALA C 685 -48.20 -3.81 -22.21
CA ALA C 685 -48.21 -3.85 -20.75
C ALA C 685 -49.60 -3.54 -20.20
N ASP C 686 -50.34 -2.65 -20.86
CA ASP C 686 -51.70 -2.36 -20.41
C ASP C 686 -52.60 -3.58 -20.56
N LEU C 687 -52.49 -4.31 -21.67
CA LEU C 687 -53.28 -5.53 -21.86
C LEU C 687 -52.91 -6.58 -20.82
N THR C 688 -51.61 -6.74 -20.56
CA THR C 688 -51.18 -7.66 -19.52
C THR C 688 -51.70 -7.25 -18.16
N GLU C 689 -51.79 -5.93 -17.92
CA GLU C 689 -52.33 -5.44 -16.66
C GLU C 689 -53.82 -5.74 -16.53
N ILE C 690 -54.56 -5.62 -17.62
CA ILE C 690 -55.98 -5.99 -17.60
C ILE C 690 -56.13 -7.47 -17.28
N CYS C 691 -55.34 -8.30 -17.93
CA CYS C 691 -55.41 -9.74 -17.68
C CYS C 691 -55.05 -10.06 -16.23
N GLN C 692 -54.02 -9.40 -15.69
CA GLN C 692 -53.61 -9.63 -14.31
C GLN C 692 -54.67 -9.16 -13.33
N ARG C 693 -55.32 -8.03 -13.63
CA ARG C 693 -56.42 -7.56 -12.78
C ARG C 693 -57.56 -8.57 -12.75
N ALA C 694 -57.90 -9.13 -13.92
CA ALA C 694 -58.94 -10.15 -13.96
C ALA C 694 -58.52 -11.38 -13.15
N CYS C 695 -57.24 -11.77 -13.28
CA CYS C 695 -56.73 -12.91 -12.51
C CYS C 695 -56.85 -12.66 -11.01
N LYS C 696 -56.50 -11.44 -10.57
CA LYS C 696 -56.55 -11.15 -9.14
C LYS C 696 -58.00 -11.11 -8.64
N LEU C 697 -58.92 -10.61 -9.48
CA LEU C 697 -60.33 -10.65 -9.09
C LEU C 697 -60.83 -12.09 -8.94
N ALA C 698 -60.45 -12.96 -9.86
CA ALA C 698 -60.83 -14.36 -9.74
C ALA C 698 -60.23 -14.99 -8.50
N ILE C 699 -58.98 -14.66 -8.20
CA ILE C 699 -58.32 -15.18 -7.00
C ILE C 699 -59.03 -14.69 -5.74
N ARG C 700 -59.44 -13.41 -5.73
CA ARG C 700 -60.17 -12.88 -4.60
C ARG C 700 -61.49 -13.62 -4.40
N GLU C 701 -62.19 -13.88 -5.50
CA GLU C 701 -63.46 -14.61 -5.40
C GLU C 701 -63.24 -16.03 -4.87
N SER C 702 -62.20 -16.71 -5.35
CA SER C 702 -61.93 -18.06 -4.87
C SER C 702 -61.54 -18.07 -3.40
N ILE C 703 -60.74 -17.08 -2.97
CA ILE C 703 -60.37 -16.96 -1.57
C ILE C 703 -61.62 -16.74 -0.71
N GLU C 704 -62.51 -15.87 -1.16
CA GLU C 704 -63.74 -15.62 -0.42
C GLU C 704 -64.58 -16.89 -0.32
N SER C 705 -64.66 -17.65 -1.42
CA SER C 705 -65.45 -18.88 -1.42
C SER C 705 -64.87 -19.91 -0.45
N GLU C 706 -63.54 -20.08 -0.45
CA GLU C 706 -62.96 -21.07 0.47
C GLU C 706 -63.07 -20.60 1.92
N ILE C 707 -63.01 -19.28 2.15
CA ILE C 707 -63.24 -18.75 3.48
C ILE C 707 -64.66 -19.05 3.93
N ARG C 708 -65.63 -18.89 3.03
CA ARG C 708 -67.02 -19.23 3.36
C ARG C 708 -67.17 -20.71 3.67
N ARG C 709 -66.51 -21.57 2.90
CA ARG C 709 -66.55 -23.00 3.18
C ARG C 709 -66.00 -23.30 4.57
N GLU C 710 -64.84 -22.73 4.91
CA GLU C 710 -64.26 -22.97 6.22
C GLU C 710 -65.16 -22.43 7.34
N ARG C 711 -65.78 -21.27 7.10
CA ARG C 711 -66.64 -20.67 8.11
C ARG C 711 -67.88 -21.52 8.36
N GLU C 712 -68.49 -22.05 7.28
CA GLU C 712 -69.70 -22.84 7.45
C GLU C 712 -69.37 -24.22 8.02
N ARG C 713 -68.16 -24.73 7.74
CA ARG C 713 -67.74 -25.98 8.37
C ARG C 713 -67.64 -25.83 9.88
N GLN C 714 -67.15 -24.67 10.34
CA GLN C 714 -67.01 -24.42 11.77
C GLN C 714 -68.38 -24.30 12.44
N PRO C 727 -65.39 -23.69 -7.50
CA PRO C 727 -66.08 -22.39 -7.36
C PRO C 727 -65.78 -21.46 -8.53
N VAL C 728 -64.50 -21.23 -8.80
CA VAL C 728 -64.06 -20.41 -9.92
C VAL C 728 -63.08 -21.23 -10.74
N PRO C 729 -63.55 -22.17 -11.57
CA PRO C 729 -62.60 -22.95 -12.38
C PRO C 729 -61.79 -22.11 -13.35
N GLU C 730 -62.38 -21.05 -13.90
CA GLU C 730 -61.73 -20.22 -14.90
C GLU C 730 -62.18 -18.77 -14.75
N ILE C 731 -61.40 -17.88 -15.37
CA ILE C 731 -61.72 -16.46 -15.30
C ILE C 731 -62.94 -16.16 -16.16
N ARG C 732 -63.89 -15.45 -15.57
CA ARG C 732 -65.18 -15.18 -16.20
C ARG C 732 -65.22 -13.77 -16.78
N ARG C 733 -66.33 -13.49 -17.46
CA ARG C 733 -66.48 -12.22 -18.17
C ARG C 733 -66.69 -11.05 -17.22
N ASP C 734 -67.43 -11.28 -16.13
CA ASP C 734 -67.64 -10.23 -15.14
C ASP C 734 -66.33 -9.78 -14.53
N HIS C 735 -65.41 -10.72 -14.30
CA HIS C 735 -64.07 -10.36 -13.88
C HIS C 735 -63.41 -9.42 -14.88
N PHE C 736 -63.66 -9.64 -16.17
CA PHE C 736 -63.00 -8.84 -17.19
C PHE C 736 -63.60 -7.43 -17.27
N GLU C 737 -64.91 -7.28 -17.10
CA GLU C 737 -65.45 -5.92 -17.02
C GLU C 737 -64.94 -5.19 -15.77
N GLU C 738 -64.90 -5.91 -14.64
CA GLU C 738 -64.38 -5.31 -13.42
C GLU C 738 -62.92 -4.90 -13.60
N ALA C 739 -62.18 -5.64 -14.43
CA ALA C 739 -60.80 -5.28 -14.72
C ALA C 739 -60.71 -4.06 -15.64
N MET C 740 -61.58 -4.00 -16.66
CA MET C 740 -61.53 -2.88 -17.60
C MET C 740 -61.93 -1.57 -16.94
N ARG C 741 -62.78 -1.63 -15.90
CA ARG C 741 -63.14 -0.38 -15.24
C ARG C 741 -61.95 0.24 -14.53
N PHE C 742 -60.88 -0.53 -14.35
CA PHE C 742 -59.66 0.03 -13.73
C PHE C 742 -58.59 0.34 -14.78
N ALA C 743 -58.80 -0.07 -16.02
CA ALA C 743 -57.75 0.02 -17.03
C ALA C 743 -57.42 1.47 -17.37
N ARG C 744 -56.19 1.70 -17.81
CA ARG C 744 -55.77 3.02 -18.27
C ARG C 744 -54.76 2.86 -19.40
N ARG C 745 -54.70 3.87 -20.25
CA ARG C 745 -53.76 3.90 -21.37
C ARG C 745 -52.47 4.58 -20.92
N SER C 746 -51.39 3.81 -20.86
CA SER C 746 -50.17 4.29 -20.22
C SER C 746 -49.42 5.31 -21.08
N VAL C 747 -49.56 5.23 -22.40
CA VAL C 747 -48.82 6.07 -23.33
C VAL C 747 -49.75 7.15 -23.85
N SER C 748 -49.37 8.40 -23.66
CA SER C 748 -50.21 9.53 -24.04
C SER C 748 -50.03 9.86 -25.52
N ASP C 749 -50.88 10.77 -26.00
CA ASP C 749 -50.82 11.16 -27.42
C ASP C 749 -49.56 11.96 -27.72
N ASN C 750 -49.08 12.75 -26.75
CA ASN C 750 -47.85 13.50 -26.97
C ASN C 750 -46.66 12.56 -27.14
N ASP C 751 -46.56 11.52 -26.31
CA ASP C 751 -45.49 10.55 -26.47
C ASP C 751 -45.59 9.85 -27.81
N ILE C 752 -46.81 9.47 -28.21
CA ILE C 752 -47.02 8.82 -29.49
C ILE C 752 -46.55 9.71 -30.62
N ARG C 753 -46.87 11.00 -30.55
CA ARG C 753 -46.46 11.92 -31.62
C ARG C 753 -44.95 12.10 -31.63
N LYS C 754 -44.31 12.06 -30.47
CA LYS C 754 -42.85 12.16 -30.44
C LYS C 754 -42.20 10.93 -31.10
N TYR C 755 -42.67 9.74 -30.75
CA TYR C 755 -42.08 8.54 -31.33
C TYR C 755 -42.34 8.47 -32.83
N GLU C 756 -43.56 8.82 -33.24
CA GLU C 756 -43.86 8.86 -34.67
C GLU C 756 -43.06 9.95 -35.36
N MET C 757 -42.71 11.02 -34.64
CA MET C 757 -41.86 12.05 -35.21
C MET C 757 -40.48 11.51 -35.52
N PHE C 758 -39.88 10.77 -34.59
CA PHE C 758 -38.57 10.17 -34.86
C PHE C 758 -38.66 9.14 -36.00
N ALA C 759 -39.72 8.33 -36.00
CA ALA C 759 -39.92 7.38 -37.10
C ALA C 759 -40.03 8.10 -38.44
N GLN C 760 -40.72 9.25 -38.45
CA GLN C 760 -40.85 10.02 -39.67
C GLN C 760 -39.51 10.63 -40.08
N THR C 761 -38.69 11.03 -39.11
CA THR C 761 -37.35 11.49 -39.45
C THR C 761 -36.58 10.40 -40.17
N LEU C 762 -36.64 9.17 -39.66
CA LEU C 762 -35.96 8.06 -40.34
C LEU C 762 -36.55 7.81 -41.73
N GLN C 763 -37.88 7.83 -41.83
CA GLN C 763 -38.52 7.55 -43.12
C GLN C 763 -38.18 8.62 -44.16
N GLN C 764 -38.11 9.88 -43.74
CA GLN C 764 -37.72 10.94 -44.66
C GLN C 764 -36.25 10.87 -45.00
N SER C 765 -35.42 10.43 -44.05
CA SER C 765 -34.01 10.21 -44.35
C SER C 765 -33.81 9.07 -45.33
N ARG C 766 -34.79 8.16 -45.41
CA ARG C 766 -34.71 7.07 -46.39
C ARG C 766 -34.69 7.62 -47.81
N GLY C 767 -35.48 8.65 -48.09
CA GLY C 767 -35.50 9.26 -49.41
C GLY C 767 -36.73 8.87 -50.21
N PHE C 768 -36.55 8.86 -51.53
CA PHE C 768 -37.63 8.49 -52.42
C PHE C 768 -37.93 7.00 -52.31
N GLY C 769 -39.21 6.67 -52.14
CA GLY C 769 -39.61 5.29 -52.00
C GLY C 769 -39.83 4.60 -53.33
N SER C 770 -40.17 3.30 -53.25
CA SER C 770 -40.43 2.47 -54.41
C SER C 770 -39.30 2.55 -55.43
N PHE C 771 -38.07 2.42 -54.92
CA PHE C 771 -36.89 2.51 -55.77
C PHE C 771 -36.91 1.40 -56.81
N ARG C 772 -36.71 1.77 -58.07
CA ARG C 772 -36.70 0.82 -59.18
C ARG C 772 -35.53 1.15 -60.09
N PHE C 773 -34.83 0.12 -60.56
CA PHE C 773 -33.81 0.31 -61.56
C PHE C 773 -34.46 0.66 -62.91
N PRO C 774 -33.79 1.44 -63.74
CA PRO C 774 -34.44 1.97 -64.94
C PRO C 774 -34.50 0.96 -66.06
N SER C 775 -35.71 0.78 -66.62
CA SER C 775 -35.97 -0.09 -67.76
C SER C 775 -35.33 -1.47 -67.62
N LEU D 12 37.44 8.59 -36.68
CA LEU D 12 38.31 8.81 -35.52
C LEU D 12 37.89 7.93 -34.36
N SER D 13 36.58 7.90 -34.08
CA SER D 13 36.06 7.04 -33.03
C SER D 13 36.28 5.57 -33.36
N THR D 14 36.09 5.19 -34.63
CA THR D 14 36.27 3.83 -35.09
C THR D 14 37.65 3.57 -35.68
N ALA D 15 38.63 4.41 -35.35
CA ALA D 15 39.97 4.25 -35.92
C ALA D 15 40.67 3.01 -35.38
N ILE D 16 40.14 2.41 -34.31
CA ILE D 16 40.82 1.28 -33.68
C ILE D 16 40.39 -0.03 -34.34
N LEU D 17 39.58 0.06 -35.40
CA LEU D 17 39.04 -1.16 -36.00
C LEU D 17 39.77 -1.52 -37.30
N LYS D 18 40.56 -0.60 -37.84
CA LYS D 18 41.20 -0.84 -39.13
C LYS D 18 42.39 -1.79 -38.98
N GLN D 19 42.68 -2.55 -40.04
CA GLN D 19 43.83 -3.45 -40.04
C GLN D 19 45.04 -2.80 -40.68
N LYS D 20 44.83 -1.94 -41.68
CA LYS D 20 45.83 -1.13 -42.37
C LYS D 20 46.74 -1.91 -43.30
N ASN D 21 46.49 -3.21 -43.51
CA ASN D 21 47.22 -4.01 -44.50
C ASN D 21 48.73 -3.95 -44.30
N ARG D 22 49.18 -4.46 -43.15
CA ARG D 22 50.59 -4.64 -42.90
C ARG D 22 51.10 -5.83 -43.71
N PRO D 23 52.43 -5.96 -43.89
CA PRO D 23 52.96 -7.07 -44.70
C PRO D 23 52.56 -8.44 -44.19
N ASN D 24 52.41 -8.59 -42.88
CA ASN D 24 52.01 -9.86 -42.30
C ASN D 24 50.58 -10.22 -42.69
N ARG D 25 49.75 -9.22 -42.97
CA ARG D 25 48.36 -9.47 -43.31
C ARG D 25 48.25 -10.27 -44.60
N LEU D 26 47.43 -11.32 -44.56
CA LEU D 26 47.24 -12.18 -45.72
C LEU D 26 45.83 -12.75 -45.69
N ILE D 27 45.27 -12.95 -46.89
CA ILE D 27 43.90 -13.40 -47.09
C ILE D 27 43.88 -14.92 -47.14
N VAL D 28 42.99 -15.54 -46.37
CA VAL D 28 42.89 -17.00 -46.37
C VAL D 28 42.40 -17.48 -47.72
N ASP D 29 43.02 -18.55 -48.23
CA ASP D 29 42.63 -19.15 -49.49
C ASP D 29 42.73 -20.67 -49.37
N GLU D 30 42.04 -21.38 -50.26
CA GLU D 30 41.99 -22.83 -50.20
C GLU D 30 43.33 -23.44 -50.60
N ALA D 31 43.57 -24.66 -50.13
CA ALA D 31 44.83 -25.36 -50.33
C ALA D 31 44.64 -26.50 -51.33
N ILE D 32 45.54 -26.56 -52.32
CA ILE D 32 45.45 -27.60 -53.35
C ILE D 32 46.00 -28.92 -52.82
N ASN D 33 47.24 -28.90 -52.34
CA ASN D 33 47.91 -30.10 -51.85
C ASN D 33 48.53 -29.93 -50.47
N GLU D 34 48.37 -28.77 -49.85
CA GLU D 34 48.99 -28.52 -48.55
C GLU D 34 48.38 -29.44 -47.49
N ASP D 35 49.26 -30.09 -46.73
CA ASP D 35 48.83 -31.01 -45.69
C ASP D 35 48.37 -30.23 -44.45
N ASN D 36 48.13 -30.96 -43.37
CA ASN D 36 47.61 -30.34 -42.16
C ASN D 36 48.61 -29.37 -41.55
N SER D 37 49.89 -29.69 -41.61
CA SER D 37 50.91 -28.94 -40.88
C SER D 37 51.65 -27.90 -41.74
N VAL D 38 51.27 -27.71 -43.00
CA VAL D 38 51.98 -26.77 -43.86
C VAL D 38 50.98 -25.81 -44.52
N VAL D 39 51.49 -24.63 -44.87
CA VAL D 39 50.77 -23.65 -45.68
C VAL D 39 51.73 -23.15 -46.76
N SER D 40 51.15 -22.58 -47.82
CA SER D 40 51.91 -22.14 -48.97
C SER D 40 51.63 -20.67 -49.26
N LEU D 41 52.69 -19.95 -49.61
CA LEU D 41 52.62 -18.53 -49.95
C LEU D 41 53.24 -18.30 -51.31
N SER D 42 53.03 -17.10 -51.85
CA SER D 42 53.71 -16.72 -53.08
C SER D 42 55.17 -16.38 -52.79
N GLN D 43 56.03 -16.69 -53.76
CA GLN D 43 57.46 -16.45 -53.58
C GLN D 43 57.81 -14.98 -53.35
N PRO D 44 57.29 -14.01 -54.13
CA PRO D 44 57.59 -12.61 -53.80
C PRO D 44 57.11 -12.20 -52.42
N LYS D 45 56.05 -12.83 -51.91
CA LYS D 45 55.60 -12.52 -50.56
C LYS D 45 56.62 -12.96 -49.52
N MET D 46 57.22 -14.13 -49.72
CA MET D 46 58.31 -14.56 -48.84
C MET D 46 59.52 -13.64 -48.96
N ASP D 47 59.87 -13.25 -50.18
CA ASP D 47 61.00 -12.35 -50.36
C ASP D 47 60.76 -11.01 -49.68
N GLU D 48 59.49 -10.55 -49.68
CA GLU D 48 59.15 -9.36 -48.92
C GLU D 48 59.31 -9.59 -47.42
N LEU D 49 58.89 -10.76 -46.93
CA LEU D 49 58.98 -11.09 -45.52
C LEU D 49 60.30 -11.74 -45.13
N GLN D 50 61.21 -11.94 -46.09
CA GLN D 50 62.51 -12.57 -45.84
C GLN D 50 62.34 -13.96 -45.23
N LEU D 51 61.40 -14.74 -45.77
CA LEU D 51 61.13 -16.09 -45.32
C LEU D 51 61.64 -17.08 -46.35
N PHE D 52 62.41 -18.07 -45.90
CA PHE D 52 62.85 -19.14 -46.78
C PHE D 52 61.89 -20.31 -46.72
N ARG D 53 61.95 -21.16 -47.75
CA ARG D 53 61.08 -22.33 -47.79
C ARG D 53 61.46 -23.32 -46.71
N GLY D 54 60.44 -23.91 -46.08
CA GLY D 54 60.65 -24.83 -44.98
C GLY D 54 60.79 -24.19 -43.62
N ASP D 55 60.84 -22.86 -43.55
CA ASP D 55 60.91 -22.17 -42.27
C ASP D 55 59.62 -22.35 -41.49
N THR D 56 59.73 -22.60 -40.19
CA THR D 56 58.56 -22.65 -39.33
C THR D 56 57.99 -21.24 -39.18
N VAL D 57 56.67 -21.13 -39.25
CA VAL D 57 55.99 -19.84 -39.20
C VAL D 57 54.83 -19.93 -38.22
N LEU D 58 54.45 -18.77 -37.68
CA LEU D 58 53.40 -18.65 -36.68
C LEU D 58 52.29 -17.77 -37.23
N LEU D 59 51.06 -18.29 -37.21
CA LEU D 59 49.89 -17.61 -37.73
C LEU D 59 48.96 -17.26 -36.57
N LYS D 60 48.62 -15.98 -36.45
CA LYS D 60 47.63 -15.55 -35.48
C LYS D 60 46.23 -15.74 -36.03
N GLY D 61 45.27 -15.90 -35.13
CA GLY D 61 43.88 -16.07 -35.54
C GLY D 61 42.96 -15.27 -34.64
N LYS D 62 41.67 -15.55 -34.78
CA LYS D 62 40.67 -14.87 -33.98
C LYS D 62 40.45 -15.61 -32.66
N LYS D 63 39.96 -14.86 -31.67
CA LYS D 63 39.60 -15.39 -30.36
C LYS D 63 40.79 -16.06 -29.67
N ARG D 64 41.92 -15.37 -29.68
CA ARG D 64 43.12 -15.80 -28.95
C ARG D 64 43.58 -17.19 -29.37
N ARG D 65 43.88 -17.35 -30.65
CA ARG D 65 44.35 -18.62 -31.20
C ARG D 65 45.63 -18.39 -32.01
N GLU D 66 46.54 -19.35 -31.93
CA GLU D 66 47.77 -19.32 -32.71
C GLU D 66 48.04 -20.71 -33.27
N ALA D 67 48.64 -20.75 -34.46
CA ALA D 67 49.00 -22.01 -35.09
C ALA D 67 50.40 -21.90 -35.65
N VAL D 68 51.02 -23.05 -35.89
CA VAL D 68 52.37 -23.12 -36.44
C VAL D 68 52.34 -23.99 -37.68
N CYS D 69 53.11 -23.60 -38.70
CA CYS D 69 53.09 -24.28 -39.98
C CYS D 69 54.47 -24.24 -40.60
N ILE D 70 54.63 -24.99 -41.69
CA ILE D 70 55.84 -24.96 -42.50
C ILE D 70 55.53 -24.22 -43.80
N VAL D 71 56.19 -23.09 -44.02
CA VAL D 71 55.90 -22.27 -45.18
C VAL D 71 56.59 -22.86 -46.42
N LEU D 72 55.83 -23.01 -47.50
CA LEU D 72 56.32 -23.60 -48.73
C LEU D 72 55.96 -22.71 -49.91
N SER D 73 56.79 -22.75 -50.94
CA SER D 73 56.65 -21.90 -52.12
C SER D 73 55.69 -22.56 -53.10
N ASP D 74 54.61 -21.85 -53.43
CA ASP D 74 53.63 -22.32 -54.41
C ASP D 74 53.36 -21.19 -55.39
N ASP D 75 53.69 -21.43 -56.67
CA ASP D 75 53.50 -20.39 -57.68
C ASP D 75 52.02 -20.12 -57.93
N THR D 76 51.17 -21.14 -57.74
CA THR D 76 49.74 -20.96 -57.94
C THR D 76 49.14 -20.07 -56.85
N CYS D 77 49.81 -19.96 -55.70
CA CYS D 77 49.31 -19.14 -54.62
C CYS D 77 49.37 -17.67 -54.99
N SER D 78 48.35 -16.92 -54.56
CA SER D 78 48.27 -15.51 -54.90
C SER D 78 49.29 -14.69 -54.12
N ASP D 79 49.57 -13.49 -54.61
CA ASP D 79 50.55 -12.62 -53.97
C ASP D 79 50.03 -12.11 -52.62
N GLU D 80 48.76 -11.72 -52.57
CA GLU D 80 48.16 -11.17 -51.36
C GLU D 80 47.44 -12.22 -50.52
N LYS D 81 47.56 -13.51 -50.87
CA LYS D 81 46.81 -14.56 -50.21
C LYS D 81 47.74 -15.66 -49.71
N ILE D 82 47.30 -16.35 -48.67
CA ILE D 82 47.98 -17.51 -48.10
C ILE D 82 47.05 -18.71 -48.22
N ARG D 83 47.58 -19.81 -48.78
CA ARG D 83 46.80 -21.02 -48.95
C ARG D 83 46.89 -21.86 -47.68
N MET D 84 45.74 -22.34 -47.21
CA MET D 84 45.66 -23.21 -46.05
C MET D 84 44.46 -24.12 -46.18
N ASN D 85 44.57 -25.33 -45.63
CA ASN D 85 43.48 -26.27 -45.71
C ASN D 85 42.46 -26.01 -44.60
N ARG D 86 41.46 -26.90 -44.51
CA ARG D 86 40.38 -26.72 -43.55
C ARG D 86 40.89 -26.90 -42.12
N VAL D 87 41.91 -27.74 -41.93
CA VAL D 87 42.41 -28.01 -40.58
C VAL D 87 42.99 -26.74 -39.96
N VAL D 88 43.85 -26.03 -40.69
CA VAL D 88 44.46 -24.82 -40.15
C VAL D 88 43.41 -23.74 -39.95
N ARG D 89 42.44 -23.65 -40.86
CA ARG D 89 41.36 -22.68 -40.69
C ARG D 89 40.57 -22.93 -39.41
N ASN D 90 40.22 -24.20 -39.15
CA ASN D 90 39.45 -24.51 -37.95
C ASN D 90 40.30 -24.32 -36.70
N ASN D 91 41.61 -24.55 -36.80
CA ASN D 91 42.49 -24.27 -35.66
C ASN D 91 42.54 -22.77 -35.37
N LEU D 92 42.56 -21.95 -36.41
CA LEU D 92 42.62 -20.50 -36.26
C LEU D 92 41.25 -19.85 -36.16
N ARG D 93 40.17 -20.63 -36.20
CA ARG D 93 38.80 -20.11 -36.14
C ARG D 93 38.54 -19.08 -37.24
N VAL D 94 39.10 -19.33 -38.42
CA VAL D 94 38.99 -18.40 -39.54
C VAL D 94 38.33 -19.12 -40.72
N ARG D 95 37.78 -18.31 -41.61
CA ARG D 95 37.11 -18.79 -42.82
C ARG D 95 37.75 -18.14 -44.03
N LEU D 96 37.31 -18.57 -45.21
CA LEU D 96 37.87 -18.04 -46.45
C LEU D 96 37.64 -16.54 -46.55
N GLY D 97 38.70 -15.82 -46.92
CA GLY D 97 38.68 -14.37 -46.98
C GLY D 97 39.15 -13.67 -45.73
N ASP D 98 39.40 -14.40 -44.64
CA ASP D 98 39.84 -13.78 -43.41
C ASP D 98 41.32 -13.38 -43.52
N VAL D 99 41.67 -12.34 -42.75
CA VAL D 99 43.02 -11.79 -42.76
C VAL D 99 43.75 -12.26 -41.52
N ILE D 100 44.93 -12.87 -41.72
CA ILE D 100 45.76 -13.32 -40.60
C ILE D 100 47.18 -12.81 -40.82
N SER D 101 47.95 -12.79 -39.72
CA SER D 101 49.33 -12.34 -39.73
C SER D 101 50.25 -13.54 -39.58
N ILE D 102 51.29 -13.58 -40.41
CA ILE D 102 52.29 -14.64 -40.38
C ILE D 102 53.63 -14.04 -39.96
N GLN D 103 54.27 -14.64 -38.97
CA GLN D 103 55.55 -14.16 -38.50
C GLN D 103 56.51 -15.31 -38.26
N PRO D 104 57.81 -15.06 -38.40
CA PRO D 104 58.80 -16.11 -38.08
C PRO D 104 58.72 -16.49 -36.60
N CYS D 105 58.86 -17.79 -36.33
CA CYS D 105 58.82 -18.28 -34.96
C CYS D 105 60.22 -18.74 -34.57
N PRO D 106 60.88 -18.06 -33.64
CA PRO D 106 62.27 -18.42 -33.33
C PRO D 106 62.37 -19.49 -32.25
N ASP D 107 63.51 -20.19 -32.26
CA ASP D 107 63.88 -21.15 -31.22
C ASP D 107 62.85 -22.29 -31.10
N VAL D 108 62.45 -22.83 -32.25
CA VAL D 108 61.55 -23.98 -32.24
C VAL D 108 62.38 -25.26 -32.19
N LYS D 109 62.07 -26.13 -31.22
CA LYS D 109 62.88 -27.30 -30.96
C LYS D 109 62.02 -28.55 -31.06
N TYR D 110 62.69 -29.69 -31.23
CA TYR D 110 61.99 -30.96 -31.37
C TYR D 110 61.30 -31.34 -30.06
N GLY D 111 60.03 -31.69 -30.16
CA GLY D 111 59.24 -31.95 -28.97
C GLY D 111 59.69 -33.22 -28.27
N LYS D 112 59.89 -33.14 -26.96
CA LYS D 112 60.25 -34.32 -26.18
C LYS D 112 59.11 -35.32 -26.13
N ARG D 113 57.89 -34.85 -25.86
CA ARG D 113 56.74 -35.74 -25.80
C ARG D 113 55.47 -34.93 -26.03
N ILE D 114 54.54 -35.52 -26.76
CA ILE D 114 53.25 -34.91 -27.04
C ILE D 114 52.15 -35.90 -26.67
N HIS D 115 51.15 -35.39 -25.97
CA HIS D 115 49.97 -36.17 -25.60
C HIS D 115 48.77 -35.64 -26.37
N VAL D 116 48.12 -36.54 -27.11
CA VAL D 116 47.03 -36.20 -28.01
C VAL D 116 45.79 -37.00 -27.59
N LEU D 117 44.63 -36.33 -27.63
CA LEU D 117 43.38 -36.95 -27.24
C LEU D 117 42.44 -37.01 -28.45
N PRO D 118 42.12 -38.19 -28.97
CA PRO D 118 41.29 -38.25 -30.16
C PRO D 118 39.83 -37.90 -29.88
N ILE D 119 39.13 -37.48 -30.93
CA ILE D 119 37.71 -37.16 -30.80
C ILE D 119 36.89 -38.45 -30.74
N ASP D 120 35.84 -38.43 -29.94
CA ASP D 120 35.06 -39.65 -29.70
C ASP D 120 34.37 -40.14 -30.97
N ASP D 121 33.81 -39.23 -31.76
CA ASP D 121 33.01 -39.65 -32.91
C ASP D 121 33.88 -40.27 -34.00
N THR D 122 35.15 -39.85 -34.09
CA THR D 122 36.03 -40.36 -35.12
C THR D 122 36.52 -41.78 -34.79
N VAL D 123 36.75 -42.06 -33.50
CA VAL D 123 37.36 -43.33 -33.13
C VAL D 123 36.36 -44.47 -33.22
N GLU D 124 35.07 -44.15 -33.26
CA GLU D 124 34.05 -45.19 -33.37
C GLU D 124 34.14 -45.88 -34.72
N GLY D 125 34.01 -47.20 -34.71
CA GLY D 125 34.13 -47.99 -35.91
C GLY D 125 35.55 -48.38 -36.30
N ILE D 126 36.54 -48.01 -35.48
CA ILE D 126 37.94 -48.31 -35.75
C ILE D 126 38.40 -49.33 -34.71
N THR D 127 38.51 -50.59 -35.12
CA THR D 127 39.01 -51.62 -34.22
C THR D 127 40.51 -51.47 -33.97
N GLY D 128 41.23 -50.98 -34.97
CA GLY D 128 42.68 -50.87 -34.85
C GLY D 128 43.09 -49.79 -33.86
N ASN D 129 44.32 -49.93 -33.35
CA ASN D 129 44.86 -48.96 -32.42
C ASN D 129 44.97 -47.59 -33.09
N LEU D 130 44.53 -46.55 -32.37
CA LEU D 130 44.59 -45.20 -32.92
C LEU D 130 46.03 -44.77 -33.18
N PHE D 131 46.94 -45.10 -32.27
CA PHE D 131 48.34 -44.75 -32.45
C PHE D 131 48.95 -45.51 -33.63
N GLU D 132 48.77 -46.84 -33.65
CA GLU D 132 49.45 -47.66 -34.64
C GLU D 132 48.93 -47.38 -36.06
N VAL D 133 47.61 -47.34 -36.22
CA VAL D 133 47.04 -47.17 -37.56
C VAL D 133 47.29 -45.76 -38.09
N TYR D 134 47.18 -44.75 -37.23
CA TYR D 134 47.20 -43.36 -37.68
C TYR D 134 48.41 -42.60 -37.18
N LEU D 135 48.65 -42.54 -35.87
CA LEU D 135 49.67 -41.64 -35.34
C LEU D 135 51.07 -42.05 -35.76
N LYS D 136 51.40 -43.34 -35.65
CA LYS D 136 52.77 -43.78 -35.95
C LYS D 136 53.16 -43.54 -37.40
N PRO D 137 52.36 -43.88 -38.42
CA PRO D 137 52.79 -43.56 -39.79
C PRO D 137 52.70 -42.08 -40.11
N TYR D 138 51.71 -41.37 -39.56
CA TYR D 138 51.58 -39.94 -39.82
C TYR D 138 52.77 -39.16 -39.28
N PHE D 139 53.22 -39.50 -38.07
CA PHE D 139 54.29 -38.76 -37.41
C PHE D 139 55.65 -39.41 -37.59
N LEU D 140 55.78 -40.37 -38.52
CA LEU D 140 57.07 -40.98 -38.81
C LEU D 140 57.86 -40.04 -39.70
N GLU D 141 58.95 -39.50 -39.15
CA GLU D 141 59.81 -38.54 -39.88
C GLU D 141 59.02 -37.32 -40.34
N ALA D 142 57.97 -36.96 -39.61
CA ALA D 142 57.07 -35.90 -40.05
C ALA D 142 57.73 -34.53 -39.97
N TYR D 143 58.45 -34.27 -38.88
CA TYR D 143 59.05 -32.95 -38.63
C TYR D 143 58.00 -31.85 -38.70
N ARG D 144 56.81 -32.13 -38.16
CA ARG D 144 55.68 -31.22 -38.23
C ARG D 144 55.61 -30.37 -36.97
N PRO D 145 55.48 -29.05 -37.09
CA PRO D 145 55.27 -28.23 -35.90
C PRO D 145 53.81 -28.26 -35.47
N ILE D 146 53.60 -28.37 -34.15
CA ILE D 146 52.27 -28.36 -33.57
C ILE D 146 52.26 -27.52 -32.31
N ARG D 147 51.05 -27.16 -31.89
CA ARG D 147 50.79 -26.33 -30.73
C ARG D 147 49.64 -26.93 -29.93
N LYS D 148 49.60 -26.59 -28.64
CA LYS D 148 48.51 -27.04 -27.79
C LYS D 148 47.17 -26.50 -28.30
N GLY D 149 46.15 -27.36 -28.24
CA GLY D 149 44.81 -26.97 -28.61
C GLY D 149 44.41 -27.24 -30.04
N ASP D 150 45.36 -27.56 -30.92
CA ASP D 150 45.04 -27.79 -32.32
C ASP D 150 44.29 -29.10 -32.52
N ILE D 151 43.48 -29.13 -33.57
CA ILE D 151 42.85 -30.36 -34.07
C ILE D 151 43.59 -30.73 -35.35
N PHE D 152 44.01 -31.98 -35.47
CA PHE D 152 44.53 -32.45 -36.75
C PHE D 152 43.89 -33.79 -37.12
N LEU D 153 43.51 -33.91 -38.39
CA LEU D 153 42.80 -35.08 -38.89
C LEU D 153 43.78 -35.96 -39.67
N VAL D 154 43.76 -37.26 -39.40
CA VAL D 154 44.63 -38.23 -40.05
C VAL D 154 43.75 -39.19 -40.84
N ARG D 155 44.07 -39.34 -42.12
CA ARG D 155 43.31 -40.21 -43.00
C ARG D 155 43.79 -41.65 -42.89
N GLY D 156 42.86 -42.58 -43.01
CA GLY D 156 43.19 -43.99 -42.93
C GLY D 156 42.06 -44.77 -42.29
N GLY D 157 42.10 -46.09 -42.48
CA GLY D 157 41.10 -46.95 -41.90
C GLY D 157 39.72 -46.73 -42.51
N MET D 158 38.72 -47.24 -41.80
CA MET D 158 37.34 -47.06 -42.23
C MET D 158 36.91 -45.60 -42.07
N ARG D 159 37.36 -44.93 -41.00
CA ARG D 159 37.04 -43.54 -40.73
C ARG D 159 38.29 -42.81 -40.30
N ALA D 160 38.53 -41.64 -40.88
CA ALA D 160 39.68 -40.82 -40.49
C ALA D 160 39.49 -40.30 -39.06
N VAL D 161 40.60 -40.09 -38.36
CA VAL D 161 40.57 -39.84 -36.92
C VAL D 161 41.13 -38.44 -36.65
N GLU D 162 40.38 -37.66 -35.87
CA GLU D 162 40.82 -36.34 -35.45
C GLU D 162 41.45 -36.41 -34.06
N PHE D 163 42.64 -35.84 -33.91
CA PHE D 163 43.33 -35.80 -32.64
C PHE D 163 43.46 -34.38 -32.13
N LYS D 164 43.21 -34.23 -30.83
CA LYS D 164 43.41 -33.01 -30.07
C LYS D 164 44.75 -33.06 -29.37
N VAL D 165 45.65 -32.13 -29.73
CA VAL D 165 46.95 -32.05 -29.08
C VAL D 165 46.79 -31.32 -27.76
N VAL D 166 46.59 -32.08 -26.68
CA VAL D 166 46.31 -31.45 -25.39
C VAL D 166 47.59 -31.08 -24.68
N GLU D 167 48.64 -31.90 -24.80
CA GLU D 167 49.89 -31.65 -24.09
C GLU D 167 51.06 -31.62 -25.07
N THR D 168 51.89 -30.59 -24.95
CA THR D 168 53.11 -30.44 -25.73
C THR D 168 54.28 -30.27 -24.78
N ASP D 169 55.41 -30.89 -25.10
CA ASP D 169 56.63 -30.70 -24.34
C ASP D 169 57.81 -30.53 -25.30
N PRO D 170 58.42 -29.34 -25.39
CA PRO D 170 58.09 -28.15 -24.60
C PRO D 170 56.80 -27.44 -25.03
N SER D 171 56.10 -26.87 -24.05
CA SER D 171 54.90 -26.10 -24.33
C SER D 171 55.27 -24.69 -24.78
N PRO D 172 54.46 -24.08 -25.66
CA PRO D 172 53.34 -24.70 -26.36
C PRO D 172 53.68 -25.12 -27.78
N TYR D 173 54.91 -24.84 -28.22
CA TYR D 173 55.34 -25.08 -29.60
C TYR D 173 56.26 -26.30 -29.59
N CYS D 174 56.05 -27.22 -30.54
CA CYS D 174 56.97 -28.36 -30.59
C CYS D 174 56.97 -28.98 -31.99
N ILE D 175 58.12 -29.53 -32.36
CA ILE D 175 58.28 -30.30 -33.60
C ILE D 175 58.14 -31.77 -33.24
N VAL D 176 57.33 -32.50 -34.01
CA VAL D 176 57.12 -33.92 -33.79
C VAL D 176 58.25 -34.66 -34.49
N ALA D 177 59.30 -34.98 -33.75
CA ALA D 177 60.41 -35.76 -34.26
C ALA D 177 60.10 -37.25 -34.12
N PRO D 178 60.81 -38.10 -34.87
CA PRO D 178 60.59 -39.55 -34.72
C PRO D 178 60.85 -40.06 -33.30
N ASP D 179 61.82 -39.48 -32.60
CA ASP D 179 62.12 -39.94 -31.24
C ASP D 179 61.03 -39.54 -30.27
N THR D 180 60.23 -38.54 -30.61
CA THR D 180 59.12 -38.13 -29.77
C THR D 180 58.12 -39.27 -29.62
N VAL D 181 57.63 -39.47 -28.40
CA VAL D 181 56.69 -40.54 -28.10
C VAL D 181 55.28 -40.00 -28.23
N ILE D 182 54.45 -40.70 -29.01
CA ILE D 182 53.07 -40.32 -29.25
C ILE D 182 52.17 -41.42 -28.74
N HIS D 183 51.17 -41.05 -27.94
CA HIS D 183 50.29 -42.00 -27.26
C HIS D 183 48.85 -41.51 -27.36
N CYS D 184 47.95 -42.39 -27.79
CA CYS D 184 46.55 -42.06 -28.01
C CYS D 184 45.66 -42.38 -26.82
N GLU D 185 46.24 -42.80 -25.69
CA GLU D 185 45.42 -43.13 -24.53
C GLU D 185 44.80 -41.88 -23.93
N GLY D 186 43.65 -42.05 -23.31
CA GLY D 186 42.97 -40.96 -22.64
C GLY D 186 41.50 -40.94 -22.98
N GLU D 187 40.77 -40.12 -22.24
CA GLU D 187 39.34 -39.95 -22.50
C GLU D 187 39.15 -39.28 -23.85
N PRO D 188 38.40 -39.90 -24.77
CA PRO D 188 38.19 -39.27 -26.07
C PRO D 188 37.45 -37.94 -25.94
N ILE D 189 37.85 -36.97 -26.78
CA ILE D 189 37.24 -35.65 -26.72
C ILE D 189 35.85 -35.69 -27.35
N LYS D 190 34.88 -35.11 -26.65
CA LYS D 190 33.52 -35.05 -27.16
C LYS D 190 33.47 -34.17 -28.42
N ARG D 191 32.66 -34.61 -29.39
CA ARG D 191 32.44 -33.79 -30.57
C ARG D 191 31.70 -32.51 -30.22
N GLU D 192 30.78 -32.59 -29.26
CA GLU D 192 30.00 -31.42 -28.87
C GLU D 192 30.88 -30.34 -28.25
N ASP D 193 31.89 -30.75 -27.48
CA ASP D 193 32.79 -29.77 -26.87
C ASP D 193 33.58 -29.00 -27.93
N GLU D 194 34.13 -29.71 -28.91
CA GLU D 194 34.85 -29.05 -29.99
C GLU D 194 33.92 -28.19 -30.83
N GLU D 195 32.67 -28.64 -31.02
CA GLU D 195 31.71 -27.83 -31.74
C GLU D 195 31.39 -26.53 -31.01
N GLU D 196 31.21 -26.61 -29.70
CA GLU D 196 30.99 -25.40 -28.91
C GLU D 196 32.21 -24.49 -28.95
N SER D 197 33.41 -25.08 -29.01
CA SER D 197 34.61 -24.27 -29.19
C SER D 197 34.61 -23.56 -30.53
N LEU D 198 34.15 -24.25 -31.58
CA LEU D 198 34.13 -23.65 -32.92
C LEU D 198 33.16 -22.49 -33.00
N ASN D 199 31.91 -22.70 -32.56
CA ASN D 199 30.88 -21.68 -32.63
C ASN D 199 30.98 -20.77 -31.40
N GLU D 200 32.13 -20.13 -31.27
CA GLU D 200 32.44 -19.23 -30.17
C GLU D 200 32.31 -17.80 -30.64
N VAL D 201 31.76 -16.93 -29.78
CA VAL D 201 31.44 -15.58 -30.21
C VAL D 201 32.66 -14.68 -30.08
N GLY D 202 32.98 -13.97 -31.15
CA GLY D 202 34.02 -12.97 -31.13
C GLY D 202 33.45 -11.61 -31.46
N TYR D 203 34.35 -10.63 -31.61
CA TYR D 203 33.91 -9.28 -31.96
C TYR D 203 33.29 -9.24 -33.35
N ASP D 204 33.56 -10.26 -34.16
CA ASP D 204 33.00 -10.29 -35.51
C ASP D 204 31.54 -10.72 -35.51
N ASP D 205 31.07 -11.27 -34.40
CA ASP D 205 29.69 -11.73 -34.34
C ASP D 205 28.74 -10.63 -33.92
N ILE D 206 29.26 -9.44 -33.63
CA ILE D 206 28.41 -8.29 -33.34
C ILE D 206 28.22 -7.47 -34.61
N GLY D 207 26.98 -7.38 -35.06
CA GLY D 207 26.64 -6.58 -36.23
C GLY D 207 26.06 -5.26 -35.78
N GLY D 208 26.29 -4.23 -36.58
CA GLY D 208 26.01 -2.89 -36.13
C GLY D 208 26.93 -2.56 -34.96
N CYS D 209 26.51 -1.55 -34.19
CA CYS D 209 27.22 -1.16 -32.97
C CYS D 209 28.70 -0.96 -33.23
N ARG D 210 29.02 -0.38 -34.39
CA ARG D 210 30.42 -0.20 -34.77
C ARG D 210 31.12 0.80 -33.87
N LYS D 211 30.47 1.93 -33.59
CA LYS D 211 31.05 2.92 -32.69
C LYS D 211 31.08 2.40 -31.26
N GLN D 212 30.03 1.70 -30.84
CA GLN D 212 30.02 1.11 -29.50
C GLN D 212 31.11 0.06 -29.36
N LEU D 213 31.28 -0.80 -30.37
CA LEU D 213 32.35 -1.78 -30.33
C LEU D 213 33.71 -1.11 -30.35
N ALA D 214 33.85 -0.01 -31.08
CA ALA D 214 35.10 0.74 -31.08
C ALA D 214 35.43 1.24 -29.68
N GLN D 215 34.46 1.83 -28.99
CA GLN D 215 34.69 2.31 -27.63
C GLN D 215 35.04 1.16 -26.69
N ILE D 216 34.31 0.04 -26.80
CA ILE D 216 34.57 -1.09 -25.92
C ILE D 216 35.97 -1.64 -26.15
N LYS D 217 36.39 -1.75 -27.41
CA LYS D 217 37.75 -2.22 -27.69
C LYS D 217 38.79 -1.21 -27.22
N GLU D 218 38.48 0.09 -27.29
CA GLU D 218 39.40 1.09 -26.75
C GLU D 218 39.57 0.92 -25.25
N MET D 219 38.53 0.48 -24.56
CA MET D 219 38.59 0.45 -23.10
C MET D 219 39.03 -0.89 -22.51
N VAL D 220 38.74 -2.02 -23.16
CA VAL D 220 39.05 -3.33 -22.59
C VAL D 220 40.14 -4.06 -23.37
N GLU D 221 40.42 -3.62 -24.60
CA GLU D 221 41.46 -4.23 -25.41
C GLU D 221 42.73 -3.39 -25.47
N LEU D 222 42.61 -2.11 -25.79
CA LEU D 222 43.80 -1.28 -25.99
C LEU D 222 44.68 -1.16 -24.75
N PRO D 223 44.17 -0.90 -23.54
CA PRO D 223 45.07 -0.80 -22.39
C PRO D 223 45.83 -2.09 -22.11
N LEU D 224 45.28 -3.24 -22.49
CA LEU D 224 45.99 -4.49 -22.29
C LEU D 224 46.99 -4.75 -23.40
N ARG D 225 46.60 -4.47 -24.65
CA ARG D 225 47.50 -4.72 -25.77
C ARG D 225 48.65 -3.73 -25.80
N HIS D 226 48.39 -2.46 -25.54
CA HIS D 226 49.40 -1.41 -25.54
C HIS D 226 49.26 -0.55 -24.29
N PRO D 227 49.67 -1.07 -23.12
CA PRO D 227 49.65 -0.23 -21.91
C PRO D 227 50.65 0.90 -21.96
N ALA D 228 51.63 0.81 -22.85
CA ALA D 228 52.68 1.83 -22.92
C ALA D 228 52.11 3.18 -23.32
N LEU D 229 51.06 3.19 -24.14
CA LEU D 229 50.43 4.46 -24.52
C LEU D 229 49.93 5.21 -23.30
N PHE D 230 49.16 4.54 -22.45
CA PHE D 230 48.60 5.19 -21.27
C PHE D 230 49.69 5.48 -20.24
N LYS D 231 50.72 4.64 -20.17
CA LYS D 231 51.82 4.91 -19.26
C LYS D 231 52.58 6.17 -19.67
N GLU D 232 52.83 6.34 -20.98
CA GLU D 232 53.58 7.49 -21.45
C GLU D 232 52.75 8.76 -21.36
N ILE D 233 51.47 8.71 -21.78
CA ILE D 233 50.63 9.89 -21.75
C ILE D 233 50.18 10.25 -20.33
N GLY D 234 50.58 9.46 -19.34
CA GLY D 234 50.37 9.85 -17.94
C GLY D 234 48.94 9.90 -17.49
N VAL D 235 48.10 8.97 -17.96
CA VAL D 235 46.72 8.90 -17.53
C VAL D 235 46.37 7.44 -17.31
N LYS D 236 45.34 7.20 -16.51
CA LYS D 236 44.87 5.83 -16.39
C LYS D 236 43.58 5.65 -17.19
N PRO D 237 43.49 4.60 -18.00
CA PRO D 237 42.34 4.45 -18.90
C PRO D 237 41.07 4.18 -18.11
N PRO D 238 39.91 4.42 -18.72
CA PRO D 238 38.63 4.13 -18.04
C PRO D 238 38.53 2.65 -17.67
N ARG D 239 37.91 2.39 -16.52
CA ARG D 239 37.81 1.04 -15.98
C ARG D 239 36.38 0.65 -15.64
N GLY D 240 35.38 1.40 -16.08
CA GLY D 240 34.00 1.05 -15.85
C GLY D 240 33.10 1.30 -17.04
N ILE D 241 32.48 0.25 -17.55
CA ILE D 241 31.63 0.32 -18.72
C ILE D 241 30.24 -0.19 -18.37
N LEU D 242 29.23 0.64 -18.58
CA LEU D 242 27.84 0.25 -18.39
C LEU D 242 27.17 0.18 -19.75
N LEU D 243 26.85 -1.04 -20.19
CA LEU D 243 26.16 -1.25 -21.46
C LEU D 243 24.66 -1.18 -21.21
N TYR D 244 24.00 -0.22 -21.85
CA TYR D 244 22.55 -0.10 -21.71
C TYR D 244 21.90 -0.08 -23.08
N GLY D 245 20.63 -0.47 -23.12
CA GLY D 245 19.88 -0.49 -24.35
C GLY D 245 18.60 -1.28 -24.20
N PRO D 246 17.72 -1.23 -25.20
CA PRO D 246 16.51 -2.03 -25.16
C PRO D 246 16.85 -3.51 -25.26
N PRO D 247 15.96 -4.39 -24.83
CA PRO D 247 16.26 -5.84 -24.86
C PRO D 247 16.55 -6.33 -26.27
N GLY D 248 17.52 -7.24 -26.37
CA GLY D 248 17.84 -7.89 -27.62
C GLY D 248 18.84 -7.16 -28.49
N THR D 249 19.43 -6.07 -28.03
CA THR D 249 20.33 -5.29 -28.87
C THR D 249 21.77 -5.81 -28.85
N GLY D 250 22.11 -6.70 -27.93
CA GLY D 250 23.41 -7.35 -27.96
C GLY D 250 24.37 -7.00 -26.84
N LYS D 251 23.88 -6.67 -25.65
CA LYS D 251 24.77 -6.37 -24.54
C LYS D 251 25.45 -7.62 -24.02
N THR D 252 24.67 -8.68 -23.77
CA THR D 252 25.25 -9.93 -23.33
C THR D 252 26.09 -10.56 -24.43
N LEU D 253 25.73 -10.33 -25.69
CA LEU D 253 26.56 -10.81 -26.80
C LEU D 253 27.94 -10.17 -26.77
N ILE D 254 27.99 -8.86 -26.54
CA ILE D 254 29.27 -8.17 -26.41
C ILE D 254 30.03 -8.68 -25.19
N ALA D 255 29.31 -8.99 -24.11
CA ALA D 255 29.97 -9.56 -22.94
C ALA D 255 30.63 -10.89 -23.26
N ARG D 256 29.92 -11.77 -23.98
CA ARG D 256 30.51 -13.05 -24.37
C ARG D 256 31.69 -12.85 -25.30
N ALA D 257 31.59 -11.89 -26.23
CA ALA D 257 32.70 -11.63 -27.13
C ALA D 257 33.94 -11.16 -26.37
N VAL D 258 33.75 -10.27 -25.39
CA VAL D 258 34.86 -9.80 -24.58
C VAL D 258 35.44 -10.96 -23.76
N ALA D 259 34.57 -11.80 -23.21
CA ALA D 259 35.05 -12.95 -22.44
C ALA D 259 35.87 -13.90 -23.31
N ASN D 260 35.45 -14.07 -24.57
CA ASN D 260 36.13 -15.02 -25.45
C ASN D 260 37.41 -14.45 -26.04
N GLU D 261 37.49 -13.13 -26.18
CA GLU D 261 38.59 -12.52 -26.90
C GLU D 261 39.44 -11.58 -26.05
N THR D 262 39.60 -11.89 -24.75
CA THR D 262 40.53 -11.17 -23.89
C THR D 262 41.47 -12.15 -23.22
N GLY D 263 42.73 -11.74 -23.06
CA GLY D 263 43.66 -12.55 -22.29
C GLY D 263 43.46 -12.37 -20.79
N ALA D 264 42.78 -11.31 -20.40
CA ALA D 264 42.51 -11.05 -18.99
C ALA D 264 41.56 -12.09 -18.42
N PHE D 265 41.74 -12.40 -17.14
CA PHE D 265 40.82 -13.27 -16.43
C PHE D 265 39.43 -12.66 -16.44
N PHE D 266 38.42 -13.48 -16.71
CA PHE D 266 37.05 -13.01 -16.83
C PHE D 266 36.20 -13.62 -15.72
N PHE D 267 35.54 -12.76 -14.95
CA PHE D 267 34.61 -13.17 -13.92
C PHE D 267 33.22 -12.66 -14.27
N LEU D 268 32.26 -13.57 -14.32
CA LEU D 268 30.88 -13.24 -14.67
C LEU D 268 30.04 -13.24 -13.41
N ILE D 269 29.34 -12.12 -13.17
CA ILE D 269 28.42 -11.99 -12.05
C ILE D 269 27.03 -11.77 -12.61
N ASN D 270 26.09 -12.61 -12.22
CA ASN D 270 24.68 -12.42 -12.51
C ASN D 270 23.98 -11.88 -11.27
N GLY D 271 23.19 -10.84 -11.46
CA GLY D 271 22.61 -10.09 -10.37
C GLY D 271 22.00 -10.95 -9.28
N PRO D 272 20.93 -11.67 -9.60
CA PRO D 272 20.25 -12.47 -8.56
C PRO D 272 21.12 -13.53 -7.92
N GLU D 273 22.18 -13.99 -8.60
CA GLU D 273 23.03 -15.02 -8.02
C GLU D 273 23.75 -14.51 -6.78
N ILE D 274 23.97 -13.20 -6.69
CA ILE D 274 24.67 -12.62 -5.54
C ILE D 274 23.85 -12.82 -4.26
N MET D 275 22.53 -12.74 -4.37
CA MET D 275 21.68 -12.75 -3.19
C MET D 275 21.84 -14.02 -2.37
N SER D 276 21.75 -13.87 -1.04
CA SER D 276 21.80 -14.98 -0.10
C SER D 276 20.91 -14.65 1.08
N LYS D 277 20.41 -15.70 1.74
CA LYS D 277 19.51 -15.51 2.86
C LYS D 277 20.25 -15.09 4.12
N LEU D 278 21.53 -15.46 4.24
CA LEU D 278 22.29 -15.19 5.44
C LEU D 278 22.58 -13.70 5.58
N ALA D 279 22.92 -13.29 6.80
CA ALA D 279 23.28 -11.91 7.08
C ALA D 279 24.70 -11.66 6.60
N GLY D 280 24.86 -10.72 5.66
CA GLY D 280 26.16 -10.38 5.14
C GLY D 280 26.76 -11.38 4.18
N GLU D 281 26.01 -12.38 3.73
CA GLU D 281 26.56 -13.37 2.81
C GLU D 281 26.62 -12.84 1.39
N SER D 282 25.67 -11.99 1.00
CA SER D 282 25.70 -11.39 -0.33
C SER D 282 26.87 -10.43 -0.47
N GLU D 283 27.12 -9.61 0.56
CA GLU D 283 28.29 -8.76 0.57
C GLU D 283 29.56 -9.61 0.53
N SER D 284 29.55 -10.75 1.21
CA SER D 284 30.69 -11.65 1.16
C SER D 284 30.90 -12.20 -0.24
N ASN D 285 29.81 -12.51 -0.95
CA ASN D 285 29.92 -12.99 -2.32
C ASN D 285 30.52 -11.92 -3.23
N LEU D 286 30.06 -10.67 -3.09
CA LEU D 286 30.62 -9.58 -3.87
C LEU D 286 32.10 -9.39 -3.57
N ARG D 287 32.47 -9.43 -2.29
CA ARG D 287 33.87 -9.27 -1.91
C ARG D 287 34.71 -10.42 -2.46
N LYS D 288 34.19 -11.64 -2.42
CA LYS D 288 34.92 -12.78 -2.98
C LYS D 288 35.12 -12.63 -4.48
N ALA D 289 34.10 -12.15 -5.19
CA ALA D 289 34.25 -11.93 -6.62
C ALA D 289 35.32 -10.89 -6.92
N PHE D 290 35.29 -9.76 -6.19
CA PHE D 290 36.28 -8.73 -6.45
C PHE D 290 37.68 -9.16 -6.02
N GLU D 291 37.79 -9.97 -4.98
CA GLU D 291 39.09 -10.49 -4.56
C GLU D 291 39.62 -11.49 -5.59
N GLU D 292 38.73 -12.31 -6.16
CA GLU D 292 39.14 -13.21 -7.23
C GLU D 292 39.64 -12.43 -8.44
N ALA D 293 38.95 -11.33 -8.78
CA ALA D 293 39.41 -10.50 -9.89
C ALA D 293 40.75 -9.85 -9.59
N GLU D 294 40.93 -9.34 -8.37
CA GLU D 294 42.19 -8.68 -8.03
C GLU D 294 43.35 -9.67 -7.98
N LYS D 295 43.09 -10.88 -7.48
CA LYS D 295 44.15 -11.88 -7.36
C LYS D 295 44.69 -12.26 -8.73
N ASN D 296 43.82 -12.32 -9.74
CA ASN D 296 44.20 -12.77 -11.07
C ASN D 296 44.70 -11.64 -11.96
N ALA D 297 45.29 -10.60 -11.39
CA ALA D 297 46.07 -9.60 -12.12
C ALA D 297 45.13 -8.81 -13.04
N PRO D 298 45.38 -8.58 -14.39
CA PRO D 298 44.29 -8.00 -15.19
C PRO D 298 43.07 -8.89 -15.27
N ALA D 299 41.94 -8.38 -14.78
CA ALA D 299 40.69 -9.11 -14.77
C ALA D 299 39.56 -8.21 -15.24
N ILE D 300 38.52 -8.84 -15.79
CA ILE D 300 37.31 -8.14 -16.20
C ILE D 300 36.13 -8.75 -15.46
N ILE D 301 35.39 -7.93 -14.73
CA ILE D 301 34.17 -8.35 -14.06
C ILE D 301 32.99 -7.83 -14.87
N PHE D 302 32.12 -8.75 -15.28
CA PHE D 302 30.88 -8.38 -15.97
C PHE D 302 29.70 -8.72 -15.08
N ILE D 303 28.89 -7.72 -14.78
CA ILE D 303 27.69 -7.88 -13.95
C ILE D 303 26.48 -7.74 -14.86
N ASP D 304 25.93 -8.86 -15.30
CA ASP D 304 24.70 -8.84 -16.07
C ASP D 304 23.51 -8.57 -15.17
N GLU D 305 22.49 -7.92 -15.73
CA GLU D 305 21.30 -7.51 -14.98
C GLU D 305 21.70 -6.70 -13.75
N LEU D 306 22.33 -5.54 -14.01
CA LEU D 306 22.82 -4.72 -12.91
C LEU D 306 21.70 -4.15 -12.06
N ASP D 307 20.55 -3.84 -12.68
CA ASP D 307 19.43 -3.28 -11.93
C ASP D 307 18.88 -4.26 -10.91
N ALA D 308 19.19 -5.55 -11.05
CA ALA D 308 18.72 -6.54 -10.09
C ALA D 308 19.30 -6.32 -8.71
N ILE D 309 20.60 -5.99 -8.64
CA ILE D 309 21.28 -5.82 -7.36
C ILE D 309 21.76 -4.42 -7.11
N ALA D 310 21.47 -3.47 -8.01
CA ALA D 310 21.88 -2.07 -7.83
C ALA D 310 20.70 -1.13 -8.03
N PRO D 311 19.68 -1.21 -7.19
CA PRO D 311 18.64 -0.18 -7.21
C PRO D 311 19.10 1.04 -6.43
N LYS D 312 18.35 2.13 -6.60
CA LYS D 312 18.64 3.35 -5.85
C LYS D 312 18.44 3.10 -4.36
N ARG D 313 19.41 3.51 -3.56
CA ARG D 313 19.32 3.32 -2.12
C ARG D 313 18.20 4.17 -1.52
N GLU D 314 17.92 5.33 -2.13
CA GLU D 314 16.83 6.17 -1.64
C GLU D 314 15.47 5.54 -1.93
N LYS D 315 15.39 4.73 -2.97
CA LYS D 315 14.13 4.10 -3.38
C LYS D 315 13.99 2.66 -2.91
N THR D 316 14.96 2.14 -2.16
CA THR D 316 14.98 0.73 -1.78
C THR D 316 14.56 0.62 -0.32
N HIS D 317 13.64 -0.31 -0.04
CA HIS D 317 13.12 -0.47 1.31
C HIS D 317 13.92 -1.49 2.10
N GLY D 318 14.32 -2.59 1.46
CA GLY D 318 15.05 -3.64 2.16
C GLY D 318 16.44 -3.16 2.54
N GLU D 319 16.90 -3.59 3.72
CA GLU D 319 18.23 -3.18 4.19
C GLU D 319 19.32 -3.97 3.47
N VAL D 320 19.05 -5.22 3.12
CA VAL D 320 20.05 -6.05 2.47
C VAL D 320 20.43 -5.47 1.11
N GLU D 321 19.43 -5.03 0.34
CA GLU D 321 19.70 -4.49 -0.99
C GLU D 321 20.50 -3.19 -0.89
N ARG D 322 20.16 -2.33 0.07
CA ARG D 322 20.92 -1.10 0.25
C ARG D 322 22.36 -1.41 0.67
N ARG D 323 22.54 -2.41 1.54
CA ARG D 323 23.88 -2.78 1.94
C ARG D 323 24.68 -3.36 0.77
N ILE D 324 24.01 -4.06 -0.14
CA ILE D 324 24.69 -4.59 -1.31
C ILE D 324 25.09 -3.46 -2.25
N VAL D 325 24.22 -2.47 -2.43
CA VAL D 325 24.58 -1.32 -3.24
C VAL D 325 25.78 -0.60 -2.64
N SER D 326 25.78 -0.43 -1.30
CA SER D 326 26.91 0.20 -0.64
C SER D 326 28.18 -0.62 -0.78
N GLN D 327 28.08 -1.94 -0.69
CA GLN D 327 29.25 -2.80 -0.86
C GLN D 327 29.82 -2.68 -2.27
N LEU D 328 28.95 -2.66 -3.27
CA LEU D 328 29.42 -2.46 -4.64
C LEU D 328 30.06 -1.09 -4.81
N LEU D 329 29.48 -0.07 -4.17
CA LEU D 329 30.05 1.27 -4.24
C LEU D 329 31.46 1.29 -3.65
N THR D 330 31.65 0.62 -2.51
CA THR D 330 32.95 0.61 -1.86
C THR D 330 33.96 -0.23 -2.64
N LEU D 331 33.54 -1.38 -3.14
CA LEU D 331 34.44 -2.24 -3.92
C LEU D 331 34.88 -1.54 -5.20
N MET D 332 33.96 -0.81 -5.84
CA MET D 332 34.23 -0.21 -7.13
C MET D 332 35.15 0.99 -6.99
N ASP D 333 34.91 1.83 -5.99
CA ASP D 333 35.73 3.00 -5.71
C ASP D 333 35.67 3.29 -4.22
N GLY D 334 36.69 2.82 -3.48
CA GLY D 334 36.75 3.04 -2.05
C GLY D 334 38.14 3.47 -1.65
N LEU D 335 38.40 3.43 -0.35
CA LEU D 335 39.71 3.81 0.16
C LEU D 335 40.78 2.85 -0.33
N LYS D 336 40.44 1.58 -0.45
CA LYS D 336 41.32 0.59 -1.07
C LYS D 336 40.94 0.49 -2.55
N GLN D 337 41.78 1.04 -3.41
CA GLN D 337 41.43 1.18 -4.82
C GLN D 337 41.56 -0.14 -5.56
N ARG D 338 40.86 -0.23 -6.70
CA ARG D 338 40.95 -1.41 -7.54
C ARG D 338 42.35 -1.54 -8.12
N ALA D 339 42.82 -2.79 -8.24
CA ALA D 339 44.14 -3.09 -8.77
C ALA D 339 43.98 -3.55 -10.21
N HIS D 340 43.85 -2.60 -11.12
CA HIS D 340 43.75 -2.87 -12.56
C HIS D 340 42.67 -3.90 -12.85
N VAL D 341 41.42 -3.56 -12.55
CA VAL D 341 40.27 -4.43 -12.80
C VAL D 341 39.24 -3.64 -13.59
N ILE D 342 38.82 -4.19 -14.72
CA ILE D 342 37.79 -3.59 -15.56
C ILE D 342 36.45 -4.17 -15.13
N VAL D 343 35.48 -3.30 -14.87
CA VAL D 343 34.14 -3.72 -14.47
C VAL D 343 33.17 -3.34 -15.57
N MET D 344 32.49 -4.34 -16.13
CA MET D 344 31.47 -4.15 -17.14
C MET D 344 30.11 -4.50 -16.56
N ALA D 345 29.07 -3.83 -17.04
CA ALA D 345 27.71 -4.12 -16.60
C ALA D 345 26.76 -3.94 -17.76
N ALA D 346 25.63 -4.65 -17.72
CA ALA D 346 24.60 -4.57 -18.73
C ALA D 346 23.26 -4.40 -18.04
N THR D 347 22.40 -3.55 -18.62
CA THR D 347 21.08 -3.29 -18.04
C THR D 347 20.17 -2.69 -19.09
N ASN D 348 18.89 -3.06 -19.01
CA ASN D 348 17.85 -2.42 -19.80
C ASN D 348 17.33 -1.14 -19.15
N ARG D 349 17.67 -0.91 -17.89
CA ARG D 349 17.14 0.22 -17.12
C ARG D 349 18.31 0.99 -16.51
N PRO D 350 19.04 1.76 -17.33
CA PRO D 350 20.17 2.52 -16.76
C PRO D 350 19.75 3.55 -15.73
N ASN D 351 18.53 4.06 -15.82
CA ASN D 351 18.09 5.07 -14.86
C ASN D 351 17.61 4.44 -13.57
N SER D 352 17.47 3.11 -13.56
CA SER D 352 17.14 2.41 -12.32
C SER D 352 18.36 2.22 -11.44
N ILE D 353 19.56 2.35 -12.02
CA ILE D 353 20.79 2.13 -11.27
C ILE D 353 20.98 3.26 -10.26
N ASP D 354 21.72 2.96 -9.20
CA ASP D 354 22.02 3.96 -8.19
C ASP D 354 22.83 5.10 -8.81
N PRO D 355 22.48 6.36 -8.50
CA PRO D 355 23.20 7.48 -9.11
C PRO D 355 24.67 7.55 -8.73
N ALA D 356 25.06 6.97 -7.59
CA ALA D 356 26.45 7.06 -7.16
C ALA D 356 27.33 6.06 -7.93
N LEU D 357 26.71 5.05 -8.53
CA LEU D 357 27.49 4.09 -9.31
C LEU D 357 27.85 4.65 -10.68
N ARG D 358 27.13 5.67 -11.13
CA ARG D 358 27.28 6.15 -12.50
C ARG D 358 28.36 7.19 -12.66
N ARG D 359 29.07 7.55 -11.59
CA ARG D 359 30.09 8.58 -11.70
C ARG D 359 31.38 8.00 -12.28
N PHE D 360 32.38 8.88 -12.42
CA PHE D 360 33.63 8.49 -13.07
C PHE D 360 34.37 7.40 -12.30
N GLY D 361 34.32 7.46 -10.97
CA GLY D 361 35.07 6.50 -10.19
C GLY D 361 34.63 5.07 -10.41
N ARG D 362 33.35 4.86 -10.73
CA ARG D 362 32.82 3.51 -10.74
C ARG D 362 32.38 3.04 -12.13
N PHE D 363 31.41 3.70 -12.74
CA PHE D 363 30.96 3.38 -14.10
C PHE D 363 31.11 4.65 -14.91
N ASP D 364 32.30 4.87 -15.46
CA ASP D 364 32.62 6.17 -16.01
C ASP D 364 32.17 6.29 -17.46
N ARG D 365 32.06 5.18 -18.16
CA ARG D 365 31.59 5.21 -19.54
C ARG D 365 30.29 4.42 -19.65
N GLU D 366 29.27 5.07 -20.22
CA GLU D 366 27.99 4.44 -20.49
C GLU D 366 27.84 4.30 -22.00
N VAL D 367 27.63 3.07 -22.45
CA VAL D 367 27.62 2.73 -23.87
C VAL D 367 26.20 2.31 -24.25
N ASP D 368 25.61 3.03 -25.21
CA ASP D 368 24.24 2.78 -25.64
C ASP D 368 24.25 1.79 -26.80
N ILE D 369 23.92 0.53 -26.51
CA ILE D 369 23.73 -0.48 -27.54
C ILE D 369 22.31 -0.30 -28.04
N GLY D 370 22.14 0.55 -29.06
CA GLY D 370 20.82 0.94 -29.50
C GLY D 370 20.28 0.09 -30.63
N ILE D 371 19.13 0.53 -31.15
CA ILE D 371 18.50 -0.19 -32.27
C ILE D 371 19.28 0.08 -33.54
N PRO D 372 19.69 -0.94 -34.29
CA PRO D 372 20.50 -0.70 -35.48
C PRO D 372 19.69 -0.10 -36.62
N ASP D 373 20.39 0.58 -37.52
CA ASP D 373 19.79 1.09 -38.75
C ASP D 373 19.80 0.02 -39.83
N ALA D 374 19.54 0.43 -41.07
CA ALA D 374 19.42 -0.54 -42.16
C ALA D 374 20.73 -1.26 -42.41
N THR D 375 21.85 -0.52 -42.45
CA THR D 375 23.14 -1.16 -42.70
C THR D 375 23.55 -2.03 -41.52
N GLY D 376 23.28 -1.58 -40.31
CA GLY D 376 23.60 -2.39 -39.15
C GLY D 376 22.83 -3.70 -39.13
N ARG D 377 21.55 -3.66 -39.49
CA ARG D 377 20.77 -4.90 -39.47
C ARG D 377 21.11 -5.77 -40.67
N LEU D 378 21.56 -5.17 -41.77
CA LEU D 378 22.11 -5.98 -42.87
C LEU D 378 23.34 -6.74 -42.40
N GLU D 379 24.22 -6.06 -41.64
CA GLU D 379 25.40 -6.73 -41.09
C GLU D 379 24.99 -7.85 -40.14
N ILE D 380 23.98 -7.60 -39.29
CA ILE D 380 23.52 -8.63 -38.37
C ILE D 380 22.96 -9.84 -39.13
N LEU D 381 22.20 -9.58 -40.19
CA LEU D 381 21.66 -10.66 -41.01
C LEU D 381 22.77 -11.48 -41.66
N GLN D 382 23.80 -10.78 -42.17
CA GLN D 382 24.94 -11.51 -42.74
C GLN D 382 25.61 -12.38 -41.69
N ILE D 383 25.79 -11.85 -40.49
CA ILE D 383 26.41 -12.63 -39.41
C ILE D 383 25.57 -13.86 -39.10
N HIS D 384 24.25 -13.69 -39.01
CA HIS D 384 23.40 -14.81 -38.59
C HIS D 384 23.19 -15.82 -39.70
N THR D 385 23.41 -15.43 -40.96
CA THR D 385 23.28 -16.36 -42.07
C THR D 385 24.61 -16.86 -42.60
N LYS D 386 25.73 -16.45 -42.02
CA LYS D 386 27.04 -16.95 -42.47
C LYS D 386 27.12 -18.47 -42.38
N ASN D 387 26.38 -19.07 -41.44
CA ASN D 387 26.44 -20.52 -41.28
C ASN D 387 25.31 -21.20 -42.04
N MET D 388 24.21 -20.48 -42.29
CA MET D 388 23.05 -21.07 -42.94
C MET D 388 23.35 -21.40 -44.40
N LYS D 389 22.68 -22.43 -44.91
CA LYS D 389 22.75 -22.73 -46.34
C LYS D 389 21.69 -21.91 -47.07
N LEU D 390 22.15 -21.03 -47.95
CA LEU D 390 21.29 -20.12 -48.70
C LEU D 390 21.30 -20.47 -50.18
N ALA D 391 20.14 -20.34 -50.82
CA ALA D 391 20.09 -20.41 -52.26
C ALA D 391 20.67 -19.13 -52.86
N ASP D 392 20.76 -19.11 -54.20
CA ASP D 392 21.29 -17.93 -54.86
C ASP D 392 20.25 -16.81 -54.92
N ASP D 393 18.98 -17.13 -54.71
CA ASP D 393 17.92 -16.15 -54.88
C ASP D 393 17.81 -15.21 -53.68
N VAL D 394 18.42 -15.57 -52.55
CA VAL D 394 18.22 -14.80 -51.33
C VAL D 394 18.94 -13.44 -51.44
N ASP D 395 18.20 -12.38 -51.14
CA ASP D 395 18.73 -11.02 -51.12
C ASP D 395 18.60 -10.47 -49.71
N LEU D 396 19.73 -10.43 -48.98
CA LEU D 396 19.68 -10.02 -47.59
C LEU D 396 19.49 -8.51 -47.46
N GLU D 397 19.83 -7.75 -48.51
CA GLU D 397 19.62 -6.31 -48.46
C GLU D 397 18.14 -5.95 -48.44
N GLN D 398 17.33 -6.68 -49.22
CA GLN D 398 15.89 -6.46 -49.19
C GLN D 398 15.32 -6.79 -47.81
N VAL D 399 15.76 -7.90 -47.22
CA VAL D 399 15.29 -8.29 -45.90
C VAL D 399 15.71 -7.24 -44.86
N ALA D 400 16.90 -6.66 -45.05
CA ALA D 400 17.34 -5.61 -44.14
C ALA D 400 16.51 -4.36 -44.27
N ASN D 401 16.08 -4.05 -45.50
CA ASN D 401 15.24 -2.87 -45.70
C ASN D 401 13.83 -3.10 -45.17
N GLU D 402 13.36 -4.35 -45.19
CA GLU D 402 11.98 -4.64 -44.79
C GLU D 402 11.81 -4.58 -43.27
N THR D 403 12.83 -4.97 -42.52
CA THR D 403 12.73 -5.09 -41.06
C THR D 403 13.08 -3.75 -40.44
N HIS D 404 12.07 -2.95 -40.13
CA HIS D 404 12.31 -1.54 -39.80
C HIS D 404 12.73 -1.38 -38.34
N GLY D 405 12.01 -1.99 -37.41
CA GLY D 405 12.29 -1.82 -35.99
C GLY D 405 13.05 -2.92 -35.31
N HIS D 406 13.73 -3.80 -36.06
CA HIS D 406 14.35 -4.97 -35.47
C HIS D 406 15.69 -4.61 -34.83
N VAL D 407 16.04 -5.34 -33.76
CA VAL D 407 17.19 -4.99 -32.93
C VAL D 407 18.34 -5.98 -33.05
N GLY D 408 18.14 -7.11 -33.70
CA GLY D 408 19.21 -8.09 -33.82
C GLY D 408 18.80 -9.44 -33.28
N ALA D 409 18.10 -9.45 -32.14
CA ALA D 409 17.44 -10.67 -31.70
C ALA D 409 16.24 -10.97 -32.59
N ASP D 410 15.55 -9.91 -33.06
CA ASP D 410 14.47 -10.10 -34.02
C ASP D 410 14.98 -10.62 -35.35
N LEU D 411 16.20 -10.23 -35.72
CA LEU D 411 16.79 -10.73 -36.97
C LEU D 411 17.20 -12.19 -36.84
N ALA D 412 17.71 -12.58 -35.68
CA ALA D 412 17.96 -13.99 -35.42
C ALA D 412 16.66 -14.78 -35.45
N ALA D 413 15.59 -14.20 -34.90
CA ALA D 413 14.28 -14.83 -34.97
C ALA D 413 13.83 -15.01 -36.42
N LEU D 414 14.06 -13.99 -37.25
CA LEU D 414 13.68 -14.08 -38.66
C LEU D 414 14.46 -15.17 -39.37
N CYS D 415 15.77 -15.25 -39.12
CA CYS D 415 16.57 -16.30 -39.75
C CYS D 415 16.13 -17.69 -39.30
N SER D 416 15.84 -17.85 -38.00
CA SER D 416 15.36 -19.12 -37.51
C SER D 416 14.01 -19.49 -38.12
N GLU D 417 13.12 -18.50 -38.28
CA GLU D 417 11.83 -18.76 -38.90
C GLU D 417 11.98 -19.16 -40.35
N ALA D 418 12.90 -18.51 -41.08
CA ALA D 418 13.16 -18.90 -42.46
C ALA D 418 13.68 -20.33 -42.55
N ALA D 419 14.61 -20.70 -41.67
CA ALA D 419 15.12 -22.07 -41.67
C ALA D 419 14.03 -23.06 -41.31
N LEU D 420 13.17 -22.70 -40.36
CA LEU D 420 12.08 -23.59 -39.97
C LEU D 420 11.09 -23.79 -41.11
N GLN D 421 10.80 -22.73 -41.86
CA GLN D 421 9.94 -22.87 -43.03
C GLN D 421 10.60 -23.74 -44.09
N ALA D 422 11.91 -23.58 -44.29
CA ALA D 422 12.63 -24.42 -45.22
C ALA D 422 12.54 -25.89 -44.83
N ILE D 423 12.65 -26.18 -43.53
CA ILE D 423 12.50 -27.55 -43.06
C ILE D 423 11.06 -28.02 -43.25
N ARG D 424 10.09 -27.13 -43.04
CA ARG D 424 8.68 -27.48 -43.24
C ARG D 424 8.42 -27.90 -44.68
N LYS D 425 9.07 -27.23 -45.63
CA LYS D 425 8.84 -27.55 -47.04
C LYS D 425 9.28 -28.97 -47.38
N LYS D 426 10.12 -29.57 -46.54
CA LYS D 426 10.61 -30.93 -46.75
C LYS D 426 9.94 -31.96 -45.84
N MET D 427 8.85 -31.60 -45.17
CA MET D 427 8.20 -32.54 -44.25
C MET D 427 7.53 -33.68 -44.99
N ASP D 428 7.27 -33.51 -46.29
CA ASP D 428 6.71 -34.61 -47.06
C ASP D 428 7.75 -35.70 -47.30
N LEU D 429 8.95 -35.32 -47.74
CA LEU D 429 10.01 -36.30 -47.95
C LEU D 429 10.53 -36.84 -46.62
N ILE D 430 10.56 -35.99 -45.60
CA ILE D 430 11.02 -36.39 -44.27
C ILE D 430 9.91 -37.12 -43.53
N ASP D 431 10.30 -38.11 -42.74
CA ASP D 431 9.34 -38.81 -41.88
C ASP D 431 9.72 -38.54 -40.44
N LEU D 432 8.71 -38.16 -39.64
CA LEU D 432 8.95 -37.91 -38.23
C LEU D 432 9.43 -39.18 -37.54
N GLU D 433 8.85 -40.32 -37.90
CA GLU D 433 9.08 -41.55 -37.16
C GLU D 433 10.41 -42.22 -37.54
N ASP D 434 10.82 -42.14 -38.80
CA ASP D 434 11.97 -42.92 -39.25
C ASP D 434 13.24 -42.54 -38.51
N GLU D 435 14.19 -43.48 -38.49
CA GLU D 435 15.39 -43.35 -37.66
C GLU D 435 16.28 -42.21 -38.12
N THR D 436 16.44 -42.04 -39.43
CA THR D 436 17.36 -41.04 -39.97
C THR D 436 16.81 -40.48 -41.27
N ILE D 437 17.35 -39.33 -41.67
CA ILE D 437 16.89 -38.67 -42.88
C ILE D 437 17.77 -39.06 -44.06
N ASP D 438 17.15 -39.22 -45.22
CA ASP D 438 17.88 -39.59 -46.42
C ASP D 438 18.84 -38.47 -46.84
N ALA D 439 20.00 -38.87 -47.36
CA ALA D 439 21.02 -37.91 -47.75
C ALA D 439 20.55 -37.03 -48.90
N GLU D 440 19.69 -37.56 -49.77
CA GLU D 440 19.15 -36.76 -50.87
C GLU D 440 18.32 -35.59 -50.35
N VAL D 441 17.50 -35.84 -49.33
CA VAL D 441 16.72 -34.77 -48.71
C VAL D 441 17.65 -33.72 -48.09
N MET D 442 18.70 -34.18 -47.41
CA MET D 442 19.65 -33.26 -46.80
C MET D 442 20.34 -32.39 -47.85
N ASN D 443 20.65 -32.97 -49.00
CA ASN D 443 21.28 -32.20 -50.07
C ASN D 443 20.28 -31.23 -50.70
N SER D 444 19.00 -31.61 -50.74
CA SER D 444 17.99 -30.74 -51.32
C SER D 444 17.62 -29.61 -50.37
N LEU D 445 18.07 -29.69 -49.12
CA LEU D 445 17.67 -28.72 -48.10
C LEU D 445 18.45 -27.42 -48.26
N ALA D 446 17.73 -26.32 -48.40
CA ALA D 446 18.33 -24.99 -48.47
C ALA D 446 17.28 -23.95 -48.11
N VAL D 447 17.75 -22.76 -47.79
CA VAL D 447 16.88 -21.65 -47.41
C VAL D 447 16.79 -20.69 -48.59
N THR D 448 15.60 -20.60 -49.18
CA THR D 448 15.37 -19.76 -50.35
C THR D 448 14.79 -18.41 -49.93
N MET D 449 14.64 -17.53 -50.92
CA MET D 449 14.11 -16.20 -50.64
C MET D 449 12.63 -16.26 -50.27
N ASP D 450 11.93 -17.32 -50.70
CA ASP D 450 10.54 -17.48 -50.31
C ASP D 450 10.40 -17.72 -48.80
N ASP D 451 11.33 -18.49 -48.23
CA ASP D 451 11.33 -18.70 -46.79
C ASP D 451 11.57 -17.39 -46.05
N PHE D 452 12.50 -16.58 -46.56
CA PHE D 452 12.77 -15.30 -45.92
C PHE D 452 11.59 -14.35 -46.07
N ARG D 453 10.88 -14.41 -47.20
CA ARG D 453 9.68 -13.61 -47.36
C ARG D 453 8.60 -14.03 -46.37
N TRP D 454 8.43 -15.33 -46.17
CA TRP D 454 7.47 -15.80 -45.18
C TRP D 454 7.86 -15.34 -43.78
N ALA D 455 9.15 -15.44 -43.44
CA ALA D 455 9.61 -14.98 -42.13
C ALA D 455 9.37 -13.48 -41.98
N LEU D 456 9.63 -12.70 -43.03
CA LEU D 456 9.35 -11.27 -43.00
C LEU D 456 7.88 -11.01 -42.74
N SER D 457 6.99 -11.78 -43.39
CA SER D 457 5.57 -11.63 -43.15
C SER D 457 5.22 -11.90 -41.70
N GLN D 458 5.81 -12.96 -41.12
CA GLN D 458 5.54 -13.27 -39.72
C GLN D 458 6.32 -12.35 -38.78
N SER D 459 7.41 -11.77 -39.25
CA SER D 459 8.29 -10.99 -38.38
C SER D 459 7.60 -9.71 -37.92
N ASN D 460 7.92 -9.30 -36.70
CA ASN D 460 7.36 -8.12 -36.05
C ASN D 460 8.25 -7.85 -34.84
N PRO D 461 8.70 -6.60 -34.67
CA PRO D 461 9.62 -6.30 -33.57
C PRO D 461 9.06 -6.73 -32.22
N SER D 462 9.94 -7.31 -31.41
CA SER D 462 9.53 -7.87 -30.13
C SER D 462 9.01 -6.80 -29.17
N ALA D 463 9.58 -5.59 -29.24
CA ALA D 463 9.14 -4.51 -28.36
C ALA D 463 7.66 -4.19 -28.60
N LEU D 464 7.15 -4.49 -29.79
CA LEU D 464 5.76 -4.24 -30.12
C LEU D 464 4.86 -5.44 -29.86
N ARG D 465 5.37 -6.51 -29.25
CA ARG D 465 4.55 -7.71 -29.05
C ARG D 465 3.31 -7.42 -28.22
N GLU D 466 3.43 -6.55 -27.22
CA GLU D 466 2.26 -6.18 -26.42
C GLU D 466 1.27 -5.37 -27.24
N THR D 467 1.77 -4.50 -28.12
CA THR D 467 0.90 -3.67 -28.97
C THR D 467 0.75 -4.30 -30.35
N VAL D 468 0.13 -5.47 -30.36
CA VAL D 468 -0.19 -6.18 -31.60
C VAL D 468 -1.69 -6.38 -31.67
N VAL D 469 -2.29 -5.92 -32.77
CA VAL D 469 -3.72 -6.06 -33.00
C VAL D 469 -3.92 -6.72 -34.36
N GLU D 470 -4.91 -7.61 -34.42
CA GLU D 470 -5.24 -8.31 -35.65
C GLU D 470 -6.02 -7.37 -36.56
N VAL D 471 -5.41 -6.98 -37.68
CA VAL D 471 -5.98 -6.01 -38.60
C VAL D 471 -6.72 -6.76 -39.70
N PRO D 472 -7.88 -6.28 -40.17
CA PRO D 472 -8.73 -7.10 -41.06
C PRO D 472 -8.29 -7.16 -42.52
N GLN D 473 -7.04 -6.83 -42.82
CA GLN D 473 -6.48 -7.03 -44.17
C GLN D 473 -7.20 -6.19 -45.21
N VAL D 474 -7.12 -4.87 -45.06
CA VAL D 474 -7.70 -3.95 -46.03
C VAL D 474 -6.62 -3.45 -46.99
N THR D 475 -6.98 -3.35 -48.26
CA THR D 475 -6.06 -2.91 -49.32
C THR D 475 -6.54 -1.55 -49.83
N TRP D 476 -5.64 -0.82 -50.49
CA TRP D 476 -6.02 0.47 -51.05
C TRP D 476 -7.16 0.33 -52.06
N GLU D 477 -7.28 -0.85 -52.69
CA GLU D 477 -8.35 -1.07 -53.64
C GLU D 477 -9.70 -1.22 -52.94
N ASP D 478 -9.68 -1.68 -51.69
CA ASP D 478 -10.93 -1.85 -50.95
C ASP D 478 -11.60 -0.51 -50.67
N ILE D 479 -10.82 0.57 -50.66
CA ILE D 479 -11.39 1.89 -50.44
C ILE D 479 -11.75 2.53 -51.77
N GLY D 480 -12.98 3.02 -51.87
CA GLY D 480 -13.45 3.70 -53.06
C GLY D 480 -13.38 5.21 -52.86
N GLY D 481 -12.92 5.90 -53.90
CA GLY D 481 -12.70 7.32 -53.79
C GLY D 481 -11.49 7.62 -52.91
N LEU D 482 -11.43 8.86 -52.44
CA LEU D 482 -10.36 9.31 -51.53
C LEU D 482 -8.99 9.11 -52.16
N GLU D 483 -8.90 9.28 -53.48
CA GLU D 483 -7.64 9.02 -54.17
C GLU D 483 -6.55 9.98 -53.72
N ASP D 484 -6.90 11.27 -53.55
CA ASP D 484 -5.92 12.24 -53.08
C ASP D 484 -5.46 11.89 -51.67
N VAL D 485 -6.39 11.48 -50.80
CA VAL D 485 -6.02 11.10 -49.44
C VAL D 485 -5.12 9.87 -49.46
N LYS D 486 -5.41 8.90 -50.33
CA LYS D 486 -4.54 7.74 -50.46
C LYS D 486 -3.13 8.14 -50.88
N ARG D 487 -3.03 9.04 -51.86
CA ARG D 487 -1.71 9.49 -52.30
C ARG D 487 -0.97 10.19 -51.17
N GLU D 488 -1.67 11.07 -50.45
CA GLU D 488 -1.02 11.78 -49.35
C GLU D 488 -0.54 10.82 -48.27
N LEU D 489 -1.33 9.81 -47.94
CA LEU D 489 -0.92 8.86 -46.91
C LEU D 489 0.27 8.04 -47.36
N GLN D 490 0.23 7.54 -48.60
CA GLN D 490 1.35 6.77 -49.12
C GLN D 490 2.63 7.60 -49.14
N GLU D 491 2.54 8.84 -49.62
CA GLU D 491 3.71 9.70 -49.63
C GLU D 491 4.19 10.00 -48.21
N LEU D 492 3.27 10.28 -47.30
CA LEU D 492 3.61 10.55 -45.90
C LEU D 492 4.47 9.43 -45.33
N VAL D 493 4.05 8.18 -45.54
CA VAL D 493 4.74 7.08 -44.88
C VAL D 493 5.98 6.68 -45.68
N GLN D 494 6.00 6.95 -46.98
CA GLN D 494 7.04 6.37 -47.83
C GLN D 494 8.21 7.33 -48.04
N TYR D 495 7.94 8.62 -48.22
CA TYR D 495 9.01 9.55 -48.58
C TYR D 495 10.11 9.67 -47.54
N PRO D 496 9.84 9.92 -46.24
CA PRO D 496 10.93 10.03 -45.28
C PRO D 496 11.69 8.73 -45.06
N VAL D 497 11.02 7.60 -45.33
CA VAL D 497 11.64 6.30 -45.08
C VAL D 497 12.50 5.88 -46.27
N GLU D 498 11.97 6.04 -47.49
CA GLU D 498 12.68 5.53 -48.66
C GLU D 498 13.61 6.56 -49.26
N HIS D 499 13.33 7.85 -49.07
CA HIS D 499 14.12 8.94 -49.65
C HIS D 499 14.47 9.97 -48.60
N PRO D 500 15.27 9.61 -47.59
CA PRO D 500 15.75 10.64 -46.66
C PRO D 500 16.75 11.59 -47.29
N ASP D 501 17.46 11.12 -48.32
CA ASP D 501 18.45 11.94 -48.99
C ASP D 501 17.79 13.14 -49.67
N LYS D 502 16.57 12.97 -50.18
CA LYS D 502 15.86 14.10 -50.75
C LYS D 502 15.57 15.18 -49.72
N PHE D 503 15.15 14.77 -48.52
CA PHE D 503 14.89 15.72 -47.45
C PHE D 503 16.16 16.40 -47.00
N LEU D 504 17.27 15.67 -46.94
CA LEU D 504 18.55 16.29 -46.59
C LEU D 504 18.98 17.29 -47.67
N LYS D 505 18.78 16.93 -48.93
CA LYS D 505 19.13 17.82 -50.04
C LYS D 505 18.33 19.11 -50.00
N PHE D 506 17.03 19.01 -49.74
CA PHE D 506 16.22 20.21 -49.60
C PHE D 506 16.26 20.79 -48.19
N GLY D 507 16.93 20.11 -47.26
CA GLY D 507 17.18 20.68 -45.94
C GLY D 507 15.95 20.96 -45.12
N MET D 508 14.94 20.08 -45.18
CA MET D 508 13.73 20.23 -44.38
C MET D 508 13.29 18.88 -43.86
N THR D 509 12.90 18.85 -42.58
CA THR D 509 12.38 17.63 -42.01
C THR D 509 10.98 17.35 -42.56
N PRO D 510 10.57 16.08 -42.60
CA PRO D 510 9.24 15.75 -43.10
C PRO D 510 8.17 16.10 -42.07
N SER D 511 6.95 16.31 -42.56
CA SER D 511 5.81 16.42 -41.66
C SER D 511 5.32 15.03 -41.31
N LYS D 512 4.93 14.84 -40.05
CA LYS D 512 4.59 13.51 -39.54
C LYS D 512 3.26 13.48 -38.82
N GLY D 513 2.35 14.42 -39.08
CA GLY D 513 1.08 14.44 -38.38
C GLY D 513 -0.12 14.59 -39.29
N VAL D 514 -1.11 13.72 -39.12
CA VAL D 514 -2.34 13.75 -39.89
C VAL D 514 -3.51 13.49 -38.94
N LEU D 515 -4.57 14.29 -39.09
CA LEU D 515 -5.82 14.08 -38.38
C LEU D 515 -6.94 13.91 -39.38
N PHE D 516 -7.59 12.75 -39.37
CA PHE D 516 -8.80 12.52 -40.16
C PHE D 516 -10.00 13.01 -39.36
N TYR D 517 -10.74 13.96 -39.91
CA TYR D 517 -11.99 14.38 -39.30
C TYR D 517 -13.09 14.35 -40.35
N GLY D 518 -14.29 13.98 -39.93
CA GLY D 518 -15.41 13.88 -40.83
C GLY D 518 -16.60 13.16 -40.21
N PRO D 519 -17.66 13.01 -40.98
CA PRO D 519 -18.87 12.34 -40.47
C PRO D 519 -18.63 10.86 -40.28
N PRO D 520 -19.43 10.19 -39.45
CA PRO D 520 -19.23 8.76 -39.21
C PRO D 520 -19.43 7.93 -40.47
N GLY D 521 -18.61 6.90 -40.61
CA GLY D 521 -18.77 5.93 -41.67
C GLY D 521 -18.23 6.32 -43.03
N CYS D 522 -17.31 7.28 -43.09
CA CYS D 522 -16.83 7.77 -44.38
C CYS D 522 -15.43 7.30 -44.74
N GLY D 523 -14.78 6.52 -43.87
CA GLY D 523 -13.57 5.83 -44.28
C GLY D 523 -12.30 6.19 -43.55
N LYS D 524 -12.38 6.74 -42.34
CA LYS D 524 -11.16 7.07 -41.60
C LYS D 524 -10.49 5.80 -41.06
N THR D 525 -11.25 4.95 -40.38
CA THR D 525 -10.69 3.70 -39.87
C THR D 525 -10.34 2.75 -41.02
N LEU D 526 -11.06 2.85 -42.13
CA LEU D 526 -10.69 2.08 -43.32
C LEU D 526 -9.33 2.53 -43.85
N LEU D 527 -9.08 3.84 -43.85
CA LEU D 527 -7.77 4.35 -44.24
C LEU D 527 -6.69 3.87 -43.28
N ALA D 528 -7.00 3.83 -41.99
CA ALA D 528 -6.03 3.32 -41.02
C ALA D 528 -5.71 1.85 -41.28
N LYS D 529 -6.73 1.05 -41.59
CA LYS D 529 -6.48 -0.36 -41.91
C LYS D 529 -5.64 -0.50 -43.18
N ALA D 530 -5.93 0.32 -44.18
CA ALA D 530 -5.13 0.30 -45.41
C ALA D 530 -3.68 0.66 -45.14
N ILE D 531 -3.46 1.64 -44.27
CA ILE D 531 -2.10 1.99 -43.88
C ILE D 531 -1.43 0.83 -43.14
N ALA D 532 -2.16 0.19 -42.23
CA ALA D 532 -1.58 -0.88 -41.44
C ALA D 532 -1.21 -2.07 -42.31
N ASN D 533 -1.93 -2.28 -43.41
CA ASN D 533 -1.65 -3.45 -44.24
C ASN D 533 -0.72 -3.14 -45.41
N GLU D 534 -0.67 -1.88 -45.84
CA GLU D 534 0.02 -1.52 -47.08
C GLU D 534 1.32 -0.77 -46.84
N CYS D 535 1.32 0.16 -45.89
CA CYS D 535 2.48 1.02 -45.70
C CYS D 535 3.65 0.23 -45.13
N GLN D 536 4.86 0.58 -45.56
CA GLN D 536 6.07 -0.13 -45.16
C GLN D 536 6.68 0.53 -43.92
N ALA D 537 6.01 0.30 -42.80
CA ALA D 537 6.47 0.78 -41.51
C ALA D 537 5.75 0.00 -40.42
N ASN D 538 6.28 0.09 -39.21
CA ASN D 538 5.59 -0.51 -38.07
C ASN D 538 4.30 0.25 -37.79
N PHE D 539 3.34 -0.45 -37.20
CA PHE D 539 2.03 0.13 -36.94
C PHE D 539 1.59 -0.21 -35.53
N ILE D 540 1.18 0.81 -34.78
CA ILE D 540 0.63 0.64 -33.44
C ILE D 540 -0.76 1.26 -33.42
N SER D 541 -1.75 0.47 -33.01
CA SER D 541 -3.14 0.91 -32.99
C SER D 541 -3.54 1.16 -31.54
N ILE D 542 -4.11 2.33 -31.29
CA ILE D 542 -4.48 2.75 -29.94
C ILE D 542 -5.94 3.17 -29.94
N LYS D 543 -6.77 2.43 -29.22
CA LYS D 543 -8.07 2.95 -28.81
C LYS D 543 -7.84 4.06 -27.81
N GLY D 544 -8.61 5.15 -27.94
CA GLY D 544 -8.39 6.32 -27.11
C GLY D 544 -8.25 6.06 -25.63
N PRO D 545 -9.28 5.56 -24.95
CA PRO D 545 -9.23 5.51 -23.48
C PRO D 545 -8.44 4.34 -22.90
N GLU D 546 -7.82 3.49 -23.71
CA GLU D 546 -7.16 2.33 -23.14
C GLU D 546 -5.90 2.73 -22.37
N LEU D 547 -5.35 3.90 -22.67
CA LEU D 547 -4.15 4.36 -21.98
C LEU D 547 -4.48 4.86 -20.58
N LEU D 548 -5.68 5.40 -20.40
CA LEU D 548 -6.06 5.97 -19.12
C LEU D 548 -6.15 4.90 -18.03
N THR D 549 -5.72 5.25 -16.83
CA THR D 549 -5.65 4.32 -15.72
C THR D 549 -6.19 5.01 -14.48
N MET D 550 -6.66 4.19 -13.53
CA MET D 550 -7.19 4.72 -12.28
C MET D 550 -6.12 5.41 -11.45
N TRP D 551 -4.89 4.89 -11.49
CA TRP D 551 -3.86 5.35 -10.56
C TRP D 551 -3.28 6.68 -10.99
N PHE D 552 -2.69 7.38 -10.01
CA PHE D 552 -2.16 8.72 -10.23
C PHE D 552 -0.83 8.63 -10.97
N GLY D 553 -0.72 9.38 -12.08
CA GLY D 553 0.50 9.39 -12.85
C GLY D 553 0.70 8.21 -13.77
N GLU D 554 -0.28 7.32 -13.90
CA GLU D 554 -0.07 6.11 -14.70
C GLU D 554 -0.64 6.25 -16.10
N SER D 555 -1.63 7.12 -16.28
CA SER D 555 -2.12 7.39 -17.64
C SER D 555 -1.06 8.09 -18.47
N GLU D 556 -0.39 9.08 -17.88
CA GLU D 556 0.72 9.75 -18.56
C GLU D 556 1.89 8.80 -18.73
N ALA D 557 2.07 7.87 -17.79
CA ALA D 557 3.10 6.84 -17.96
C ALA D 557 2.78 5.94 -19.15
N ASN D 558 1.50 5.60 -19.34
CA ASN D 558 1.11 4.82 -20.50
C ASN D 558 1.35 5.59 -21.80
N VAL D 559 1.03 6.88 -21.81
CA VAL D 559 1.30 7.71 -22.98
C VAL D 559 2.80 7.73 -23.28
N ARG D 560 3.62 7.93 -22.25
CA ARG D 560 5.06 7.95 -22.42
C ARG D 560 5.57 6.61 -22.95
N GLU D 561 5.05 5.52 -22.41
CA GLU D 561 5.49 4.19 -22.84
C GLU D 561 5.12 3.92 -24.28
N ILE D 562 3.90 4.30 -24.69
CA ILE D 562 3.48 4.01 -26.06
C ILE D 562 4.28 4.87 -27.04
N PHE D 563 4.56 6.12 -26.69
CA PHE D 563 5.40 6.94 -27.56
C PHE D 563 6.83 6.41 -27.60
N ASP D 564 7.32 5.87 -26.50
CA ASP D 564 8.66 5.29 -26.50
C ASP D 564 8.71 4.04 -27.38
N LYS D 565 7.66 3.22 -27.34
CA LYS D 565 7.58 2.06 -28.22
C LYS D 565 7.52 2.47 -29.67
N ALA D 566 6.81 3.55 -29.97
CA ALA D 566 6.77 4.05 -31.34
C ALA D 566 8.13 4.60 -31.76
N ARG D 567 8.86 5.20 -30.83
CA ARG D 567 10.20 5.72 -31.15
C ARG D 567 11.19 4.60 -31.41
N GLN D 568 11.13 3.54 -30.59
CA GLN D 568 12.07 2.44 -30.76
C GLN D 568 11.83 1.68 -32.07
N ALA D 569 10.57 1.49 -32.44
CA ALA D 569 10.22 0.78 -33.66
C ALA D 569 10.12 1.69 -34.87
N ALA D 570 10.78 2.84 -34.85
CA ALA D 570 10.69 3.77 -35.97
C ALA D 570 11.38 3.18 -37.20
N PRO D 571 10.83 3.40 -38.40
CA PRO D 571 9.61 4.17 -38.67
C PRO D 571 8.35 3.43 -38.25
N CYS D 572 7.54 4.09 -37.42
CA CYS D 572 6.33 3.50 -36.89
C CYS D 572 5.17 4.47 -37.08
N VAL D 573 4.00 3.92 -37.39
CA VAL D 573 2.77 4.68 -37.53
C VAL D 573 1.97 4.48 -36.25
N LEU D 574 1.58 5.60 -35.64
CA LEU D 574 0.93 5.59 -34.33
C LEU D 574 -0.49 6.12 -34.52
N PHE D 575 -1.47 5.23 -34.56
CA PHE D 575 -2.84 5.58 -34.92
C PHE D 575 -3.72 5.62 -33.68
N PHE D 576 -4.49 6.70 -33.54
CA PHE D 576 -5.49 6.86 -32.48
C PHE D 576 -6.87 6.83 -33.11
N ASP D 577 -7.63 5.77 -32.81
CA ASP D 577 -8.92 5.59 -33.45
C ASP D 577 -9.93 6.65 -33.04
N GLN D 578 -9.96 7.00 -31.76
CA GLN D 578 -10.81 8.07 -31.24
C GLN D 578 -9.89 9.06 -30.53
N LEU D 579 -9.44 10.07 -31.25
CA LEU D 579 -8.51 11.04 -30.68
C LEU D 579 -9.20 11.92 -29.64
N ASP D 580 -10.46 12.30 -29.90
CA ASP D 580 -11.14 13.24 -29.01
C ASP D 580 -11.30 12.68 -27.60
N SER D 581 -11.29 11.36 -27.46
CA SER D 581 -11.33 10.76 -26.13
C SER D 581 -10.03 10.99 -25.38
N ILE D 582 -8.90 10.75 -26.03
CA ILE D 582 -7.61 10.91 -25.38
C ILE D 582 -7.11 12.33 -25.51
N ALA D 583 -7.56 13.06 -26.53
CA ALA D 583 -7.14 14.42 -26.79
C ALA D 583 -8.35 15.33 -26.77
N LYS D 584 -8.60 15.98 -25.63
CA LYS D 584 -9.71 16.90 -25.47
C LYS D 584 -9.19 18.18 -24.84
N ALA D 585 -9.89 19.28 -25.11
CA ALA D 585 -9.44 20.60 -24.68
C ALA D 585 -9.33 20.67 -23.16
N ARG D 586 -8.34 21.42 -22.69
CA ARG D 586 -8.07 21.52 -21.27
C ARG D 586 -8.96 22.57 -20.61
N GLY D 587 -9.19 22.37 -19.32
CA GLY D 587 -9.93 23.31 -18.50
C GLY D 587 -11.44 23.16 -18.55
N GLY D 588 -11.96 22.27 -19.40
CA GLY D 588 -13.38 22.08 -19.52
C GLY D 588 -13.97 20.97 -18.68
N ASN D 589 -13.18 20.33 -17.83
CA ASN D 589 -13.65 19.22 -17.01
C ASN D 589 -13.64 19.65 -15.55
N ILE D 590 -14.81 19.57 -14.90
CA ILE D 590 -14.87 19.84 -13.48
C ILE D 590 -14.21 18.72 -12.68
N GLY D 591 -14.46 17.47 -13.07
CA GLY D 591 -13.87 16.33 -12.41
C GLY D 591 -12.64 15.79 -13.13
N ASP D 592 -12.81 14.64 -13.80
CA ASP D 592 -11.74 14.00 -14.56
C ASP D 592 -10.52 13.72 -13.68
N GLY D 593 -10.78 13.23 -12.48
CA GLY D 593 -9.71 12.97 -11.53
C GLY D 593 -9.06 14.24 -11.05
N GLY D 594 -7.81 14.11 -10.62
CA GLY D 594 -7.04 15.28 -10.25
C GLY D 594 -6.45 15.97 -11.46
N GLY D 595 -7.31 16.30 -12.42
CA GLY D 595 -6.84 16.79 -13.71
C GLY D 595 -6.08 15.73 -14.48
N ALA D 596 -6.51 14.48 -14.38
CA ALA D 596 -5.80 13.40 -15.06
C ALA D 596 -5.87 13.56 -16.57
N ALA D 597 -7.03 13.94 -17.10
CA ALA D 597 -7.16 14.13 -18.53
C ALA D 597 -6.30 15.27 -19.03
N ASP D 598 -6.25 16.37 -18.28
CA ASP D 598 -5.41 17.51 -18.67
C ASP D 598 -3.93 17.14 -18.64
N ARG D 599 -3.51 16.37 -17.63
CA ARG D 599 -2.13 15.94 -17.57
C ARG D 599 -1.81 14.98 -18.72
N VAL D 600 -2.79 14.17 -19.13
CA VAL D 600 -2.61 13.31 -20.29
C VAL D 600 -2.43 14.16 -21.55
N ILE D 601 -3.22 15.23 -21.67
CA ILE D 601 -3.09 16.12 -22.81
C ILE D 601 -1.69 16.72 -22.87
N ASN D 602 -1.21 17.21 -21.72
CA ASN D 602 0.11 17.83 -21.69
C ASN D 602 1.21 16.81 -21.96
N GLN D 603 1.06 15.59 -21.45
CA GLN D 603 2.05 14.54 -21.76
C GLN D 603 2.07 14.23 -23.25
N ILE D 604 0.90 14.15 -23.88
CA ILE D 604 0.86 13.93 -25.32
C ILE D 604 1.53 15.07 -26.06
N LEU D 605 1.29 16.31 -25.61
CA LEU D 605 1.92 17.47 -26.23
C LEU D 605 3.44 17.39 -26.13
N THR D 606 3.96 17.05 -24.95
CA THR D 606 5.40 16.95 -24.78
C THR D 606 5.98 15.82 -25.62
N GLU D 607 5.30 14.67 -25.65
CA GLU D 607 5.82 13.52 -26.38
C GLU D 607 5.79 13.77 -27.88
N MET D 608 4.86 14.60 -28.33
CA MET D 608 4.66 14.78 -29.76
C MET D 608 5.56 15.89 -30.30
N ASP D 609 5.63 17.02 -29.59
CA ASP D 609 6.55 18.10 -29.93
C ASP D 609 7.11 18.67 -28.64
N GLY D 610 8.32 18.26 -28.28
CA GLY D 610 8.98 18.75 -27.09
C GLY D 610 10.42 19.06 -27.43
N MET D 611 11.30 18.94 -26.42
CA MET D 611 12.70 19.19 -26.68
C MET D 611 13.47 17.94 -27.10
N SER D 612 12.82 16.78 -27.15
CA SER D 612 13.51 15.58 -27.60
C SER D 612 13.71 15.62 -29.11
N THR D 613 14.72 14.91 -29.58
CA THR D 613 14.98 14.83 -31.01
C THR D 613 13.85 14.08 -31.70
N LYS D 614 13.43 14.58 -32.86
CA LYS D 614 12.30 14.00 -33.56
C LYS D 614 12.74 12.78 -34.36
N LYS D 615 11.91 11.74 -34.33
CA LYS D 615 12.16 10.51 -35.05
C LYS D 615 11.07 10.32 -36.09
N ASN D 616 11.21 9.28 -36.91
CA ASN D 616 10.22 8.95 -37.93
C ASN D 616 9.04 8.22 -37.29
N VAL D 617 8.28 8.98 -36.51
CA VAL D 617 7.07 8.48 -35.87
C VAL D 617 5.89 9.24 -36.45
N PHE D 618 5.08 8.56 -37.24
CA PHE D 618 3.95 9.17 -37.93
C PHE D 618 2.71 8.96 -37.08
N ILE D 619 2.18 10.04 -36.54
CA ILE D 619 1.07 9.99 -35.60
C ILE D 619 -0.19 10.43 -36.34
N ILE D 620 -1.12 9.49 -36.51
CA ILE D 620 -2.36 9.72 -37.22
C ILE D 620 -3.52 9.56 -36.24
N GLY D 621 -4.43 10.51 -36.23
CA GLY D 621 -5.59 10.47 -35.36
C GLY D 621 -6.87 10.61 -36.17
N ALA D 622 -7.88 9.83 -35.78
CA ALA D 622 -9.21 9.92 -36.38
C ALA D 622 -10.17 10.43 -35.34
N THR D 623 -10.86 11.53 -35.64
CA THR D 623 -11.83 12.11 -34.73
C THR D 623 -13.18 12.24 -35.43
N ASN D 624 -14.25 11.96 -34.69
CA ASN D 624 -15.57 12.06 -35.27
C ASN D 624 -16.14 13.47 -35.10
N ARG D 625 -15.50 14.27 -34.24
CA ARG D 625 -15.86 15.67 -34.06
C ARG D 625 -14.62 16.43 -33.61
N PRO D 626 -13.96 17.18 -34.50
CA PRO D 626 -12.67 17.79 -34.17
C PRO D 626 -12.75 19.12 -33.43
N ASP D 627 -13.95 19.65 -33.20
CA ASP D 627 -14.05 20.97 -32.59
C ASP D 627 -13.72 20.92 -31.10
N ILE D 628 -13.71 19.74 -30.49
CA ILE D 628 -13.43 19.65 -29.07
C ILE D 628 -11.98 19.29 -28.78
N ILE D 629 -11.19 18.97 -29.82
CA ILE D 629 -9.79 18.63 -29.59
C ILE D 629 -9.03 19.89 -29.19
N ASP D 630 -8.00 19.71 -28.36
CA ASP D 630 -7.22 20.84 -27.88
C ASP D 630 -6.55 21.55 -29.06
N PRO D 631 -6.55 22.89 -29.06
CA PRO D 631 -5.93 23.61 -30.19
C PRO D 631 -4.43 23.39 -30.31
N ALA D 632 -3.75 23.02 -29.23
CA ALA D 632 -2.32 22.79 -29.33
C ALA D 632 -2.01 21.47 -30.01
N ILE D 633 -2.96 20.53 -29.98
CA ILE D 633 -2.79 19.27 -30.68
C ILE D 633 -2.78 19.49 -32.19
N LEU D 634 -3.60 20.43 -32.67
CA LEU D 634 -3.70 20.67 -34.11
C LEU D 634 -2.62 21.61 -34.61
N ARG D 635 -1.76 22.10 -33.71
CA ARG D 635 -0.68 22.97 -34.10
C ARG D 635 0.32 22.24 -35.01
N PRO D 636 0.63 22.80 -36.18
CA PRO D 636 1.57 22.11 -37.09
C PRO D 636 2.90 21.81 -36.41
N GLY D 637 3.42 20.63 -36.70
CA GLY D 637 4.38 19.98 -35.84
C GLY D 637 3.73 18.98 -34.90
N ARG D 638 2.42 19.08 -34.72
CA ARG D 638 1.58 18.06 -34.12
C ARG D 638 0.33 17.97 -34.98
N LEU D 639 0.13 16.85 -35.66
CA LEU D 639 -1.02 16.72 -36.58
C LEU D 639 -0.99 17.84 -37.61
N ASP D 640 0.05 17.83 -38.44
CA ASP D 640 0.29 18.92 -39.38
C ASP D 640 -0.89 19.11 -40.33
N GLN D 641 -1.37 18.01 -40.92
CA GLN D 641 -2.43 18.08 -41.91
C GLN D 641 -3.75 17.63 -41.30
N LEU D 642 -4.76 18.49 -41.38
CA LEU D 642 -6.11 18.14 -40.95
C LEU D 642 -6.93 17.80 -42.18
N ILE D 643 -7.06 16.51 -42.46
CA ILE D 643 -7.71 16.01 -43.67
C ILE D 643 -9.19 15.77 -43.36
N TYR D 644 -10.05 16.35 -44.17
CA TYR D 644 -11.49 16.21 -44.02
C TYR D 644 -12.00 15.10 -44.93
N ILE D 645 -12.61 14.08 -44.34
CA ILE D 645 -13.18 12.96 -45.06
C ILE D 645 -14.69 13.14 -45.13
N PRO D 646 -15.22 13.74 -46.20
CA PRO D 646 -16.65 14.04 -46.26
C PRO D 646 -17.45 12.86 -46.80
N LEU D 647 -18.76 13.08 -46.91
CA LEU D 647 -19.62 12.11 -47.56
C LEU D 647 -19.22 11.97 -49.03
N PRO D 648 -19.18 10.74 -49.55
CA PRO D 648 -18.73 10.56 -50.93
C PRO D 648 -19.67 11.23 -51.94
N ASP D 649 -19.08 11.77 -52.99
CA ASP D 649 -19.88 12.23 -54.12
C ASP D 649 -20.16 11.05 -55.06
N GLU D 650 -20.87 11.34 -56.16
CA GLU D 650 -21.42 10.26 -56.98
C GLU D 650 -20.32 9.38 -57.55
N LYS D 651 -19.22 9.98 -58.03
CA LYS D 651 -18.09 9.18 -58.48
C LYS D 651 -17.53 8.32 -57.35
N SER D 652 -17.36 8.92 -56.16
CA SER D 652 -16.85 8.16 -55.03
C SER D 652 -17.85 7.09 -54.60
N ARG D 653 -19.14 7.35 -54.79
CA ARG D 653 -20.14 6.34 -54.44
C ARG D 653 -20.10 5.17 -55.41
N VAL D 654 -19.89 5.44 -56.70
CA VAL D 654 -19.66 4.36 -57.65
C VAL D 654 -18.44 3.54 -57.24
N ALA D 655 -17.35 4.22 -56.86
CA ALA D 655 -16.15 3.52 -56.46
C ALA D 655 -16.38 2.67 -55.21
N ILE D 656 -17.13 3.20 -54.24
CA ILE D 656 -17.42 2.46 -53.01
C ILE D 656 -18.26 1.23 -53.32
N LEU D 657 -19.31 1.40 -54.14
CA LEU D 657 -20.15 0.26 -54.48
C LEU D 657 -19.37 -0.81 -55.22
N LYS D 658 -18.49 -0.40 -56.14
CA LYS D 658 -17.67 -1.38 -56.85
C LYS D 658 -16.71 -2.08 -55.90
N ALA D 659 -16.11 -1.35 -54.97
CA ALA D 659 -15.17 -1.97 -54.04
C ALA D 659 -15.86 -2.96 -53.12
N ASN D 660 -17.08 -2.64 -52.66
CA ASN D 660 -17.79 -3.56 -51.78
C ASN D 660 -18.20 -4.83 -52.52
N LEU D 661 -18.57 -4.71 -53.80
CA LEU D 661 -19.05 -5.83 -54.59
C LEU D 661 -17.97 -6.44 -55.47
N ARG D 662 -16.70 -6.07 -55.26
CA ARG D 662 -15.62 -6.60 -56.10
C ARG D 662 -15.48 -8.11 -55.92
N LYS D 663 -15.57 -8.59 -54.69
CA LYS D 663 -15.45 -10.00 -54.37
C LYS D 663 -16.81 -10.70 -54.39
N SER D 664 -17.89 -9.94 -54.56
CA SER D 664 -19.25 -10.45 -54.51
C SER D 664 -19.75 -10.79 -55.91
N PRO D 665 -20.30 -11.98 -56.12
CA PRO D 665 -20.89 -12.31 -57.42
C PRO D 665 -22.20 -11.55 -57.62
N VAL D 666 -22.18 -10.59 -58.54
CA VAL D 666 -23.32 -9.71 -58.77
C VAL D 666 -23.75 -9.82 -60.22
N ALA D 667 -25.05 -9.93 -60.44
CA ALA D 667 -25.60 -10.00 -61.78
C ALA D 667 -25.27 -8.73 -62.57
N LYS D 668 -25.05 -8.91 -63.87
CA LYS D 668 -24.64 -7.78 -64.71
C LYS D 668 -25.75 -6.74 -64.85
N ASP D 669 -27.01 -7.14 -64.61
CA ASP D 669 -28.11 -6.19 -64.76
C ASP D 669 -28.05 -5.09 -63.70
N VAL D 670 -27.37 -5.34 -62.59
CA VAL D 670 -27.29 -4.35 -61.52
C VAL D 670 -26.44 -3.18 -62.00
N ASP D 671 -27.05 -1.99 -62.02
CA ASP D 671 -26.40 -0.76 -62.46
C ASP D 671 -25.96 0.02 -61.23
N LEU D 672 -24.65 -0.01 -60.95
CA LEU D 672 -24.15 0.67 -59.76
C LEU D 672 -24.17 2.19 -59.95
N GLU D 673 -24.10 2.65 -61.20
CA GLU D 673 -24.18 4.09 -61.45
C GLU D 673 -25.53 4.65 -61.01
N PHE D 674 -26.61 3.92 -61.29
CA PHE D 674 -27.93 4.38 -60.88
C PHE D 674 -28.06 4.40 -59.36
N LEU D 675 -27.52 3.38 -58.68
CA LEU D 675 -27.51 3.37 -57.23
C LEU D 675 -26.75 4.58 -56.68
N ALA D 676 -25.58 4.87 -57.23
CA ALA D 676 -24.81 6.01 -56.75
C ALA D 676 -25.54 7.32 -57.03
N LYS D 677 -26.26 7.39 -58.16
CA LYS D 677 -27.03 8.58 -58.47
C LYS D 677 -28.16 8.79 -57.47
N MET D 678 -28.84 7.70 -57.08
CA MET D 678 -29.98 7.83 -56.18
C MET D 678 -29.54 8.10 -54.75
N THR D 679 -28.45 7.48 -54.30
CA THR D 679 -28.04 7.54 -52.91
C THR D 679 -27.26 8.83 -52.66
N ASN D 680 -27.97 9.95 -52.58
CA ASN D 680 -27.33 11.24 -52.31
C ASN D 680 -27.29 11.46 -50.80
N GLY D 681 -26.11 11.83 -50.29
CA GLY D 681 -25.92 11.98 -48.87
C GLY D 681 -25.60 10.70 -48.14
N PHE D 682 -25.53 9.58 -48.84
CA PHE D 682 -25.18 8.30 -48.23
C PHE D 682 -23.68 8.27 -47.93
N SER D 683 -23.32 7.68 -46.80
CA SER D 683 -21.92 7.46 -46.49
C SER D 683 -21.45 6.13 -47.04
N GLY D 684 -20.18 5.80 -46.77
CA GLY D 684 -19.67 4.50 -47.18
C GLY D 684 -20.33 3.36 -46.43
N ALA D 685 -20.61 3.56 -45.14
CA ALA D 685 -21.29 2.54 -44.35
C ALA D 685 -22.71 2.33 -44.86
N ASP D 686 -23.35 3.39 -45.35
CA ASP D 686 -24.69 3.25 -45.92
C ASP D 686 -24.69 2.34 -47.14
N LEU D 687 -23.78 2.57 -48.08
CA LEU D 687 -23.71 1.76 -49.28
C LEU D 687 -23.29 0.33 -48.96
N THR D 688 -22.35 0.18 -48.03
CA THR D 688 -21.97 -1.16 -47.59
C THR D 688 -23.17 -1.89 -46.98
N GLU D 689 -24.01 -1.16 -46.25
CA GLU D 689 -25.21 -1.77 -45.68
C GLU D 689 -26.20 -2.15 -46.77
N ILE D 690 -26.31 -1.34 -47.82
CA ILE D 690 -27.17 -1.71 -48.95
C ILE D 690 -26.71 -3.02 -49.56
N CYS D 691 -25.40 -3.15 -49.79
CA CYS D 691 -24.86 -4.39 -50.36
C CYS D 691 -25.07 -5.56 -49.40
N GLN D 692 -24.88 -5.34 -48.10
CA GLN D 692 -25.07 -6.41 -47.12
C GLN D 692 -26.52 -6.85 -47.07
N ARG D 693 -27.46 -5.90 -47.18
CA ARG D 693 -28.87 -6.25 -47.17
C ARG D 693 -29.25 -7.03 -48.43
N ALA D 694 -28.69 -6.66 -49.58
CA ALA D 694 -28.90 -7.44 -50.79
C ALA D 694 -28.38 -8.86 -50.63
N CYS D 695 -27.18 -8.99 -50.03
CA CYS D 695 -26.63 -10.32 -49.76
C CYS D 695 -27.54 -11.11 -48.83
N LYS D 696 -28.07 -10.47 -47.79
CA LYS D 696 -28.95 -11.15 -46.86
C LYS D 696 -30.23 -11.62 -47.54
N LEU D 697 -30.79 -10.79 -48.42
CA LEU D 697 -31.99 -11.20 -49.15
C LEU D 697 -31.70 -12.37 -50.07
N ALA D 698 -30.55 -12.35 -50.74
CA ALA D 698 -30.18 -13.50 -51.59
C ALA D 698 -30.02 -14.77 -50.75
N ILE D 699 -29.40 -14.65 -49.58
CA ILE D 699 -29.23 -15.80 -48.69
C ILE D 699 -30.59 -16.31 -48.22
N ARG D 700 -31.51 -15.39 -47.91
CA ARG D 700 -32.86 -15.79 -47.50
C ARG D 700 -33.55 -16.58 -48.60
N GLU D 701 -33.46 -16.09 -49.84
CA GLU D 701 -34.07 -16.79 -50.96
C GLU D 701 -33.46 -18.17 -51.15
N SER D 702 -32.13 -18.27 -51.05
CA SER D 702 -31.47 -19.56 -51.21
C SER D 702 -31.89 -20.52 -50.10
N ILE D 703 -32.04 -20.03 -48.87
CA ILE D 703 -32.44 -20.88 -47.75
C ILE D 703 -33.87 -21.37 -47.95
N GLU D 704 -34.77 -20.50 -48.39
CA GLU D 704 -36.13 -20.95 -48.66
C GLU D 704 -36.17 -21.98 -49.78
N SER D 705 -35.35 -21.79 -50.82
CA SER D 705 -35.28 -22.79 -51.88
C SER D 705 -34.76 -24.12 -51.35
N GLU D 706 -33.74 -24.09 -50.50
CA GLU D 706 -33.23 -25.33 -49.93
C GLU D 706 -34.27 -26.01 -49.07
N ILE D 707 -35.06 -25.23 -48.31
CA ILE D 707 -36.16 -25.79 -47.54
C ILE D 707 -37.17 -26.47 -48.47
N ARG D 708 -37.45 -25.84 -49.61
CA ARG D 708 -38.39 -26.43 -50.57
C ARG D 708 -37.87 -27.76 -51.12
N ARG D 709 -36.59 -27.81 -51.50
CA ARG D 709 -36.02 -29.08 -51.94
C ARG D 709 -36.02 -30.13 -50.84
N GLU D 710 -35.75 -29.73 -49.60
CA GLU D 710 -35.82 -30.68 -48.50
C GLU D 710 -37.23 -31.22 -48.31
N ARG D 711 -38.23 -30.35 -48.45
CA ARG D 711 -39.62 -30.77 -48.33
C ARG D 711 -39.99 -31.75 -49.44
N GLU D 712 -39.52 -31.50 -50.66
CA GLU D 712 -39.88 -32.39 -51.76
C GLU D 712 -39.12 -33.71 -51.67
N ARG D 713 -37.91 -33.69 -51.11
CA ARG D 713 -37.16 -34.94 -50.95
C ARG D 713 -37.83 -35.87 -49.93
N GLN D 714 -38.35 -35.31 -48.85
CA GLN D 714 -39.00 -36.11 -47.83
C GLN D 714 -40.49 -36.28 -48.11
N PRO D 727 -30.00 -22.18 -57.57
CA PRO D 727 -31.22 -21.42 -57.23
C PRO D 727 -30.98 -19.92 -57.23
N VAL D 728 -29.98 -19.49 -56.46
CA VAL D 728 -29.59 -18.08 -56.40
C VAL D 728 -28.10 -18.01 -56.65
N PRO D 729 -27.64 -18.13 -57.90
CA PRO D 729 -26.19 -18.11 -58.15
C PRO D 729 -25.52 -16.80 -57.75
N GLU D 730 -26.24 -15.68 -57.85
CA GLU D 730 -25.65 -14.38 -57.61
C GLU D 730 -26.72 -13.41 -57.15
N ILE D 731 -26.28 -12.29 -56.56
CA ILE D 731 -27.21 -11.26 -56.13
C ILE D 731 -27.84 -10.60 -57.36
N ARG D 732 -29.16 -10.48 -57.34
CA ARG D 732 -29.92 -10.04 -58.49
C ARG D 732 -30.41 -8.61 -58.34
N ARG D 733 -31.04 -8.10 -59.40
CA ARG D 733 -31.53 -6.74 -59.41
C ARG D 733 -32.64 -6.53 -58.37
N ASP D 734 -33.56 -7.48 -58.27
CA ASP D 734 -34.66 -7.35 -57.32
C ASP D 734 -34.14 -7.40 -55.88
N HIS D 735 -33.08 -8.17 -55.63
CA HIS D 735 -32.47 -8.18 -54.32
C HIS D 735 -31.94 -6.80 -53.96
N PHE D 736 -31.29 -6.12 -54.91
CA PHE D 736 -30.78 -4.79 -54.64
C PHE D 736 -31.92 -3.79 -54.44
N GLU D 737 -33.01 -3.94 -55.18
CA GLU D 737 -34.15 -3.04 -54.99
C GLU D 737 -34.78 -3.21 -53.61
N GLU D 738 -34.97 -4.46 -53.18
CA GLU D 738 -35.56 -4.70 -51.87
C GLU D 738 -34.60 -4.31 -50.76
N ALA D 739 -33.29 -4.40 -51.00
CA ALA D 739 -32.32 -3.87 -50.05
C ALA D 739 -32.38 -2.35 -49.98
N MET D 740 -32.61 -1.71 -51.13
CA MET D 740 -32.62 -0.25 -51.19
C MET D 740 -33.85 0.32 -50.50
N ARG D 741 -34.97 -0.39 -50.54
CA ARG D 741 -36.18 0.16 -49.91
C ARG D 741 -36.00 0.29 -48.40
N PHE D 742 -35.03 -0.44 -47.82
CA PHE D 742 -34.76 -0.29 -46.39
C PHE D 742 -33.72 0.77 -46.10
N ALA D 743 -33.03 1.26 -47.13
CA ALA D 743 -31.88 2.14 -46.93
C ALA D 743 -32.28 3.45 -46.28
N ARG D 744 -31.43 3.94 -45.38
CA ARG D 744 -31.63 5.22 -44.72
C ARG D 744 -30.33 6.01 -44.77
N ARG D 745 -30.47 7.34 -44.75
CA ARG D 745 -29.31 8.23 -44.76
C ARG D 745 -28.87 8.46 -43.32
N SER D 746 -27.73 7.87 -42.94
CA SER D 746 -27.35 7.82 -41.54
C SER D 746 -26.95 9.19 -41.01
N VAL D 747 -26.35 10.03 -41.85
CA VAL D 747 -25.82 11.32 -41.43
C VAL D 747 -26.82 12.41 -41.82
N SER D 748 -27.40 13.06 -40.81
CA SER D 748 -28.43 14.06 -41.07
C SER D 748 -27.81 15.38 -41.51
N ASP D 749 -28.62 16.22 -42.14
CA ASP D 749 -28.12 17.43 -42.81
C ASP D 749 -27.41 18.36 -41.83
N ASN D 750 -27.90 18.43 -40.58
CA ASN D 750 -27.25 19.29 -39.60
C ASN D 750 -25.84 18.79 -39.27
N ASP D 751 -25.62 17.49 -39.34
CA ASP D 751 -24.28 16.95 -39.12
C ASP D 751 -23.33 17.41 -40.23
N ILE D 752 -23.76 17.31 -41.49
CA ILE D 752 -22.96 17.84 -42.58
C ILE D 752 -22.73 19.33 -42.39
N ARG D 753 -23.75 20.04 -41.89
CA ARG D 753 -23.59 21.47 -41.63
C ARG D 753 -22.47 21.72 -40.62
N LYS D 754 -22.43 20.94 -39.55
CA LYS D 754 -21.37 21.12 -38.55
C LYS D 754 -20.00 20.82 -39.12
N TYR D 755 -19.87 19.70 -39.84
CA TYR D 755 -18.56 19.36 -40.40
C TYR D 755 -18.11 20.38 -41.44
N GLU D 756 -19.03 20.82 -42.30
CA GLU D 756 -18.71 21.87 -43.25
C GLU D 756 -18.38 23.18 -42.55
N MET D 757 -18.98 23.44 -41.39
CA MET D 757 -18.63 24.62 -40.62
C MET D 757 -17.18 24.56 -40.17
N PHE D 758 -16.77 23.41 -39.62
CA PHE D 758 -15.37 23.27 -39.22
C PHE D 758 -14.43 23.39 -40.41
N ALA D 759 -14.80 22.75 -41.53
CA ALA D 759 -13.96 22.81 -42.73
C ALA D 759 -13.85 24.23 -43.26
N GLN D 760 -14.95 24.99 -43.24
CA GLN D 760 -14.91 26.36 -43.72
C GLN D 760 -14.12 27.27 -42.79
N THR D 761 -14.18 27.02 -41.48
CA THR D 761 -13.29 27.75 -40.57
C THR D 761 -11.83 27.48 -40.93
N LEU D 762 -11.49 26.22 -41.16
CA LEU D 762 -10.12 25.88 -41.54
C LEU D 762 -9.71 26.56 -42.84
N GLN D 763 -10.59 26.52 -43.85
CA GLN D 763 -10.25 27.09 -45.15
C GLN D 763 -10.14 28.61 -45.07
N GLN D 764 -11.07 29.27 -44.37
CA GLN D 764 -11.06 30.73 -44.29
C GLN D 764 -9.98 31.23 -43.35
N SER D 765 -9.39 30.34 -42.54
CA SER D 765 -8.26 30.74 -41.72
C SER D 765 -7.11 31.30 -42.57
N ARG D 766 -6.83 30.66 -43.71
CA ARG D 766 -5.80 31.16 -44.60
C ARG D 766 -6.18 32.53 -45.16
N GLY D 767 -7.42 32.68 -45.62
CA GLY D 767 -7.92 33.96 -46.07
C GLY D 767 -7.78 34.22 -47.56
N PHE D 768 -7.04 33.39 -48.29
CA PHE D 768 -6.82 33.61 -49.72
C PHE D 768 -7.21 32.33 -50.46
N GLY D 769 -8.25 32.43 -51.30
CA GLY D 769 -8.64 31.28 -52.11
C GLY D 769 -7.58 30.89 -53.11
N SER D 770 -6.99 31.87 -53.79
CA SER D 770 -5.90 31.64 -54.73
C SER D 770 -4.71 32.50 -54.34
N PHE D 771 -3.57 31.86 -54.14
CA PHE D 771 -2.32 32.54 -53.80
C PHE D 771 -1.43 32.55 -55.03
N ARG D 772 -1.06 33.75 -55.49
CA ARG D 772 -0.21 33.91 -56.66
C ARG D 772 0.91 34.89 -56.32
N PHE D 773 2.13 34.52 -56.68
CA PHE D 773 3.26 35.42 -56.47
C PHE D 773 3.22 36.57 -57.47
N PRO D 774 3.48 37.80 -57.03
CA PRO D 774 3.56 38.92 -57.98
C PRO D 774 4.70 38.68 -58.98
N SER D 775 4.46 39.09 -60.22
CA SER D 775 5.44 38.93 -61.28
C SER D 775 6.41 40.12 -61.32
N LEU E 12 41.64 33.62 8.90
CA LEU E 12 42.42 32.62 9.62
C LEU E 12 41.79 31.24 9.49
N SER E 13 40.77 31.14 8.65
CA SER E 13 40.06 29.87 8.49
C SER E 13 40.98 28.79 7.92
N THR E 14 41.81 29.14 6.93
CA THR E 14 42.74 28.19 6.33
C THR E 14 44.19 28.50 6.69
N ALA E 15 44.44 28.95 7.92
CA ALA E 15 45.81 29.24 8.33
C ALA E 15 46.63 27.97 8.46
N ILE E 16 46.00 26.85 8.81
CA ILE E 16 46.75 25.62 9.04
C ILE E 16 47.27 25.05 7.73
N LEU E 17 46.62 25.38 6.61
CA LEU E 17 47.12 24.93 5.31
C LEU E 17 48.45 25.58 4.96
N LYS E 18 48.54 26.90 5.08
CA LYS E 18 49.77 27.59 4.73
C LYS E 18 50.88 27.25 5.71
N GLN E 19 52.08 27.01 5.18
CA GLN E 19 53.24 26.65 5.98
C GLN E 19 54.08 27.89 6.25
N LYS E 20 54.46 28.07 7.51
CA LYS E 20 55.23 29.25 7.90
C LYS E 20 56.65 29.16 7.36
N ASN E 21 57.23 30.32 7.07
CA ASN E 21 58.63 30.36 6.66
C ASN E 21 59.53 30.03 7.84
N ARG E 22 60.28 28.94 7.72
CA ARG E 22 61.18 28.47 8.76
C ARG E 22 62.55 28.26 8.18
N PRO E 23 63.60 28.31 9.01
CA PRO E 23 64.95 28.03 8.50
C PRO E 23 65.08 26.66 7.87
N ASN E 24 64.36 25.66 8.38
CA ASN E 24 64.41 24.33 7.78
C ASN E 24 63.71 24.32 6.42
N ARG E 25 62.66 25.13 6.26
CA ARG E 25 61.92 25.15 5.00
C ARG E 25 62.80 25.69 3.88
N LEU E 26 62.93 24.90 2.82
CA LEU E 26 63.79 25.23 1.69
C LEU E 26 63.17 24.71 0.40
N ILE E 27 63.44 25.44 -0.68
CA ILE E 27 62.87 25.09 -1.99
C ILE E 27 63.67 23.98 -2.63
N VAL E 28 62.97 23.02 -3.24
CA VAL E 28 63.65 21.95 -3.96
C VAL E 28 64.38 22.51 -5.16
N ASP E 29 65.66 22.17 -5.30
CA ASP E 29 66.46 22.62 -6.43
C ASP E 29 67.25 21.43 -6.98
N GLU E 30 67.60 21.51 -8.26
CA GLU E 30 68.42 20.48 -8.87
C GLU E 30 69.85 20.54 -8.32
N ALA E 31 70.46 19.37 -8.16
CA ALA E 31 71.84 19.27 -7.71
C ALA E 31 72.74 19.02 -8.91
N ILE E 32 73.81 19.81 -9.02
CA ILE E 32 74.69 19.73 -10.19
C ILE E 32 75.52 18.45 -10.14
N ASN E 33 76.15 18.17 -9.00
CA ASN E 33 77.10 17.08 -8.89
C ASN E 33 76.91 16.20 -7.66
N GLU E 34 75.87 16.42 -6.86
CA GLU E 34 75.67 15.62 -5.66
C GLU E 34 75.25 14.21 -6.02
N ASP E 35 75.79 13.23 -5.30
CA ASP E 35 75.39 11.85 -5.45
C ASP E 35 74.13 11.58 -4.63
N ASN E 36 73.77 10.30 -4.51
CA ASN E 36 72.53 9.94 -3.83
C ASN E 36 72.58 10.29 -2.35
N SER E 37 73.72 10.09 -1.71
CA SER E 37 73.83 10.19 -0.26
C SER E 37 74.25 11.57 0.22
N VAL E 38 74.39 12.56 -0.67
CA VAL E 38 74.82 13.90 -0.27
C VAL E 38 73.90 14.95 -0.87
N VAL E 39 73.80 16.08 -0.18
CA VAL E 39 73.07 17.25 -0.64
C VAL E 39 73.92 18.48 -0.36
N SER E 40 73.61 19.57 -1.04
CA SER E 40 74.39 20.80 -0.96
C SER E 40 73.51 21.97 -0.58
N LEU E 41 74.01 22.81 0.33
CA LEU E 41 73.33 24.03 0.74
C LEU E 41 74.30 25.20 0.64
N SER E 42 73.74 26.40 0.49
CA SER E 42 74.57 27.61 0.44
C SER E 42 75.21 27.87 1.80
N GLN E 43 76.45 28.34 1.77
CA GLN E 43 77.20 28.53 3.01
C GLN E 43 76.57 29.55 3.97
N PRO E 44 76.08 30.71 3.53
CA PRO E 44 75.41 31.60 4.51
C PRO E 44 74.19 30.98 5.16
N LYS E 45 73.29 30.39 4.36
CA LYS E 45 72.14 29.69 4.92
C LYS E 45 72.59 28.51 5.79
N MET E 46 73.72 27.89 5.42
CA MET E 46 74.26 26.80 6.22
C MET E 46 74.70 27.29 7.60
N ASP E 47 75.36 28.45 7.65
CA ASP E 47 75.78 29.02 8.92
C ASP E 47 74.57 29.47 9.74
N GLU E 48 73.52 29.95 9.08
CA GLU E 48 72.30 30.30 9.79
C GLU E 48 71.68 29.08 10.45
N LEU E 49 71.90 27.90 9.88
CA LEU E 49 71.35 26.65 10.41
C LEU E 49 72.27 25.99 11.43
N GLN E 50 73.47 26.53 11.66
CA GLN E 50 74.43 25.94 12.59
C GLN E 50 74.78 24.51 12.21
N LEU E 51 75.23 24.32 10.97
CA LEU E 51 75.54 23.00 10.43
C LEU E 51 76.97 23.00 9.91
N PHE E 52 77.69 21.89 10.16
CA PHE E 52 79.05 21.73 9.69
C PHE E 52 79.08 20.85 8.44
N ARG E 53 80.16 21.00 7.67
CA ARG E 53 80.36 20.14 6.51
C ARG E 53 80.60 18.71 6.94
N GLY E 54 80.04 17.76 6.17
CA GLY E 54 80.11 16.37 6.52
C GLY E 54 79.08 15.91 7.54
N ASP E 55 78.21 16.81 7.99
CA ASP E 55 77.19 16.43 8.96
C ASP E 55 76.04 15.70 8.28
N THR E 56 75.54 14.66 8.94
CA THR E 56 74.36 13.96 8.45
C THR E 56 73.13 14.84 8.64
N VAL E 57 72.20 14.77 7.69
CA VAL E 57 71.01 15.60 7.71
C VAL E 57 69.80 14.73 7.36
N LEU E 58 68.70 14.97 8.07
CA LEU E 58 67.45 14.28 7.87
C LEU E 58 66.48 15.20 7.14
N LEU E 59 65.97 14.74 6.00
CA LEU E 59 65.06 15.49 5.16
C LEU E 59 63.67 14.90 5.33
N LYS E 60 62.72 15.73 5.75
CA LYS E 60 61.32 15.33 5.75
C LYS E 60 60.73 15.53 4.36
N GLY E 61 59.69 14.76 4.05
CA GLY E 61 59.03 14.86 2.76
C GLY E 61 57.55 14.59 2.89
N LYS E 62 56.85 14.81 1.78
CA LYS E 62 55.41 14.61 1.75
C LYS E 62 55.06 13.13 1.91
N LYS E 63 53.84 12.88 2.38
CA LYS E 63 53.33 11.52 2.62
C LYS E 63 54.20 10.74 3.60
N ARG E 64 54.72 11.44 4.61
CA ARG E 64 55.49 10.82 5.70
C ARG E 64 56.66 9.99 5.17
N ARG E 65 57.42 10.56 4.24
CA ARG E 65 58.62 9.93 3.70
C ARG E 65 59.82 10.79 4.01
N GLU E 66 60.89 10.18 4.51
CA GLU E 66 62.09 10.90 4.92
C GLU E 66 63.31 10.27 4.28
N ALA E 67 64.37 11.07 4.18
CA ALA E 67 65.64 10.60 3.63
C ALA E 67 66.77 11.14 4.49
N VAL E 68 67.96 10.58 4.32
CA VAL E 68 69.15 11.02 5.03
C VAL E 68 70.28 11.26 4.03
N CYS E 69 70.97 12.38 4.19
CA CYS E 69 72.06 12.74 3.30
C CYS E 69 73.17 13.41 4.10
N ILE E 70 74.14 13.96 3.37
CA ILE E 70 75.24 14.71 3.96
C ILE E 70 75.14 16.14 3.45
N VAL E 71 75.14 17.11 4.37
CA VAL E 71 75.09 18.52 3.99
C VAL E 71 76.43 18.94 3.42
N LEU E 72 76.40 19.63 2.29
CA LEU E 72 77.59 20.15 1.64
C LEU E 72 77.42 21.64 1.38
N SER E 73 78.55 22.33 1.27
CA SER E 73 78.56 23.77 1.03
C SER E 73 78.84 24.03 -0.44
N ASP E 74 77.89 24.65 -1.13
CA ASP E 74 78.02 24.98 -2.55
C ASP E 74 77.66 26.45 -2.74
N ASP E 75 78.59 27.22 -3.31
CA ASP E 75 78.32 28.63 -3.56
C ASP E 75 77.29 28.80 -4.68
N THR E 76 77.27 27.86 -5.63
CA THR E 76 76.30 27.95 -6.73
C THR E 76 74.88 27.75 -6.23
N CYS E 77 74.71 27.00 -5.14
CA CYS E 77 73.40 26.77 -4.58
C CYS E 77 72.81 28.06 -4.01
N SER E 78 71.52 28.27 -4.23
CA SER E 78 70.83 29.41 -3.68
C SER E 78 70.63 29.23 -2.17
N ASP E 79 70.46 30.35 -1.47
CA ASP E 79 70.28 30.30 -0.03
C ASP E 79 68.94 29.70 0.35
N GLU E 80 67.87 30.13 -0.33
CA GLU E 80 66.53 29.62 -0.06
C GLU E 80 66.28 28.26 -0.69
N LYS E 81 67.20 27.75 -1.50
CA LYS E 81 67.06 26.47 -2.19
C LYS E 81 68.01 25.46 -1.60
N ILE E 82 67.56 24.21 -1.51
CA ILE E 82 68.42 23.08 -1.17
C ILE E 82 68.49 22.17 -2.38
N ARG E 83 69.70 21.74 -2.72
CA ARG E 83 69.94 21.00 -3.96
C ARG E 83 69.88 19.50 -3.71
N MET E 84 69.07 18.81 -4.50
CA MET E 84 68.90 17.37 -4.42
C MET E 84 69.01 16.77 -5.82
N ASN E 85 69.43 15.52 -5.88
CA ASN E 85 69.29 14.79 -7.13
C ASN E 85 67.93 14.07 -7.17
N ARG E 86 67.60 13.51 -8.34
CA ARG E 86 66.27 12.97 -8.53
C ARG E 86 66.01 11.75 -7.64
N VAL E 87 67.08 11.04 -7.27
CA VAL E 87 66.91 9.83 -6.46
C VAL E 87 66.35 10.18 -5.08
N VAL E 88 66.95 11.17 -4.42
CA VAL E 88 66.46 11.54 -3.09
C VAL E 88 65.13 12.28 -3.20
N ARG E 89 64.87 12.94 -4.33
CA ARG E 89 63.54 13.52 -4.54
C ARG E 89 62.47 12.44 -4.60
N ASN E 90 62.77 11.32 -5.28
CA ASN E 90 61.84 10.20 -5.30
C ASN E 90 61.76 9.54 -3.93
N ASN E 91 62.86 9.55 -3.17
CA ASN E 91 62.84 9.02 -1.82
C ASN E 91 61.94 9.87 -0.91
N LEU E 92 61.87 11.17 -1.18
CA LEU E 92 61.03 12.08 -0.41
C LEU E 92 59.65 12.27 -1.03
N ARG E 93 59.37 11.62 -2.15
CA ARG E 93 58.10 11.78 -2.87
C ARG E 93 57.82 13.24 -3.20
N VAL E 94 58.88 13.98 -3.54
CA VAL E 94 58.78 15.40 -3.83
C VAL E 94 59.22 15.64 -5.27
N ARG E 95 58.94 16.85 -5.75
CA ARG E 95 59.31 17.28 -7.09
C ARG E 95 59.90 18.67 -7.02
N LEU E 96 60.27 19.20 -8.19
CA LEU E 96 60.86 20.53 -8.25
C LEU E 96 59.83 21.59 -7.84
N GLY E 97 60.32 22.61 -7.12
CA GLY E 97 59.47 23.67 -6.64
C GLY E 97 58.84 23.43 -5.29
N ASP E 98 59.03 22.25 -4.69
CA ASP E 98 58.43 21.94 -3.42
C ASP E 98 59.28 22.48 -2.27
N VAL E 99 58.66 22.57 -1.10
CA VAL E 99 59.31 23.07 0.11
C VAL E 99 59.46 21.92 1.09
N ILE E 100 60.68 21.67 1.55
CA ILE E 100 60.95 20.60 2.48
C ILE E 100 61.77 21.14 3.66
N SER E 101 61.70 20.40 4.77
CA SER E 101 62.37 20.80 6.00
C SER E 101 63.55 19.88 6.25
N ILE E 102 64.69 20.48 6.61
CA ILE E 102 65.94 19.76 6.85
C ILE E 102 66.33 19.96 8.31
N GLN E 103 66.68 18.87 8.99
CA GLN E 103 67.06 18.95 10.38
C GLN E 103 68.34 18.16 10.64
N PRO E 104 69.11 18.53 11.64
CA PRO E 104 70.28 17.72 12.02
C PRO E 104 69.84 16.40 12.64
N CYS E 105 70.18 15.30 11.96
CA CYS E 105 69.83 13.98 12.45
C CYS E 105 70.83 13.55 13.51
N PRO E 106 70.42 13.31 14.75
CA PRO E 106 71.38 13.09 15.83
C PRO E 106 71.72 11.62 16.04
N ASP E 107 72.97 11.36 16.47
CA ASP E 107 73.41 10.04 16.90
C ASP E 107 73.19 8.98 15.83
N VAL E 108 73.53 9.30 14.58
CA VAL E 108 73.47 8.32 13.52
C VAL E 108 74.67 7.37 13.64
N LYS E 109 74.40 6.07 13.63
CA LYS E 109 75.40 5.05 13.92
C LYS E 109 75.71 4.25 12.67
N TYR E 110 76.95 3.76 12.59
CA TYR E 110 77.35 2.88 11.51
C TYR E 110 76.50 1.62 11.50
N GLY E 111 75.97 1.26 10.33
CA GLY E 111 75.06 0.14 10.23
C GLY E 111 75.75 -1.17 10.56
N LYS E 112 75.13 -1.95 11.47
CA LYS E 112 75.64 -3.28 11.76
C LYS E 112 75.42 -4.22 10.58
N ARG E 113 74.20 -4.23 10.03
CA ARG E 113 73.91 -5.00 8.83
C ARG E 113 72.73 -4.37 8.11
N ILE E 114 72.81 -4.36 6.79
CA ILE E 114 71.78 -3.77 5.94
C ILE E 114 71.44 -4.75 4.82
N HIS E 115 70.14 -4.98 4.63
CA HIS E 115 69.63 -5.90 3.63
C HIS E 115 68.84 -5.10 2.59
N VAL E 116 69.12 -5.37 1.32
CA VAL E 116 68.61 -4.58 0.21
C VAL E 116 67.92 -5.53 -0.76
N LEU E 117 66.98 -5.00 -1.54
CA LEU E 117 66.29 -5.77 -2.56
C LEU E 117 66.24 -4.99 -3.86
N PRO E 118 66.89 -5.47 -4.92
CA PRO E 118 66.87 -4.76 -6.20
C PRO E 118 65.52 -4.83 -6.89
N ILE E 119 65.28 -3.87 -7.78
CA ILE E 119 64.04 -3.84 -8.54
C ILE E 119 64.08 -4.92 -9.62
N ASP E 120 62.92 -5.53 -9.89
CA ASP E 120 62.88 -6.71 -10.74
C ASP E 120 63.27 -6.40 -12.19
N ASP E 121 62.92 -5.22 -12.68
CA ASP E 121 63.22 -4.89 -14.08
C ASP E 121 64.72 -4.70 -14.29
N THR E 122 65.41 -4.11 -13.31
CA THR E 122 66.81 -3.78 -13.49
C THR E 122 67.69 -5.03 -13.43
N VAL E 123 67.29 -6.04 -12.67
CA VAL E 123 68.14 -7.22 -12.51
C VAL E 123 68.22 -8.01 -13.81
N GLU E 124 67.15 -7.95 -14.61
CA GLU E 124 67.11 -8.70 -15.86
C GLU E 124 68.19 -8.21 -16.82
N GLY E 125 68.93 -9.16 -17.39
CA GLY E 125 70.05 -8.83 -18.25
C GLY E 125 71.38 -8.67 -17.54
N ILE E 126 71.41 -8.79 -16.22
CA ILE E 126 72.63 -8.69 -15.44
C ILE E 126 73.05 -10.10 -15.06
N THR E 127 74.08 -10.62 -15.71
CA THR E 127 74.52 -11.99 -15.44
C THR E 127 75.30 -12.07 -14.14
N GLY E 128 76.13 -11.07 -13.85
CA GLY E 128 76.98 -11.13 -12.68
C GLY E 128 76.24 -10.79 -11.40
N ASN E 129 76.96 -10.90 -10.29
CA ASN E 129 76.38 -10.58 -8.98
C ASN E 129 76.10 -9.09 -8.88
N LEU E 130 74.89 -8.76 -8.40
CA LEU E 130 74.53 -7.35 -8.21
C LEU E 130 75.37 -6.71 -7.13
N PHE E 131 75.60 -7.44 -6.03
CA PHE E 131 76.44 -6.93 -4.94
C PHE E 131 77.86 -6.65 -5.42
N GLU E 132 78.49 -7.63 -6.06
CA GLU E 132 79.89 -7.49 -6.44
C GLU E 132 80.07 -6.40 -7.49
N VAL E 133 79.14 -6.31 -8.44
CA VAL E 133 79.30 -5.36 -9.54
C VAL E 133 78.85 -3.96 -9.12
N TYR E 134 77.74 -3.86 -8.39
CA TYR E 134 77.14 -2.57 -8.09
C TYR E 134 77.23 -2.20 -6.61
N LEU E 135 76.69 -3.03 -5.72
CA LEU E 135 76.56 -2.63 -4.32
C LEU E 135 77.92 -2.50 -3.63
N LYS E 136 78.80 -3.47 -3.83
CA LYS E 136 80.09 -3.45 -3.11
C LYS E 136 80.96 -2.25 -3.49
N PRO E 137 81.23 -1.96 -4.77
CA PRO E 137 82.02 -0.74 -5.05
C PRO E 137 81.31 0.53 -4.64
N TYR E 138 79.97 0.52 -4.60
CA TYR E 138 79.22 1.69 -4.17
C TYR E 138 79.49 2.02 -2.72
N PHE E 139 79.51 1.01 -1.85
CA PHE E 139 79.59 1.20 -0.42
C PHE E 139 81.01 1.03 0.12
N LEU E 140 82.00 0.77 -0.73
CA LEU E 140 83.37 0.57 -0.30
C LEU E 140 83.94 1.90 0.19
N GLU E 141 84.16 2.01 1.50
CA GLU E 141 84.65 3.22 2.15
C GLU E 141 83.73 4.41 1.93
N ALA E 142 82.45 4.16 1.63
CA ALA E 142 81.53 5.24 1.29
C ALA E 142 81.12 6.03 2.52
N TYR E 143 80.82 5.35 3.62
CA TYR E 143 80.26 5.98 4.83
C TYR E 143 78.97 6.73 4.49
N ARG E 144 78.12 6.10 3.68
CA ARG E 144 76.90 6.71 3.20
C ARG E 144 75.78 6.52 4.22
N PRO E 145 74.99 7.55 4.52
CA PRO E 145 73.81 7.35 5.37
C PRO E 145 72.62 6.88 4.53
N ILE E 146 71.92 5.87 5.06
CA ILE E 146 70.74 5.32 4.39
C ILE E 146 69.63 5.10 5.40
N ARG E 147 68.41 5.03 4.88
CA ARG E 147 67.18 4.85 5.65
C ARG E 147 66.41 3.67 5.09
N LYS E 148 65.55 3.09 5.94
CA LYS E 148 64.73 1.98 5.51
C LYS E 148 63.75 2.42 4.44
N GLY E 149 63.58 1.57 3.42
CA GLY E 149 62.63 1.82 2.36
C GLY E 149 63.12 2.73 1.24
N ASP E 150 64.33 3.29 1.36
CA ASP E 150 64.86 4.15 0.31
C ASP E 150 65.18 3.34 -0.93
N ILE E 151 65.08 3.99 -2.08
CA ILE E 151 65.44 3.39 -3.37
C ILE E 151 66.60 4.19 -3.96
N PHE E 152 67.67 3.50 -4.33
CA PHE E 152 68.86 4.13 -4.87
C PHE E 152 69.34 3.39 -6.10
N LEU E 153 69.88 4.14 -7.06
CA LEU E 153 70.32 3.58 -8.34
C LEU E 153 71.84 3.54 -8.38
N VAL E 154 72.40 2.42 -8.82
CA VAL E 154 73.85 2.26 -9.00
C VAL E 154 74.11 2.08 -10.48
N ARG E 155 74.97 2.92 -11.03
CA ARG E 155 75.35 2.81 -12.44
C ARG E 155 76.37 1.70 -12.64
N GLY E 156 76.44 1.19 -13.85
CA GLY E 156 77.47 0.23 -14.21
C GLY E 156 76.90 -0.92 -15.00
N GLY E 157 77.81 -1.79 -15.44
CA GLY E 157 77.44 -3.00 -16.15
C GLY E 157 76.73 -2.70 -17.46
N MET E 158 75.95 -3.70 -17.91
CA MET E 158 75.11 -3.51 -19.07
C MET E 158 74.02 -2.49 -18.79
N ARG E 159 73.41 -2.55 -17.61
CA ARG E 159 72.32 -1.67 -17.23
C ARG E 159 72.50 -1.24 -15.77
N ALA E 160 72.22 0.03 -15.50
CA ALA E 160 72.23 0.51 -14.13
C ALA E 160 71.07 -0.11 -13.36
N VAL E 161 71.33 -0.48 -12.10
CA VAL E 161 70.40 -1.30 -11.33
C VAL E 161 69.92 -0.49 -10.13
N GLU E 162 68.61 -0.50 -9.90
CA GLU E 162 68.03 0.15 -8.75
C GLU E 162 67.81 -0.85 -7.61
N PHE E 163 67.90 -0.36 -6.38
CA PHE E 163 67.83 -1.18 -5.19
C PHE E 163 66.94 -0.51 -4.16
N LYS E 164 66.32 -1.32 -3.30
CA LYS E 164 65.52 -0.84 -2.18
C LYS E 164 66.06 -1.39 -0.88
N VAL E 165 66.40 -0.51 0.06
CA VAL E 165 66.97 -0.92 1.33
C VAL E 165 65.84 -1.34 2.25
N VAL E 166 65.48 -2.63 2.22
CA VAL E 166 64.34 -3.11 2.97
C VAL E 166 64.63 -3.17 4.46
N GLU E 167 65.84 -3.62 4.84
CA GLU E 167 66.18 -3.83 6.24
C GLU E 167 67.43 -3.03 6.60
N THR E 168 67.40 -2.39 7.77
CA THR E 168 68.53 -1.64 8.29
C THR E 168 68.79 -2.08 9.73
N ASP E 169 70.06 -2.04 10.15
CA ASP E 169 70.43 -2.30 11.53
C ASP E 169 71.62 -1.43 11.90
N PRO E 170 71.46 -0.41 12.76
CA PRO E 170 70.22 -0.05 13.44
C PRO E 170 69.19 0.61 12.53
N SER E 171 67.91 0.46 12.87
CA SER E 171 66.84 0.99 12.04
C SER E 171 66.39 2.35 12.57
N PRO E 172 66.02 3.28 11.67
CA PRO E 172 66.12 3.12 10.23
C PRO E 172 67.39 3.75 9.63
N TYR E 173 68.01 4.66 10.36
CA TYR E 173 69.16 5.42 9.89
C TYR E 173 70.43 4.62 10.17
N CYS E 174 71.29 4.48 9.16
CA CYS E 174 72.54 3.77 9.37
C CYS E 174 73.60 4.24 8.39
N ILE E 175 74.85 4.19 8.83
CA ILE E 175 76.01 4.57 8.01
C ILE E 175 76.66 3.29 7.50
N VAL E 176 76.89 3.22 6.19
CA VAL E 176 77.43 2.03 5.56
C VAL E 176 78.95 2.12 5.59
N ALA E 177 79.54 1.63 6.66
CA ALA E 177 80.99 1.48 6.76
C ALA E 177 81.44 0.29 5.92
N PRO E 178 82.73 0.22 5.59
CA PRO E 178 83.20 -0.95 4.81
C PRO E 178 82.92 -2.29 5.48
N ASP E 179 83.01 -2.35 6.81
CA ASP E 179 82.77 -3.62 7.50
C ASP E 179 81.29 -3.99 7.47
N THR E 180 80.41 -3.02 7.23
CA THR E 180 79.00 -3.30 7.14
C THR E 180 78.71 -4.26 5.99
N VAL E 181 77.83 -5.22 6.25
CA VAL E 181 77.51 -6.25 5.27
C VAL E 181 76.22 -5.89 4.55
N ILE E 182 76.33 -5.63 3.25
CA ILE E 182 75.20 -5.36 2.39
C ILE E 182 75.01 -6.54 1.44
N HIS E 183 73.79 -7.06 1.37
CA HIS E 183 73.50 -8.27 0.60
C HIS E 183 72.17 -8.11 -0.11
N CYS E 184 72.11 -8.61 -1.35
CA CYS E 184 70.95 -8.44 -2.21
C CYS E 184 70.11 -9.70 -2.34
N GLU E 185 70.35 -10.72 -1.51
CA GLU E 185 69.55 -11.94 -1.58
C GLU E 185 68.12 -11.67 -1.13
N GLY E 186 67.17 -12.31 -1.79
CA GLY E 186 65.77 -12.14 -1.50
C GLY E 186 64.97 -11.99 -2.78
N GLU E 187 63.70 -11.65 -2.63
CA GLU E 187 62.80 -11.47 -3.77
C GLU E 187 62.93 -10.06 -4.30
N PRO E 188 63.19 -9.87 -5.59
CA PRO E 188 63.26 -8.51 -6.14
C PRO E 188 61.92 -7.79 -6.02
N ILE E 189 62.00 -6.48 -5.82
CA ILE E 189 60.79 -5.67 -5.69
C ILE E 189 60.26 -5.30 -7.07
N LYS E 190 58.96 -5.48 -7.27
CA LYS E 190 58.33 -5.13 -8.53
C LYS E 190 58.41 -3.62 -8.77
N ARG E 191 58.57 -3.25 -10.04
CA ARG E 191 58.54 -1.83 -10.39
C ARG E 191 57.16 -1.23 -10.14
N GLU E 192 56.11 -2.03 -10.33
CA GLU E 192 54.75 -1.55 -10.09
C GLU E 192 54.54 -1.20 -8.62
N ASP E 193 55.17 -1.95 -7.71
CA ASP E 193 55.04 -1.63 -6.29
C ASP E 193 55.66 -0.27 -5.97
N GLU E 194 56.85 0.00 -6.51
CA GLU E 194 57.48 1.30 -6.30
C GLU E 194 56.66 2.41 -6.95
N GLU E 195 56.08 2.14 -8.12
CA GLU E 195 55.24 3.13 -8.78
C GLU E 195 54.02 3.47 -7.94
N GLU E 196 53.38 2.45 -7.36
CA GLU E 196 52.23 2.69 -6.51
C GLU E 196 52.62 3.43 -5.23
N SER E 197 53.78 3.09 -4.66
CA SER E 197 54.24 3.79 -3.46
C SER E 197 54.52 5.26 -3.75
N LEU E 198 55.19 5.55 -4.87
CA LEU E 198 55.44 6.94 -5.23
C LEU E 198 54.15 7.68 -5.55
N ASN E 199 53.26 7.03 -6.32
CA ASN E 199 51.98 7.63 -6.67
C ASN E 199 50.97 7.35 -5.55
N GLU E 200 51.21 8.00 -4.42
CA GLU E 200 50.40 7.84 -3.22
C GLU E 200 49.64 9.13 -2.95
N VAL E 201 48.38 8.98 -2.53
CA VAL E 201 47.50 10.13 -2.37
C VAL E 201 47.90 10.92 -1.13
N GLY E 202 48.04 12.23 -1.31
CA GLY E 202 48.39 13.11 -0.21
C GLY E 202 47.45 14.29 -0.12
N TYR E 203 47.73 15.18 0.83
CA TYR E 203 46.92 16.37 1.01
C TYR E 203 47.00 17.29 -0.21
N ASP E 204 48.12 17.24 -0.93
CA ASP E 204 48.29 18.11 -2.09
C ASP E 204 47.56 17.56 -3.31
N ASP E 205 47.02 16.33 -3.21
CA ASP E 205 46.26 15.77 -4.32
C ASP E 205 44.79 16.17 -4.24
N ILE E 206 44.43 17.01 -3.27
CA ILE E 206 43.06 17.46 -3.10
C ILE E 206 42.97 18.93 -3.52
N GLY E 207 41.97 19.24 -4.33
CA GLY E 207 41.79 20.59 -4.80
C GLY E 207 40.36 21.06 -4.65
N GLY E 208 40.21 22.36 -4.43
CA GLY E 208 38.90 22.97 -4.28
C GLY E 208 38.28 22.80 -2.92
N CYS E 209 38.96 22.14 -1.98
CA CYS E 209 38.45 21.91 -0.64
C CYS E 209 39.39 22.49 0.41
N ARG E 210 39.91 23.70 0.18
CA ARG E 210 40.87 24.30 1.10
C ARG E 210 40.24 24.54 2.46
N LYS E 211 39.00 25.06 2.48
CA LYS E 211 38.32 25.28 3.75
C LYS E 211 37.98 23.95 4.44
N GLN E 212 37.54 22.96 3.67
CA GLN E 212 37.24 21.66 4.24
C GLN E 212 38.51 20.99 4.76
N LEU E 213 39.60 21.09 4.00
CA LEU E 213 40.87 20.57 4.49
C LEU E 213 41.32 21.29 5.75
N ALA E 214 41.06 22.60 5.82
CA ALA E 214 41.39 23.36 7.03
C ALA E 214 40.62 22.83 8.23
N GLN E 215 39.31 22.63 8.07
CA GLN E 215 38.53 22.10 9.18
C GLN E 215 39.00 20.71 9.58
N ILE E 216 39.29 19.87 8.60
CA ILE E 216 39.72 18.50 8.90
C ILE E 216 41.05 18.50 9.63
N LYS E 217 42.03 19.27 9.14
CA LYS E 217 43.32 19.36 9.83
C LYS E 217 43.16 19.90 11.24
N GLU E 218 42.26 20.88 11.42
CA GLU E 218 42.03 21.44 12.74
C GLU E 218 41.38 20.40 13.67
N MET E 219 40.65 19.45 13.10
CA MET E 219 39.86 18.55 13.94
C MET E 219 40.56 17.21 14.16
N VAL E 220 41.27 16.69 13.16
CA VAL E 220 41.83 15.33 13.22
C VAL E 220 43.34 15.35 13.40
N GLU E 221 44.04 16.25 12.72
CA GLU E 221 45.50 16.22 12.78
C GLU E 221 46.03 16.98 14.00
N LEU E 222 45.48 18.16 14.26
CA LEU E 222 45.98 18.95 15.38
C LEU E 222 45.76 18.30 16.74
N PRO E 223 44.57 17.80 17.09
CA PRO E 223 44.44 17.13 18.40
C PRO E 223 45.34 15.92 18.56
N LEU E 224 45.58 15.16 17.49
CA LEU E 224 46.42 13.97 17.62
C LEU E 224 47.89 14.34 17.74
N ARG E 225 48.32 15.37 17.00
CA ARG E 225 49.69 15.84 17.15
C ARG E 225 49.92 16.56 18.46
N HIS E 226 49.01 17.46 18.83
CA HIS E 226 49.18 18.34 19.98
C HIS E 226 47.92 18.34 20.84
N PRO E 227 47.68 17.27 21.60
CA PRO E 227 46.50 17.26 22.47
C PRO E 227 46.68 18.10 23.72
N ALA E 228 47.93 18.40 24.09
CA ALA E 228 48.17 19.19 25.29
C ALA E 228 47.61 20.59 25.15
N LEU E 229 47.65 21.16 23.94
CA LEU E 229 47.09 22.48 23.70
C LEU E 229 45.58 22.49 23.94
N PHE E 230 44.88 21.46 23.43
CA PHE E 230 43.44 21.38 23.64
C PHE E 230 43.11 21.13 25.10
N LYS E 231 43.93 20.34 25.80
CA LYS E 231 43.73 20.13 27.23
C LYS E 231 43.89 21.45 28.00
N GLU E 232 44.93 22.21 27.69
CA GLU E 232 45.23 23.40 28.48
C GLU E 232 44.24 24.53 28.19
N ILE E 233 43.81 24.67 26.93
CA ILE E 233 42.89 25.76 26.61
C ILE E 233 41.53 25.54 27.26
N GLY E 234 41.19 24.29 27.60
CA GLY E 234 39.99 23.99 28.34
C GLY E 234 38.92 23.22 27.59
N VAL E 235 39.18 22.83 26.34
CA VAL E 235 38.15 22.19 25.54
C VAL E 235 38.48 20.72 25.30
N LYS E 236 37.45 19.93 25.05
CA LYS E 236 37.61 18.54 24.63
C LYS E 236 37.65 18.50 23.11
N PRO E 237 38.69 17.93 22.49
CA PRO E 237 38.76 17.89 21.03
C PRO E 237 37.59 17.12 20.44
N PRO E 238 37.07 17.55 19.29
CA PRO E 238 35.97 16.82 18.66
C PRO E 238 36.33 15.37 18.39
N ARG E 239 35.35 14.49 18.57
CA ARG E 239 35.54 13.05 18.39
C ARG E 239 34.91 12.53 17.10
N GLY E 240 33.69 12.96 16.79
CA GLY E 240 33.01 12.49 15.60
C GLY E 240 32.96 13.50 14.49
N ILE E 241 33.55 13.17 13.35
CA ILE E 241 33.57 14.01 12.16
C ILE E 241 32.89 13.26 11.04
N LEU E 242 31.93 13.90 10.39
CA LEU E 242 31.16 13.30 9.31
C LEU E 242 31.35 14.10 8.04
N LEU E 243 31.94 13.48 7.03
CA LEU E 243 32.10 14.08 5.71
C LEU E 243 30.85 13.75 4.90
N TYR E 244 30.16 14.78 4.42
CA TYR E 244 28.97 14.58 3.61
C TYR E 244 29.03 15.48 2.38
N GLY E 245 28.46 15.00 1.28
CA GLY E 245 28.43 15.74 0.04
C GLY E 245 27.94 14.90 -1.11
N PRO E 246 27.83 15.50 -2.28
CA PRO E 246 27.40 14.75 -3.48
C PRO E 246 28.44 13.72 -3.87
N PRO E 247 28.04 12.70 -4.62
CA PRO E 247 29.00 11.68 -5.06
C PRO E 247 30.11 12.29 -5.91
N GLY E 248 31.33 11.81 -5.70
CA GLY E 248 32.48 12.26 -6.45
C GLY E 248 33.11 13.54 -5.99
N THR E 249 32.70 14.09 -4.84
CA THR E 249 33.21 15.38 -4.41
C THR E 249 34.54 15.26 -3.70
N GLY E 250 34.90 14.05 -3.26
CA GLY E 250 36.20 13.80 -2.70
C GLY E 250 36.24 13.40 -1.22
N LYS E 251 35.16 12.85 -0.66
CA LYS E 251 35.19 12.42 0.73
C LYS E 251 36.16 11.26 0.93
N THR E 252 36.05 10.22 0.10
CA THR E 252 36.97 9.09 0.19
C THR E 252 38.39 9.51 -0.19
N LEU E 253 38.52 10.46 -1.11
CA LEU E 253 39.84 11.01 -1.43
C LEU E 253 40.46 11.67 -0.21
N ILE E 254 39.66 12.44 0.53
CA ILE E 254 40.15 13.06 1.77
C ILE E 254 40.55 11.99 2.77
N ALA E 255 39.76 10.93 2.86
CA ALA E 255 40.09 9.84 3.78
C ALA E 255 41.41 9.18 3.41
N ARG E 256 41.64 8.91 2.12
CA ARG E 256 42.92 8.34 1.70
C ARG E 256 44.07 9.29 2.00
N ALA E 257 43.87 10.58 1.75
CA ALA E 257 44.93 11.55 2.04
C ALA E 257 45.27 11.57 3.52
N VAL E 258 44.24 11.55 4.38
CA VAL E 258 44.48 11.51 5.82
C VAL E 258 45.19 10.24 6.21
N ALA E 259 44.77 9.10 5.67
CA ALA E 259 45.38 7.82 6.00
C ALA E 259 46.85 7.79 5.60
N ASN E 260 47.19 8.39 4.46
CA ASN E 260 48.57 8.37 4.00
C ASN E 260 49.43 9.38 4.76
N GLU E 261 48.85 10.51 5.18
CA GLU E 261 49.63 11.60 5.75
C GLU E 261 49.42 11.80 7.24
N THR E 262 48.98 10.77 7.95
CA THR E 262 48.80 10.86 9.40
C THR E 262 49.61 9.77 10.09
N GLY E 263 50.36 10.16 11.13
CA GLY E 263 51.13 9.19 11.88
C GLY E 263 50.29 8.32 12.78
N ALA E 264 49.09 8.79 13.12
CA ALA E 264 48.20 8.03 13.98
C ALA E 264 47.72 6.76 13.27
N PHE E 265 47.46 5.72 14.05
CA PHE E 265 46.98 4.47 13.50
C PHE E 265 45.66 4.68 12.77
N PHE E 266 45.55 4.13 11.58
CA PHE E 266 44.37 4.30 10.74
C PHE E 266 43.64 2.97 10.62
N PHE E 267 42.36 2.97 11.01
CA PHE E 267 41.51 1.80 10.88
C PHE E 267 40.38 2.13 9.91
N LEU E 268 40.22 1.28 8.90
CA LEU E 268 39.19 1.48 7.88
C LEU E 268 38.05 0.50 8.12
N ILE E 269 36.85 1.03 8.19
CA ILE E 269 35.63 0.22 8.28
C ILE E 269 34.79 0.51 7.06
N ASN E 270 34.68 -0.46 6.16
CA ASN E 270 33.69 -0.40 5.11
C ASN E 270 32.36 -0.88 5.69
N GLY E 271 31.31 -0.07 5.50
CA GLY E 271 30.05 -0.27 6.18
C GLY E 271 29.51 -1.69 6.10
N PRO E 272 29.10 -2.12 4.90
CA PRO E 272 28.45 -3.44 4.78
C PRO E 272 29.36 -4.59 5.16
N GLU E 273 30.67 -4.38 5.26
CA GLU E 273 31.57 -5.43 5.70
C GLU E 273 31.39 -5.78 7.17
N ILE E 274 30.63 -4.99 7.92
CA ILE E 274 30.38 -5.28 9.33
C ILE E 274 29.55 -6.56 9.46
N MET E 275 28.60 -6.76 8.56
CA MET E 275 27.67 -7.88 8.68
C MET E 275 28.38 -9.21 8.60
N SER E 276 27.91 -10.18 9.39
CA SER E 276 28.40 -11.55 9.36
C SER E 276 27.25 -12.49 9.66
N LYS E 277 27.37 -13.73 9.15
CA LYS E 277 26.27 -14.69 9.27
C LYS E 277 26.04 -15.11 10.71
N LEU E 278 27.12 -15.30 11.48
CA LEU E 278 26.99 -15.76 12.84
C LEU E 278 26.21 -14.74 13.69
N ALA E 279 25.41 -15.25 14.62
CA ALA E 279 24.63 -14.38 15.46
C ALA E 279 25.54 -13.61 16.41
N GLY E 280 25.38 -12.28 16.44
CA GLY E 280 26.17 -11.43 17.28
C GLY E 280 27.57 -11.12 16.77
N GLU E 281 27.86 -11.44 15.50
CA GLU E 281 29.22 -11.24 15.01
C GLU E 281 29.42 -9.85 14.44
N SER E 282 28.33 -9.17 14.07
CA SER E 282 28.46 -7.86 13.44
C SER E 282 28.80 -6.78 14.45
N GLU E 283 27.98 -6.67 15.50
CA GLU E 283 28.31 -5.73 16.57
C GLU E 283 29.62 -6.12 17.25
N SER E 284 29.96 -7.41 17.24
CA SER E 284 31.24 -7.82 17.75
C SER E 284 32.38 -7.33 16.85
N ASN E 285 32.15 -7.29 15.53
CA ASN E 285 33.15 -6.74 14.62
C ASN E 285 33.33 -5.25 14.87
N LEU E 286 32.23 -4.53 15.10
CA LEU E 286 32.36 -3.12 15.49
C LEU E 286 33.14 -2.96 16.79
N ARG E 287 32.84 -3.80 17.78
CA ARG E 287 33.56 -3.75 19.04
C ARG E 287 35.04 -4.04 18.85
N LYS E 288 35.37 -5.02 18.02
CA LYS E 288 36.77 -5.34 17.74
C LYS E 288 37.46 -4.17 17.07
N ALA E 289 36.78 -3.51 16.13
CA ALA E 289 37.36 -2.33 15.49
C ALA E 289 37.69 -1.25 16.51
N PHE E 290 36.75 -0.93 17.40
CA PHE E 290 37.01 0.12 18.37
C PHE E 290 38.08 -0.30 19.39
N GLU E 291 38.09 -1.57 19.79
CA GLU E 291 39.10 -2.04 20.72
C GLU E 291 40.49 -2.01 20.11
N GLU E 292 40.60 -2.37 18.82
CA GLU E 292 41.89 -2.33 18.14
C GLU E 292 42.35 -0.89 17.94
N ALA E 293 41.39 0.03 17.73
CA ALA E 293 41.74 1.44 17.69
C ALA E 293 42.28 1.91 19.03
N GLU E 294 41.65 1.48 20.13
CA GLU E 294 42.16 1.84 21.45
C GLU E 294 43.53 1.25 21.72
N LYS E 295 43.77 0.01 21.31
CA LYS E 295 45.06 -0.63 21.55
C LYS E 295 46.19 0.17 20.89
N ASN E 296 45.99 0.57 19.64
CA ASN E 296 46.96 1.39 18.92
C ASN E 296 46.45 2.82 18.87
N ALA E 297 46.70 3.58 19.94
CA ALA E 297 46.31 4.97 20.01
C ALA E 297 47.54 5.86 19.95
N PRO E 298 47.46 7.04 19.33
CA PRO E 298 46.29 7.67 18.70
C PRO E 298 45.81 6.95 17.45
N ALA E 299 44.49 6.90 17.26
CA ALA E 299 43.90 6.12 16.19
C ALA E 299 42.83 6.92 15.49
N ILE E 300 42.63 6.61 14.20
CA ILE E 300 41.54 7.15 13.40
C ILE E 300 40.76 5.98 12.84
N ILE E 301 39.44 6.02 13.01
CA ILE E 301 38.53 5.03 12.45
C ILE E 301 37.74 5.69 11.33
N PHE E 302 37.97 5.27 10.10
CA PHE E 302 37.22 5.79 8.96
C PHE E 302 36.10 4.80 8.61
N ILE E 303 34.87 5.29 8.63
CA ILE E 303 33.70 4.50 8.26
C ILE E 303 33.17 5.05 6.95
N ASP E 304 33.45 4.35 5.86
CA ASP E 304 32.91 4.75 4.57
C ASP E 304 31.52 4.15 4.37
N GLU E 305 30.66 4.92 3.72
CA GLU E 305 29.26 4.56 3.53
C GLU E 305 28.60 4.32 4.90
N LEU E 306 28.57 5.38 5.70
CA LEU E 306 28.01 5.27 7.05
C LEU E 306 26.54 4.90 7.01
N ASP E 307 25.82 5.31 5.97
CA ASP E 307 24.40 5.04 5.89
C ASP E 307 24.12 3.56 5.65
N ALA E 308 25.13 2.79 5.29
CA ALA E 308 24.94 1.35 5.07
C ALA E 308 24.63 0.64 6.38
N ILE E 309 25.29 1.04 7.47
CA ILE E 309 25.12 0.37 8.76
C ILE E 309 24.41 1.25 9.79
N ALA E 310 24.11 2.50 9.46
CA ALA E 310 23.52 3.44 10.40
C ALA E 310 22.30 4.14 9.81
N PRO E 311 21.22 3.41 9.55
CA PRO E 311 19.96 4.06 9.19
C PRO E 311 19.16 4.40 10.44
N LYS E 312 18.07 5.15 10.22
CA LYS E 312 17.18 5.47 11.32
C LYS E 312 16.54 4.19 11.86
N ARG E 313 16.57 4.03 13.19
CA ARG E 313 16.08 2.81 13.80
C ARG E 313 14.57 2.69 13.69
N GLU E 314 13.87 3.81 13.61
CA GLU E 314 12.43 3.77 13.48
C GLU E 314 12.01 3.21 12.14
N LYS E 315 12.77 3.52 11.08
CA LYS E 315 12.41 3.05 9.75
C LYS E 315 12.93 1.64 9.49
N THR E 316 13.79 1.14 10.38
CA THR E 316 14.41 -0.16 10.16
C THR E 316 13.46 -1.29 10.53
N HIS E 317 13.41 -2.31 9.66
CA HIS E 317 12.57 -3.49 9.89
C HIS E 317 13.40 -4.72 10.27
N GLY E 318 14.69 -4.56 10.53
CA GLY E 318 15.56 -5.66 10.91
C GLY E 318 16.11 -5.47 12.31
N GLU E 319 16.15 -6.57 13.06
CA GLU E 319 16.63 -6.49 14.43
C GLU E 319 18.15 -6.32 14.48
N VAL E 320 18.86 -6.99 13.57
CA VAL E 320 20.31 -6.93 13.58
C VAL E 320 20.80 -5.54 13.18
N GLU E 321 20.12 -4.89 12.24
CA GLU E 321 20.50 -3.54 11.86
C GLU E 321 20.27 -2.56 13.01
N ARG E 322 19.16 -2.69 13.71
CA ARG E 322 18.91 -1.82 14.86
C ARG E 322 19.93 -2.07 15.96
N ARG E 323 20.30 -3.33 16.18
CA ARG E 323 21.32 -3.64 17.17
C ARG E 323 22.68 -3.06 16.76
N ILE E 324 22.95 -3.01 15.46
CA ILE E 324 24.21 -2.43 14.99
C ILE E 324 24.20 -0.92 15.21
N VAL E 325 23.07 -0.27 14.94
CA VAL E 325 22.98 1.17 15.19
C VAL E 325 23.14 1.46 16.68
N SER E 326 22.53 0.63 17.53
CA SER E 326 22.68 0.81 18.97
C SER E 326 24.12 0.58 19.42
N GLN E 327 24.80 -0.42 18.83
CA GLN E 327 26.20 -0.65 19.14
C GLN E 327 27.06 0.53 18.73
N LEU E 328 26.79 1.10 17.56
CA LEU E 328 27.54 2.28 17.13
C LEU E 328 27.30 3.46 18.06
N LEU E 329 26.05 3.65 18.50
CA LEU E 329 25.76 4.69 19.48
C LEU E 329 26.53 4.48 20.77
N THR E 330 26.52 3.26 21.29
CA THR E 330 27.23 2.95 22.53
C THR E 330 28.72 3.18 22.39
N LEU E 331 29.31 2.72 21.28
CA LEU E 331 30.75 2.86 21.09
C LEU E 331 31.14 4.32 20.93
N MET E 332 30.33 5.11 20.23
CA MET E 332 30.68 6.51 20.04
C MET E 332 30.48 7.30 21.33
N ASP E 333 29.54 6.86 22.18
CA ASP E 333 29.41 7.44 23.51
C ASP E 333 30.63 7.11 24.36
N GLY E 334 31.08 5.85 24.33
CA GLY E 334 32.24 5.47 25.11
C GLY E 334 33.55 5.95 24.52
N LEU E 335 33.50 6.54 23.32
CA LEU E 335 34.69 7.10 22.71
C LEU E 335 35.35 8.14 23.61
N LYS E 336 34.55 8.82 24.45
CA LYS E 336 35.13 9.78 25.39
C LYS E 336 36.09 9.11 26.35
N GLN E 337 35.74 7.94 26.85
CA GLN E 337 36.65 7.19 27.71
C GLN E 337 37.92 6.80 26.96
N ARG E 338 37.79 6.50 25.67
CA ARG E 338 38.94 6.19 24.84
C ARG E 338 39.85 7.40 24.71
N ALA E 339 41.16 7.17 24.73
CA ALA E 339 42.11 8.27 24.92
C ALA E 339 42.19 9.18 23.70
N HIS E 340 42.61 8.64 22.56
CA HIS E 340 42.87 9.47 21.39
C HIS E 340 42.23 8.93 20.12
N VAL E 341 41.20 8.09 20.21
CA VAL E 341 40.55 7.59 19.02
C VAL E 341 39.61 8.65 18.46
N ILE E 342 39.70 8.87 17.14
CA ILE E 342 38.85 9.82 16.44
C ILE E 342 38.14 9.08 15.32
N VAL E 343 36.83 9.23 15.24
CA VAL E 343 36.01 8.52 14.25
C VAL E 343 35.57 9.51 13.18
N MET E 344 35.98 9.26 11.95
CA MET E 344 35.57 10.04 10.79
C MET E 344 34.74 9.15 9.87
N ALA E 345 33.59 9.65 9.44
CA ALA E 345 32.68 8.87 8.61
C ALA E 345 32.36 9.65 7.34
N ALA E 346 32.11 8.92 6.26
CA ALA E 346 31.78 9.50 4.96
C ALA E 346 30.46 8.93 4.48
N THR E 347 29.62 9.79 3.92
CA THR E 347 28.34 9.38 3.37
C THR E 347 27.83 10.45 2.41
N ASN E 348 27.17 10.00 1.34
CA ASN E 348 26.51 10.91 0.41
C ASN E 348 25.01 10.97 0.63
N ARG E 349 24.51 10.36 1.71
CA ARG E 349 23.11 10.47 2.12
C ARG E 349 23.08 10.84 3.59
N PRO E 350 23.48 12.07 3.94
CA PRO E 350 23.51 12.46 5.35
C PRO E 350 22.15 12.44 6.02
N ASN E 351 21.08 12.63 5.25
CA ASN E 351 19.74 12.65 5.84
C ASN E 351 19.28 11.25 6.22
N SER E 352 19.86 10.21 5.60
CA SER E 352 19.47 8.85 5.93
C SER E 352 20.13 8.37 7.21
N ILE E 353 21.14 9.09 7.70
CA ILE E 353 21.80 8.71 8.94
C ILE E 353 20.83 8.82 10.10
N ASP E 354 20.99 7.94 11.08
CA ASP E 354 20.18 8.03 12.29
C ASP E 354 20.43 9.36 12.98
N PRO E 355 19.39 10.11 13.33
CA PRO E 355 19.60 11.45 13.90
C PRO E 355 20.36 11.42 15.21
N ALA E 356 20.17 10.38 16.03
CA ALA E 356 20.86 10.32 17.32
C ALA E 356 22.37 10.23 17.14
N LEU E 357 22.82 9.71 15.99
CA LEU E 357 24.25 9.63 15.75
C LEU E 357 24.85 10.98 15.41
N ARG E 358 24.02 11.98 15.12
CA ARG E 358 24.50 13.32 14.80
C ARG E 358 24.42 14.27 16.00
N ARG E 359 24.24 13.75 17.20
CA ARG E 359 24.01 14.60 18.35
C ARG E 359 25.34 15.10 18.92
N PHE E 360 25.27 15.70 20.11
CA PHE E 360 26.47 16.11 20.81
C PHE E 360 27.24 14.89 21.30
N GLY E 361 28.56 14.95 21.18
CA GLY E 361 29.43 13.90 21.66
C GLY E 361 29.63 12.75 20.71
N ARG E 362 28.83 12.65 19.65
CA ARG E 362 28.98 11.61 18.65
C ARG E 362 28.68 12.21 17.28
N PHE E 363 29.64 12.15 16.38
CA PHE E 363 29.56 12.79 15.06
C PHE E 363 29.02 14.20 15.17
N ASP E 364 29.53 14.95 16.15
CA ASP E 364 29.07 16.30 16.40
C ASP E 364 29.58 17.29 15.36
N ARG E 365 30.64 16.95 14.62
CA ARG E 365 31.21 17.83 13.61
C ARG E 365 30.84 17.29 12.24
N GLU E 366 30.40 18.18 11.35
CA GLU E 366 29.99 17.82 10.00
C GLU E 366 30.70 18.72 9.00
N VAL E 367 31.32 18.11 7.99
CA VAL E 367 32.06 18.82 6.96
C VAL E 367 31.36 18.58 5.63
N ASP E 368 30.98 19.66 4.97
CA ASP E 368 30.24 19.61 3.71
C ASP E 368 31.23 19.70 2.55
N ILE E 369 31.52 18.57 1.93
CA ILE E 369 32.35 18.52 0.73
C ILE E 369 31.45 18.88 -0.45
N GLY E 370 31.42 20.16 -0.79
CA GLY E 370 30.50 20.67 -1.79
C GLY E 370 31.08 20.70 -3.19
N ILE E 371 30.28 21.22 -4.11
CA ILE E 371 30.70 21.35 -5.51
C ILE E 371 31.72 22.48 -5.62
N PRO E 372 32.87 22.26 -6.23
CA PRO E 372 33.88 23.32 -6.33
C PRO E 372 33.46 24.43 -7.28
N ASP E 373 34.01 25.62 -7.03
CA ASP E 373 33.82 26.76 -7.91
C ASP E 373 34.86 26.75 -9.03
N ALA E 374 34.90 27.85 -9.78
CA ALA E 374 35.78 27.91 -10.95
C ALA E 374 37.24 27.73 -10.56
N THR E 375 37.69 28.46 -9.52
CA THR E 375 39.07 28.32 -9.10
C THR E 375 39.35 26.94 -8.53
N GLY E 376 38.40 26.37 -7.79
CA GLY E 376 38.58 25.01 -7.28
C GLY E 376 38.66 24.00 -8.39
N ARG E 377 37.85 24.17 -9.45
CA ARG E 377 37.92 23.28 -10.60
C ARG E 377 39.26 23.44 -11.31
N LEU E 378 39.80 24.66 -11.34
CA LEU E 378 41.13 24.85 -11.89
C LEU E 378 42.18 24.10 -11.08
N GLU E 379 42.08 24.15 -9.75
CA GLU E 379 43.03 23.41 -8.91
C GLU E 379 42.91 21.91 -9.15
N ILE E 380 41.68 21.40 -9.25
CA ILE E 380 41.50 19.97 -9.50
C ILE E 380 42.07 19.57 -10.86
N LEU E 381 41.86 20.40 -11.88
CA LEU E 381 42.43 20.14 -13.20
C LEU E 381 43.95 20.15 -13.15
N GLN E 382 44.54 21.09 -12.40
CA GLN E 382 45.99 21.14 -12.27
C GLN E 382 46.52 19.89 -11.58
N ILE E 383 45.79 19.40 -10.58
CA ILE E 383 46.19 18.18 -9.88
C ILE E 383 46.13 16.99 -10.82
N HIS E 384 45.07 16.90 -11.63
CA HIS E 384 44.89 15.71 -12.46
C HIS E 384 45.79 15.72 -13.69
N THR E 385 46.17 16.91 -14.17
CA THR E 385 47.00 17.03 -15.36
C THR E 385 48.49 17.14 -15.06
N LYS E 386 48.90 16.96 -13.80
CA LYS E 386 50.30 17.13 -13.44
C LYS E 386 51.17 16.03 -14.06
N ASN E 387 50.60 14.84 -14.24
CA ASN E 387 51.39 13.71 -14.74
C ASN E 387 51.24 13.56 -16.25
N MET E 388 50.18 14.11 -16.83
CA MET E 388 49.96 13.95 -18.27
C MET E 388 50.95 14.80 -19.05
N LYS E 389 51.10 14.49 -20.34
CA LYS E 389 52.01 15.22 -21.22
C LYS E 389 51.22 16.25 -22.03
N LEU E 390 50.85 17.34 -21.35
CA LEU E 390 50.11 18.41 -21.99
C LEU E 390 50.99 19.13 -23.02
N ALA E 391 50.33 19.66 -24.04
CA ALA E 391 51.00 20.53 -25.00
C ALA E 391 51.08 21.96 -24.44
N ASP E 392 51.75 22.83 -25.20
CA ASP E 392 51.90 24.21 -24.76
C ASP E 392 50.61 25.01 -24.97
N ASP E 393 49.81 24.64 -25.97
CA ASP E 393 48.62 25.41 -26.29
C ASP E 393 47.48 25.20 -25.29
N VAL E 394 47.61 24.23 -24.38
CA VAL E 394 46.53 23.94 -23.45
C VAL E 394 46.30 25.13 -22.53
N ASP E 395 45.05 25.33 -22.14
CA ASP E 395 44.66 26.43 -21.24
C ASP E 395 43.64 25.88 -20.26
N LEU E 396 44.12 25.48 -19.07
CA LEU E 396 43.24 24.87 -18.08
C LEU E 396 42.25 25.87 -17.51
N GLU E 397 42.52 27.16 -17.65
CA GLU E 397 41.60 28.18 -17.17
C GLU E 397 40.28 28.13 -17.93
N GLN E 398 40.35 28.03 -19.25
CA GLN E 398 39.12 27.92 -20.04
C GLN E 398 38.35 26.66 -19.65
N VAL E 399 39.05 25.52 -19.54
CA VAL E 399 38.38 24.27 -19.17
C VAL E 399 37.71 24.40 -17.81
N ALA E 400 38.35 25.11 -16.89
CA ALA E 400 37.75 25.35 -15.58
C ALA E 400 36.49 26.19 -15.70
N ASN E 401 36.49 27.17 -16.62
CA ASN E 401 35.31 28.02 -16.76
C ASN E 401 34.16 27.30 -17.46
N GLU E 402 34.46 26.36 -18.35
CA GLU E 402 33.39 25.69 -19.09
C GLU E 402 32.60 24.73 -18.19
N THR E 403 33.29 24.02 -17.30
CA THR E 403 32.68 22.93 -16.53
C THR E 403 31.87 23.52 -15.38
N HIS E 404 30.59 23.83 -15.65
CA HIS E 404 29.80 24.57 -14.66
C HIS E 404 29.34 23.69 -13.51
N GLY E 405 29.08 22.41 -13.77
CA GLY E 405 28.57 21.52 -12.76
C GLY E 405 29.46 20.37 -12.34
N HIS E 406 30.76 20.42 -12.64
CA HIS E 406 31.63 19.29 -12.37
C HIS E 406 32.14 19.32 -10.93
N VAL E 407 32.38 18.14 -10.36
CA VAL E 407 32.63 18.01 -8.93
C VAL E 407 34.04 17.52 -8.62
N GLY E 408 34.79 17.08 -9.62
CA GLY E 408 36.13 16.59 -9.39
C GLY E 408 36.34 15.20 -9.94
N ALA E 409 35.35 14.33 -9.78
CA ALA E 409 35.34 13.08 -10.54
C ALA E 409 35.03 13.34 -12.00
N ASP E 410 34.17 14.32 -12.26
CA ASP E 410 33.87 14.72 -13.64
C ASP E 410 35.09 15.32 -14.31
N LEU E 411 35.88 16.10 -13.55
CA LEU E 411 37.10 16.68 -14.11
C LEU E 411 38.13 15.60 -14.41
N ALA E 412 38.24 14.59 -13.55
CA ALA E 412 39.11 13.47 -13.84
C ALA E 412 38.64 12.72 -15.08
N ALA E 413 37.32 12.54 -15.22
CA ALA E 413 36.79 11.93 -16.44
C ALA E 413 37.13 12.76 -17.66
N LEU E 414 37.06 14.09 -17.54
CA LEU E 414 37.38 14.97 -18.65
C LEU E 414 38.84 14.83 -19.06
N CYS E 415 39.75 14.81 -18.08
CA CYS E 415 41.16 14.61 -18.39
C CYS E 415 41.40 13.26 -19.04
N SER E 416 40.76 12.21 -18.54
CA SER E 416 40.91 10.88 -19.11
C SER E 416 40.41 10.84 -20.55
N GLU E 417 39.28 11.49 -20.82
CA GLU E 417 38.73 11.50 -22.17
C GLU E 417 39.59 12.31 -23.12
N ALA E 418 40.16 13.43 -22.64
CA ALA E 418 41.08 14.20 -23.48
C ALA E 418 42.31 13.37 -23.85
N ALA E 419 42.87 12.67 -22.86
CA ALA E 419 44.03 11.82 -23.15
C ALA E 419 43.66 10.68 -24.07
N LEU E 420 42.45 10.13 -23.92
CA LEU E 420 42.02 9.05 -24.79
C LEU E 420 41.82 9.53 -26.23
N GLN E 421 41.32 10.75 -26.40
CA GLN E 421 41.26 11.34 -27.74
C GLN E 421 42.66 11.53 -28.32
N ALA E 422 43.60 12.01 -27.50
CA ALA E 422 44.98 12.14 -27.95
C ALA E 422 45.53 10.81 -28.42
N ILE E 423 45.21 9.72 -27.69
CA ILE E 423 45.65 8.40 -28.11
C ILE E 423 44.93 7.97 -29.38
N ARG E 424 43.65 8.34 -29.52
CA ARG E 424 42.90 8.01 -30.72
C ARG E 424 43.51 8.63 -31.97
N LYS E 425 44.04 9.84 -31.84
CA LYS E 425 44.60 10.52 -33.01
C LYS E 425 45.80 9.78 -33.57
N LYS E 426 46.37 8.84 -32.82
CA LYS E 426 47.49 8.03 -33.28
C LYS E 426 47.09 6.61 -33.68
N MET E 427 45.81 6.24 -33.54
CA MET E 427 45.37 4.91 -33.93
C MET E 427 45.52 4.69 -35.43
N ASP E 428 45.65 5.76 -36.20
CA ASP E 428 45.97 5.60 -37.62
C ASP E 428 47.40 5.09 -37.79
N LEU E 429 48.33 5.63 -37.00
CA LEU E 429 49.74 5.25 -37.16
C LEU E 429 50.04 3.91 -36.51
N ILE E 430 49.39 3.60 -35.39
CA ILE E 430 49.57 2.33 -34.70
C ILE E 430 48.28 1.53 -34.80
N ASP E 431 48.40 0.28 -35.24
CA ASP E 431 47.28 -0.64 -35.21
C ASP E 431 47.20 -1.35 -33.85
N LEU E 432 45.97 -1.68 -33.46
CA LEU E 432 45.78 -2.38 -32.19
C LEU E 432 46.40 -3.78 -32.23
N GLU E 433 46.36 -4.42 -33.39
CA GLU E 433 46.90 -5.78 -33.50
C GLU E 433 48.42 -5.78 -33.58
N ASP E 434 49.04 -4.59 -33.70
CA ASP E 434 50.49 -4.51 -33.72
C ASP E 434 51.06 -4.96 -32.38
N GLU E 435 52.21 -5.64 -32.43
CA GLU E 435 52.79 -6.20 -31.22
C GLU E 435 53.55 -5.14 -30.43
N THR E 436 54.09 -4.13 -31.10
CA THR E 436 54.89 -3.10 -30.46
C THR E 436 54.76 -1.79 -31.22
N ILE E 437 55.21 -0.71 -30.58
CA ILE E 437 55.05 0.65 -31.09
C ILE E 437 56.41 1.29 -31.26
N ASP E 438 56.57 2.04 -32.35
CA ASP E 438 57.77 2.83 -32.56
C ASP E 438 57.88 3.89 -31.47
N ALA E 439 59.12 4.15 -31.02
CA ALA E 439 59.34 5.11 -29.95
C ALA E 439 58.98 6.53 -30.40
N GLU E 440 59.10 6.80 -31.70
CA GLU E 440 58.75 8.13 -32.21
C GLU E 440 57.28 8.41 -32.03
N VAL E 441 56.43 7.38 -32.13
CA VAL E 441 55.00 7.57 -31.92
C VAL E 441 54.72 8.00 -30.49
N MET E 442 55.41 7.37 -29.52
CA MET E 442 55.31 7.84 -28.14
C MET E 442 55.83 9.26 -27.99
N ASN E 443 56.94 9.58 -28.65
CA ASN E 443 57.51 10.92 -28.51
C ASN E 443 56.57 11.99 -29.04
N SER E 444 55.82 11.67 -30.10
CA SER E 444 54.88 12.65 -30.66
C SER E 444 53.61 12.76 -29.83
N LEU E 445 53.32 11.75 -29.01
CA LEU E 445 52.06 11.69 -28.29
C LEU E 445 52.00 12.77 -27.21
N ALA E 446 50.92 13.56 -27.22
CA ALA E 446 50.73 14.62 -26.26
C ALA E 446 49.29 15.07 -26.30
N VAL E 447 48.80 15.61 -25.18
CA VAL E 447 47.43 16.12 -25.13
C VAL E 447 47.43 17.61 -25.46
N THR E 448 46.58 18.00 -26.40
CA THR E 448 46.49 19.37 -26.86
C THR E 448 45.16 19.98 -26.43
N MET E 449 44.98 21.26 -26.75
CA MET E 449 43.76 21.96 -26.35
C MET E 449 42.56 21.48 -27.15
N ASP E 450 42.79 21.00 -28.38
CA ASP E 450 41.70 20.45 -29.17
C ASP E 450 41.11 19.21 -28.52
N ASP E 451 41.97 18.36 -27.94
CA ASP E 451 41.48 17.19 -27.22
C ASP E 451 40.65 17.59 -26.01
N PHE E 452 41.10 18.61 -25.26
CA PHE E 452 40.32 19.08 -24.13
C PHE E 452 39.00 19.68 -24.56
N ARG E 453 38.98 20.32 -25.74
CA ARG E 453 37.74 20.89 -26.25
C ARG E 453 36.76 19.80 -26.68
N TRP E 454 37.28 18.74 -27.31
CA TRP E 454 36.45 17.56 -27.59
C TRP E 454 35.88 16.97 -26.32
N ALA E 455 36.72 16.83 -25.29
CA ALA E 455 36.26 16.31 -24.02
C ALA E 455 35.17 17.19 -23.43
N LEU E 456 35.36 18.51 -23.45
CA LEU E 456 34.35 19.44 -22.97
C LEU E 456 33.05 19.29 -23.73
N SER E 457 33.14 19.07 -25.04
CA SER E 457 31.95 18.80 -25.84
C SER E 457 31.23 17.55 -25.34
N GLN E 458 31.99 16.50 -25.03
CA GLN E 458 31.38 15.28 -24.53
C GLN E 458 31.09 15.35 -23.03
N SER E 459 31.82 16.20 -22.31
CA SER E 459 31.72 16.21 -20.85
C SER E 459 30.37 16.74 -20.39
N ASN E 460 29.81 16.07 -19.38
CA ASN E 460 28.59 16.48 -18.70
C ASN E 460 28.72 16.09 -17.24
N PRO E 461 28.10 16.84 -16.33
CA PRO E 461 28.14 16.46 -14.91
C PRO E 461 27.54 15.07 -14.70
N SER E 462 28.12 14.33 -13.76
CA SER E 462 27.64 12.98 -13.48
C SER E 462 26.25 13.01 -12.86
N ALA E 463 25.92 14.07 -12.12
CA ALA E 463 24.61 14.17 -11.49
C ALA E 463 23.51 14.23 -12.54
N LEU E 464 23.75 14.94 -13.65
CA LEU E 464 22.74 15.09 -14.70
C LEU E 464 22.93 14.00 -15.75
N ARG E 465 22.95 12.76 -15.28
CA ARG E 465 23.05 11.60 -16.16
C ARG E 465 21.71 10.93 -16.39
N GLU E 466 20.73 11.12 -15.51
CA GLU E 466 19.38 10.61 -15.69
C GLU E 466 18.44 11.62 -16.31
N THR E 467 18.69 12.92 -16.11
CA THR E 467 17.82 13.94 -16.67
C THR E 467 18.26 14.35 -18.06
N VAL E 468 19.37 13.78 -18.56
CA VAL E 468 19.89 14.19 -19.86
C VAL E 468 18.95 13.72 -20.96
N VAL E 469 18.70 14.61 -21.92
CA VAL E 469 17.88 14.31 -23.09
C VAL E 469 18.61 14.77 -24.34
N GLU E 470 18.31 14.12 -25.46
CA GLU E 470 18.85 14.56 -26.74
C GLU E 470 18.08 15.79 -27.22
N VAL E 471 18.77 16.92 -27.31
CA VAL E 471 18.16 18.18 -27.71
C VAL E 471 18.66 18.53 -29.11
N PRO E 472 17.79 18.90 -30.04
CA PRO E 472 18.25 19.30 -31.37
C PRO E 472 19.14 20.53 -31.29
N GLN E 473 20.05 20.65 -32.25
CA GLN E 473 21.02 21.75 -32.28
C GLN E 473 20.32 23.01 -32.77
N VAL E 474 19.57 23.63 -31.86
CA VAL E 474 18.92 24.89 -32.16
C VAL E 474 19.80 26.05 -31.73
N THR E 475 19.92 27.04 -32.60
CA THR E 475 20.80 28.18 -32.37
C THR E 475 19.96 29.45 -32.36
N TRP E 476 20.51 30.53 -31.82
CA TRP E 476 19.77 31.79 -31.77
C TRP E 476 19.41 32.28 -33.17
N GLU E 477 20.26 32.01 -34.16
CA GLU E 477 19.94 32.41 -35.52
C GLU E 477 18.92 31.45 -36.16
N ASP E 478 18.65 30.32 -35.50
CA ASP E 478 17.56 29.47 -35.96
C ASP E 478 16.21 30.09 -35.62
N ILE E 479 16.15 30.87 -34.53
CA ILE E 479 14.91 31.55 -34.17
C ILE E 479 14.81 32.86 -34.92
N GLY E 480 13.67 33.10 -35.54
CA GLY E 480 13.40 34.33 -36.28
C GLY E 480 12.56 35.27 -35.45
N GLY E 481 12.95 36.54 -35.45
CA GLY E 481 12.27 37.50 -34.60
C GLY E 481 12.62 37.26 -33.14
N LEU E 482 11.73 37.72 -32.27
CA LEU E 482 11.87 37.54 -30.83
C LEU E 482 13.18 38.11 -30.33
N GLU E 483 13.65 39.19 -30.97
CA GLU E 483 14.96 39.75 -30.65
C GLU E 483 15.01 40.30 -29.24
N ASP E 484 13.95 41.00 -28.82
CA ASP E 484 13.89 41.48 -27.45
C ASP E 484 13.85 40.32 -26.45
N VAL E 485 13.10 39.26 -26.78
CA VAL E 485 13.07 38.08 -25.93
C VAL E 485 14.45 37.42 -25.87
N LYS E 486 15.12 37.32 -27.02
CA LYS E 486 16.46 36.74 -27.04
C LYS E 486 17.41 37.53 -26.15
N ARG E 487 17.41 38.86 -26.29
CA ARG E 487 18.29 39.70 -25.49
C ARG E 487 17.96 39.60 -24.01
N GLU E 488 16.67 39.61 -23.67
CA GLU E 488 16.26 39.51 -22.28
C GLU E 488 16.69 38.18 -21.67
N LEU E 489 16.54 37.09 -22.43
CA LEU E 489 16.95 35.78 -21.92
C LEU E 489 18.45 35.70 -21.75
N GLN E 490 19.21 36.21 -22.74
CA GLN E 490 20.66 36.18 -22.64
C GLN E 490 21.13 36.96 -21.41
N GLU E 491 20.56 38.14 -21.19
CA GLU E 491 20.91 38.92 -20.01
C GLU E 491 20.49 38.20 -18.72
N LEU E 492 19.28 37.64 -18.70
CA LEU E 492 18.78 37.00 -17.48
C LEU E 492 19.61 35.77 -17.13
N VAL E 493 20.26 35.16 -18.11
CA VAL E 493 21.10 34.00 -17.83
C VAL E 493 22.51 34.44 -17.45
N GLN E 494 23.05 35.46 -18.13
CA GLN E 494 24.47 35.79 -17.95
C GLN E 494 24.68 36.73 -16.75
N TYR E 495 23.83 37.73 -16.59
CA TYR E 495 24.08 38.76 -15.59
C TYR E 495 24.14 38.22 -14.16
N PRO E 496 23.22 37.36 -13.69
CA PRO E 496 23.29 36.90 -12.30
C PRO E 496 24.55 36.08 -11.98
N VAL E 497 25.02 35.29 -12.95
CA VAL E 497 26.17 34.44 -12.69
C VAL E 497 27.47 35.23 -12.81
N GLU E 498 27.52 36.18 -13.75
CA GLU E 498 28.78 36.87 -14.02
C GLU E 498 29.02 38.00 -13.02
N HIS E 499 28.01 38.81 -12.73
CA HIS E 499 28.16 40.00 -11.89
C HIS E 499 27.10 40.03 -10.80
N PRO E 500 27.25 39.17 -9.78
CA PRO E 500 26.33 39.30 -8.62
C PRO E 500 26.65 40.49 -7.75
N ASP E 501 27.89 40.98 -7.81
CA ASP E 501 28.32 42.07 -6.92
C ASP E 501 27.52 43.34 -7.17
N LYS E 502 27.19 43.63 -8.43
CA LYS E 502 26.38 44.81 -8.71
C LYS E 502 24.98 44.68 -8.14
N PHE E 503 24.37 43.50 -8.28
CA PHE E 503 23.05 43.28 -7.71
C PHE E 503 23.07 43.44 -6.20
N LEU E 504 24.12 42.93 -5.55
CA LEU E 504 24.25 43.12 -4.10
C LEU E 504 24.46 44.59 -3.76
N LYS E 505 25.25 45.30 -4.57
CA LYS E 505 25.51 46.71 -4.32
C LYS E 505 24.23 47.53 -4.37
N PHE E 506 23.41 47.31 -5.39
CA PHE E 506 22.13 47.99 -5.49
C PHE E 506 21.04 47.37 -4.63
N GLY E 507 21.31 46.21 -4.03
CA GLY E 507 20.37 45.62 -3.09
C GLY E 507 19.21 44.90 -3.69
N MET E 508 19.22 44.65 -5.00
CA MET E 508 18.13 43.96 -5.69
C MET E 508 18.59 42.56 -6.08
N THR E 509 17.81 41.56 -5.69
CA THR E 509 18.13 40.19 -6.05
C THR E 509 17.72 39.92 -7.50
N PRO E 510 18.56 39.24 -8.26
CA PRO E 510 18.20 38.91 -9.64
C PRO E 510 16.99 37.99 -9.69
N SER E 511 16.18 38.17 -10.74
CA SER E 511 15.01 37.32 -10.92
C SER E 511 15.43 35.90 -11.27
N LYS E 512 14.91 34.94 -10.52
CA LYS E 512 15.25 33.54 -10.70
C LYS E 512 14.12 32.71 -11.30
N GLY E 513 13.11 33.36 -11.85
CA GLY E 513 11.99 32.63 -12.43
C GLY E 513 11.38 33.31 -13.64
N VAL E 514 11.24 32.57 -14.73
CA VAL E 514 10.67 33.08 -15.96
C VAL E 514 9.57 32.12 -16.44
N LEU E 515 8.42 32.68 -16.80
CA LEU E 515 7.35 31.92 -17.43
C LEU E 515 7.18 32.42 -18.86
N PHE E 516 7.03 31.48 -19.79
CA PHE E 516 6.71 31.79 -21.18
C PHE E 516 5.24 31.44 -21.39
N TYR E 517 4.46 32.40 -21.89
CA TYR E 517 3.07 32.14 -22.25
C TYR E 517 2.79 32.74 -23.63
N GLY E 518 1.98 32.03 -24.41
CA GLY E 518 1.64 32.49 -25.73
C GLY E 518 0.89 31.45 -26.53
N PRO E 519 0.54 31.77 -27.78
CA PRO E 519 -0.17 30.81 -28.60
C PRO E 519 0.71 29.62 -28.92
N PRO E 520 0.10 28.46 -29.18
CA PRO E 520 0.91 27.29 -29.55
C PRO E 520 1.70 27.52 -30.82
N GLY E 521 2.95 27.06 -30.81
CA GLY E 521 3.80 27.13 -31.98
C GLY E 521 4.50 28.44 -32.20
N CYS E 522 4.60 29.30 -31.19
CA CYS E 522 5.16 30.63 -31.36
C CYS E 522 6.62 30.73 -30.94
N GLY E 523 7.20 29.69 -30.38
CA GLY E 523 8.63 29.68 -30.12
C GLY E 523 9.07 29.55 -28.68
N LYS E 524 8.29 28.91 -27.81
CA LYS E 524 8.70 28.77 -26.42
C LYS E 524 9.67 27.61 -26.23
N THR E 525 9.26 26.41 -26.67
CA THR E 525 10.16 25.25 -26.61
C THR E 525 11.38 25.46 -27.50
N LEU E 526 11.22 26.17 -28.62
CA LEU E 526 12.37 26.49 -29.45
C LEU E 526 13.35 27.38 -28.70
N LEU E 527 12.83 28.36 -27.96
CA LEU E 527 13.70 29.20 -27.13
C LEU E 527 14.39 28.37 -26.06
N ALA E 528 13.69 27.40 -25.48
CA ALA E 528 14.32 26.52 -24.50
C ALA E 528 15.46 25.72 -25.12
N LYS E 529 15.24 25.21 -26.33
CA LYS E 529 16.30 24.49 -27.03
C LYS E 529 17.50 25.39 -27.30
N ALA E 530 17.25 26.63 -27.72
CA ALA E 530 18.34 27.57 -27.98
C ALA E 530 19.10 27.87 -26.69
N ILE E 531 18.38 28.01 -25.57
CA ILE E 531 19.04 28.22 -24.28
C ILE E 531 19.91 27.03 -23.92
N ALA E 532 19.39 25.82 -24.15
CA ALA E 532 20.16 24.62 -23.83
C ALA E 532 21.43 24.53 -24.67
N ASN E 533 21.33 24.85 -25.96
CA ASN E 533 22.48 24.68 -26.85
C ASN E 533 23.51 25.79 -26.66
N GLU E 534 23.07 27.02 -26.42
CA GLU E 534 23.96 28.17 -26.49
C GLU E 534 24.50 28.60 -25.13
N CYS E 535 23.66 28.71 -24.12
CA CYS E 535 24.11 29.22 -22.83
C CYS E 535 25.09 28.25 -22.17
N GLN E 536 26.09 28.82 -21.50
CA GLN E 536 27.02 28.01 -20.69
C GLN E 536 26.45 27.81 -19.29
N ALA E 537 25.33 27.10 -19.24
CA ALA E 537 24.73 26.66 -17.99
C ALA E 537 24.16 25.28 -18.20
N ASN E 538 24.20 24.46 -17.14
CA ASN E 538 23.63 23.14 -17.22
C ASN E 538 22.12 23.24 -17.42
N PHE E 539 21.57 22.39 -18.27
CA PHE E 539 20.17 22.45 -18.64
C PHE E 539 19.47 21.17 -18.19
N ILE E 540 18.40 21.31 -17.42
CA ILE E 540 17.54 20.20 -17.03
C ILE E 540 16.18 20.45 -17.65
N SER E 541 15.78 19.61 -18.59
CA SER E 541 14.48 19.67 -19.22
C SER E 541 13.66 18.48 -18.74
N ILE E 542 12.49 18.74 -18.18
CA ILE E 542 11.61 17.70 -17.68
C ILE E 542 10.23 17.88 -18.32
N LYS E 543 9.64 16.77 -18.76
CA LYS E 543 8.26 16.79 -19.20
C LYS E 543 7.34 17.02 -18.01
N GLY E 544 6.12 17.45 -18.30
CA GLY E 544 5.19 17.84 -17.26
C GLY E 544 4.91 16.74 -16.24
N PRO E 545 4.20 15.70 -16.67
CA PRO E 545 3.84 14.61 -15.75
C PRO E 545 4.94 13.59 -15.49
N GLU E 546 6.20 13.90 -15.82
CA GLU E 546 7.30 12.97 -15.57
C GLU E 546 7.46 12.67 -14.09
N LEU E 547 7.12 13.64 -13.23
CA LEU E 547 7.44 13.50 -11.80
C LEU E 547 6.38 12.70 -11.06
N LEU E 548 5.14 12.69 -11.57
CA LEU E 548 4.03 12.09 -10.85
C LEU E 548 4.17 10.58 -10.78
N THR E 549 3.91 10.03 -9.59
CA THR E 549 3.99 8.59 -9.36
C THR E 549 2.81 8.18 -8.47
N MET E 550 2.29 6.98 -8.72
CA MET E 550 1.12 6.52 -7.99
C MET E 550 1.43 6.27 -6.53
N TRP E 551 2.63 5.80 -6.23
CA TRP E 551 2.99 5.49 -4.86
C TRP E 551 3.04 6.77 -4.02
N PHE E 552 2.36 6.73 -2.88
CA PHE E 552 2.21 7.92 -2.05
C PHE E 552 3.56 8.40 -1.54
N GLY E 553 3.82 9.69 -1.67
CA GLY E 553 5.06 10.28 -1.24
C GLY E 553 6.17 10.32 -2.27
N GLU E 554 5.98 9.66 -3.42
CA GLU E 554 7.06 9.56 -4.40
C GLU E 554 7.13 10.78 -5.30
N SER E 555 5.99 11.41 -5.59
CA SER E 555 6.00 12.59 -6.46
C SER E 555 6.69 13.76 -5.79
N GLU E 556 6.44 13.96 -4.48
CA GLU E 556 7.15 14.98 -3.74
C GLU E 556 8.65 14.69 -3.71
N ALA E 557 9.02 13.42 -3.53
CA ALA E 557 10.43 13.05 -3.55
C ALA E 557 11.04 13.32 -4.92
N ASN E 558 10.27 13.11 -6.00
CA ASN E 558 10.78 13.40 -7.33
C ASN E 558 11.02 14.89 -7.52
N VAL E 559 10.10 15.73 -7.03
CA VAL E 559 10.30 17.17 -7.10
C VAL E 559 11.54 17.56 -6.29
N ARG E 560 11.69 16.98 -5.11
CA ARG E 560 12.85 17.26 -4.28
C ARG E 560 14.14 16.87 -4.99
N GLU E 561 14.16 15.69 -5.61
CA GLU E 561 15.36 15.22 -6.31
C GLU E 561 15.70 16.11 -7.48
N ILE E 562 14.70 16.50 -8.27
CA ILE E 562 14.98 17.32 -9.45
C ILE E 562 15.51 18.69 -9.03
N PHE E 563 14.92 19.26 -7.98
CA PHE E 563 15.39 20.58 -7.53
C PHE E 563 16.78 20.48 -6.89
N ASP E 564 17.05 19.39 -6.17
CA ASP E 564 18.35 19.22 -5.54
C ASP E 564 19.44 19.02 -6.58
N LYS E 565 19.16 18.25 -7.64
CA LYS E 565 20.18 18.06 -8.67
C LYS E 565 20.27 19.26 -9.60
N ALA E 566 19.24 20.13 -9.58
CA ALA E 566 19.40 21.43 -10.21
C ALA E 566 20.35 22.31 -9.40
N ARG E 567 20.22 22.28 -8.07
CA ARG E 567 21.13 23.04 -7.22
C ARG E 567 22.56 22.53 -7.34
N GLN E 568 22.74 21.21 -7.38
CA GLN E 568 24.08 20.64 -7.45
C GLN E 568 24.81 20.99 -8.74
N ALA E 569 24.08 21.35 -9.80
CA ALA E 569 24.67 21.70 -11.08
C ALA E 569 24.62 23.19 -11.36
N ALA E 570 24.35 24.02 -10.34
CA ALA E 570 24.28 25.45 -10.56
C ALA E 570 25.63 25.99 -11.03
N PRO E 571 25.64 26.91 -12.00
CA PRO E 571 24.48 27.54 -12.65
C PRO E 571 23.71 26.59 -13.57
N CYS E 572 22.43 26.40 -13.28
CA CYS E 572 21.61 25.44 -14.00
C CYS E 572 20.29 26.09 -14.39
N VAL E 573 19.75 25.66 -15.52
CA VAL E 573 18.44 26.09 -16.00
C VAL E 573 17.50 24.91 -15.88
N LEU E 574 16.40 25.11 -15.17
CA LEU E 574 15.40 24.07 -14.94
C LEU E 574 14.14 24.43 -15.71
N PHE E 575 13.92 23.77 -16.84
CA PHE E 575 12.86 24.13 -17.78
C PHE E 575 11.65 23.23 -17.56
N PHE E 576 10.48 23.85 -17.41
CA PHE E 576 9.23 23.14 -17.21
C PHE E 576 8.36 23.33 -18.45
N ASP E 577 8.54 22.41 -19.41
CA ASP E 577 7.67 22.39 -20.57
C ASP E 577 6.27 21.95 -20.16
N GLN E 578 5.26 22.64 -20.69
CA GLN E 578 3.87 22.43 -20.30
C GLN E 578 3.71 22.51 -18.78
N LEU E 579 3.97 23.70 -18.26
CA LEU E 579 3.97 23.91 -16.81
C LEU E 579 2.60 23.63 -16.20
N ASP E 580 1.52 23.82 -16.96
CA ASP E 580 0.18 23.72 -16.38
C ASP E 580 -0.14 22.30 -15.94
N SER E 581 0.52 21.31 -16.53
CA SER E 581 0.40 19.95 -16.01
C SER E 581 1.05 19.83 -14.65
N ILE E 582 2.25 20.41 -14.51
CA ILE E 582 2.97 20.37 -13.25
C ILE E 582 2.28 21.26 -12.22
N ALA E 583 1.89 22.47 -12.64
CA ALA E 583 1.32 23.47 -11.74
C ALA E 583 -0.04 23.89 -12.27
N LYS E 584 -1.10 23.32 -11.73
CA LYS E 584 -2.46 23.71 -12.06
C LYS E 584 -3.09 24.36 -10.84
N ALA E 585 -4.18 25.09 -11.08
CA ALA E 585 -4.82 25.86 -10.03
C ALA E 585 -5.33 24.96 -8.91
N ARG E 586 -4.90 25.25 -7.68
CA ARG E 586 -5.34 24.50 -6.52
C ARG E 586 -6.82 24.76 -6.25
N GLY E 587 -7.52 23.72 -5.81
CA GLY E 587 -8.95 23.81 -5.55
C GLY E 587 -9.83 23.64 -6.77
N GLY E 588 -9.28 23.85 -7.98
CA GLY E 588 -10.07 23.63 -9.18
C GLY E 588 -10.46 22.18 -9.37
N ASN E 589 -9.55 21.26 -9.06
CA ASN E 589 -9.81 19.83 -9.10
C ASN E 589 -9.55 19.15 -7.76
N ILE E 590 -9.69 19.87 -6.65
CA ILE E 590 -9.40 19.30 -5.34
C ILE E 590 -10.38 18.17 -5.02
N GLY E 591 -11.67 18.39 -5.28
CA GLY E 591 -12.66 17.39 -4.93
C GLY E 591 -12.48 16.08 -5.68
N ASP E 592 -12.13 16.15 -6.96
CA ASP E 592 -11.93 14.98 -7.79
C ASP E 592 -10.47 14.54 -7.71
N GLY E 593 -10.24 13.39 -7.09
CA GLY E 593 -8.89 12.87 -6.95
C GLY E 593 -8.47 12.70 -5.51
N GLY E 594 -7.26 12.15 -5.35
CA GLY E 594 -6.75 11.89 -4.02
C GLY E 594 -6.14 13.10 -3.36
N GLY E 595 -5.78 14.11 -4.16
CA GLY E 595 -5.12 15.29 -3.65
C GLY E 595 -3.61 15.29 -3.80
N ALA E 596 -3.06 14.41 -4.64
CA ALA E 596 -1.61 14.34 -4.78
C ALA E 596 -1.05 15.52 -5.58
N ALA E 597 -1.84 16.04 -6.54
CA ALA E 597 -1.38 17.18 -7.32
C ALA E 597 -1.19 18.42 -6.45
N ASP E 598 -2.06 18.59 -5.46
CA ASP E 598 -1.92 19.71 -4.54
C ASP E 598 -0.64 19.58 -3.71
N ARG E 599 -0.33 18.36 -3.25
CA ARG E 599 0.92 18.15 -2.56
C ARG E 599 2.12 18.42 -3.46
N VAL E 600 2.01 18.03 -4.73
CA VAL E 600 3.09 18.26 -5.69
C VAL E 600 3.33 19.76 -5.86
N ILE E 601 2.26 20.53 -6.05
CA ILE E 601 2.44 21.96 -6.27
C ILE E 601 2.92 22.65 -4.99
N ASN E 602 2.47 22.17 -3.82
CA ASN E 602 2.99 22.74 -2.57
C ASN E 602 4.48 22.46 -2.42
N GLN E 603 4.92 21.26 -2.77
CA GLN E 603 6.35 20.95 -2.73
C GLN E 603 7.12 21.84 -3.70
N ILE E 604 6.56 22.07 -4.89
CA ILE E 604 7.22 22.92 -5.87
C ILE E 604 7.34 24.35 -5.34
N LEU E 605 6.28 24.86 -4.71
CA LEU E 605 6.35 26.19 -4.12
C LEU E 605 7.41 26.25 -3.03
N THR E 606 7.49 25.21 -2.22
CA THR E 606 8.51 25.15 -1.17
C THR E 606 9.91 25.17 -1.75
N GLU E 607 10.12 24.45 -2.86
CA GLU E 607 11.45 24.45 -3.48
C GLU E 607 11.79 25.78 -4.12
N MET E 608 10.80 26.43 -4.76
CA MET E 608 11.05 27.75 -5.31
C MET E 608 11.40 28.76 -4.22
N ASP E 609 10.73 28.68 -3.07
CA ASP E 609 11.05 29.57 -1.96
C ASP E 609 12.37 29.20 -1.29
N GLY E 610 12.76 27.93 -1.33
CA GLY E 610 13.89 27.49 -0.53
C GLY E 610 15.23 27.91 -1.11
N MET E 611 15.28 28.19 -2.41
CA MET E 611 16.54 28.54 -3.04
C MET E 611 17.06 29.88 -2.55
N SER E 612 18.33 29.90 -2.15
CA SER E 612 19.04 31.14 -1.95
C SER E 612 19.46 31.73 -3.30
N THR E 613 19.73 33.03 -3.30
CA THR E 613 20.12 33.70 -4.53
C THR E 613 21.53 33.28 -4.96
N LYS E 614 22.35 32.85 -4.00
CA LYS E 614 23.74 32.49 -4.31
C LYS E 614 23.80 31.31 -5.28
N LYS E 615 22.89 30.36 -5.16
CA LYS E 615 22.76 29.31 -6.15
C LYS E 615 22.06 29.87 -7.38
N ASN E 616 22.67 29.68 -8.55
CA ASN E 616 22.16 30.28 -9.79
C ASN E 616 21.33 29.25 -10.55
N VAL E 617 20.17 28.94 -9.99
CA VAL E 617 19.24 27.99 -10.60
C VAL E 617 18.09 28.76 -11.23
N PHE E 618 18.20 29.02 -12.53
CA PHE E 618 17.13 29.71 -13.24
C PHE E 618 16.01 28.74 -13.58
N ILE E 619 14.77 29.13 -13.27
CA ILE E 619 13.61 28.29 -13.49
C ILE E 619 12.78 28.92 -14.61
N ILE E 620 12.60 28.18 -15.70
CA ILE E 620 11.86 28.64 -16.86
C ILE E 620 10.66 27.73 -17.05
N GLY E 621 9.48 28.32 -17.11
CA GLY E 621 8.25 27.58 -17.36
C GLY E 621 7.65 27.98 -18.69
N ALA E 622 7.07 27.01 -19.38
CA ALA E 622 6.42 27.25 -20.66
C ALA E 622 5.02 26.68 -20.62
N THR E 623 4.05 27.46 -21.10
CA THR E 623 2.67 27.01 -21.19
C THR E 623 1.93 27.83 -22.23
N ASN E 624 1.02 27.19 -22.94
CA ASN E 624 0.11 27.88 -23.84
C ASN E 624 -1.27 28.08 -23.22
N ARG E 625 -1.41 27.80 -21.92
CA ARG E 625 -2.64 28.00 -21.17
C ARG E 625 -2.31 28.71 -19.85
N PRO E 626 -1.87 29.96 -19.91
CA PRO E 626 -1.55 30.67 -18.67
C PRO E 626 -2.77 30.89 -17.77
N ASP E 627 -3.97 30.87 -18.36
CA ASP E 627 -5.18 31.12 -17.57
C ASP E 627 -5.42 30.02 -16.54
N ILE E 628 -4.89 28.81 -16.77
CA ILE E 628 -5.05 27.74 -15.80
C ILE E 628 -3.81 27.50 -14.96
N ILE E 629 -2.80 28.36 -15.07
CA ILE E 629 -1.67 28.28 -14.16
C ILE E 629 -2.11 28.70 -12.77
N ASP E 630 -1.57 28.03 -11.75
CA ASP E 630 -1.91 28.38 -10.37
C ASP E 630 -1.47 29.82 -10.09
N PRO E 631 -2.33 30.63 -9.48
CA PRO E 631 -1.95 32.04 -9.24
C PRO E 631 -0.75 32.19 -8.31
N ALA E 632 -0.52 31.21 -7.43
CA ALA E 632 0.59 31.30 -6.49
C ALA E 632 1.93 31.24 -7.21
N ILE E 633 2.01 30.46 -8.29
CA ILE E 633 3.27 30.27 -9.01
C ILE E 633 3.79 31.60 -9.54
N LEU E 634 2.89 32.50 -9.93
CA LEU E 634 3.30 33.77 -10.52
C LEU E 634 3.57 34.85 -9.48
N ARG E 635 3.40 34.56 -8.20
CA ARG E 635 3.60 35.57 -7.17
C ARG E 635 5.07 35.98 -7.08
N PRO E 636 5.36 37.18 -6.58
CA PRO E 636 6.74 37.66 -6.56
C PRO E 636 7.66 36.72 -5.79
N GLY E 637 8.88 36.57 -6.30
CA GLY E 637 9.86 35.68 -5.74
C GLY E 637 9.92 34.33 -6.43
N ARG E 638 8.86 33.94 -7.12
CA ARG E 638 8.82 32.68 -7.86
C ARG E 638 8.20 32.96 -9.22
N LEU E 639 8.89 32.54 -10.29
CA LEU E 639 8.51 32.87 -11.66
C LEU E 639 8.12 34.35 -11.81
N ASP E 640 9.02 35.23 -11.39
CA ASP E 640 8.73 36.66 -11.40
C ASP E 640 8.49 37.17 -12.82
N GLN E 641 9.41 36.91 -13.73
CA GLN E 641 9.36 37.49 -15.06
C GLN E 641 8.42 36.68 -15.96
N LEU E 642 7.35 37.31 -16.41
CA LEU E 642 6.35 36.69 -17.26
C LEU E 642 6.51 37.26 -18.66
N ILE E 643 6.77 36.40 -19.63
CA ILE E 643 7.10 36.80 -20.99
C ILE E 643 6.04 36.27 -21.94
N TYR E 644 5.47 37.19 -22.73
CA TYR E 644 4.44 36.86 -23.71
C TYR E 644 5.11 36.64 -25.06
N ILE E 645 5.18 35.38 -25.48
CA ILE E 645 5.68 35.04 -26.81
C ILE E 645 4.50 35.14 -27.76
N PRO E 646 4.40 36.23 -28.53
CA PRO E 646 3.17 36.53 -29.25
C PRO E 646 3.12 35.87 -30.62
N LEU E 647 2.00 36.07 -31.29
CA LEU E 647 1.88 35.67 -32.68
C LEU E 647 2.74 36.59 -33.53
N PRO E 648 3.63 36.06 -34.36
CA PRO E 648 4.64 36.91 -35.02
C PRO E 648 4.00 37.91 -35.99
N ASP E 649 4.63 39.08 -36.09
CA ASP E 649 4.19 40.09 -37.04
C ASP E 649 5.00 39.96 -38.34
N GLU E 650 4.80 40.94 -39.24
CA GLU E 650 5.30 40.80 -40.61
C GLU E 650 6.82 40.69 -40.65
N LYS E 651 7.53 41.56 -39.94
CA LYS E 651 8.99 41.47 -39.90
C LYS E 651 9.45 40.17 -39.24
N SER E 652 8.80 39.79 -38.15
CA SER E 652 9.12 38.52 -37.51
C SER E 652 8.82 37.35 -38.43
N ARG E 653 7.79 37.47 -39.27
CA ARG E 653 7.48 36.39 -40.20
C ARG E 653 8.54 36.30 -41.30
N VAL E 654 9.05 37.45 -41.77
CA VAL E 654 10.18 37.42 -42.70
C VAL E 654 11.37 36.74 -42.05
N ALA E 655 11.65 37.07 -40.79
CA ALA E 655 12.77 36.45 -40.10
C ALA E 655 12.57 34.95 -39.95
N ILE E 656 11.35 34.52 -39.63
CA ILE E 656 11.07 33.08 -39.49
C ILE E 656 11.24 32.37 -40.82
N LEU E 657 10.72 32.94 -41.89
CA LEU E 657 10.83 32.31 -43.21
C LEU E 657 12.29 32.21 -43.65
N LYS E 658 13.10 33.23 -43.33
CA LYS E 658 14.52 33.15 -43.66
C LYS E 658 15.23 32.12 -42.79
N ALA E 659 14.88 32.04 -41.51
CA ALA E 659 15.53 31.10 -40.61
C ALA E 659 15.22 29.66 -41.00
N ASN E 660 13.98 29.38 -41.39
CA ASN E 660 13.62 28.03 -41.79
C ASN E 660 14.33 27.63 -43.09
N LEU E 661 14.36 28.54 -44.06
CA LEU E 661 14.95 28.29 -45.37
C LEU E 661 16.44 28.61 -45.41
N ARG E 662 17.08 28.77 -44.25
CA ARG E 662 18.49 29.16 -44.22
C ARG E 662 19.37 28.09 -44.84
N LYS E 663 19.07 26.81 -44.57
CA LYS E 663 19.87 25.70 -45.07
C LYS E 663 19.27 25.05 -46.30
N SER E 664 18.26 25.66 -46.91
CA SER E 664 17.54 25.05 -48.01
C SER E 664 17.86 25.76 -49.32
N PRO E 665 17.96 25.02 -50.44
CA PRO E 665 18.15 25.68 -51.74
C PRO E 665 16.83 26.25 -52.24
N VAL E 666 16.71 27.57 -52.21
CA VAL E 666 15.49 28.26 -52.59
C VAL E 666 15.77 29.14 -53.79
N ALA E 667 14.87 29.10 -54.77
CA ALA E 667 15.04 29.91 -55.97
C ALA E 667 15.01 31.39 -55.63
N LYS E 668 15.76 32.18 -56.41
CA LYS E 668 15.90 33.61 -56.11
C LYS E 668 14.57 34.34 -56.31
N ASP E 669 13.78 33.94 -57.29
CA ASP E 669 12.54 34.65 -57.59
C ASP E 669 11.49 34.41 -56.52
N VAL E 670 11.72 33.43 -55.63
CA VAL E 670 10.78 33.19 -54.53
C VAL E 670 10.83 34.36 -53.56
N ASP E 671 9.73 35.08 -53.47
CA ASP E 671 9.65 36.32 -52.69
C ASP E 671 9.11 35.97 -51.31
N LEU E 672 9.97 36.07 -50.29
CA LEU E 672 9.55 35.78 -48.93
C LEU E 672 8.73 36.92 -48.33
N GLU E 673 8.96 38.15 -48.80
CA GLU E 673 8.24 39.30 -48.26
C GLU E 673 6.74 39.18 -48.54
N PHE E 674 6.38 38.75 -49.75
CA PHE E 674 4.96 38.58 -50.07
C PHE E 674 4.35 37.44 -49.26
N LEU E 675 5.11 36.37 -49.03
CA LEU E 675 4.63 35.29 -48.17
C LEU E 675 4.37 35.78 -46.76
N ALA E 676 5.24 36.64 -46.24
CA ALA E 676 5.00 37.24 -44.92
C ALA E 676 3.77 38.13 -44.94
N LYS E 677 3.59 38.88 -46.04
CA LYS E 677 2.43 39.76 -46.15
C LYS E 677 1.12 38.97 -46.13
N MET E 678 1.08 37.85 -46.85
CA MET E 678 -0.19 37.15 -47.03
C MET E 678 -0.55 36.29 -45.83
N THR E 679 0.44 35.88 -45.04
CA THR E 679 0.21 35.02 -43.88
C THR E 679 0.06 35.86 -42.60
N ASN E 680 -1.02 36.64 -42.55
CA ASN E 680 -1.17 37.63 -41.49
C ASN E 680 -1.28 36.96 -40.11
N GLY E 681 -2.20 36.01 -39.97
CA GLY E 681 -2.44 35.36 -38.70
C GLY E 681 -1.61 34.13 -38.44
N PHE E 682 -0.67 33.80 -39.31
CA PHE E 682 0.08 32.56 -39.20
C PHE E 682 1.10 32.65 -38.06
N SER E 683 1.34 31.51 -37.41
CA SER E 683 2.39 31.41 -36.41
C SER E 683 3.67 30.86 -37.03
N GLY E 684 4.71 30.73 -36.21
CA GLY E 684 5.96 30.17 -36.69
C GLY E 684 5.80 28.74 -37.16
N ALA E 685 4.98 27.95 -36.45
CA ALA E 685 4.72 26.59 -36.86
C ALA E 685 4.00 26.54 -38.21
N ASP E 686 3.11 27.49 -38.45
CA ASP E 686 2.42 27.54 -39.74
C ASP E 686 3.38 27.81 -40.88
N LEU E 687 4.30 28.75 -40.70
CA LEU E 687 5.28 29.05 -41.74
C LEU E 687 6.22 27.87 -41.95
N THR E 688 6.62 27.20 -40.87
CA THR E 688 7.42 25.98 -41.01
C THR E 688 6.67 24.91 -41.78
N GLU E 689 5.36 24.78 -41.52
CA GLU E 689 4.56 23.81 -42.26
C GLU E 689 4.47 24.18 -43.74
N ILE E 690 4.37 25.47 -44.05
CA ILE E 690 4.37 25.90 -45.45
C ILE E 690 5.67 25.51 -46.14
N CYS E 691 6.80 25.78 -45.48
CA CYS E 691 8.08 25.43 -46.07
C CYS E 691 8.24 23.92 -46.22
N GLN E 692 7.78 23.15 -45.23
CA GLN E 692 7.84 21.69 -45.31
C GLN E 692 6.97 21.16 -46.44
N ARG E 693 5.79 21.74 -46.62
CA ARG E 693 4.91 21.31 -47.71
C ARG E 693 5.54 21.62 -49.06
N ALA E 694 6.17 22.79 -49.20
CA ALA E 694 6.89 23.10 -50.43
C ALA E 694 8.03 22.12 -50.67
N CYS E 695 8.76 21.76 -49.62
CA CYS E 695 9.83 20.79 -49.74
C CYS E 695 9.30 19.44 -50.19
N LYS E 696 8.17 19.01 -49.63
CA LYS E 696 7.61 17.72 -50.02
C LYS E 696 7.10 17.74 -51.45
N LEU E 697 6.55 18.88 -51.89
CA LEU E 697 6.14 18.98 -53.29
C LEU E 697 7.34 18.89 -54.22
N ALA E 698 8.44 19.55 -53.85
CA ALA E 698 9.66 19.45 -54.66
C ALA E 698 10.19 18.02 -54.69
N ILE E 699 10.14 17.33 -53.55
CA ILE E 699 10.60 15.95 -53.49
C ILE E 699 9.72 15.06 -54.35
N ARG E 700 8.41 15.28 -54.32
CA ARG E 700 7.50 14.51 -55.16
C ARG E 700 7.81 14.72 -56.64
N GLU E 701 8.05 15.97 -57.02
CA GLU E 701 8.40 16.26 -58.41
C GLU E 701 9.70 15.55 -58.82
N SER E 702 10.71 15.60 -57.95
CA SER E 702 11.97 14.95 -58.27
C SER E 702 11.83 13.44 -58.37
N ILE E 703 11.05 12.84 -57.45
CA ILE E 703 10.83 11.39 -57.48
C ILE E 703 10.11 10.99 -58.76
N GLU E 704 9.08 11.74 -59.14
CA GLU E 704 8.35 11.43 -60.36
C GLU E 704 9.23 11.60 -61.59
N SER E 705 10.10 12.62 -61.59
CA SER E 705 11.03 12.79 -62.70
C SER E 705 12.00 11.63 -62.80
N GLU E 706 12.52 11.15 -61.67
CA GLU E 706 13.41 10.00 -61.70
C GLU E 706 12.69 8.75 -62.18
N ILE E 707 11.44 8.56 -61.75
CA ILE E 707 10.65 7.43 -62.22
C ILE E 707 10.43 7.51 -63.72
N ARG E 708 10.12 8.70 -64.23
CA ARG E 708 9.91 8.88 -65.66
C ARG E 708 11.19 8.61 -66.45
N ARG E 709 12.34 9.03 -65.92
CA ARG E 709 13.60 8.78 -66.62
C ARG E 709 13.94 7.29 -66.63
N GLU E 710 13.67 6.60 -65.52
CA GLU E 710 13.85 5.15 -65.51
C GLU E 710 12.91 4.47 -66.49
N ARG E 711 11.67 4.95 -66.59
CA ARG E 711 10.72 4.38 -67.53
C ARG E 711 11.17 4.57 -68.97
N GLU E 712 11.63 5.77 -69.32
CA GLU E 712 12.04 6.02 -70.69
C GLU E 712 13.33 5.27 -71.03
N ARG E 713 14.21 5.09 -70.05
CA ARG E 713 15.41 4.29 -70.28
C ARG E 713 15.05 2.82 -70.46
N GLN E 714 14.13 2.31 -69.66
CA GLN E 714 13.72 0.91 -69.74
C GLN E 714 12.50 0.75 -70.65
N PRO E 727 17.17 18.14 -62.81
CA PRO E 727 15.76 17.86 -62.57
C PRO E 727 15.09 18.94 -61.72
N VAL E 728 15.25 18.84 -60.40
CA VAL E 728 14.71 19.82 -59.48
C VAL E 728 15.85 20.32 -58.60
N PRO E 729 16.68 21.25 -59.09
CA PRO E 729 17.82 21.71 -58.29
C PRO E 729 17.41 22.39 -56.99
N GLU E 730 16.25 23.03 -56.96
CA GLU E 730 15.85 23.81 -55.79
C GLU E 730 14.34 23.99 -55.80
N ILE E 731 13.82 24.49 -54.68
CA ILE E 731 12.39 24.78 -54.57
C ILE E 731 12.07 26.01 -55.41
N ARG E 732 10.91 25.99 -56.06
CA ARG E 732 10.52 27.02 -57.02
C ARG E 732 9.29 27.77 -56.52
N ARG E 733 8.89 28.79 -57.28
CA ARG E 733 7.73 29.60 -56.92
C ARG E 733 6.44 28.79 -56.99
N ASP E 734 6.33 27.90 -57.98
CA ASP E 734 5.12 27.11 -58.10
C ASP E 734 4.95 26.16 -56.92
N HIS E 735 6.06 25.66 -56.38
CA HIS E 735 5.98 24.80 -55.20
C HIS E 735 5.39 25.55 -54.01
N PHE E 736 5.87 26.77 -53.75
CA PHE E 736 5.32 27.55 -52.65
C PHE E 736 3.89 27.96 -52.92
N GLU E 737 3.56 28.26 -54.18
CA GLU E 737 2.18 28.60 -54.53
C GLU E 737 1.24 27.44 -54.24
N GLU E 738 1.65 26.21 -54.60
CA GLU E 738 0.84 25.05 -54.31
C GLU E 738 0.76 24.78 -52.81
N ALA E 739 1.87 25.00 -52.09
CA ALA E 739 1.88 24.74 -50.66
C ALA E 739 1.03 25.76 -49.89
N MET E 740 0.86 26.96 -50.45
CA MET E 740 0.15 28.01 -49.73
C MET E 740 -1.34 27.75 -49.69
N ARG E 741 -1.89 27.07 -50.70
CA ARG E 741 -3.32 26.80 -50.71
C ARG E 741 -3.70 25.76 -49.66
N PHE E 742 -2.75 24.90 -49.29
CA PHE E 742 -2.99 23.96 -48.19
C PHE E 742 -2.80 24.65 -46.85
N ALA E 743 -2.13 25.80 -46.83
CA ALA E 743 -1.78 26.47 -45.59
C ALA E 743 -3.03 26.93 -44.84
N ARG E 744 -2.97 26.88 -43.53
CA ARG E 744 -4.06 27.30 -42.66
C ARG E 744 -3.49 28.05 -41.47
N ARG E 745 -4.31 28.93 -40.89
CA ARG E 745 -3.94 29.65 -39.69
C ARG E 745 -4.33 28.82 -38.48
N SER E 746 -3.33 28.42 -37.69
CA SER E 746 -3.58 27.46 -36.61
C SER E 746 -4.25 28.12 -35.41
N VAL E 747 -3.91 29.37 -35.12
CA VAL E 747 -4.40 30.06 -33.93
C VAL E 747 -5.51 31.01 -34.33
N SER E 748 -6.68 30.86 -33.72
CA SER E 748 -7.82 31.70 -34.03
C SER E 748 -7.74 33.02 -33.27
N ASP E 749 -8.65 33.93 -33.63
CA ASP E 749 -8.68 35.24 -32.96
C ASP E 749 -9.12 35.11 -31.51
N ASN E 750 -10.06 34.20 -31.22
CA ASN E 750 -10.50 34.00 -29.85
C ASN E 750 -9.37 33.50 -28.97
N ASP E 751 -8.53 32.60 -29.50
CA ASP E 751 -7.37 32.14 -28.76
C ASP E 751 -6.45 33.30 -28.40
N ILE E 752 -6.17 34.18 -29.38
CA ILE E 752 -5.36 35.36 -29.11
C ILE E 752 -5.99 36.23 -28.05
N ARG E 753 -7.32 36.41 -28.13
CA ARG E 753 -8.03 37.21 -27.14
C ARG E 753 -7.87 36.61 -25.75
N LYS E 754 -7.77 35.29 -25.65
CA LYS E 754 -7.57 34.67 -24.34
C LYS E 754 -6.27 35.15 -23.69
N TYR E 755 -5.17 35.14 -24.44
CA TYR E 755 -3.91 35.63 -23.88
C TYR E 755 -3.95 37.13 -23.65
N GLU E 756 -4.72 37.86 -24.48
CA GLU E 756 -4.88 39.29 -24.23
C GLU E 756 -5.58 39.55 -22.91
N MET E 757 -6.63 38.79 -22.61
CA MET E 757 -7.31 38.93 -21.32
C MET E 757 -6.40 38.51 -20.17
N PHE E 758 -5.60 37.46 -20.36
CA PHE E 758 -4.67 37.08 -19.31
C PHE E 758 -3.66 38.19 -19.04
N ALA E 759 -3.13 38.81 -20.10
CA ALA E 759 -2.17 39.89 -19.93
C ALA E 759 -2.82 41.10 -19.27
N GLN E 760 -4.05 41.43 -19.66
CA GLN E 760 -4.74 42.56 -19.04
C GLN E 760 -4.98 42.32 -17.56
N THR E 761 -5.46 41.12 -17.20
CA THR E 761 -5.69 40.80 -15.80
C THR E 761 -4.39 40.82 -15.01
N LEU E 762 -3.31 40.30 -15.60
CA LEU E 762 -2.03 40.29 -14.92
C LEU E 762 -1.50 41.70 -14.69
N GLN E 763 -1.63 42.57 -15.69
CA GLN E 763 -1.22 43.96 -15.52
C GLN E 763 -2.07 44.65 -14.46
N GLN E 764 -3.37 44.36 -14.43
CA GLN E 764 -4.24 44.94 -13.41
C GLN E 764 -3.81 44.48 -12.02
N SER E 765 -3.46 43.20 -11.88
CA SER E 765 -3.00 42.69 -10.59
C SER E 765 -1.69 43.34 -10.16
N ARG E 766 -0.78 43.54 -11.10
CA ARG E 766 0.51 44.17 -10.82
C ARG E 766 0.37 45.69 -10.79
N ASN F 21 19.19 25.69 57.04
CA ASN F 21 19.79 26.39 58.16
C ASN F 21 19.89 25.49 59.39
N ARG F 22 21.04 24.83 59.54
CA ARG F 22 21.29 23.96 60.66
C ARG F 22 22.62 24.32 61.33
N PRO F 23 22.73 24.12 62.64
CA PRO F 23 24.01 24.43 63.31
C PRO F 23 25.18 23.62 62.76
N ASN F 24 24.92 22.38 62.32
CA ASN F 24 25.98 21.57 61.73
C ASN F 24 26.45 22.17 60.42
N ARG F 25 25.52 22.65 59.59
CA ARG F 25 25.89 23.26 58.31
C ARG F 25 26.53 24.63 58.56
N LEU F 26 27.75 24.80 58.07
CA LEU F 26 28.48 26.06 58.24
C LEU F 26 29.30 26.37 56.99
N ILE F 27 29.61 27.65 56.79
CA ILE F 27 30.16 28.13 55.54
C ILE F 27 31.65 27.77 55.45
N VAL F 28 32.18 27.81 54.23
CA VAL F 28 33.60 27.56 53.97
C VAL F 28 34.41 28.80 54.33
N ASP F 29 35.68 28.61 54.68
CA ASP F 29 36.67 29.68 54.64
C ASP F 29 38.06 29.07 54.65
N GLU F 30 38.96 29.66 53.87
CA GLU F 30 40.35 29.23 53.90
C GLU F 30 40.96 29.53 55.26
N ALA F 31 41.74 28.57 55.77
CA ALA F 31 42.35 28.72 57.08
C ALA F 31 43.42 29.81 57.07
N ILE F 32 43.44 30.61 58.14
CA ILE F 32 44.42 31.70 58.23
C ILE F 32 45.82 31.13 58.42
N ASN F 33 45.99 30.18 59.35
CA ASN F 33 47.28 29.54 59.52
C ASN F 33 47.18 28.05 59.86
N GLU F 34 46.00 27.45 59.77
CA GLU F 34 45.83 26.06 60.19
C GLU F 34 46.52 25.11 59.21
N ASP F 35 47.05 24.02 59.76
CA ASP F 35 47.78 23.04 58.98
C ASP F 35 46.82 22.06 58.30
N ASN F 36 47.39 20.95 57.82
CA ASN F 36 46.67 20.06 56.92
C ASN F 36 45.39 19.51 57.56
N SER F 37 45.44 19.12 58.83
CA SER F 37 44.31 18.43 59.44
C SER F 37 43.84 19.07 60.75
N VAL F 38 43.86 20.39 60.86
CA VAL F 38 43.18 21.09 61.95
C VAL F 38 42.34 22.21 61.36
N VAL F 39 41.34 22.64 62.12
CA VAL F 39 40.49 23.77 61.76
C VAL F 39 40.31 24.63 63.01
N SER F 40 39.68 25.79 62.81
CA SER F 40 39.35 26.70 63.91
C SER F 40 38.02 27.37 63.62
N LEU F 41 37.22 27.52 64.67
CA LEU F 41 35.91 28.14 64.56
C LEU F 41 35.75 29.21 65.64
N SER F 42 34.65 29.94 65.54
CA SER F 42 34.38 31.03 66.46
C SER F 42 34.02 30.50 67.85
N GLN F 43 34.39 31.27 68.87
CA GLN F 43 33.94 30.97 70.23
C GLN F 43 32.43 30.89 70.36
N PRO F 44 31.62 31.78 69.77
CA PRO F 44 30.17 31.60 69.84
C PRO F 44 29.70 30.26 69.29
N LYS F 45 30.29 29.79 68.19
CA LYS F 45 29.88 28.51 67.63
C LYS F 45 30.30 27.35 68.52
N MET F 46 31.52 27.42 69.07
CA MET F 46 31.97 26.41 70.02
C MET F 46 31.03 26.35 71.23
N ASP F 47 30.48 27.49 71.64
CA ASP F 47 29.45 27.46 72.66
C ASP F 47 28.16 26.85 72.12
N GLU F 48 27.86 27.09 70.85
CA GLU F 48 26.58 26.67 70.28
C GLU F 48 26.56 25.16 70.02
N LEU F 49 27.71 24.58 69.68
CA LEU F 49 27.80 23.16 69.36
C LEU F 49 28.35 22.32 70.51
N GLN F 50 28.43 22.89 71.72
CA GLN F 50 28.99 22.19 72.88
C GLN F 50 30.41 21.70 72.61
N LEU F 51 31.20 22.52 71.91
CA LEU F 51 32.57 22.18 71.57
C LEU F 51 33.53 23.15 72.25
N PHE F 52 34.82 22.91 72.04
CA PHE F 52 35.87 23.68 72.68
C PHE F 52 37.15 23.53 71.87
N ARG F 53 38.26 23.98 72.45
CA ARG F 53 39.53 23.96 71.74
C ARG F 53 40.04 22.53 71.57
N GLY F 54 40.39 22.18 70.33
CA GLY F 54 40.99 20.90 70.05
C GLY F 54 40.05 19.73 69.92
N ASP F 55 38.74 19.96 69.84
CA ASP F 55 37.79 18.86 69.75
C ASP F 55 37.79 18.28 68.33
N THR F 56 37.38 17.02 68.21
CA THR F 56 37.35 16.34 66.92
C THR F 56 35.94 16.39 66.36
N VAL F 57 35.80 16.84 65.11
CA VAL F 57 34.50 16.98 64.48
C VAL F 57 34.57 16.46 63.04
N LEU F 58 33.52 15.75 62.64
CA LEU F 58 33.44 15.16 61.31
C LEU F 58 32.77 16.12 60.34
N LEU F 59 33.33 16.23 59.14
CA LEU F 59 32.89 17.18 58.13
C LEU F 59 32.34 16.40 56.94
N LYS F 60 31.14 16.79 56.49
CA LYS F 60 30.49 16.18 55.34
C LYS F 60 30.31 17.23 54.25
N GLY F 61 30.69 16.88 53.02
CA GLY F 61 30.58 17.79 51.90
C GLY F 61 29.95 17.09 50.71
N LYS F 62 29.56 17.91 49.73
CA LYS F 62 28.85 17.41 48.56
C LYS F 62 29.72 16.42 47.79
N LYS F 63 29.08 15.70 46.87
CA LYS F 63 29.70 14.58 46.15
C LYS F 63 30.16 13.50 47.11
N ARG F 64 29.44 13.37 48.25
CA ARG F 64 29.67 12.32 49.23
C ARG F 64 31.11 12.35 49.76
N ARG F 65 31.55 13.53 50.19
CA ARG F 65 32.91 13.71 50.65
C ARG F 65 32.98 13.75 52.17
N GLU F 66 33.97 13.06 52.72
CA GLU F 66 34.11 12.86 54.15
C GLU F 66 35.44 13.43 54.63
N ALA F 67 35.45 13.99 55.84
CA ALA F 67 36.68 14.40 56.50
C ALA F 67 36.43 14.44 58.01
N VAL F 68 37.51 14.55 58.78
CA VAL F 68 37.44 14.82 60.21
C VAL F 68 38.57 15.79 60.55
N CYS F 69 38.28 16.75 61.43
CA CYS F 69 39.25 17.81 61.73
C CYS F 69 39.23 18.17 63.21
N ILE F 70 40.36 18.70 63.67
CA ILE F 70 40.47 19.26 65.01
C ILE F 70 40.09 20.74 64.97
N VAL F 71 39.20 21.13 65.88
CA VAL F 71 38.62 22.47 65.90
C VAL F 71 38.94 23.12 67.24
N LEU F 72 39.22 24.42 67.21
CA LEU F 72 39.52 25.21 68.40
C LEU F 72 38.73 26.52 68.36
N SER F 73 38.53 27.10 69.54
CA SER F 73 37.76 28.34 69.68
C SER F 73 38.64 29.51 69.28
N ASP F 74 38.42 30.04 68.07
CA ASP F 74 39.16 31.18 67.56
C ASP F 74 38.19 32.32 67.31
N ASP F 75 38.33 33.40 68.06
CA ASP F 75 37.38 34.51 67.98
C ASP F 75 37.40 35.18 66.60
N THR F 76 38.58 35.23 65.97
CA THR F 76 38.69 35.90 64.68
C THR F 76 37.90 35.16 63.60
N CYS F 77 37.65 33.87 63.80
CA CYS F 77 36.88 33.10 62.82
C CYS F 77 35.43 33.55 62.81
N SER F 78 34.81 33.51 61.64
CA SER F 78 33.40 33.83 61.52
C SER F 78 32.55 32.73 62.16
N ASP F 79 31.39 33.14 62.68
CA ASP F 79 30.49 32.18 63.30
C ASP F 79 29.99 31.16 62.28
N GLU F 80 29.69 31.62 61.06
CA GLU F 80 29.14 30.73 60.05
C GLU F 80 30.23 29.96 59.32
N LYS F 81 31.49 30.38 59.47
CA LYS F 81 32.55 29.84 58.64
C LYS F 81 33.45 28.88 59.42
N ILE F 82 34.04 27.94 58.68
CA ILE F 82 35.11 27.08 59.18
C ILE F 82 36.41 27.54 58.56
N ARG F 83 37.42 27.80 59.40
CA ARG F 83 38.77 28.11 58.94
C ARG F 83 39.49 26.81 58.58
N MET F 84 39.10 26.24 57.45
CA MET F 84 39.76 25.04 56.98
C MET F 84 40.62 25.36 55.76
N ASN F 85 41.84 24.83 55.76
CA ASN F 85 42.79 25.19 54.73
C ASN F 85 42.37 24.59 53.38
N ARG F 86 43.07 25.04 52.33
CA ARG F 86 42.79 24.54 50.99
C ARG F 86 42.87 23.03 50.93
N VAL F 87 43.75 22.44 51.75
CA VAL F 87 43.85 20.99 51.85
C VAL F 87 42.52 20.38 52.26
N VAL F 88 41.92 20.87 53.33
CA VAL F 88 40.68 20.27 53.81
C VAL F 88 39.53 20.59 52.86
N ARG F 89 39.60 21.74 52.18
CA ARG F 89 38.62 22.02 51.13
C ARG F 89 38.68 20.96 50.04
N ASN F 90 39.88 20.60 49.59
CA ASN F 90 40.01 19.55 48.59
C ASN F 90 39.57 18.20 49.15
N ASN F 91 39.79 17.98 50.45
CA ASN F 91 39.28 16.76 51.09
C ASN F 91 37.76 16.68 51.00
N LEU F 92 37.07 17.77 51.33
CA LEU F 92 35.63 17.84 51.17
C LEU F 92 35.21 18.16 49.74
N ARG F 93 36.16 18.51 48.87
CA ARG F 93 35.89 18.81 47.47
C ARG F 93 34.83 19.90 47.36
N VAL F 94 34.99 20.94 48.18
CA VAL F 94 34.01 22.02 48.28
C VAL F 94 34.73 23.34 48.05
N ARG F 95 34.04 24.28 47.40
CA ARG F 95 34.59 25.61 47.15
C ARG F 95 34.02 26.60 48.15
N LEU F 96 34.69 27.74 48.28
CA LEU F 96 34.26 28.78 49.21
C LEU F 96 32.84 29.22 48.93
N GLY F 97 32.03 29.32 49.97
CA GLY F 97 30.65 29.76 49.87
C GLY F 97 29.60 28.72 50.13
N ASP F 98 29.94 27.43 50.12
CA ASP F 98 28.96 26.39 50.37
C ASP F 98 28.92 26.05 51.86
N VAL F 99 28.22 24.97 52.18
CA VAL F 99 27.96 24.56 53.56
C VAL F 99 28.53 23.16 53.78
N ILE F 100 29.15 22.95 54.94
CA ILE F 100 29.68 21.66 55.37
C ILE F 100 28.97 21.26 56.65
N SER F 101 28.62 19.98 56.75
CA SER F 101 27.99 19.41 57.95
C SER F 101 29.09 19.02 58.93
N ILE F 102 29.08 19.70 60.09
CA ILE F 102 30.10 19.43 61.09
C ILE F 102 29.44 18.87 62.36
N GLN F 103 29.99 17.77 62.86
CA GLN F 103 29.48 17.13 64.07
C GLN F 103 30.62 16.34 64.71
N PRO F 104 30.56 16.12 66.03
CA PRO F 104 31.69 15.47 66.70
C PRO F 104 31.95 14.06 66.17
N CYS F 105 33.22 13.69 66.16
CA CYS F 105 33.61 12.38 65.64
C CYS F 105 33.21 11.29 66.61
N PRO F 106 32.43 10.29 66.17
CA PRO F 106 31.97 9.24 67.08
C PRO F 106 32.89 8.03 67.15
N ASP F 107 33.30 7.68 68.37
CA ASP F 107 33.95 6.40 68.66
C ASP F 107 35.10 6.09 67.69
N VAL F 108 36.00 7.05 67.54
CA VAL F 108 37.13 6.85 66.63
C VAL F 108 38.23 6.08 67.35
N LYS F 109 38.78 5.07 66.66
CA LYS F 109 39.90 4.28 67.17
C LYS F 109 41.01 4.30 66.13
N TYR F 110 42.25 4.16 66.61
CA TYR F 110 43.40 4.19 65.70
C TYR F 110 43.36 3.00 64.75
N GLY F 111 43.63 3.28 63.48
CA GLY F 111 43.74 2.23 62.49
C GLY F 111 44.97 1.38 62.69
N LYS F 112 45.00 0.24 62.02
CA LYS F 112 46.10 -0.70 62.18
C LYS F 112 46.88 -0.99 60.91
N ARG F 113 46.21 -1.20 59.78
CA ARG F 113 46.90 -1.54 58.53
C ARG F 113 46.54 -0.47 57.50
N ILE F 114 47.46 0.47 57.28
CA ILE F 114 47.26 1.53 56.31
C ILE F 114 48.45 1.54 55.34
N HIS F 115 48.17 1.49 54.05
CA HIS F 115 49.18 1.75 53.04
C HIS F 115 48.60 2.77 52.06
N VAL F 116 49.42 3.78 51.74
CA VAL F 116 48.99 4.92 50.95
C VAL F 116 50.00 5.13 49.83
N LEU F 117 49.62 5.95 48.87
CA LEU F 117 50.50 6.30 47.77
C LEU F 117 50.41 7.81 47.51
N PRO F 118 51.53 8.51 47.39
CA PRO F 118 51.47 9.89 46.90
C PRO F 118 51.38 9.88 45.38
N ILE F 119 50.55 10.79 44.85
CA ILE F 119 50.21 10.73 43.44
C ILE F 119 51.45 10.99 42.58
N ASP F 120 51.46 10.41 41.38
CA ASP F 120 52.67 10.38 40.57
C ASP F 120 53.13 11.78 40.18
N ASP F 121 52.19 12.68 39.84
CA ASP F 121 52.57 14.02 39.41
C ASP F 121 53.25 14.79 40.53
N THR F 122 52.99 14.41 41.79
CA THR F 122 53.54 15.16 42.91
C THR F 122 54.90 14.62 43.34
N VAL F 123 55.31 13.46 42.82
CA VAL F 123 56.48 12.77 43.33
C VAL F 123 57.55 12.52 42.27
N GLU F 124 57.66 13.38 41.27
CA GLU F 124 58.83 13.33 40.40
C GLU F 124 60.02 13.96 41.11
N GLY F 125 61.12 13.21 41.16
CA GLY F 125 62.30 13.65 41.88
C GLY F 125 62.43 13.10 43.29
N ILE F 126 61.61 12.13 43.66
CA ILE F 126 61.67 11.49 44.98
C ILE F 126 62.03 10.03 44.77
N THR F 127 63.15 9.60 45.38
CA THR F 127 63.63 8.24 45.25
C THR F 127 63.74 7.51 46.58
N GLY F 128 63.59 8.22 47.71
CA GLY F 128 63.65 7.58 49.00
C GLY F 128 62.34 6.95 49.40
N ASN F 129 62.30 6.50 50.66
CA ASN F 129 61.09 5.89 51.19
C ASN F 129 59.97 6.93 51.25
N LEU F 130 58.77 6.52 50.85
CA LEU F 130 57.66 7.46 50.72
C LEU F 130 57.23 8.01 52.08
N PHE F 131 57.06 7.13 53.07
CA PHE F 131 56.57 7.61 54.37
C PHE F 131 57.72 7.92 55.32
N GLU F 132 58.82 7.17 55.24
CA GLU F 132 59.92 7.37 56.17
C GLU F 132 60.53 8.75 56.01
N VAL F 133 60.70 9.22 54.78
CA VAL F 133 61.23 10.56 54.56
C VAL F 133 60.20 11.61 54.95
N TYR F 134 58.93 11.39 54.60
CA TYR F 134 57.90 12.40 54.82
C TYR F 134 57.08 12.12 56.08
N LEU F 135 56.41 10.97 56.12
CA LEU F 135 55.37 10.76 57.12
C LEU F 135 55.96 10.40 58.48
N LYS F 136 57.06 9.65 58.49
CA LYS F 136 57.63 9.20 59.77
C LYS F 136 58.02 10.36 60.68
N PRO F 137 58.77 11.39 60.23
CA PRO F 137 59.11 12.49 61.15
C PRO F 137 57.96 13.46 61.38
N TYR F 138 57.18 13.74 60.32
CA TYR F 138 56.25 14.86 60.37
C TYR F 138 54.85 14.45 60.81
N PHE F 139 54.33 13.36 60.25
CA PHE F 139 52.91 13.03 60.40
C PHE F 139 52.70 11.80 61.27
N LEU F 140 53.76 11.17 61.75
CA LEU F 140 53.66 10.13 62.77
C LEU F 140 53.62 10.79 64.14
N GLU F 141 52.84 10.20 65.05
CA GLU F 141 52.54 10.75 66.37
C GLU F 141 51.73 12.04 66.25
N ALA F 142 51.29 12.39 65.03
CA ALA F 142 50.60 13.66 64.83
C ALA F 142 49.19 13.61 65.39
N TYR F 143 48.55 12.43 65.34
CA TYR F 143 47.18 12.24 65.84
C TYR F 143 46.22 13.24 65.20
N ARG F 144 46.29 13.34 63.87
CA ARG F 144 45.48 14.28 63.11
C ARG F 144 44.40 13.55 62.35
N PRO F 145 43.13 13.93 62.53
CA PRO F 145 42.03 13.16 61.94
C PRO F 145 42.02 13.25 60.43
N ILE F 146 41.88 12.08 59.78
CA ILE F 146 41.87 12.00 58.33
C ILE F 146 40.76 11.05 57.88
N ARG F 147 40.68 10.84 56.57
CA ARG F 147 39.73 9.92 55.97
C ARG F 147 40.38 9.35 54.71
N LYS F 148 39.97 8.13 54.34
CA LYS F 148 40.62 7.44 53.25
C LYS F 148 40.42 8.19 51.93
N GLY F 149 41.54 8.62 51.33
CA GLY F 149 41.49 9.37 50.10
C GLY F 149 41.51 10.88 50.26
N ASP F 150 41.90 11.39 51.43
CA ASP F 150 42.01 12.83 51.60
C ASP F 150 43.12 13.39 50.72
N ILE F 151 42.83 14.53 50.08
CA ILE F 151 43.84 15.23 49.27
C ILE F 151 44.55 16.17 50.23
N PHE F 152 45.53 15.61 50.95
CA PHE F 152 46.17 16.32 52.05
C PHE F 152 47.67 16.36 51.86
N LEU F 153 48.28 17.51 52.16
CA LEU F 153 49.69 17.73 51.92
C LEU F 153 50.53 17.21 53.08
N VAL F 154 51.78 16.86 52.79
CA VAL F 154 52.73 16.37 53.78
C VAL F 154 54.04 17.09 53.56
N ARG F 155 54.57 17.71 54.62
CA ARG F 155 55.83 18.44 54.56
C ARG F 155 56.99 17.49 54.83
N GLY F 156 57.91 17.39 53.88
CA GLY F 156 59.10 16.60 54.06
C GLY F 156 59.99 16.66 52.84
N GLY F 157 61.22 16.19 53.01
CA GLY F 157 62.15 16.11 51.90
C GLY F 157 62.45 17.48 51.32
N MET F 158 62.65 17.52 50.00
CA MET F 158 62.90 18.79 49.32
C MET F 158 61.69 19.70 49.39
N ARG F 159 60.50 19.15 49.20
CA ARG F 159 59.28 19.95 49.17
C ARG F 159 58.08 19.05 49.47
N ALA F 160 56.99 19.69 49.86
CA ALA F 160 55.81 18.97 50.33
C ALA F 160 55.09 18.28 49.18
N VAL F 161 54.39 17.19 49.50
CA VAL F 161 53.72 16.35 48.51
C VAL F 161 52.32 16.01 49.00
N GLU F 162 51.34 16.06 48.10
CA GLU F 162 49.97 15.70 48.42
C GLU F 162 49.88 14.17 48.49
N PHE F 163 49.83 13.66 49.71
CA PHE F 163 49.61 12.22 49.90
C PHE F 163 48.12 11.90 49.83
N LYS F 164 47.81 10.72 49.32
CA LYS F 164 46.43 10.25 49.24
C LYS F 164 46.29 8.96 50.03
N VAL F 165 45.32 8.92 50.94
CA VAL F 165 45.09 7.78 51.81
C VAL F 165 44.27 6.74 51.06
N VAL F 166 44.94 5.78 50.42
CA VAL F 166 44.24 4.90 49.48
C VAL F 166 43.74 3.63 50.18
N GLU F 167 44.56 3.02 51.03
CA GLU F 167 44.15 1.80 51.71
C GLU F 167 44.31 1.95 53.21
N THR F 168 43.22 1.71 53.94
CA THR F 168 43.22 1.85 55.39
C THR F 168 42.27 0.83 56.01
N ASP F 169 42.72 0.23 57.10
CA ASP F 169 41.93 -0.71 57.88
C ASP F 169 42.20 -0.45 59.35
N PRO F 170 41.15 -0.19 60.15
CA PRO F 170 39.75 -0.08 59.71
C PRO F 170 39.41 1.22 58.99
N SER F 171 38.37 1.16 58.16
CA SER F 171 37.88 2.31 57.40
C SER F 171 36.59 2.81 58.04
N PRO F 172 36.10 4.02 57.68
CA PRO F 172 36.66 5.02 56.77
C PRO F 172 37.71 5.94 57.40
N TYR F 173 37.50 6.30 58.66
CA TYR F 173 38.30 7.31 59.33
C TYR F 173 38.89 6.74 60.62
N CYS F 174 40.18 6.98 60.83
CA CYS F 174 40.88 6.61 62.05
C CYS F 174 41.96 7.63 62.34
N ILE F 175 42.18 7.92 63.63
CA ILE F 175 43.21 8.87 63.99
C ILE F 175 44.59 8.23 63.76
N VAL F 176 45.46 8.96 63.06
CA VAL F 176 46.77 8.42 62.72
C VAL F 176 47.62 8.30 63.98
N ALA F 177 48.28 7.15 64.11
CA ALA F 177 48.93 6.74 65.33
C ALA F 177 50.04 5.76 64.97
N PRO F 178 50.93 5.43 65.92
CA PRO F 178 51.85 4.32 65.64
C PRO F 178 51.14 2.99 65.44
N ASP F 179 49.88 2.89 65.88
CA ASP F 179 49.04 1.79 65.42
C ASP F 179 48.80 1.86 63.92
N THR F 180 48.57 3.06 63.39
CA THR F 180 48.38 3.26 61.96
C THR F 180 49.74 3.18 61.29
N VAL F 181 50.20 1.96 61.05
CA VAL F 181 51.52 1.72 60.48
C VAL F 181 51.43 1.97 58.97
N ILE F 182 52.06 3.04 58.51
CA ILE F 182 52.04 3.41 57.10
C ILE F 182 53.18 2.71 56.37
N HIS F 183 52.86 1.67 55.60
CA HIS F 183 53.87 1.03 54.78
C HIS F 183 53.99 1.73 53.44
N CYS F 184 55.22 1.86 52.95
CA CYS F 184 55.46 2.45 51.63
C CYS F 184 55.11 1.50 50.49
N GLU F 185 54.57 0.33 50.81
CA GLU F 185 54.12 -0.59 49.77
C GLU F 185 53.02 0.04 48.92
N GLY F 186 53.08 -0.20 47.64
CA GLY F 186 52.23 0.51 46.69
C GLY F 186 53.02 1.55 45.93
N GLU F 187 52.49 1.93 44.77
CA GLU F 187 53.18 2.84 43.87
C GLU F 187 52.26 4.01 43.53
N PRO F 188 52.84 5.14 43.15
CA PRO F 188 52.03 6.31 42.77
C PRO F 188 51.06 5.99 41.64
N ILE F 189 49.85 6.53 41.73
CA ILE F 189 48.82 6.31 40.74
C ILE F 189 48.75 7.54 39.84
N LYS F 190 48.10 7.38 38.68
CA LYS F 190 47.94 8.49 37.75
C LYS F 190 47.07 9.59 38.37
N ARG F 191 47.52 10.84 38.23
CA ARG F 191 46.74 11.96 38.71
C ARG F 191 45.53 12.23 37.83
N GLU F 192 45.64 11.92 36.53
CA GLU F 192 44.55 12.16 35.61
C GLU F 192 43.25 11.53 36.11
N ASP F 193 43.36 10.36 36.76
CA ASP F 193 42.18 9.78 37.42
C ASP F 193 41.69 10.67 38.55
N GLU F 194 42.61 11.34 39.24
CA GLU F 194 42.19 12.25 40.32
C GLU F 194 41.42 13.45 39.78
N GLU F 195 41.90 14.05 38.69
CA GLU F 195 41.12 15.15 38.11
C GLU F 195 39.82 14.64 37.48
N GLU F 196 39.82 13.42 36.97
CA GLU F 196 38.59 12.84 36.46
C GLU F 196 37.55 12.69 37.57
N SER F 197 37.98 12.24 38.74
CA SER F 197 37.07 12.18 39.89
C SER F 197 36.66 13.59 40.32
N LEU F 198 37.58 14.54 40.23
CA LEU F 198 37.25 15.93 40.53
C LEU F 198 36.13 16.44 39.63
N ASN F 199 36.20 16.18 38.33
CA ASN F 199 35.24 16.69 37.37
C ASN F 199 33.98 15.85 37.29
N GLU F 200 33.71 15.02 38.29
CA GLU F 200 32.44 14.32 38.35
C GLU F 200 31.32 15.33 38.56
N VAL F 201 30.20 15.10 37.86
CA VAL F 201 29.13 16.09 37.83
C VAL F 201 28.45 16.20 39.19
N GLY F 202 28.24 17.44 39.64
CA GLY F 202 27.41 17.71 40.78
C GLY F 202 26.34 18.72 40.42
N TYR F 203 25.46 19.00 41.38
CA TYR F 203 24.39 19.97 41.13
C TYR F 203 24.92 21.35 40.76
N ASP F 204 26.12 21.70 41.23
CA ASP F 204 26.69 23.00 40.86
C ASP F 204 27.11 23.02 39.39
N ASP F 205 27.23 21.84 38.76
CA ASP F 205 27.59 21.80 37.34
C ASP F 205 26.40 22.11 36.46
N ILE F 206 25.18 21.76 36.89
CA ILE F 206 23.99 22.06 36.11
C ILE F 206 23.60 23.51 36.30
N GLY F 207 23.39 24.21 35.18
CA GLY F 207 22.96 25.59 35.24
C GLY F 207 21.66 25.81 34.48
N GLY F 208 20.80 26.68 35.00
CA GLY F 208 19.55 26.99 34.37
C GLY F 208 18.41 26.03 34.67
N CYS F 209 18.65 25.02 35.49
CA CYS F 209 17.62 24.05 35.86
C CYS F 209 17.44 23.93 37.36
N ARG F 210 17.60 25.04 38.10
CA ARG F 210 17.44 25.00 39.54
C ARG F 210 16.01 24.63 39.94
N LYS F 211 15.03 25.10 39.18
CA LYS F 211 13.65 24.70 39.45
C LYS F 211 13.46 23.21 39.22
N GLN F 212 13.97 22.70 38.10
CA GLN F 212 13.88 21.27 37.82
C GLN F 212 14.69 20.46 38.83
N LEU F 213 15.86 20.97 39.24
CA LEU F 213 16.64 20.29 40.26
C LEU F 213 15.88 20.21 41.58
N ALA F 214 15.23 21.31 41.98
CA ALA F 214 14.43 21.31 43.19
C ALA F 214 13.27 20.33 43.09
N GLN F 215 12.60 20.29 41.93
CA GLN F 215 11.52 19.32 41.74
C GLN F 215 12.04 17.89 41.87
N ILE F 216 13.19 17.60 41.25
CA ILE F 216 13.76 16.26 41.31
C ILE F 216 14.09 15.89 42.76
N LYS F 217 14.64 16.85 43.52
CA LYS F 217 14.91 16.60 44.93
C LYS F 217 13.61 16.31 45.69
N GLU F 218 12.55 17.07 45.39
CA GLU F 218 11.28 16.89 46.09
C GLU F 218 10.67 15.52 45.79
N MET F 219 10.69 15.11 44.52
CA MET F 219 9.91 13.95 44.10
C MET F 219 10.75 12.69 43.92
N VAL F 220 12.05 12.73 44.21
CA VAL F 220 12.89 11.55 44.13
C VAL F 220 13.62 11.33 45.45
N GLU F 221 14.38 12.33 45.89
CA GLU F 221 15.26 12.15 47.05
C GLU F 221 14.48 12.24 48.35
N LEU F 222 13.44 13.06 48.40
CA LEU F 222 12.59 13.14 49.59
C LEU F 222 11.93 11.81 49.92
N PRO F 223 11.34 11.08 48.96
CA PRO F 223 10.81 9.74 49.30
C PRO F 223 11.88 8.79 49.81
N LEU F 224 13.14 9.00 49.43
CA LEU F 224 14.20 8.07 49.83
C LEU F 224 14.72 8.39 51.23
N ARG F 225 15.04 9.65 51.49
CA ARG F 225 15.65 10.01 52.77
C ARG F 225 14.64 9.98 53.91
N HIS F 226 13.40 10.42 53.66
CA HIS F 226 12.35 10.45 54.67
C HIS F 226 11.09 9.80 54.13
N PRO F 227 11.07 8.47 54.01
CA PRO F 227 9.81 7.79 53.68
C PRO F 227 8.77 7.91 54.79
N ALA F 228 9.19 8.23 56.01
CA ALA F 228 8.26 8.32 57.13
C ALA F 228 7.23 9.42 56.91
N LEU F 229 7.61 10.48 56.20
CA LEU F 229 6.64 11.54 55.88
C LEU F 229 5.50 11.00 55.03
N PHE F 230 5.82 10.18 54.03
CA PHE F 230 4.77 9.62 53.18
C PHE F 230 4.00 8.53 53.90
N LYS F 231 4.67 7.77 54.78
CA LYS F 231 3.98 6.74 55.55
C LYS F 231 2.98 7.36 56.52
N GLU F 232 3.35 8.46 57.17
CA GLU F 232 2.46 9.11 58.13
C GLU F 232 1.21 9.64 57.44
N ILE F 233 1.38 10.32 56.30
CA ILE F 233 0.25 10.83 55.54
C ILE F 233 -0.40 9.74 54.68
N GLY F 234 0.23 8.57 54.57
CA GLY F 234 -0.38 7.44 53.88
C GLY F 234 -0.56 7.61 52.39
N VAL F 235 0.46 8.14 51.70
CA VAL F 235 0.46 8.20 50.25
C VAL F 235 1.74 7.54 49.75
N LYS F 236 1.62 6.73 48.70
CA LYS F 236 2.77 6.07 48.11
C LYS F 236 3.52 7.04 47.21
N PRO F 237 4.84 7.17 47.37
CA PRO F 237 5.57 8.16 46.58
C PRO F 237 5.63 7.74 45.12
N PRO F 238 5.95 8.67 44.23
CA PRO F 238 6.10 8.30 42.81
C PRO F 238 7.22 7.28 42.62
N ARG F 239 7.01 6.37 41.68
CA ARG F 239 8.05 5.39 41.38
C ARG F 239 8.71 5.66 40.04
N GLY F 240 7.98 6.25 39.10
CA GLY F 240 8.52 6.54 37.79
C GLY F 240 8.54 8.02 37.47
N ILE F 241 9.72 8.55 37.18
CA ILE F 241 9.91 9.95 36.84
C ILE F 241 10.47 10.04 35.43
N LEU F 242 9.85 10.87 34.60
CA LEU F 242 10.24 10.96 33.19
C LEU F 242 10.78 12.35 32.90
N LEU F 243 12.09 12.44 32.66
CA LEU F 243 12.73 13.69 32.28
C LEU F 243 12.63 13.86 30.77
N TYR F 244 11.96 14.93 30.33
CA TYR F 244 11.75 15.15 28.91
C TYR F 244 12.18 16.57 28.54
N GLY F 245 12.84 16.70 27.39
CA GLY F 245 13.25 17.98 26.88
C GLY F 245 13.93 17.84 25.53
N PRO F 246 14.19 18.95 24.86
CA PRO F 246 14.92 18.91 23.59
C PRO F 246 16.34 18.39 23.81
N PRO F 247 16.98 17.87 22.77
CA PRO F 247 18.33 17.32 22.94
C PRO F 247 19.32 18.37 23.43
N GLY F 248 20.23 17.94 24.30
CA GLY F 248 21.27 18.81 24.83
C GLY F 248 20.88 19.66 26.02
N THR F 249 19.73 19.38 26.66
CA THR F 249 19.33 20.18 27.82
C THR F 249 20.14 19.81 29.05
N GLY F 250 20.62 18.57 29.14
CA GLY F 250 21.44 18.17 30.27
C GLY F 250 20.80 17.11 31.13
N LYS F 251 19.92 16.30 30.54
CA LYS F 251 19.23 15.26 31.31
C LYS F 251 20.22 14.23 31.85
N THR F 252 21.16 13.78 31.01
CA THR F 252 22.16 12.83 31.50
C THR F 252 23.15 13.51 32.43
N LEU F 253 23.34 14.82 32.28
CA LEU F 253 24.13 15.57 33.26
C LEU F 253 23.47 15.55 34.63
N ILE F 254 22.14 15.74 34.66
CA ILE F 254 21.39 15.64 35.90
C ILE F 254 21.50 14.23 36.46
N ALA F 255 21.45 13.22 35.59
CA ALA F 255 21.62 11.84 36.05
C ALA F 255 22.98 11.62 36.68
N ARG F 256 24.03 12.16 36.06
CA ARG F 256 25.38 12.02 36.61
C ARG F 256 25.50 12.72 37.96
N ALA F 257 24.93 13.91 38.08
CA ALA F 257 24.97 14.62 39.36
C ALA F 257 24.24 13.83 40.45
N VAL F 258 23.06 13.31 40.12
CA VAL F 258 22.29 12.53 41.08
C VAL F 258 23.05 11.28 41.49
N ALA F 259 23.69 10.63 40.52
CA ALA F 259 24.52 9.47 40.84
C ALA F 259 25.66 9.84 41.76
N ASN F 260 26.27 11.01 41.53
CA ASN F 260 27.48 11.37 42.27
C ASN F 260 27.18 11.75 43.72
N GLU F 261 26.15 12.57 43.95
CA GLU F 261 26.01 13.18 45.27
C GLU F 261 25.04 12.43 46.18
N THR F 262 24.48 11.30 45.74
CA THR F 262 23.48 10.58 46.52
C THR F 262 24.08 9.27 47.03
N GLY F 263 23.96 9.03 48.34
CA GLY F 263 24.42 7.77 48.90
C GLY F 263 23.57 6.59 48.49
N ALA F 264 22.43 6.86 47.84
CA ALA F 264 21.58 5.79 47.32
C ALA F 264 22.34 4.97 46.30
N PHE F 265 22.03 3.68 46.25
CA PHE F 265 22.64 2.81 45.25
C PHE F 265 22.10 3.16 43.87
N PHE F 266 22.97 3.70 43.02
CA PHE F 266 22.59 4.22 41.72
C PHE F 266 22.97 3.21 40.65
N PHE F 267 22.01 2.85 39.80
CA PHE F 267 22.25 1.95 38.69
C PHE F 267 21.83 2.66 37.41
N LEU F 268 22.77 2.79 36.48
CA LEU F 268 22.51 3.46 35.21
C LEU F 268 22.23 2.42 34.13
N ILE F 269 21.19 2.66 33.34
CA ILE F 269 20.83 1.83 32.21
C ILE F 269 20.84 2.72 30.98
N ASN F 270 21.57 2.30 29.95
CA ASN F 270 21.62 3.03 28.69
C ASN F 270 20.80 2.29 27.65
N GLY F 271 19.92 3.02 26.96
CA GLY F 271 19.11 2.43 25.91
C GLY F 271 19.90 1.80 24.78
N PRO F 272 20.88 2.50 24.20
CA PRO F 272 21.75 1.82 23.22
C PRO F 272 22.48 0.62 23.78
N GLU F 273 22.89 0.67 25.05
CA GLU F 273 23.57 -0.48 25.65
C GLU F 273 22.65 -1.68 25.71
N ILE F 274 21.41 -1.48 26.16
CA ILE F 274 20.48 -2.59 26.31
C ILE F 274 20.06 -3.12 24.95
N MET F 275 19.80 -2.22 24.00
CA MET F 275 19.28 -2.65 22.69
C MET F 275 20.41 -3.21 21.83
N SER F 276 21.66 -2.95 22.19
CA SER F 276 22.77 -3.52 21.43
C SER F 276 22.96 -4.99 21.74
N LYS F 277 22.61 -5.41 22.95
CA LYS F 277 22.78 -6.80 23.36
C LYS F 277 21.84 -7.70 22.57
N LEU F 278 22.22 -8.96 22.44
CA LEU F 278 21.39 -9.94 21.75
C LEU F 278 20.09 -10.18 22.53
N ALA F 279 19.17 -10.89 21.89
CA ALA F 279 17.92 -11.24 22.57
C ALA F 279 18.20 -12.16 23.75
N GLY F 280 17.57 -11.84 24.88
CA GLY F 280 17.81 -12.60 26.11
C GLY F 280 18.82 -11.98 27.04
N GLU F 281 19.90 -11.42 26.49
CA GLU F 281 20.88 -10.71 27.32
C GLU F 281 20.37 -9.33 27.72
N SER F 282 19.53 -8.72 26.88
CA SER F 282 18.94 -7.42 27.25
C SER F 282 17.95 -7.58 28.40
N GLU F 283 17.06 -8.56 28.30
CA GLU F 283 16.13 -8.82 29.39
C GLU F 283 16.87 -9.30 30.64
N SER F 284 17.98 -10.02 30.46
CA SER F 284 18.82 -10.41 31.59
C SER F 284 19.43 -9.18 32.25
N ASN F 285 19.89 -8.21 31.46
CA ASN F 285 20.44 -6.99 32.04
C ASN F 285 19.38 -6.21 32.80
N LEU F 286 18.18 -6.11 32.24
CA LEU F 286 17.10 -5.44 32.97
C LEU F 286 16.77 -6.19 34.26
N ARG F 287 16.73 -7.52 34.21
CA ARG F 287 16.44 -8.30 35.40
C ARG F 287 17.49 -8.08 36.48
N LYS F 288 18.77 -8.13 36.12
CA LYS F 288 19.82 -7.90 37.12
C LYS F 288 19.75 -6.48 37.67
N ALA F 289 19.56 -5.49 36.79
CA ALA F 289 19.46 -4.10 37.23
C ALA F 289 18.37 -3.98 38.29
N PHE F 290 17.18 -4.49 37.98
CA PHE F 290 16.10 -4.39 38.95
C PHE F 290 16.38 -5.22 40.21
N GLU F 291 17.02 -6.38 40.07
CA GLU F 291 17.19 -7.28 41.21
C GLU F 291 18.17 -6.71 42.24
N GLU F 292 19.38 -6.32 41.81
CA GLU F 292 20.24 -5.57 42.73
C GLU F 292 19.70 -4.16 42.99
N ALA F 293 18.60 -3.78 42.35
CA ALA F 293 17.86 -2.61 42.85
C ALA F 293 17.04 -2.95 44.09
N GLU F 294 16.22 -4.00 44.04
CA GLU F 294 15.45 -4.29 45.26
C GLU F 294 16.34 -4.78 46.39
N LYS F 295 17.51 -5.35 46.07
CA LYS F 295 18.37 -5.86 47.12
C LYS F 295 18.79 -4.76 48.08
N ASN F 296 18.88 -3.53 47.60
CA ASN F 296 19.21 -2.38 48.44
C ASN F 296 17.98 -1.50 48.56
N ALA F 297 17.54 -1.28 49.80
CA ALA F 297 16.31 -0.53 50.02
C ALA F 297 16.33 0.89 49.45
N PRO F 298 17.36 1.70 49.65
CA PRO F 298 17.34 3.05 49.06
C PRO F 298 17.86 3.14 47.64
N ALA F 299 17.97 2.02 46.93
CA ALA F 299 18.56 2.02 45.60
C ALA F 299 17.71 2.81 44.61
N ILE F 300 18.33 3.18 43.49
CA ILE F 300 17.70 4.00 42.47
C ILE F 300 18.18 3.55 41.10
N ILE F 301 17.27 3.59 40.13
CA ILE F 301 17.54 3.21 38.74
C ILE F 301 17.32 4.42 37.86
N PHE F 302 18.22 4.67 36.91
CA PHE F 302 18.02 5.71 35.91
C PHE F 302 18.15 5.11 34.52
N ILE F 303 17.14 5.31 33.70
CA ILE F 303 17.08 4.78 32.34
C ILE F 303 17.27 5.95 31.39
N ASP F 304 18.49 6.10 30.87
CA ASP F 304 18.76 7.10 29.84
C ASP F 304 18.39 6.54 28.47
N GLU F 305 17.84 7.41 27.62
CA GLU F 305 17.34 7.02 26.32
C GLU F 305 16.25 5.96 26.45
N LEU F 306 15.16 6.34 27.12
CA LEU F 306 14.06 5.41 27.34
C LEU F 306 13.42 4.97 26.02
N ASP F 307 13.33 5.89 25.06
CA ASP F 307 12.69 5.57 23.79
C ASP F 307 13.41 4.45 23.05
N ALA F 308 14.70 4.25 23.36
CA ALA F 308 15.46 3.19 22.71
C ALA F 308 14.95 1.82 23.13
N ILE F 309 14.79 1.59 24.43
CA ILE F 309 14.35 0.28 24.90
C ILE F 309 12.83 0.22 24.97
N ALA F 310 12.16 1.38 24.90
CA ALA F 310 10.71 1.45 25.03
C ALA F 310 10.11 2.24 23.86
N PRO F 311 10.09 1.66 22.66
CA PRO F 311 9.33 2.27 21.58
C PRO F 311 7.85 1.96 21.71
N LYS F 312 7.04 2.76 21.02
CA LYS F 312 5.60 2.53 21.04
C LYS F 312 5.26 1.24 20.31
N ARG F 313 4.53 0.35 21.00
CA ARG F 313 4.20 -0.95 20.44
C ARG F 313 3.27 -0.82 19.23
N GLU F 314 2.55 0.29 19.12
CA GLU F 314 1.69 0.50 17.95
C GLU F 314 2.53 0.60 16.68
N LYS F 315 3.66 1.30 16.74
CA LYS F 315 4.56 1.46 15.60
C LYS F 315 5.93 0.90 15.97
N THR F 316 6.10 -0.40 15.76
CA THR F 316 7.39 -1.07 15.95
C THR F 316 7.39 -2.32 15.08
N HIS F 317 8.57 -2.69 14.59
CA HIS F 317 8.70 -3.75 13.60
C HIS F 317 9.50 -4.96 14.10
N GLY F 318 9.70 -5.09 15.40
CA GLY F 318 10.46 -6.21 15.92
C GLY F 318 9.85 -6.87 17.14
N GLU F 319 10.00 -8.20 17.23
CA GLU F 319 9.47 -8.92 18.38
C GLU F 319 10.25 -8.56 19.65
N VAL F 320 11.57 -8.42 19.54
CA VAL F 320 12.40 -8.24 20.72
C VAL F 320 12.12 -6.90 21.41
N GLU F 321 11.82 -5.86 20.62
CA GLU F 321 11.47 -4.57 21.22
C GLU F 321 10.20 -4.67 22.03
N ARG F 322 9.17 -5.32 21.50
CA ARG F 322 7.93 -5.48 22.26
C ARG F 322 8.17 -6.32 23.50
N ARG F 323 8.96 -7.38 23.38
CA ARG F 323 9.27 -8.22 24.53
C ARG F 323 9.99 -7.42 25.62
N ILE F 324 10.95 -6.57 25.23
CA ILE F 324 11.71 -5.85 26.23
C ILE F 324 10.85 -4.77 26.88
N VAL F 325 9.97 -4.13 26.11
CA VAL F 325 9.05 -3.16 26.69
C VAL F 325 8.13 -3.83 27.71
N SER F 326 7.57 -4.98 27.35
CA SER F 326 6.65 -5.66 28.26
C SER F 326 7.38 -6.21 29.47
N GLN F 327 8.62 -6.63 29.29
CA GLN F 327 9.43 -7.09 30.43
C GLN F 327 9.72 -5.94 31.39
N LEU F 328 10.01 -4.76 30.86
CA LEU F 328 10.18 -3.60 31.72
C LEU F 328 8.88 -3.26 32.45
N LEU F 329 7.75 -3.40 31.76
CA LEU F 329 6.45 -3.19 32.40
C LEU F 329 6.26 -4.16 33.57
N THR F 330 6.56 -5.44 33.35
CA THR F 330 6.42 -6.43 34.43
C THR F 330 7.37 -6.14 35.58
N LEU F 331 8.59 -5.70 35.28
CA LEU F 331 9.53 -5.35 36.34
C LEU F 331 9.01 -4.17 37.16
N MET F 332 8.46 -3.15 36.49
CA MET F 332 7.88 -2.03 37.21
C MET F 332 6.71 -2.47 38.09
N ASP F 333 5.85 -3.35 37.57
CA ASP F 333 4.68 -3.77 38.32
C ASP F 333 5.05 -4.68 39.48
N GLY F 334 6.19 -5.37 39.37
CA GLY F 334 6.61 -6.27 40.44
C GLY F 334 6.89 -5.54 41.74
N LEU F 335 7.18 -4.25 41.66
CA LEU F 335 7.48 -3.46 42.84
C LEU F 335 6.23 -3.31 43.70
N LYS F 336 6.37 -3.54 45.01
CA LYS F 336 5.27 -3.46 45.95
C LYS F 336 5.37 -2.26 46.88
N GLN F 337 6.19 -1.27 46.52
CA GLN F 337 6.40 -0.06 47.32
C GLN F 337 7.12 -0.36 48.63
N ARG F 338 7.45 -1.64 48.85
CA ARG F 338 8.24 -2.00 50.02
C ARG F 338 9.72 -2.02 49.69
N ALA F 339 10.07 -2.15 48.40
CA ALA F 339 11.46 -2.13 48.01
C ALA F 339 12.03 -0.72 48.04
N HIS F 340 11.16 0.29 47.91
CA HIS F 340 11.57 1.70 47.90
C HIS F 340 12.61 1.98 46.83
N VAL F 341 12.36 1.45 45.63
CA VAL F 341 13.25 1.64 44.49
C VAL F 341 12.62 2.67 43.56
N ILE F 342 13.36 3.73 43.27
CA ILE F 342 12.87 4.84 42.46
C ILE F 342 13.51 4.76 41.09
N VAL F 343 12.69 4.81 40.05
CA VAL F 343 13.14 4.64 38.67
C VAL F 343 12.85 5.93 37.90
N MET F 344 13.91 6.63 37.50
CA MET F 344 13.79 7.78 36.62
C MET F 344 14.08 7.37 35.18
N ALA F 345 13.58 8.16 34.25
CA ALA F 345 13.80 7.90 32.83
C ALA F 345 14.00 9.23 32.11
N ALA F 346 14.77 9.18 31.02
CA ALA F 346 15.08 10.36 30.23
C ALA F 346 14.73 10.11 28.78
N THR F 347 14.29 11.14 28.07
CA THR F 347 13.92 11.04 26.67
C THR F 347 13.96 12.41 26.01
N ASN F 348 14.13 12.41 24.68
CA ASN F 348 14.08 13.66 23.93
C ASN F 348 12.63 14.04 23.63
N ARG F 349 11.83 13.09 23.18
CA ARG F 349 10.41 13.32 22.91
C ARG F 349 9.60 12.34 23.73
N PRO F 350 8.68 12.80 24.57
CA PRO F 350 7.94 11.87 25.43
C PRO F 350 6.85 11.09 24.71
N ASN F 351 6.48 11.52 23.50
CA ASN F 351 5.40 10.85 22.79
C ASN F 351 5.85 9.51 22.21
N SER F 352 7.14 9.36 21.95
CA SER F 352 7.63 8.11 21.35
C SER F 352 7.49 6.95 22.32
N ILE F 353 7.57 7.21 23.62
CA ILE F 353 7.46 6.14 24.60
C ILE F 353 6.08 5.50 24.53
N ASP F 354 6.05 4.18 24.72
CA ASP F 354 4.79 3.45 24.71
C ASP F 354 3.86 4.02 25.78
N PRO F 355 2.58 4.21 25.47
CA PRO F 355 1.68 4.88 26.42
C PRO F 355 1.52 4.15 27.74
N ALA F 356 1.79 2.85 27.79
CA ALA F 356 1.68 2.11 29.05
C ALA F 356 2.65 2.64 30.10
N LEU F 357 3.80 3.16 29.66
CA LEU F 357 4.79 3.64 30.62
C LEU F 357 4.39 4.98 31.22
N ARG F 358 3.49 5.70 30.57
CA ARG F 358 3.01 6.97 31.11
C ARG F 358 1.74 6.81 31.94
N ARG F 359 1.26 5.58 32.12
CA ARG F 359 0.06 5.36 32.92
C ARG F 359 0.36 5.54 34.40
N PHE F 360 -0.71 5.59 35.20
CA PHE F 360 -0.56 5.76 36.64
C PHE F 360 0.10 4.53 37.25
N GLY F 361 0.98 4.76 38.23
CA GLY F 361 1.82 3.71 38.75
C GLY F 361 3.04 3.42 37.91
N ARG F 362 3.39 4.30 36.97
CA ARG F 362 4.46 4.11 36.02
C ARG F 362 5.18 5.45 35.92
N PHE F 363 5.91 5.72 34.84
CA PHE F 363 6.55 7.01 34.68
C PHE F 363 5.48 8.09 34.47
N ASP F 364 4.71 8.30 35.54
CA ASP F 364 3.51 9.12 35.47
C ASP F 364 3.83 10.61 35.55
N ARG F 365 4.77 10.99 36.40
CA ARG F 365 5.15 12.39 36.58
C ARG F 365 6.35 12.71 35.71
N GLU F 366 6.28 13.83 35.01
CA GLU F 366 7.25 14.20 33.99
C GLU F 366 7.83 15.57 34.32
N VAL F 367 9.15 15.66 34.27
CA VAL F 367 9.89 16.89 34.53
C VAL F 367 10.36 17.46 33.20
N ASP F 368 10.00 18.70 32.93
CA ASP F 368 10.32 19.37 31.67
C ASP F 368 11.65 20.07 31.80
N ILE F 369 12.71 19.48 31.23
CA ILE F 369 14.01 20.11 31.17
C ILE F 369 14.01 20.95 29.88
N GLY F 370 13.48 22.17 29.99
CA GLY F 370 13.35 23.01 28.82
C GLY F 370 14.63 23.73 28.45
N ILE F 371 14.53 24.54 27.40
CA ILE F 371 15.69 25.33 26.98
C ILE F 371 15.97 26.38 28.04
N PRO F 372 17.23 26.70 28.34
CA PRO F 372 17.52 27.67 29.40
C PRO F 372 17.15 29.09 28.99
N ASP F 373 16.81 29.91 29.98
CA ASP F 373 16.59 31.32 29.76
C ASP F 373 17.93 32.05 29.69
N ALA F 374 17.87 33.38 29.68
CA ALA F 374 19.10 34.18 29.58
C ALA F 374 20.01 33.95 30.77
N THR F 375 19.47 34.03 31.99
CA THR F 375 20.29 33.78 33.18
C THR F 375 20.73 32.33 33.24
N GLY F 376 19.89 31.41 32.77
CA GLY F 376 20.27 30.00 32.76
C GLY F 376 21.45 29.73 31.83
N ARG F 377 21.40 30.25 30.61
CA ARG F 377 22.50 30.03 29.69
C ARG F 377 23.74 30.82 30.11
N LEU F 378 23.55 31.94 30.81
CA LEU F 378 24.69 32.63 31.41
C LEU F 378 25.37 31.75 32.45
N GLU F 379 24.58 31.09 33.30
CA GLU F 379 25.15 30.18 34.29
C GLU F 379 25.83 28.99 33.62
N ILE F 380 25.23 28.47 32.56
CA ILE F 380 25.84 27.36 31.82
C ILE F 380 27.18 27.78 31.24
N LEU F 381 27.25 28.98 30.67
CA LEU F 381 28.51 29.47 30.14
C LEU F 381 29.55 29.66 31.24
N GLN F 382 29.13 30.19 32.40
CA GLN F 382 30.06 30.35 33.51
C GLN F 382 30.59 29.01 33.99
N ILE F 383 29.72 27.99 34.04
CA ILE F 383 30.14 26.67 34.51
C ILE F 383 31.08 26.03 33.50
N HIS F 384 30.77 26.14 32.20
CA HIS F 384 31.64 25.55 31.18
C HIS F 384 33.00 26.24 31.14
N THR F 385 33.02 27.56 31.26
CA THR F 385 34.25 28.33 31.12
C THR F 385 35.00 28.52 32.44
N LYS F 386 34.68 27.73 33.47
CA LYS F 386 35.40 27.88 34.74
C LYS F 386 36.87 27.48 34.59
N ASN F 387 37.15 26.48 33.76
CA ASN F 387 38.53 26.06 33.55
C ASN F 387 39.13 26.72 32.33
N MET F 388 38.31 27.09 31.35
CA MET F 388 38.81 27.73 30.15
C MET F 388 39.41 29.09 30.49
N LYS F 389 40.60 29.35 29.96
CA LYS F 389 41.26 30.62 30.20
C LYS F 389 40.60 31.72 29.39
N LEU F 390 40.13 32.76 30.08
CA LEU F 390 39.39 33.85 29.46
C LEU F 390 40.16 35.15 29.58
N ALA F 391 40.13 35.95 28.53
CA ALA F 391 40.74 37.27 28.58
C ALA F 391 39.83 38.23 29.35
N ASP F 392 40.39 39.40 29.69
CA ASP F 392 39.65 40.35 30.51
C ASP F 392 38.53 41.03 29.71
N ASP F 393 38.67 41.08 28.39
CA ASP F 393 37.71 41.85 27.60
C ASP F 393 36.39 41.09 27.41
N VAL F 394 36.43 39.76 27.52
CA VAL F 394 35.23 38.98 27.21
C VAL F 394 34.22 39.08 28.33
N ASP F 395 32.95 39.24 27.96
CA ASP F 395 31.83 39.25 28.90
C ASP F 395 30.94 38.07 28.60
N LEU F 396 30.65 37.26 29.62
CA LEU F 396 29.79 36.09 29.41
C LEU F 396 28.32 36.50 29.31
N GLU F 397 27.95 37.61 29.94
CA GLU F 397 26.55 38.04 29.89
C GLU F 397 26.16 38.46 28.47
N GLN F 398 27.06 39.13 27.76
CA GLN F 398 26.73 39.58 26.41
C GLN F 398 26.51 38.40 25.47
N VAL F 399 27.39 37.40 25.51
CA VAL F 399 27.23 36.23 24.65
C VAL F 399 26.02 35.41 25.10
N ALA F 400 25.76 35.37 26.41
CA ALA F 400 24.57 34.68 26.90
C ALA F 400 23.30 35.31 26.34
N ASN F 401 23.26 36.65 26.31
CA ASN F 401 22.15 37.35 25.67
C ASN F 401 22.08 37.04 24.18
N GLU F 402 23.25 37.00 23.53
CA GLU F 402 23.28 36.76 22.09
C GLU F 402 22.85 35.35 21.74
N THR F 403 23.17 34.36 22.60
CA THR F 403 22.78 32.97 22.38
C THR F 403 21.28 32.82 22.64
N HIS F 404 20.49 33.28 21.68
CA HIS F 404 19.04 33.30 21.87
C HIS F 404 18.46 31.89 21.94
N GLY F 405 18.79 31.05 20.97
CA GLY F 405 18.22 29.72 20.87
C GLY F 405 19.11 28.57 21.32
N HIS F 406 20.25 28.85 21.95
CA HIS F 406 21.12 27.78 22.40
C HIS F 406 20.47 26.99 23.52
N VAL F 407 20.79 25.69 23.59
CA VAL F 407 20.12 24.77 24.50
C VAL F 407 21.02 24.33 25.65
N GLY F 408 22.32 24.55 25.54
CA GLY F 408 23.24 24.13 26.59
C GLY F 408 24.36 23.26 26.06
N ALA F 409 24.04 22.34 25.15
CA ALA F 409 25.08 21.67 24.38
C ALA F 409 25.62 22.59 23.30
N ASP F 410 24.74 23.42 22.72
CA ASP F 410 25.18 24.43 21.78
C ASP F 410 26.12 25.43 22.45
N LEU F 411 25.89 25.72 23.73
CA LEU F 411 26.79 26.62 24.44
C LEU F 411 28.19 26.02 24.60
N ALA F 412 28.26 24.73 24.96
CA ALA F 412 29.56 24.08 25.06
C ALA F 412 30.26 24.01 23.70
N ALA F 413 29.49 23.73 22.65
CA ALA F 413 30.06 23.73 21.30
C ALA F 413 30.58 25.12 20.94
N LEU F 414 29.85 26.16 21.32
CA LEU F 414 30.29 27.53 21.07
C LEU F 414 31.58 27.85 21.80
N CYS F 415 31.68 27.43 23.07
CA CYS F 415 32.91 27.65 23.82
C CYS F 415 34.09 26.93 23.16
N SER F 416 33.89 25.67 22.77
CA SER F 416 34.96 24.92 22.12
C SER F 416 35.36 25.56 20.80
N GLU F 417 34.38 26.04 20.03
CA GLU F 417 34.68 26.67 18.75
C GLU F 417 35.42 27.99 18.94
N ALA F 418 35.05 28.76 19.97
CA ALA F 418 35.76 29.99 20.28
C ALA F 418 37.21 29.70 20.67
N ALA F 419 37.42 28.66 21.47
CA ALA F 419 38.79 28.31 21.84
C ALA F 419 39.58 27.83 20.63
N LEU F 420 38.93 27.11 19.71
CA LEU F 420 39.59 26.69 18.49
C LEU F 420 39.97 27.89 17.64
N GLN F 421 39.10 28.90 17.57
CA GLN F 421 39.42 30.13 16.86
C GLN F 421 40.60 30.84 17.51
N ALA F 422 40.63 30.86 18.85
CA ALA F 422 41.78 31.43 19.56
C ALA F 422 43.06 30.70 19.20
N ILE F 423 43.00 29.37 19.10
CA ILE F 423 44.15 28.61 18.64
C ILE F 423 44.53 29.01 17.22
N ARG F 424 43.53 29.21 16.36
CA ARG F 424 43.79 29.64 14.99
C ARG F 424 44.50 31.00 14.97
N LYS F 425 44.24 31.84 15.97
CA LYS F 425 44.98 33.10 16.07
C LYS F 425 46.47 32.85 16.27
N LYS F 426 46.81 31.83 17.05
CA LYS F 426 48.20 31.43 17.27
C LYS F 426 48.73 30.51 16.18
N MET F 427 47.90 30.14 15.20
CA MET F 427 48.34 29.19 14.19
C MET F 427 49.51 29.72 13.38
N ASP F 428 49.60 31.04 13.22
CA ASP F 428 50.77 31.63 12.56
C ASP F 428 52.04 31.39 13.37
N LEU F 429 51.93 31.45 14.70
CA LEU F 429 53.11 31.25 15.54
C LEU F 429 53.34 29.77 15.83
N ILE F 430 52.27 28.98 15.88
CA ILE F 430 52.40 27.56 16.17
C ILE F 430 52.78 26.78 14.92
N ASP F 431 53.69 25.84 15.08
CA ASP F 431 54.14 24.97 14.00
C ASP F 431 53.50 23.60 14.19
N LEU F 432 52.70 23.17 13.21
CA LEU F 432 52.11 21.84 13.26
C LEU F 432 53.16 20.76 13.05
N GLU F 433 54.19 21.06 12.26
CA GLU F 433 55.23 20.07 11.98
C GLU F 433 56.02 19.72 13.23
N ASP F 434 56.35 20.72 14.05
CA ASP F 434 57.09 20.47 15.28
C ASP F 434 56.28 19.62 16.24
N GLU F 435 56.94 18.66 16.89
CA GLU F 435 56.23 17.75 17.78
C GLU F 435 55.92 18.43 19.11
N THR F 436 56.61 19.51 19.44
CA THR F 436 56.47 20.19 20.71
C THR F 436 55.85 21.57 20.52
N ILE F 437 55.01 21.98 21.46
CA ILE F 437 54.39 23.30 21.39
C ILE F 437 55.10 24.27 22.33
N ASP F 438 55.23 25.52 21.87
CA ASP F 438 56.02 26.52 22.59
C ASP F 438 55.39 26.88 23.93
N ALA F 439 56.25 27.06 24.94
CA ALA F 439 55.77 27.39 26.27
C ALA F 439 55.13 28.77 26.32
N GLU F 440 55.79 29.77 25.73
CA GLU F 440 55.23 31.12 25.73
C GLU F 440 53.90 31.15 25.02
N VAL F 441 53.75 30.33 23.97
CA VAL F 441 52.47 30.26 23.28
C VAL F 441 51.39 29.72 24.22
N MET F 442 51.68 28.65 24.96
CA MET F 442 50.64 28.06 25.80
C MET F 442 50.23 29.01 26.92
N ASN F 443 51.20 29.64 27.58
CA ASN F 443 50.85 30.51 28.69
C ASN F 443 50.22 31.81 28.18
N SER F 444 50.57 32.25 26.97
CA SER F 444 50.01 33.47 26.43
C SER F 444 48.58 33.27 25.93
N LEU F 445 48.27 32.08 25.44
CA LEU F 445 46.98 31.84 24.78
C LEU F 445 45.83 31.97 25.77
N ALA F 446 44.79 32.69 25.35
CA ALA F 446 43.58 32.84 26.14
C ALA F 446 42.43 33.14 25.19
N VAL F 447 41.21 32.93 25.68
CA VAL F 447 40.02 33.13 24.87
C VAL F 447 39.56 34.57 25.05
N THR F 448 39.75 35.39 24.03
CA THR F 448 39.35 36.78 24.07
C THR F 448 37.88 36.93 23.68
N MET F 449 37.45 38.18 23.56
CA MET F 449 36.07 38.44 23.13
C MET F 449 35.86 38.10 21.67
N ASP F 450 36.86 38.37 20.83
CA ASP F 450 36.70 38.16 19.39
C ASP F 450 36.47 36.69 19.07
N ASP F 451 37.03 35.80 19.88
CA ASP F 451 36.76 34.38 19.71
C ASP F 451 35.27 34.10 19.89
N PHE F 452 34.65 34.70 20.91
CA PHE F 452 33.23 34.49 21.12
C PHE F 452 32.40 35.18 20.04
N ARG F 453 32.86 36.32 19.53
CA ARG F 453 32.14 36.95 18.42
C ARG F 453 32.12 36.03 17.20
N TRP F 454 33.28 35.43 16.88
CA TRP F 454 33.32 34.48 15.77
C TRP F 454 32.45 33.26 16.06
N ALA F 455 32.48 32.77 17.29
CA ALA F 455 31.68 31.60 17.64
C ALA F 455 30.18 31.89 17.47
N LEU F 456 29.71 33.04 17.96
CA LEU F 456 28.33 33.43 17.72
C LEU F 456 28.03 33.59 16.24
N SER F 457 29.00 34.12 15.48
CA SER F 457 28.78 34.29 14.05
C SER F 457 28.56 32.95 13.36
N GLN F 458 29.30 31.92 13.76
CA GLN F 458 29.23 30.66 13.04
C GLN F 458 28.25 29.68 13.69
N SER F 459 28.02 29.79 14.99
CA SER F 459 27.17 28.83 15.68
C SER F 459 25.73 28.91 15.19
N ASN F 460 25.05 27.77 15.21
CA ASN F 460 23.66 27.67 14.80
C ASN F 460 22.86 26.92 15.86
N PRO F 461 21.89 27.55 16.50
CA PRO F 461 21.10 26.86 17.53
C PRO F 461 20.27 25.73 16.93
N SER F 462 19.96 24.75 17.76
CA SER F 462 19.10 23.65 17.36
C SER F 462 17.62 24.02 17.49
N PRO F 472 6.83 39.57 12.52
CA PRO F 472 6.89 39.74 11.06
C PRO F 472 8.04 40.64 10.61
N GLN F 473 8.51 40.43 9.38
CA GLN F 473 9.62 41.22 8.87
C GLN F 473 9.18 42.61 8.46
N VAL F 474 7.94 42.76 7.99
CA VAL F 474 7.45 44.05 7.56
C VAL F 474 7.19 44.94 8.77
N THR F 475 7.77 46.14 8.75
CA THR F 475 7.78 47.04 9.88
C THR F 475 7.19 48.39 9.51
N TRP F 476 7.00 49.23 10.53
CA TRP F 476 6.47 50.58 10.31
C TRP F 476 7.43 51.44 9.49
N GLU F 477 8.73 51.29 9.71
CA GLU F 477 9.69 52.16 9.03
C GLU F 477 9.64 51.99 7.51
N ASP F 478 9.23 50.80 7.05
CA ASP F 478 9.05 50.61 5.61
C ASP F 478 7.90 51.46 5.09
N ILE F 479 6.80 51.54 5.84
CA ILE F 479 5.65 52.34 5.42
C ILE F 479 5.95 53.81 5.65
N GLY F 480 5.63 54.63 4.65
CA GLY F 480 5.85 56.05 4.76
C GLY F 480 4.58 56.87 4.75
N GLY F 481 4.46 57.81 5.68
CA GLY F 481 3.27 58.64 5.77
C GLY F 481 2.12 57.90 6.45
N LEU F 482 0.91 58.32 6.10
CA LEU F 482 -0.32 57.70 6.58
C LEU F 482 -0.36 57.67 8.11
N GLU F 483 0.10 58.76 8.72
CA GLU F 483 0.31 58.77 10.18
C GLU F 483 -1.00 58.65 10.93
N ASP F 484 -2.09 59.22 10.40
CA ASP F 484 -3.39 59.07 11.05
C ASP F 484 -3.80 57.61 11.09
N VAL F 485 -3.63 56.90 9.98
CA VAL F 485 -3.98 55.48 9.94
C VAL F 485 -3.12 54.69 10.91
N LYS F 486 -1.81 54.96 10.94
CA LYS F 486 -0.94 54.25 11.86
C LYS F 486 -1.35 54.49 13.30
N ARG F 487 -1.64 55.74 13.66
CA ARG F 487 -2.02 56.05 15.03
C ARG F 487 -3.35 55.40 15.40
N GLU F 488 -4.31 55.38 14.47
CA GLU F 488 -5.60 54.77 14.81
C GLU F 488 -5.48 53.26 14.95
N LEU F 489 -4.66 52.62 14.12
CA LEU F 489 -4.39 51.19 14.31
C LEU F 489 -3.71 50.92 15.64
N GLN F 490 -2.70 51.74 15.98
CA GLN F 490 -2.00 51.56 17.25
C GLN F 490 -2.96 51.74 18.43
N GLU F 491 -3.85 52.72 18.34
CA GLU F 491 -4.89 52.85 19.37
C GLU F 491 -5.73 51.59 19.43
N LEU F 492 -6.32 51.19 18.30
CA LEU F 492 -7.28 50.10 18.28
C LEU F 492 -6.70 48.81 18.82
N VAL F 493 -5.39 48.62 18.67
CA VAL F 493 -4.73 47.41 19.15
C VAL F 493 -4.20 47.58 20.57
N GLN F 494 -3.30 48.54 20.81
CA GLN F 494 -2.65 48.62 22.10
C GLN F 494 -3.59 49.09 23.20
N TYR F 495 -4.44 50.08 22.93
CA TYR F 495 -5.23 50.68 24.01
C TYR F 495 -6.12 49.68 24.74
N PRO F 496 -6.89 48.80 24.07
CA PRO F 496 -7.66 47.81 24.84
C PRO F 496 -6.77 46.93 25.70
N VAL F 497 -5.57 46.59 25.22
CA VAL F 497 -4.62 45.87 26.04
C VAL F 497 -4.12 46.76 27.18
N GLU F 498 -3.83 48.02 26.89
CA GLU F 498 -3.30 48.92 27.91
C GLU F 498 -4.33 49.18 29.01
N HIS F 499 -5.57 49.46 28.63
CA HIS F 499 -6.62 49.83 29.59
C HIS F 499 -7.88 49.02 29.31
N PRO F 500 -7.89 47.73 29.69
CA PRO F 500 -9.15 46.98 29.62
C PRO F 500 -10.16 47.42 30.67
N ASP F 501 -9.68 47.97 31.78
CA ASP F 501 -10.58 48.50 32.80
C ASP F 501 -11.42 49.64 32.26
N LYS F 502 -10.83 50.49 31.40
CA LYS F 502 -11.59 51.54 30.76
C LYS F 502 -12.66 50.96 29.84
N PHE F 503 -12.32 49.88 29.13
CA PHE F 503 -13.30 49.24 28.25
C PHE F 503 -14.48 48.68 29.03
N LEU F 504 -14.20 48.02 30.16
CA LEU F 504 -15.27 47.44 30.96
C LEU F 504 -16.04 48.53 31.71
N LYS F 505 -15.38 49.66 31.98
CA LYS F 505 -15.98 50.69 32.83
C LYS F 505 -17.17 51.36 32.15
N PHE F 506 -17.11 51.52 30.83
CA PHE F 506 -18.21 52.09 30.07
C PHE F 506 -19.04 51.02 29.36
N GLY F 507 -18.83 49.75 29.67
CA GLY F 507 -19.64 48.70 29.07
C GLY F 507 -19.31 48.39 27.63
N MET F 508 -18.13 47.84 27.37
CA MET F 508 -17.66 47.54 26.02
C MET F 508 -16.99 46.18 25.91
N THR F 509 -17.21 45.54 24.77
CA THR F 509 -16.40 44.42 24.34
C THR F 509 -15.31 44.92 23.40
N PRO F 510 -14.06 44.45 23.57
CA PRO F 510 -13.00 44.88 22.66
C PRO F 510 -13.31 44.50 21.22
N SER F 511 -12.98 45.41 20.30
CA SER F 511 -13.33 45.28 18.89
C SER F 511 -12.18 44.63 18.14
N LYS F 512 -12.39 43.42 17.64
CA LYS F 512 -11.42 42.73 16.80
C LYS F 512 -11.72 42.88 15.31
N GLY F 513 -12.72 43.67 14.94
CA GLY F 513 -13.12 43.79 13.56
C GLY F 513 -12.71 45.08 12.88
N VAL F 514 -11.88 44.98 11.85
CA VAL F 514 -11.41 46.14 11.10
C VAL F 514 -11.53 45.84 9.61
N LEU F 515 -12.19 46.73 8.88
CA LEU F 515 -12.32 46.65 7.42
C LEU F 515 -11.51 47.76 6.78
N PHE F 516 -10.38 47.39 6.18
CA PHE F 516 -9.57 48.27 5.37
C PHE F 516 -10.27 48.44 4.02
N TYR F 517 -10.24 49.65 3.46
CA TYR F 517 -10.64 49.83 2.07
C TYR F 517 -9.90 51.01 1.47
N GLY F 518 -9.56 50.91 0.19
CA GLY F 518 -8.91 51.98 -0.53
C GLY F 518 -8.49 51.56 -1.93
N PRO F 519 -7.83 52.47 -2.65
CA PRO F 519 -7.31 52.10 -3.96
C PRO F 519 -6.25 51.03 -3.82
N PRO F 520 -6.10 50.16 -4.82
CA PRO F 520 -5.07 49.13 -4.75
C PRO F 520 -3.67 49.73 -4.70
N GLY F 521 -2.77 49.06 -3.99
CA GLY F 521 -1.41 49.52 -3.87
C GLY F 521 -1.22 50.69 -2.93
N CYS F 522 -2.11 50.87 -1.95
CA CYS F 522 -2.02 51.97 -1.00
C CYS F 522 -1.44 51.53 0.34
N GLY F 523 -0.82 50.36 0.41
CA GLY F 523 -0.16 49.92 1.63
C GLY F 523 -1.05 49.23 2.63
N LYS F 524 -2.27 48.83 2.25
CA LYS F 524 -3.17 48.17 3.21
C LYS F 524 -2.55 46.88 3.74
N THR F 525 -1.97 46.07 2.86
CA THR F 525 -1.31 44.85 3.29
C THR F 525 -0.11 45.16 4.18
N LEU F 526 0.64 46.21 3.84
CA LEU F 526 1.76 46.62 4.67
C LEU F 526 1.30 47.07 6.05
N LEU F 527 0.20 47.82 6.11
CA LEU F 527 -0.34 48.26 7.40
C LEU F 527 -0.79 47.07 8.23
N ALA F 528 -1.44 46.09 7.60
CA ALA F 528 -1.84 44.89 8.31
C ALA F 528 -0.63 44.13 8.83
N LYS F 529 0.43 44.05 8.03
CA LYS F 529 1.65 43.38 8.47
C LYS F 529 2.27 44.10 9.65
N ALA F 530 2.30 45.44 9.63
CA ALA F 530 2.87 46.20 10.72
C ALA F 530 2.03 46.04 11.99
N ILE F 531 0.71 46.03 11.86
CA ILE F 531 -0.13 45.88 13.04
C ILE F 531 -0.02 44.48 13.62
N ALA F 532 0.22 43.48 12.75
CA ALA F 532 0.52 42.14 13.25
C ALA F 532 1.90 42.09 13.90
N ASN F 533 2.84 42.89 13.39
CA ASN F 533 4.17 42.96 13.99
C ASN F 533 4.10 43.49 15.42
N GLU F 534 3.35 44.58 15.63
CA GLU F 534 3.12 45.03 17.00
C GLU F 534 2.27 44.04 17.77
N CYS F 535 1.42 43.27 17.08
CA CYS F 535 0.69 42.20 17.75
C CYS F 535 1.62 41.06 18.17
N GLN F 536 2.75 40.91 17.48
CA GLN F 536 3.69 39.81 17.72
C GLN F 536 2.99 38.46 17.61
N ALA F 537 2.11 38.33 16.63
CA ALA F 537 1.35 37.12 16.39
C ALA F 537 1.46 36.74 14.92
N ASN F 538 1.20 35.46 14.64
CA ASN F 538 1.35 34.94 13.28
C ASN F 538 0.41 35.66 12.32
N PHE F 539 0.93 35.98 11.14
CA PHE F 539 0.18 36.65 10.08
C PHE F 539 -0.07 35.66 8.96
N ILE F 540 -1.34 35.46 8.63
CA ILE F 540 -1.74 34.60 7.52
C ILE F 540 -2.72 35.38 6.64
N SER F 541 -2.46 35.38 5.34
CA SER F 541 -3.26 36.13 4.37
C SER F 541 -3.92 35.15 3.42
N ILE F 542 -5.20 35.37 3.13
CA ILE F 542 -5.98 34.51 2.24
C ILE F 542 -6.48 35.35 1.08
N LYS F 543 -6.17 34.93 -0.14
CA LYS F 543 -6.69 35.58 -1.32
C LYS F 543 -8.15 35.21 -1.53
N GLY F 544 -8.89 36.11 -2.17
CA GLY F 544 -10.29 35.90 -2.46
C GLY F 544 -10.54 34.67 -3.30
N PRO F 545 -10.10 34.70 -4.56
CA PRO F 545 -10.21 33.54 -5.44
C PRO F 545 -8.98 32.64 -5.37
N ASN F 558 -12.79 25.46 2.35
CA ASN F 558 -11.79 25.36 3.41
C ASN F 558 -11.85 26.57 4.33
N VAL F 559 -12.91 27.37 4.20
CA VAL F 559 -13.06 28.58 5.00
C VAL F 559 -13.09 28.23 6.49
N ARG F 560 -13.90 27.24 6.86
CA ARG F 560 -13.95 26.82 8.25
C ARG F 560 -12.60 26.26 8.70
N GLU F 561 -11.88 25.59 7.81
CA GLU F 561 -10.55 25.10 8.15
C GLU F 561 -9.59 26.25 8.44
N ILE F 562 -9.64 27.31 7.63
CA ILE F 562 -8.74 28.44 7.85
C ILE F 562 -9.09 29.17 9.14
N PHE F 563 -10.39 29.34 9.42
CA PHE F 563 -10.78 29.96 10.68
C PHE F 563 -10.38 29.09 11.87
N ASP F 564 -10.48 27.77 11.74
CA ASP F 564 -9.99 26.88 12.79
C ASP F 564 -8.49 27.02 13.00
N LYS F 565 -7.74 27.12 11.90
CA LYS F 565 -6.29 27.31 12.01
C LYS F 565 -5.96 28.63 12.70
N ALA F 566 -6.73 29.68 12.39
CA ALA F 566 -6.54 30.95 13.08
C ALA F 566 -6.85 30.82 14.57
N ARG F 567 -7.91 30.10 14.92
CA ARG F 567 -8.29 29.94 16.31
C ARG F 567 -7.24 29.14 17.09
N GLN F 568 -6.66 28.12 16.46
CA GLN F 568 -5.63 27.33 17.14
C GLN F 568 -4.37 28.16 17.39
N ALA F 569 -4.07 29.10 16.51
CA ALA F 569 -2.90 29.96 16.65
C ALA F 569 -3.18 31.17 17.55
N ALA F 570 -4.21 31.09 18.38
CA ALA F 570 -4.58 32.24 19.20
C ALA F 570 -3.48 32.57 20.21
N PRO F 571 -3.17 33.86 20.40
CA PRO F 571 -3.69 34.99 19.62
C PRO F 571 -3.10 35.04 18.21
N CYS F 572 -3.94 35.35 17.22
CA CYS F 572 -3.51 35.32 15.83
C CYS F 572 -4.17 36.46 15.07
N VAL F 573 -3.67 36.69 13.86
CA VAL F 573 -4.18 37.71 12.95
C VAL F 573 -4.64 37.03 11.68
N LEU F 574 -5.86 37.32 11.26
CA LEU F 574 -6.41 36.83 9.99
C LEU F 574 -6.62 38.02 9.07
N PHE F 575 -6.20 37.89 7.82
CA PHE F 575 -6.24 38.99 6.85
C PHE F 575 -6.84 38.51 5.55
N PHE F 576 -7.72 39.34 4.97
CA PHE F 576 -8.47 39.03 3.78
C PHE F 576 -8.14 40.05 2.70
N ASP F 577 -8.03 39.59 1.45
CA ASP F 577 -7.63 40.47 0.36
C ASP F 577 -8.52 40.24 -0.85
N GLN F 578 -8.64 41.30 -1.68
CA GLN F 578 -9.58 41.40 -2.79
C GLN F 578 -10.92 40.74 -2.47
N LEU F 579 -11.57 41.22 -1.41
CA LEU F 579 -12.92 40.77 -1.09
C LEU F 579 -13.90 41.19 -2.17
N ASP F 580 -13.61 42.28 -2.89
CA ASP F 580 -14.49 42.72 -3.96
C ASP F 580 -14.47 41.77 -5.14
N SER F 581 -13.38 41.02 -5.30
CA SER F 581 -13.31 40.03 -6.39
C SER F 581 -14.39 38.97 -6.21
N ILE F 582 -14.64 38.55 -4.98
CA ILE F 582 -15.74 37.62 -4.71
C ILE F 582 -17.08 38.29 -5.01
N ALA F 583 -17.21 39.56 -4.64
CA ALA F 583 -18.44 40.30 -4.87
C ALA F 583 -18.43 40.98 -6.23
N ALA F 596 -26.11 39.41 -4.00
CA ALA F 596 -25.42 40.08 -2.90
C ALA F 596 -24.80 39.05 -1.96
N ALA F 597 -25.46 37.91 -1.80
CA ALA F 597 -25.02 36.86 -0.90
C ALA F 597 -24.92 35.54 -1.65
N ASP F 598 -23.99 34.70 -1.21
CA ASP F 598 -23.79 33.38 -1.77
C ASP F 598 -23.35 32.42 -0.67
N ARG F 599 -22.85 31.25 -1.08
CA ARG F 599 -22.46 30.23 -0.11
C ARG F 599 -21.22 30.66 0.68
N VAL F 600 -20.18 31.13 -0.02
CA VAL F 600 -18.90 31.40 0.63
C VAL F 600 -19.04 32.54 1.62
N ILE F 601 -19.77 33.59 1.24
CA ILE F 601 -19.99 34.71 2.16
C ILE F 601 -20.78 34.26 3.37
N ASN F 602 -21.63 33.25 3.21
CA ASN F 602 -22.39 32.75 4.37
C ASN F 602 -21.50 31.92 5.29
N GLN F 603 -20.63 31.09 4.71
CA GLN F 603 -19.64 30.39 5.54
C GLN F 603 -18.82 31.38 6.35
N ILE F 604 -18.29 32.41 5.69
CA ILE F 604 -17.42 33.36 6.39
C ILE F 604 -18.23 34.16 7.40
N LEU F 605 -19.51 34.42 7.10
CA LEU F 605 -20.37 35.11 8.04
C LEU F 605 -20.56 34.31 9.32
N THR F 606 -20.88 33.02 9.17
CA THR F 606 -21.03 32.17 10.35
C THR F 606 -19.71 32.06 11.11
N GLU F 607 -18.60 31.93 10.38
CA GLU F 607 -17.30 31.80 11.04
C GLU F 607 -16.95 33.07 11.82
N MET F 608 -17.23 34.25 11.28
CA MET F 608 -16.92 35.48 12.01
C MET F 608 -17.89 35.70 13.17
N ASP F 609 -19.15 35.28 13.00
CA ASP F 609 -20.08 35.32 14.14
C ASP F 609 -19.58 34.47 15.28
N GLY F 610 -19.13 33.25 14.99
CA GLY F 610 -18.57 32.41 16.04
C GLY F 610 -17.21 32.87 16.51
N MET F 611 -16.50 33.64 15.66
CA MET F 611 -15.14 34.07 15.96
C MET F 611 -15.14 35.30 16.86
N SER F 612 -16.24 36.06 16.86
CA SER F 612 -16.33 37.23 17.72
C SER F 612 -16.20 36.85 19.19
N THR F 613 -16.48 35.60 19.53
CA THR F 613 -16.30 35.15 20.91
C THR F 613 -14.82 35.21 21.32
N LYS F 614 -13.92 34.83 20.42
CA LYS F 614 -12.48 34.89 20.68
C LYS F 614 -11.99 36.28 20.32
N LYS F 615 -11.72 37.09 21.34
CA LYS F 615 -11.34 38.49 21.12
C LYS F 615 -9.89 38.61 20.68
N ASN F 616 -9.04 37.69 21.12
CA ASN F 616 -7.60 37.84 20.93
C ASN F 616 -7.22 37.84 19.45
N VAL F 617 -7.82 36.94 18.65
CA VAL F 617 -7.54 36.94 17.22
C VAL F 617 -8.19 38.17 16.59
N PHE F 618 -7.41 38.86 15.76
CA PHE F 618 -7.86 40.08 15.11
C PHE F 618 -8.16 39.80 13.64
N ILE F 619 -9.33 40.24 13.19
CA ILE F 619 -9.82 39.96 11.84
C ILE F 619 -9.73 41.26 11.05
N ILE F 620 -9.01 41.22 9.93
CA ILE F 620 -8.84 42.39 9.07
C ILE F 620 -9.17 41.98 7.64
N GLY F 621 -9.98 42.80 6.97
CA GLY F 621 -10.28 42.57 5.57
C GLY F 621 -10.09 43.81 4.73
N ALA F 622 -9.18 43.75 3.76
CA ALA F 622 -8.90 44.87 2.88
C ALA F 622 -9.49 44.57 1.51
N THR F 623 -10.46 45.38 1.10
CA THR F 623 -11.08 45.26 -0.21
C THR F 623 -10.91 46.58 -0.95
N ASN F 624 -10.80 46.50 -2.27
CA ASN F 624 -10.58 47.71 -3.06
C ASN F 624 -11.82 48.61 -3.06
N ARG F 625 -13.00 48.03 -3.33
CA ARG F 625 -14.23 48.79 -3.38
C ARG F 625 -15.23 48.18 -2.39
N PRO F 626 -15.73 48.95 -1.42
CA PRO F 626 -16.64 48.40 -0.41
C PRO F 626 -18.11 48.47 -0.79
N ASP F 627 -18.46 49.09 -1.92
CA ASP F 627 -19.86 49.21 -2.29
C ASP F 627 -20.46 47.85 -2.61
N ILE F 628 -19.70 46.99 -3.28
CA ILE F 628 -20.27 45.73 -3.76
C ILE F 628 -20.17 44.62 -2.71
N ILE F 629 -19.32 44.81 -1.70
CA ILE F 629 -19.21 43.78 -0.66
C ILE F 629 -20.51 43.73 0.13
N ASP F 630 -20.85 42.54 0.63
CA ASP F 630 -22.13 42.34 1.28
C ASP F 630 -22.23 43.21 2.53
N PRO F 631 -23.37 43.88 2.75
CA PRO F 631 -23.52 44.71 3.96
C PRO F 631 -23.45 43.92 5.25
N ALA F 632 -23.67 42.60 5.21
CA ALA F 632 -23.55 41.78 6.42
C ALA F 632 -22.12 41.84 6.95
N ILE F 633 -21.14 42.00 6.06
CA ILE F 633 -19.77 42.25 6.49
C ILE F 633 -19.68 43.56 7.26
N LEU F 634 -20.44 44.56 6.82
CA LEU F 634 -20.35 45.89 7.42
C LEU F 634 -21.07 45.96 8.76
N ARG F 635 -21.93 45.00 9.06
CA ARG F 635 -22.72 45.05 10.28
C ARG F 635 -21.83 44.86 11.50
N PRO F 636 -22.02 45.66 12.55
CA PRO F 636 -21.16 45.55 13.74
C PRO F 636 -21.35 44.23 14.48
N GLY F 637 -20.33 43.87 15.26
CA GLY F 637 -20.29 42.60 15.93
C GLY F 637 -19.39 41.59 15.27
N ARG F 638 -19.13 41.74 13.97
CA ARG F 638 -18.24 40.87 13.22
C ARG F 638 -17.04 41.67 12.73
N LEU F 639 -17.27 42.72 11.94
CA LEU F 639 -16.24 43.64 11.48
C LEU F 639 -16.81 45.06 11.64
N ASP F 640 -16.64 45.62 12.84
CA ASP F 640 -17.37 46.83 13.19
C ASP F 640 -16.59 48.09 12.84
N GLN F 641 -15.28 48.10 13.07
CA GLN F 641 -14.50 49.29 12.80
C GLN F 641 -14.08 49.32 11.33
N LEU F 642 -14.08 50.52 10.76
CA LEU F 642 -13.87 50.70 9.33
C LEU F 642 -12.77 51.74 9.11
N ILE F 643 -11.91 51.51 8.13
CA ILE F 643 -10.76 52.37 7.87
C ILE F 643 -10.60 52.61 6.38
N TYR F 644 -10.39 53.85 5.99
CA TYR F 644 -10.12 54.25 4.62
C TYR F 644 -8.63 54.54 4.49
N ILE F 645 -8.01 53.96 3.46
CA ILE F 645 -6.61 54.19 3.13
C ILE F 645 -6.58 55.02 1.86
N PRO F 646 -6.47 56.36 1.96
CA PRO F 646 -6.50 57.19 0.76
C PRO F 646 -5.21 57.04 -0.05
N LEU F 647 -5.27 57.54 -1.28
CA LEU F 647 -4.08 57.55 -2.12
C LEU F 647 -2.99 58.38 -1.46
N PRO F 648 -1.74 57.94 -1.49
CA PRO F 648 -0.66 58.73 -0.89
C PRO F 648 -0.55 60.11 -1.53
N ASP F 649 -0.68 61.13 -0.70
CA ASP F 649 -0.56 62.50 -1.18
C ASP F 649 0.91 62.89 -1.30
N GLU F 650 1.15 64.19 -1.48
CA GLU F 650 2.49 64.68 -1.82
C GLU F 650 3.53 64.22 -0.82
N LYS F 651 3.30 64.47 0.47
CA LYS F 651 4.27 64.07 1.49
C LYS F 651 4.31 62.55 1.65
N SER F 652 3.16 61.89 1.47
CA SER F 652 3.15 60.43 1.53
C SER F 652 3.95 59.83 0.37
N ARG F 653 3.83 60.41 -0.82
CA ARG F 653 4.65 59.96 -1.95
C ARG F 653 6.13 60.22 -1.69
N VAL F 654 6.45 61.37 -1.09
CA VAL F 654 7.82 61.62 -0.66
C VAL F 654 8.33 60.52 0.25
N ALA F 655 7.52 60.16 1.25
CA ALA F 655 7.92 59.14 2.21
C ALA F 655 8.10 57.78 1.54
N ILE F 656 7.19 57.44 0.63
CA ILE F 656 7.31 56.17 -0.10
C ILE F 656 8.58 56.13 -0.92
N LEU F 657 8.89 57.23 -1.62
CA LEU F 657 10.09 57.29 -2.43
C LEU F 657 11.34 57.14 -1.57
N LYS F 658 11.39 57.83 -0.43
CA LYS F 658 12.53 57.68 0.46
C LYS F 658 12.65 56.25 0.99
N ALA F 659 11.51 55.66 1.39
CA ALA F 659 11.53 54.32 1.96
C ALA F 659 12.00 53.29 0.96
N ASN F 660 11.65 53.46 -0.32
CA ASN F 660 12.07 52.49 -1.31
C ASN F 660 13.48 52.77 -1.82
N LEU F 661 13.91 54.03 -1.78
CA LEU F 661 15.22 54.40 -2.28
C LEU F 661 16.30 54.40 -1.20
N ARG F 662 15.96 54.07 0.05
CA ARG F 662 17.01 53.91 1.06
C ARG F 662 17.90 52.71 0.75
N LYS F 663 17.31 51.66 0.16
CA LYS F 663 18.06 50.43 -0.06
C LYS F 663 19.11 50.61 -1.16
N SER F 664 18.78 51.36 -2.20
CA SER F 664 19.70 51.57 -3.31
C SER F 664 20.26 52.98 -3.27
N PRO F 665 21.58 53.15 -3.40
CA PRO F 665 22.15 54.50 -3.41
C PRO F 665 21.61 55.31 -4.58
N VAL F 666 21.35 56.59 -4.33
CA VAL F 666 20.76 57.49 -5.31
C VAL F 666 21.67 58.69 -5.50
N ALA F 667 21.64 59.26 -6.70
CA ALA F 667 22.49 60.39 -7.03
C ALA F 667 22.12 61.62 -6.21
N LYS F 668 23.12 62.41 -5.85
CA LYS F 668 22.90 63.58 -5.02
C LYS F 668 22.06 64.63 -5.74
N ASP F 669 22.29 64.81 -7.05
CA ASP F 669 21.61 65.87 -7.78
C ASP F 669 20.11 65.63 -7.89
N VAL F 670 19.68 64.38 -7.74
CA VAL F 670 18.27 64.05 -7.92
C VAL F 670 17.44 64.64 -6.80
N ASP F 671 16.30 65.21 -7.16
CA ASP F 671 15.34 65.78 -6.22
C ASP F 671 14.14 64.84 -6.12
N LEU F 672 13.95 64.25 -4.94
CA LEU F 672 12.84 63.32 -4.75
C LEU F 672 11.50 64.05 -4.66
N GLU F 673 11.51 65.30 -4.17
CA GLU F 673 10.30 66.10 -4.21
C GLU F 673 9.86 66.38 -5.64
N PHE F 674 10.81 66.57 -6.55
CA PHE F 674 10.46 66.73 -7.96
C PHE F 674 9.80 65.47 -8.51
N LEU F 675 10.35 64.30 -8.16
CA LEU F 675 9.75 63.04 -8.58
C LEU F 675 8.33 62.90 -8.02
N ALA F 676 8.14 63.30 -6.76
CA ALA F 676 6.81 63.25 -6.17
C ALA F 676 5.85 64.17 -6.90
N LYS F 677 6.27 65.40 -7.18
CA LYS F 677 5.39 66.34 -7.88
C LYS F 677 5.05 65.86 -9.28
N MET F 678 5.98 65.16 -9.93
CA MET F 678 5.67 64.58 -11.23
C MET F 678 4.61 63.48 -11.12
N THR F 679 4.69 62.67 -10.06
CA THR F 679 3.77 61.54 -9.89
C THR F 679 2.50 61.99 -9.16
N ASN F 680 1.67 62.74 -9.89
CA ASN F 680 0.48 63.35 -9.30
C ASN F 680 -0.50 62.29 -8.79
N GLY F 681 -0.74 61.24 -9.58
CA GLY F 681 -1.80 60.32 -9.24
C GLY F 681 -1.41 58.86 -9.05
N PHE F 682 -0.11 58.55 -9.11
CA PHE F 682 0.30 57.16 -8.99
C PHE F 682 0.16 56.68 -7.56
N SER F 683 -0.01 55.38 -7.39
CA SER F 683 -0.14 54.79 -6.07
C SER F 683 1.23 54.45 -5.49
N GLY F 684 1.22 53.93 -4.26
CA GLY F 684 2.46 53.50 -3.64
C GLY F 684 3.10 52.33 -4.37
N ALA F 685 2.28 51.39 -4.84
CA ALA F 685 2.81 50.30 -5.65
C ALA F 685 3.41 50.83 -6.94
N ASP F 686 2.82 51.85 -7.53
CA ASP F 686 3.38 52.46 -8.73
C ASP F 686 4.73 53.12 -8.44
N LEU F 687 4.84 53.78 -7.29
CA LEU F 687 6.13 54.36 -6.89
C LEU F 687 7.18 53.27 -6.68
N THR F 688 6.77 52.14 -6.09
CA THR F 688 7.68 51.01 -5.96
C THR F 688 8.11 50.49 -7.33
N GLU F 689 7.17 50.45 -8.28
CA GLU F 689 7.53 50.05 -9.64
C GLU F 689 8.56 50.98 -10.24
N ILE F 690 8.36 52.30 -10.07
CA ILE F 690 9.31 53.27 -10.61
C ILE F 690 10.69 53.06 -10.01
N CYS F 691 10.76 52.99 -8.68
CA CYS F 691 12.05 52.83 -8.01
C CYS F 691 12.70 51.51 -8.42
N GLN F 692 11.92 50.43 -8.49
CA GLN F 692 12.44 49.12 -8.84
C GLN F 692 13.03 49.12 -10.24
N ARG F 693 12.32 49.70 -11.21
CA ARG F 693 12.81 49.65 -12.57
C ARG F 693 13.97 50.63 -12.78
N ALA F 694 14.00 51.72 -12.00
CA ALA F 694 15.17 52.59 -12.01
C ALA F 694 16.40 51.84 -11.49
N CYS F 695 16.22 51.07 -10.42
CA CYS F 695 17.32 50.26 -9.91
C CYS F 695 17.76 49.22 -10.93
N LYS F 696 16.81 48.58 -11.62
CA LYS F 696 17.17 47.63 -12.67
C LYS F 696 17.95 48.32 -13.78
N LEU F 697 17.53 49.51 -14.19
CA LEU F 697 18.24 50.24 -15.24
C LEU F 697 19.67 50.56 -14.79
N ALA F 698 19.84 50.98 -13.54
CA ALA F 698 21.18 51.29 -13.05
C ALA F 698 22.06 50.05 -12.98
N ILE F 699 21.51 48.93 -12.50
CA ILE F 699 22.26 47.68 -12.46
C ILE F 699 22.68 47.28 -13.87
N ARG F 700 21.74 47.34 -14.81
CA ARG F 700 22.02 47.06 -16.21
C ARG F 700 23.16 47.93 -16.73
N GLU F 701 23.09 49.24 -16.45
CA GLU F 701 24.10 50.17 -16.96
C GLU F 701 25.47 49.86 -16.38
N SER F 702 25.56 49.57 -15.08
CA SER F 702 26.86 49.20 -14.51
C SER F 702 27.37 47.89 -15.10
N ILE F 703 26.45 46.96 -15.41
CA ILE F 703 26.85 45.71 -16.02
C ILE F 703 27.50 45.95 -17.37
N GLU F 704 26.86 46.75 -18.23
CA GLU F 704 27.54 47.03 -19.50
C GLU F 704 28.72 47.98 -19.32
N SER F 705 28.80 48.68 -18.18
CA SER F 705 30.01 49.45 -17.92
C SER F 705 31.22 48.53 -17.79
N GLU F 706 31.12 47.52 -16.92
CA GLU F 706 32.24 46.58 -16.83
C GLU F 706 32.36 45.72 -18.09
N ILE F 707 31.25 45.55 -18.82
CA ILE F 707 31.33 44.83 -20.09
C ILE F 707 32.15 45.62 -21.10
N ARG F 708 31.91 46.94 -21.20
CA ARG F 708 32.71 47.79 -22.06
C ARG F 708 34.16 47.79 -21.61
N ARG F 709 34.39 47.78 -20.30
CA ARG F 709 35.76 47.74 -19.79
C ARG F 709 36.48 46.46 -20.23
N GLU F 710 35.86 45.30 -20.00
CA GLU F 710 36.48 44.05 -20.42
C GLU F 710 36.62 43.97 -21.93
N ARG F 711 35.71 44.62 -22.66
CA ARG F 711 35.80 44.66 -24.11
C ARG F 711 37.01 45.47 -24.57
N GLU F 712 37.25 46.61 -23.93
CA GLU F 712 38.38 47.44 -24.33
C GLU F 712 39.71 46.82 -23.87
N ARG F 713 39.70 46.07 -22.77
CA ARG F 713 40.89 45.29 -22.44
C ARG F 713 41.16 44.23 -23.49
N GLN F 714 40.12 43.59 -24.01
CA GLN F 714 40.27 42.57 -25.04
C GLN F 714 40.59 43.21 -26.38
N PRO F 727 31.32 50.71 -11.05
CA PRO F 727 31.44 51.74 -12.08
C PRO F 727 30.64 52.98 -11.76
N VAL F 728 29.31 52.89 -11.91
CA VAL F 728 28.40 53.96 -11.51
C VAL F 728 27.85 53.61 -10.11
N PRO F 729 28.23 54.34 -9.07
CA PRO F 729 27.75 53.97 -7.72
C PRO F 729 26.27 54.24 -7.50
N GLU F 730 25.73 55.27 -8.13
CA GLU F 730 24.41 55.79 -7.78
C GLU F 730 23.57 55.95 -9.03
N ILE F 731 22.25 55.79 -8.86
CA ILE F 731 21.35 55.72 -10.00
C ILE F 731 21.25 57.11 -10.64
N ARG F 732 21.43 57.16 -11.96
CA ARG F 732 21.43 58.45 -12.63
C ARG F 732 20.01 58.94 -12.87
N ARG F 733 19.90 60.26 -13.05
CA ARG F 733 18.58 60.90 -13.14
C ARG F 733 17.83 60.44 -14.39
N ASP F 734 18.55 60.20 -15.49
CA ASP F 734 17.89 59.73 -16.70
C ASP F 734 17.21 58.39 -16.47
N HIS F 735 17.77 57.57 -15.58
CA HIS F 735 17.13 56.29 -15.26
C HIS F 735 15.79 56.50 -14.59
N PHE F 736 15.70 57.44 -13.63
CA PHE F 736 14.41 57.80 -13.06
C PHE F 736 13.49 58.39 -14.11
N GLU F 737 14.02 59.16 -15.05
CA GLU F 737 13.15 59.72 -16.10
C GLU F 737 12.52 58.62 -16.94
N GLU F 738 13.33 57.64 -17.36
CA GLU F 738 12.77 56.53 -18.15
C GLU F 738 11.79 55.71 -17.32
N ALA F 739 12.14 55.41 -16.06
CA ALA F 739 11.23 54.67 -15.20
C ALA F 739 9.92 55.43 -15.01
N MET F 740 9.99 56.76 -14.97
CA MET F 740 8.80 57.60 -14.90
C MET F 740 7.95 57.45 -16.16
N ARG F 741 8.61 57.44 -17.32
CA ARG F 741 7.87 57.33 -18.58
C ARG F 741 7.18 55.98 -18.71
N PHE F 742 7.87 54.89 -18.37
CA PHE F 742 7.28 53.56 -18.56
C PHE F 742 6.20 53.27 -17.51
N ALA F 743 6.29 53.90 -16.35
CA ALA F 743 5.32 53.64 -15.29
C ALA F 743 3.96 54.21 -15.64
N ARG F 744 2.91 53.58 -15.10
CA ARG F 744 1.53 53.96 -15.40
C ARG F 744 0.72 54.00 -14.11
N ARG F 745 -0.37 54.77 -14.14
CA ARG F 745 -1.22 54.97 -12.97
C ARG F 745 -2.17 53.78 -12.82
N SER F 746 -2.11 53.13 -11.65
CA SER F 746 -2.90 51.92 -11.43
C SER F 746 -4.37 52.25 -11.20
N VAL F 747 -4.66 53.27 -10.41
CA VAL F 747 -6.02 53.61 -10.00
C VAL F 747 -6.47 54.86 -10.76
N SER F 748 -7.71 54.83 -11.24
CA SER F 748 -8.28 56.01 -11.90
C SER F 748 -8.72 57.03 -10.87
N ASP F 749 -8.88 58.27 -11.32
CA ASP F 749 -9.28 59.35 -10.42
C ASP F 749 -10.75 59.24 -10.03
N ASN F 750 -11.58 58.69 -10.93
CA ASN F 750 -12.98 58.46 -10.59
C ASN F 750 -13.11 57.44 -9.47
N ASP F 751 -12.21 56.45 -9.44
CA ASP F 751 -12.17 55.52 -8.32
C ASP F 751 -11.85 56.24 -7.02
N ILE F 752 -10.89 57.18 -7.06
CA ILE F 752 -10.59 57.98 -5.88
C ILE F 752 -11.81 58.78 -5.45
N ARG F 753 -12.54 59.34 -6.42
CA ARG F 753 -13.74 60.11 -6.11
C ARG F 753 -14.79 59.25 -5.45
N LYS F 754 -15.01 58.03 -5.95
CA LYS F 754 -16.04 57.18 -5.36
C LYS F 754 -15.60 56.69 -3.98
N TYR F 755 -14.31 56.45 -3.78
CA TYR F 755 -13.83 56.09 -2.45
C TYR F 755 -14.00 57.24 -1.47
N GLU F 756 -13.74 58.47 -1.92
CA GLU F 756 -13.97 59.63 -1.08
C GLU F 756 -15.44 59.79 -0.75
N MET F 757 -16.32 59.51 -1.71
CA MET F 757 -17.75 59.54 -1.44
C MET F 757 -18.15 58.49 -0.41
N PHE F 758 -17.58 57.29 -0.52
CA PHE F 758 -17.85 56.25 0.47
C PHE F 758 -17.37 56.67 1.86
N ALA F 759 -16.21 57.31 1.94
CA ALA F 759 -15.74 57.83 3.22
C ALA F 759 -16.67 58.93 3.74
N GLN F 760 -17.17 59.77 2.83
CA GLN F 760 -18.10 60.83 3.21
C GLN F 760 -19.39 60.25 3.79
N THR F 761 -19.86 59.15 3.22
CA THR F 761 -21.05 58.49 3.77
C THR F 761 -20.79 58.03 5.19
N LEU F 762 -19.56 57.63 5.50
CA LEU F 762 -19.18 57.26 6.85
C LEU F 762 -18.93 58.50 7.70
N SER F 770 -29.56 65.45 15.16
CA SER F 770 -30.95 65.79 14.95
C SER F 770 -31.80 65.48 16.17
N PHE F 771 -31.23 65.66 17.35
CA PHE F 771 -31.88 65.32 18.61
C PHE F 771 -32.11 66.50 19.53
N ARG F 772 -33.00 66.28 20.49
CA ARG F 772 -33.45 67.27 21.45
C ARG F 772 -33.77 66.52 22.74
N PHE F 773 -32.78 66.32 23.61
CA PHE F 773 -33.01 65.51 24.81
C PHE F 773 -34.13 66.11 25.65
N PRO F 774 -34.98 65.27 26.26
CA PRO F 774 -36.16 65.79 26.95
C PRO F 774 -35.79 66.80 28.03
N SER F 775 -36.56 67.88 28.08
CA SER F 775 -36.26 69.04 28.91
C SER F 775 -34.86 69.59 28.61
N UNK G 1 -23.55 18.43 -11.00
CA UNK G 1 -22.29 18.03 -11.62
C UNK G 1 -21.69 16.82 -10.91
N UNK G 2 -21.31 15.81 -11.69
CA UNK G 2 -20.68 14.60 -11.18
C UNK G 2 -19.17 14.73 -11.29
N UNK G 3 -18.48 13.73 -10.77
CA UNK G 3 -17.02 13.75 -10.77
C UNK G 3 -16.48 12.33 -10.80
N UNK G 4 -15.24 12.21 -11.28
CA UNK G 4 -14.49 10.97 -11.26
C UNK G 4 -13.25 11.15 -10.39
N UNK G 5 -12.72 10.04 -9.88
CA UNK G 5 -11.64 10.09 -8.90
C UNK G 5 -10.46 9.25 -9.35
N UNK G 6 -9.27 9.84 -9.28
CA UNK G 6 -8.03 9.09 -9.40
C UNK G 6 -7.51 8.73 -8.02
N UNK G 7 -6.67 7.70 -7.96
CA UNK G 7 -6.19 7.17 -6.70
C UNK G 7 -4.68 7.20 -6.65
N UNK G 8 -4.15 7.36 -5.44
CA UNK G 8 -2.72 7.32 -5.18
C UNK G 8 -2.44 6.28 -4.11
N UNK G 9 -1.57 5.32 -4.42
CA UNK G 9 -1.24 4.26 -3.50
C UNK G 9 -0.48 4.80 -2.29
PB ADP H . -33.04 37.41 13.21
O1B ADP H . -33.29 36.10 13.90
O2B ADP H . -34.27 38.11 12.71
O3B ADP H . -31.90 37.35 12.21
PA ADP H . -31.02 38.25 15.01
O1A ADP H . -31.03 37.21 16.10
O2A ADP H . -30.03 38.17 13.88
O3A ADP H . -32.51 38.36 14.41
O5' ADP H . -30.83 39.70 15.70
C5' ADP H . -29.59 40.40 15.50
C4' ADP H . -29.34 41.36 16.64
O4' ADP H . -30.55 42.02 17.02
C3' ADP H . -28.83 40.65 17.88
O3' ADP H . -27.43 40.93 18.05
C2' ADP H . -29.62 41.21 19.03
O2' ADP H . -28.75 41.86 19.97
C1' ADP H . -30.57 42.24 18.43
N9 ADP H . -31.95 42.05 18.96
C8 ADP H . -33.03 41.77 18.22
N7 ADP H . -34.13 41.66 19.02
C5 ADP H . -33.75 41.88 20.28
C6 ADP H . -34.41 41.91 21.61
N6 ADP H . -35.73 41.68 21.73
N1 ADP H . -33.65 42.17 22.68
C2 ADP H . -32.32 42.40 22.57
N3 ADP H . -31.66 42.39 21.41
C4 ADP H . -32.31 42.14 20.24
PB ADP I . -6.05 -0.82 32.89
O1B ADP I . -6.53 -2.19 33.30
O2B ADP I . -7.06 0.00 32.13
O3B ADP I . -4.66 -0.80 32.30
PA ADP I . -7.13 0.24 35.27
O1A ADP I . -7.51 -1.04 35.96
O2A ADP I . -8.17 0.98 34.48
O3A ADP I . -5.88 -0.03 34.30
O5' ADP I . -6.51 1.23 36.37
C5' ADP I . -7.38 2.11 37.09
C4' ADP I . -6.71 2.60 38.37
O4' ADP I . -7.50 3.65 38.92
C3' ADP I . -6.63 1.49 39.39
O3' ADP I . -5.28 1.32 39.82
C2' ADP I . -7.49 1.93 40.56
O2' ADP I . -6.70 2.03 41.75
C1' ADP I . -8.04 3.31 40.20
N9 ADP I . -9.51 3.20 40.05
C8 ADP I . -10.17 3.26 38.89
N7 ADP I . -11.51 3.13 39.07
C5 ADP I . -11.72 3.00 40.39
C6 ADP I . -12.90 2.83 41.26
N6 ADP I . -14.15 2.77 40.75
N1 ADP I . -12.69 2.73 42.59
C2 ADP I . -11.45 2.77 43.12
N3 ADP I . -10.33 2.93 42.39
C4 ADP I . -10.40 3.04 41.04
PG ATP J . -46.87 14.17 2.59
O1G ATP J . -45.65 13.39 2.94
O2G ATP J . -47.13 14.25 1.09
O3G ATP J . -46.88 15.58 3.18
PB ATP J . -48.69 12.03 3.63
O1B ATP J . -47.71 10.98 3.28
O2B ATP J . -50.09 11.85 3.05
O3B ATP J . -48.18 13.47 3.18
PA ATP J . -48.57 11.32 6.50
O1A ATP J . -47.13 11.21 6.78
O2A ATP J . -49.28 9.99 6.29
O3A ATP J . -48.84 12.21 5.21
O5' ATP J . -49.32 12.10 7.66
C5' ATP J . -48.69 12.28 8.95
C4' ATP J . -49.73 12.62 9.99
O4' ATP J . -51.04 12.69 9.39
C3' ATP J . -49.83 11.61 11.14
O3' ATP J . -49.97 12.28 12.39
C2' ATP J . -51.09 10.81 10.78
O2' ATP J . -51.74 10.33 11.96
C1' ATP J . -51.94 11.89 10.11
N9 ATP J . -52.94 11.36 9.18
C8 ATP J . -53.09 11.71 7.86
N7 ATP J . -54.07 11.09 7.25
C5 ATP J . -54.61 10.27 8.24
C6 ATP J . -55.67 9.35 8.24
N6 ATP J . -56.43 9.09 7.16
N1 ATP J . -55.95 8.71 9.38
C2 ATP J . -55.20 8.96 10.47
N3 ATP J . -54.18 9.81 10.58
C4 ATP J . -53.92 10.43 9.43
PB ADP K . -21.53 -18.93 8.01
O1B ADP K . -21.03 -20.29 7.59
O2B ADP K . -20.49 -17.83 7.96
O3B ADP K . -22.85 -18.55 7.36
PA ADP K . -22.74 -20.30 10.15
O1A ADP K . -22.11 -21.60 9.72
O2A ADP K . -24.19 -20.02 9.85
O3A ADP K . -21.88 -19.06 9.57
O5' ADP K . -22.57 -20.19 11.74
C5' ADP K . -22.75 -21.36 12.54
C4' ADP K . -23.90 -21.16 13.52
O4' ADP K . -25.07 -20.74 12.82
C3' ADP K . -24.23 -22.47 14.22
O3' ADP K . -24.12 -22.31 15.63
C2' ADP K . -25.66 -22.78 13.85
O2' ADP K . -26.44 -23.06 15.02
C1' ADP K . -26.20 -21.54 13.16
N9 ADP K . -26.94 -21.89 11.92
C8 ADP K . -26.79 -21.27 10.73
N7 ADP K . -27.60 -21.80 9.78
C5 ADP K . -28.31 -22.78 10.36
C6 ADP K . -29.34 -23.75 9.92
N6 ADP K . -29.78 -23.76 8.65
N1 ADP K . -29.82 -24.61 10.85
C2 ADP K . -29.38 -24.60 12.12
N3 ADP K . -28.44 -23.76 12.58
C4 ADP K . -27.88 -22.84 11.77
MG MG L . -45.13 11.44 3.08
PG ATP M . -4.10 -23.65 -16.39
O1G ATP M . -3.98 -24.34 -15.07
O2G ATP M . -4.86 -22.32 -16.32
O3G ATP M . -2.76 -23.43 -17.08
PB ATP M . -5.84 -24.37 -18.72
O1B ATP M . -6.69 -23.18 -18.63
O2B ATP M . -4.91 -24.43 -19.92
O3B ATP M . -4.95 -24.54 -17.41
PA ATP M . -6.44 -27.24 -18.35
O1A ATP M . -6.31 -27.44 -16.89
O2A ATP M . -5.26 -27.72 -19.17
O3A ATP M . -6.68 -25.72 -18.71
O5' ATP M . -7.75 -27.95 -18.90
C5' ATP M . -8.81 -28.34 -18.01
C4' ATP M . -9.27 -29.74 -18.37
O4' ATP M . -10.29 -29.66 -19.40
C3' ATP M . -8.18 -30.65 -18.93
O3' ATP M . -7.54 -31.38 -17.89
C2' ATP M . -8.99 -31.57 -19.87
O2' ATP M . -9.62 -32.62 -19.14
C1' ATP M . -10.02 -30.59 -20.43
N9 ATP M . -9.57 -29.86 -21.60
C8 ATP M . -9.20 -28.54 -21.66
N7 ATP M . -8.84 -28.14 -22.85
C5 ATP M . -8.96 -29.27 -23.63
C6 ATP M . -8.72 -29.52 -25.00
N6 ATP M . -8.30 -28.59 -25.86
N1 ATP M . -8.95 -30.77 -25.46
C2 ATP M . -9.40 -31.70 -24.61
N3 ATP M . -9.64 -31.59 -23.31
C4 ATP M . -9.42 -30.34 -22.88
PG ATP N . -39.74 -0.12 -21.41
O1G ATP N . -38.45 -0.71 -20.97
O2G ATP N . -39.58 1.07 -22.35
O3G ATP N . -40.66 0.28 -20.26
PB ATP N . -40.36 -2.48 -23.13
O1B ATP N . -38.98 -2.99 -22.99
O2B ATP N . -40.80 -2.14 -24.56
O3B ATP N . -40.59 -1.18 -22.25
PA ATP N . -41.47 -4.98 -22.02
O1A ATP N . -40.63 -5.16 -20.82
O2A ATP N . -41.08 -5.87 -23.20
O3A ATP N . -41.44 -3.48 -22.53
O5' ATP N . -42.99 -5.23 -21.68
C5' ATP N . -43.44 -5.37 -20.32
C4' ATP N . -44.77 -6.09 -20.30
O4' ATP N . -45.46 -5.88 -21.55
C3' ATP N . -44.71 -7.60 -20.09
O3' ATP N . -45.73 -8.02 -19.18
C2' ATP N . -44.94 -8.16 -21.48
O2' ATP N . -45.57 -9.44 -21.43
C1' ATP N . -45.89 -7.12 -22.07
N9 ATP N . -45.87 -7.04 -23.52
C8 ATP N . -45.45 -5.98 -24.28
N7 ATP N . -45.54 -6.18 -25.58
C5 ATP N . -46.07 -7.46 -25.67
C6 ATP N . -46.40 -8.27 -26.77
N6 ATP N . -46.26 -7.89 -28.05
N1 ATP N . -46.90 -9.51 -26.52
C2 ATP N . -47.05 -9.89 -25.25
N3 ATP N . -46.76 -9.22 -24.14
C4 ATP N . -46.27 -8.00 -24.41
MG MG O . -37.51 -2.46 -21.55
PG ATP P . 18.61 -8.34 -22.64
O1G ATP P . 17.29 -9.01 -22.62
O2G ATP P . 18.55 -6.84 -22.38
O3G ATP P . 19.64 -8.97 -21.69
PB ATP P . 20.69 -8.27 -24.79
O1B ATP P . 20.80 -6.96 -25.44
O2B ATP P . 21.75 -8.56 -23.73
O3B ATP P . 19.28 -8.46 -24.08
PA ATP P . 21.51 -10.83 -26.00
O1A ATP P . 21.64 -11.56 -24.72
O2A ATP P . 22.81 -10.49 -26.71
O3A ATP P . 20.70 -9.48 -25.82
O5' ATP P . 20.62 -11.68 -27.00
C5' ATP P . 20.29 -11.18 -28.31
C4' ATP P . 20.29 -12.32 -29.31
O4' ATP P . 20.37 -11.78 -30.64
C3' ATP P . 21.47 -13.27 -29.21
O3' ATP P . 21.15 -14.54 -29.77
C2' ATP P . 22.54 -12.56 -30.04
O2' ATP P . 23.42 -13.48 -30.66
C1' ATP P . 21.71 -11.82 -31.09
N9 ATP P . 22.15 -10.43 -31.30
C8 ATP P . 21.74 -9.32 -30.60
N7 ATP P . 22.28 -8.21 -31.00
C5 ATP P . 23.13 -8.60 -32.03
C6 ATP P . 24.01 -7.89 -32.87
N6 ATP P . 24.19 -6.57 -32.80
N1 ATP P . 24.69 -8.59 -33.79
C2 ATP P . 24.52 -9.92 -33.87
N3 ATP P . 23.72 -10.69 -33.13
C4 ATP P . 23.05 -9.97 -32.22
PG ATP Q . -16.51 6.58 -37.42
O1G ATP Q . -15.47 5.96 -36.55
O2G ATP Q . -16.50 8.10 -37.38
O3G ATP Q . -17.92 6.09 -37.13
PB ATP Q . -15.06 5.93 -39.94
O1B ATP Q . -13.83 5.62 -39.21
O2B ATP Q . -14.99 7.11 -40.91
O3B ATP Q . -16.26 6.21 -38.95
PA ATP Q . -15.03 3.24 -41.18
O1A ATP Q . -14.69 2.44 -39.99
O2A ATP Q . -13.91 3.47 -42.18
O3A ATP Q . -15.60 4.68 -40.77
O5' ATP Q . -16.24 2.57 -41.95
C5' ATP Q . -16.38 1.14 -41.97
C4' ATP Q . -17.43 0.74 -42.99
O4' ATP Q . -17.58 1.80 -43.98
C3' ATP Q . -17.11 -0.52 -43.78
O3' ATP Q . -18.29 -1.28 -44.04
C2' ATP Q . -16.49 0.02 -45.06
O2' ATP Q . -16.67 -0.87 -46.15
C1' ATP Q . -17.31 1.29 -45.26
N9 ATP Q . -16.63 2.35 -46.02
C8 ATP Q . -16.46 3.65 -45.64
N7 ATP Q . -15.82 4.38 -46.51
C5 ATP Q . -15.55 3.50 -47.55
C6 ATP Q . -14.89 3.66 -48.78
N6 ATP Q . -14.35 4.81 -49.19
N1 ATP Q . -14.79 2.58 -49.58
C2 ATP Q . -15.32 1.43 -49.17
N3 ATP Q . -15.97 1.16 -48.04
C4 ATP Q . -16.04 2.24 -47.26
MG MG R . -13.61 4.89 -36.87
MG MG S . 21.37 -10.01 -21.35
PG ATP T . 30.93 8.81 -3.41
O1G ATP T . 30.36 8.38 -4.72
O2G ATP T . 29.96 9.61 -2.55
O3G ATP T . 31.50 7.66 -2.59
PB ATP T . 33.41 10.38 -2.85
O1B ATP T . 33.14 11.74 -2.35
O2B ATP T . 33.77 9.34 -1.79
O3B ATP T . 32.17 9.79 -3.65
PA ATP T . 35.95 9.62 -4.16
O1A ATP T . 35.87 8.18 -3.80
O2A ATP T . 36.99 10.44 -3.43
O3A ATP T . 34.55 10.35 -3.96
O5' ATP T . 36.21 9.76 -5.71
C5' ATP T . 36.51 11.04 -6.31
C4' ATP T . 37.30 10.84 -7.57
O4' ATP T . 37.48 12.12 -8.22
C3' ATP T . 38.70 10.31 -7.39
O3' ATP T . 39.18 9.70 -8.59
C2' ATP T . 39.50 11.58 -7.07
O2' ATP T . 40.83 11.49 -7.55
C1' ATP T . 38.73 12.66 -7.82
N9 ATP T . 38.47 13.87 -7.03
C8 ATP T . 37.30 14.20 -6.40
N7 ATP T . 37.34 15.33 -5.74
C5 ATP T . 38.63 15.77 -5.95
C6 ATP T . 39.33 16.92 -5.53
N6 ATP T . 38.79 17.88 -4.76
N1 ATP T . 40.62 17.06 -5.90
C2 ATP T . 41.16 16.10 -6.67
N3 ATP T . 40.61 14.99 -7.14
C4 ATP T . 39.34 14.88 -6.74
PG ATP U . 3.43 24.61 -27.88
O1G ATP U . 4.26 23.58 -27.20
O2G ATP U . 2.56 25.43 -26.92
O3G ATP U . 2.54 24.05 -28.98
PB ATP U . 5.85 26.20 -28.62
O1B ATP U . 6.62 25.59 -27.52
O2B ATP U . 5.81 27.72 -28.63
O3B ATP U . 4.35 25.69 -28.61
PA ATP U . 7.73 25.30 -30.72
O1A ATP U . 8.39 24.20 -29.99
O2A ATP U . 8.56 26.57 -30.87
O3A ATP U . 6.35 25.72 -30.05
O5' ATP U . 7.30 24.81 -32.15
C5' ATP U . 6.87 25.74 -33.17
C4' ATP U . 7.31 25.23 -34.52
O4' ATP U . 7.54 26.34 -35.39
C3' ATP U . 8.63 24.47 -34.51
O3' ATP U . 8.72 23.61 -35.64
C2' ATP U . 9.65 25.61 -34.59
O2' ATP U . 10.84 25.18 -35.25
C1' ATP U . 8.92 26.65 -35.43
N9 ATP U . 9.09 28.03 -34.96
C8 ATP U . 8.31 28.68 -34.04
N7 ATP U . 8.69 29.90 -33.79
C5 ATP U . 9.80 30.07 -34.61
C6 ATP U . 10.67 31.15 -34.82
N6 ATP U . 10.56 32.34 -34.19
N1 ATP U . 11.68 30.99 -35.69
C2 ATP U . 11.81 29.82 -36.32
N3 ATP U . 11.05 28.72 -36.21
C4 ATP U . 10.06 28.92 -35.33
MG MG V . 6.30 23.29 -26.70
MG MG W . 33.34 7.38 -1.31
PG ATP X . 20.31 13.80 24.91
O1G ATP X . 18.84 14.01 24.90
O2G ATP X . 20.76 12.56 25.69
O3G ATP X . 20.93 13.75 23.51
PB ATP X . 21.15 15.70 27.06
O1B ATP X . 20.09 16.70 27.28
O2B ATP X . 21.22 14.58 28.09
O3B ATP X . 21.05 15.02 25.62
PA ATP X . 24.10 15.90 27.26
O1A ATP X . 24.32 14.53 26.75
O2A ATP X . 24.40 16.12 28.73
O3A ATP X . 22.60 16.37 27.00
O5' ATP X . 24.94 16.92 26.42
C5' ATP X . 24.89 18.34 26.70
C4' ATP X . 26.29 18.88 26.85
O4' ATP X . 26.25 20.23 27.32
C3' ATP X . 27.15 18.15 27.89
O3' ATP X . 28.54 18.33 27.62
C2' ATP X . 26.74 18.85 29.19
O2' ATP X . 27.81 18.86 30.13
C1' ATP X . 26.42 20.27 28.73
N9 ATP X . 25.22 20.84 29.32
C8 ATP X . 23.94 20.73 28.86
N7 ATP X . 23.04 21.33 29.60
C5 ATP X . 23.78 21.87 30.64
C6 ATP X . 23.42 22.63 31.76
N6 ATP X . 22.17 23.00 32.04
N1 ATP X . 24.41 23.01 32.60
C2 ATP X . 25.67 22.66 32.32
N3 ATP X . 26.13 21.94 31.29
C4 ATP X . 25.13 21.57 30.48
PB ADP Y . -2.34 45.61 -2.13
O1B ADP Y . -1.98 44.50 -1.16
O2B ADP Y . -2.95 45.15 -3.42
O3B ADP Y . -3.08 46.76 -1.47
PA ADP Y . 0.11 46.80 -1.47
O1A ADP Y . 0.28 45.77 -0.39
O2A ADP Y . -0.25 48.22 -1.12
O3A ADP Y . -0.95 46.26 -2.56
O5' ADP Y . 1.49 46.84 -2.30
C5' ADP Y . 2.72 46.56 -1.63
C4' ADP Y . 3.85 47.35 -2.27
O4' ADP Y . 3.53 48.74 -2.25
C3' ADP Y . 5.13 47.15 -1.48
O3' ADP Y . 6.14 46.57 -2.33
C2' ADP Y . 5.57 48.55 -1.05
O2' ADP Y . 6.92 48.79 -1.48
C1' ADP Y . 4.62 49.51 -1.73
N9 ADP Y . 4.09 50.51 -0.77
C8 ADP Y . 2.79 50.79 -0.58
N7 ADP Y . 2.62 51.75 0.36
C5 ADP Y . 3.85 52.11 0.79
C6 ADP Y . 4.39 53.07 1.78
N6 ADP Y . 3.58 53.86 2.51
N1 ADP Y . 5.74 53.13 1.93
C2 ADP Y . 6.56 52.34 1.20
N3 ADP Y . 6.13 51.45 0.29
C4 ADP Y . 4.82 51.29 0.04
MG MG Z . 21.45 12.28 27.61
#